data_6FIJ
#
_entry.id   6FIJ
#
_cell.length_a   108.050
_cell.length_b   230.200
_cell.length_c   253.800
_cell.angle_alpha   90.00
_cell.angle_beta   90.00
_cell.angle_gamma   90.00
#
_symmetry.space_group_name_H-M   'C 2 2 21'
#
loop_
_entity.id
_entity.type
_entity.pdbx_description
1 polymer 'Polyketide synthase'
2 non-polymer 1,2-ETHANEDIOL
3 non-polymer GLYCEROL
4 non-polymer 'MAGNESIUM ION'
5 non-polymer 2,3-DIHYDROXY-1,4-DITHIOBUTANE
6 water water
#
_entity_poly.entity_id   1
_entity_poly.type   'polypeptide(L)'
_entity_poly.pdbx_seq_one_letter_code
;MEDGAQMRVVAFGDQTYDCSEAVSQLLRVRDDAIVVDFLERAPAVLKAELARLSSEQQEETPRFATLAELVPRYRAGTLN
PAVSQALTCIAQLGLFIRQHSSGQEAYPTAHDSCITGVCTGALTAVAVGSASSVTALVPLALHTVAVAVRLGARAWEIGS
CLADARRGANGRYASWTSAVGGISPQDLQDRISAYTAEQALASVSVPYLSAAVGPGQSSVSAAPVILDAFLSTLLRPLTT
TRLPITAPYHAPHLFTAKDVQHVTDCLPPSEAWPTVRIPIISFSRDEAVSRGASFPAAMSEAVRDCLIRPIALDRMAVSI
ANHARDLGKDSVLPSPIALSFSDKLGPQVNSHLPGAKAPTPELTSKSIPSAIGAEQQPMAKSPIAILAASGRFPQSSSMD
QFWDVLINGVDTHELVPPTRWNAATHVSEDPKAKNVSGTGFGCWLHEAGEFDAAYFNMSPREAPQVDPAQRLALLTATEA
LEQAGVVPNRTSSTQKNRVGVWYGATSNDWMETNSAQNVDTYFIPGGNRAFIPGRVNYFHKFSGPSYTIDTACSSSLAAL
HMACNALWRGEVDTAIVGGTNVLTNPDMTAGLDAGHFLSRSGNCKTFDDEADGYCRGEAVVTLILKRLPDAQADKDPIQA
SILGIATNHSAEAASITRPHAGAQQDLFQQVLTETGLTANDISVCEMHGTGTQAGDSGETTSVVETLAPLNRSGSAVRTT
PLYIGAVKSNVGHAESAAGVSSLAKILLMLKHSKIPPHVGIKTKLNHRLPDLAARNTHIARSEVPWPRPKNGKRRVLLNN
FSAAGGNTCLVLEDAPEPEDSQEVDPREHHIVALSAKTPDSMVNNLTNMITWIDKHSGDSLATLPQLSYTTTARRVHHRH
RAVATGTDLLQIRSSLQEQLDRRVSGERSIPHPPNGPSFVLAFTGQGSAFAGMGVDLYKRFASFRSDIARYDQICEGMSL
PSIKAMFEDEKVFSTASPTLQQLTHVCFQMALYRLWKSLGVQAKAVVGHSLGEYAALYAAGVLSQSDTLYLVGRRAQLME
KHLSQGTHAMLAVRAKEEAIVAAIDGPPGEAYEFSCRNGEQRNVLGGTVAQIQAAKAALEAKKIRCQYLDTPMAFHTGQV
DPILPELLQVAAACSIQDPQIPVISPAYGKVIRSAKDFQPEYFTHHCRSSVNMVDALQSAVEEGLLDKNVIGLEIGPGPV
VTQFVKEAVGTTMQTFASINKDKDTWQLMTQALAKFYLAGASVEWSRYHEDFPGAQKVLELPAYGWALKNYWLQYVNDWS
LRKGDPAVVVAASAAALEHHHHHH
;
_entity_poly.pdbx_strand_id   A,B
#
loop_
_chem_comp.id
_chem_comp.type
_chem_comp.name
_chem_comp.formula
DTT non-polymer 2,3-DIHYDROXY-1,4-DITHIOBUTANE 'C4 H10 O2 S2'
EDO non-polymer 1,2-ETHANEDIOL 'C2 H6 O2'
GOL non-polymer GLYCEROL 'C3 H8 O3'
MG non-polymer 'MAGNESIUM ION' 'Mg 2'
#
# COMPACT_ATOMS: atom_id res chain seq x y z
N ALA A 5 6.46 13.36 -45.72
CA ALA A 5 5.28 14.20 -45.48
C ALA A 5 4.04 13.33 -45.27
N GLN A 6 4.08 12.50 -44.22
CA GLN A 6 3.00 11.59 -43.88
C GLN A 6 2.24 12.15 -42.70
N MET A 7 0.92 11.95 -42.69
CA MET A 7 0.04 12.41 -41.62
C MET A 7 -0.62 11.21 -40.95
N ARG A 8 -0.36 11.03 -39.66
CA ARG A 8 -1.01 9.98 -38.91
C ARG A 8 -2.42 10.40 -38.51
N VAL A 9 -3.38 9.49 -38.69
CA VAL A 9 -4.76 9.71 -38.27
C VAL A 9 -5.04 8.83 -37.06
N VAL A 10 -5.57 9.42 -36.00
CA VAL A 10 -5.88 8.71 -34.76
C VAL A 10 -7.38 8.43 -34.76
N ALA A 11 -7.74 7.17 -34.99
CA ALA A 11 -9.13 6.77 -35.16
C ALA A 11 -9.58 5.90 -33.98
N PHE A 12 -10.63 6.35 -33.29
CA PHE A 12 -11.24 5.58 -32.21
C PHE A 12 -12.53 4.93 -32.71
N GLY A 13 -12.84 3.76 -32.14
CA GLY A 13 -13.97 2.96 -32.56
C GLY A 13 -15.20 3.17 -31.70
N ASP A 14 -16.14 2.23 -31.84
CA ASP A 14 -17.41 2.28 -31.12
C ASP A 14 -17.63 1.00 -30.30
N GLN A 15 -18.87 0.76 -29.89
CA GLN A 15 -19.19 -0.40 -29.06
C GLN A 15 -18.97 -1.71 -29.79
N THR A 16 -18.91 -1.71 -31.13
CA THR A 16 -18.77 -2.95 -31.87
C THR A 16 -17.45 -3.65 -31.58
N TYR A 17 -16.44 -2.92 -31.13
CA TYR A 17 -15.14 -3.51 -30.81
C TYR A 17 -15.16 -4.09 -29.41
N ASP A 18 -14.76 -5.35 -29.28
CA ASP A 18 -14.72 -6.02 -27.97
C ASP A 18 -13.47 -5.56 -27.24
N CYS A 19 -13.63 -4.59 -26.34
CA CYS A 19 -12.51 -4.05 -25.57
C CYS A 19 -12.21 -4.85 -24.31
N SER A 20 -12.85 -6.01 -24.13
CA SER A 20 -12.66 -6.78 -22.91
C SER A 20 -11.18 -7.08 -22.68
N GLU A 21 -10.48 -7.57 -23.70
CA GLU A 21 -9.08 -7.92 -23.52
C GLU A 21 -8.23 -6.69 -23.26
N ALA A 22 -8.47 -5.60 -24.00
CA ALA A 22 -7.69 -4.38 -23.79
C ALA A 22 -7.81 -3.89 -22.35
N VAL A 23 -9.01 -3.98 -21.77
CA VAL A 23 -9.19 -3.60 -20.37
C VAL A 23 -8.33 -4.49 -19.48
N SER A 24 -8.36 -5.80 -19.73
CA SER A 24 -7.56 -6.72 -18.93
C SER A 24 -6.08 -6.38 -19.01
N GLN A 25 -5.60 -5.99 -20.20
CA GLN A 25 -4.19 -5.65 -20.36
C GLN A 25 -3.83 -4.41 -19.56
N LEU A 26 -4.68 -3.37 -19.60
CA LEU A 26 -4.38 -2.14 -18.87
C LEU A 26 -4.35 -2.36 -17.37
N LEU A 27 -5.16 -3.30 -16.86
CA LEU A 27 -5.12 -3.60 -15.44
C LEU A 27 -3.82 -4.30 -15.05
N ARG A 28 -3.22 -5.03 -16.00
N ARG A 28 -3.21 -5.02 -15.99
CA ARG A 28 -1.93 -5.68 -15.77
CA ARG A 28 -1.94 -5.67 -15.72
C ARG A 28 -0.77 -4.69 -15.77
C ARG A 28 -0.76 -4.71 -15.81
N VAL A 29 -0.97 -3.50 -16.35
CA VAL A 29 0.12 -2.53 -16.44
C VAL A 29 0.57 -2.14 -15.04
N ARG A 30 1.89 -2.03 -14.87
CA ARG A 30 2.45 -1.51 -13.61
C ARG A 30 3.73 -0.73 -13.84
N ASP A 31 4.14 -0.46 -15.08
CA ASP A 31 5.35 0.28 -15.37
C ASP A 31 5.10 1.73 -15.76
N ASP A 32 3.84 2.13 -15.98
CA ASP A 32 3.49 3.48 -16.38
C ASP A 32 2.69 4.12 -15.24
N ALA A 33 3.27 5.15 -14.62
CA ALA A 33 2.66 5.73 -13.43
C ALA A 33 1.40 6.51 -13.75
N ILE A 34 1.36 7.20 -14.89
CA ILE A 34 0.18 7.99 -15.21
C ILE A 34 -0.97 7.11 -15.65
N VAL A 35 -0.69 5.89 -16.14
CA VAL A 35 -1.76 4.97 -16.49
C VAL A 35 -2.43 4.44 -15.23
N VAL A 36 -1.63 3.90 -14.29
CA VAL A 36 -2.20 3.33 -13.08
C VAL A 36 -3.00 4.38 -12.33
N ASP A 37 -2.55 5.63 -12.37
CA ASP A 37 -3.31 6.73 -11.77
C ASP A 37 -4.65 6.89 -12.48
N PHE A 38 -4.63 6.87 -13.82
CA PHE A 38 -5.86 6.97 -14.58
C PHE A 38 -6.79 5.80 -14.27
N LEU A 39 -6.23 4.61 -14.08
CA LEU A 39 -7.05 3.43 -13.83
C LEU A 39 -7.53 3.33 -12.39
N GLU A 40 -6.92 4.08 -11.46
CA GLU A 40 -7.47 4.15 -10.11
C GLU A 40 -8.57 5.19 -10.00
N ARG A 41 -8.43 6.30 -10.73
CA ARG A 41 -9.39 7.39 -10.63
C ARG A 41 -10.57 7.25 -11.58
N ALA A 42 -10.39 6.56 -12.71
CA ALA A 42 -11.52 6.33 -13.62
C ALA A 42 -12.66 5.59 -12.94
N PRO A 43 -12.44 4.43 -12.30
CA PRO A 43 -13.54 3.80 -11.55
C PRO A 43 -14.17 4.71 -10.52
N ALA A 44 -13.38 5.52 -9.82
CA ALA A 44 -13.95 6.48 -8.89
C ALA A 44 -14.88 7.45 -9.62
N VAL A 45 -14.45 7.94 -10.78
CA VAL A 45 -15.30 8.82 -11.58
C VAL A 45 -16.52 8.05 -12.08
N LEU A 46 -16.29 6.87 -12.65
CA LEU A 46 -17.39 6.05 -13.12
C LEU A 46 -18.41 5.82 -12.02
N LYS A 47 -17.95 5.32 -10.87
CA LYS A 47 -18.84 5.04 -9.76
C LYS A 47 -19.60 6.29 -9.31
N ALA A 48 -18.98 7.46 -9.45
CA ALA A 48 -19.63 8.69 -8.99
C ALA A 48 -20.84 9.03 -9.83
N GLU A 49 -20.74 8.88 -11.15
CA GLU A 49 -21.88 9.15 -12.02
C GLU A 49 -22.94 8.07 -11.91
N LEU A 50 -22.52 6.81 -11.73
CA LEU A 50 -23.48 5.72 -11.57
C LEU A 50 -24.39 5.96 -10.37
N ALA A 51 -23.92 6.69 -9.36
CA ALA A 51 -24.75 7.02 -8.20
C ALA A 51 -25.80 8.08 -8.52
N ARG A 52 -25.71 8.75 -9.66
CA ARG A 52 -26.66 9.77 -10.05
C ARG A 52 -27.69 9.27 -11.06
N LEU A 53 -27.61 7.99 -11.44
CA LEU A 53 -28.60 7.41 -12.34
C LEU A 53 -29.93 7.21 -11.62
N SER A 54 -30.94 6.81 -12.40
CA SER A 54 -32.24 6.53 -11.83
C SER A 54 -32.23 5.22 -11.06
N SER A 55 -33.24 5.04 -10.22
CA SER A 55 -33.32 3.83 -9.41
C SER A 55 -33.40 2.58 -10.29
N GLU A 56 -34.11 2.66 -11.41
CA GLU A 56 -34.20 1.51 -12.31
C GLU A 56 -32.81 1.11 -12.82
N GLN A 57 -31.98 2.10 -13.16
CA GLN A 57 -30.66 1.81 -13.69
C GLN A 57 -29.69 1.39 -12.59
N GLN A 58 -29.83 1.95 -11.38
CA GLN A 58 -28.96 1.55 -10.29
C GLN A 58 -29.18 0.08 -9.93
N GLU A 59 -30.43 -0.38 -10.00
CA GLU A 59 -30.72 -1.77 -9.66
C GLU A 59 -30.12 -2.72 -10.69
N GLU A 60 -30.06 -2.32 -11.95
CA GLU A 60 -29.45 -3.11 -13.01
C GLU A 60 -27.97 -2.78 -13.20
N THR A 61 -27.34 -2.13 -12.23
CA THR A 61 -25.91 -1.87 -12.26
C THR A 61 -25.20 -2.75 -11.25
N PRO A 62 -24.14 -3.46 -11.63
CA PRO A 62 -23.45 -4.33 -10.67
C PRO A 62 -22.62 -3.52 -9.68
N ARG A 63 -22.26 -4.19 -8.58
N ARG A 63 -22.24 -4.19 -8.60
CA ARG A 63 -21.35 -3.62 -7.60
CA ARG A 63 -21.36 -3.59 -7.61
C ARG A 63 -19.94 -4.06 -7.91
C ARG A 63 -19.94 -4.08 -7.84
N PHE A 64 -18.98 -3.16 -7.73
CA PHE A 64 -17.60 -3.44 -8.08
C PHE A 64 -16.67 -2.51 -7.32
N ALA A 65 -15.53 -3.04 -6.91
CA ALA A 65 -14.45 -2.23 -6.35
C ALA A 65 -13.41 -1.82 -7.40
N THR A 66 -13.26 -2.63 -8.45
CA THR A 66 -12.34 -2.31 -9.54
C THR A 66 -12.99 -2.73 -10.85
N LEU A 67 -12.40 -2.25 -11.96
CA LEU A 67 -12.94 -2.55 -13.28
C LEU A 67 -12.86 -4.04 -13.60
N ALA A 68 -12.00 -4.80 -12.92
CA ALA A 68 -11.87 -6.22 -13.21
C ALA A 68 -13.20 -6.95 -13.07
N GLU A 69 -14.07 -6.50 -12.15
CA GLU A 69 -15.33 -7.18 -11.92
C GLU A 69 -16.36 -6.89 -13.02
N LEU A 70 -16.12 -5.88 -13.86
CA LEU A 70 -17.02 -5.58 -14.97
C LEU A 70 -16.71 -6.39 -16.21
N VAL A 71 -15.45 -6.76 -16.42
CA VAL A 71 -15.03 -7.47 -17.62
C VAL A 71 -15.89 -8.72 -17.83
N PRO A 72 -15.99 -9.63 -16.85
CA PRO A 72 -16.78 -10.84 -17.09
C PRO A 72 -18.22 -10.55 -17.49
N ARG A 73 -18.87 -9.58 -16.84
CA ARG A 73 -20.24 -9.24 -17.21
C ARG A 73 -20.29 -8.59 -18.59
N TYR A 74 -19.25 -7.82 -18.95
CA TYR A 74 -19.17 -7.29 -20.31
C TYR A 74 -19.12 -8.42 -21.32
N ARG A 75 -18.24 -9.40 -21.11
CA ARG A 75 -18.15 -10.54 -22.02
C ARG A 75 -19.45 -11.32 -22.05
N ALA A 76 -20.13 -11.45 -20.90
CA ALA A 76 -21.36 -12.22 -20.84
C ALA A 76 -22.52 -11.53 -21.54
N GLY A 77 -22.44 -10.22 -21.74
CA GLY A 77 -23.54 -9.47 -22.30
C GLY A 77 -24.56 -8.99 -21.30
N THR A 78 -24.26 -9.08 -20.00
CA THR A 78 -25.18 -8.64 -18.95
C THR A 78 -24.77 -7.31 -18.34
N LEU A 79 -24.06 -6.48 -19.11
CA LEU A 79 -23.62 -5.17 -18.66
C LEU A 79 -24.43 -4.10 -19.38
N ASN A 80 -25.04 -3.19 -18.60
CA ASN A 80 -25.99 -2.25 -19.17
C ASN A 80 -25.27 -1.22 -20.05
N PRO A 81 -26.02 -0.48 -20.87
CA PRO A 81 -25.36 0.44 -21.82
C PRO A 81 -24.56 1.55 -21.16
N ALA A 82 -24.91 1.96 -19.94
CA ALA A 82 -24.20 3.07 -19.30
C ALA A 82 -22.78 2.69 -18.94
N VAL A 83 -22.58 1.47 -18.43
CA VAL A 83 -21.25 1.06 -18.00
C VAL A 83 -20.41 0.63 -19.18
N SER A 84 -20.98 -0.17 -20.09
CA SER A 84 -20.23 -0.64 -21.25
C SER A 84 -19.79 0.53 -22.12
N GLN A 85 -20.53 1.64 -22.12
CA GLN A 85 -20.11 2.82 -22.84
C GLN A 85 -18.90 3.45 -22.17
N ALA A 86 -18.98 3.69 -20.86
CA ALA A 86 -17.86 4.26 -20.13
C ALA A 86 -16.65 3.32 -20.18
N LEU A 87 -16.89 2.02 -20.17
CA LEU A 87 -15.79 1.06 -20.21
C LEU A 87 -15.05 1.13 -21.54
N THR A 88 -15.78 1.19 -22.65
CA THR A 88 -15.15 1.37 -23.95
C THR A 88 -14.38 2.69 -24.00
N CYS A 89 -14.96 3.74 -23.44
CA CYS A 89 -14.30 5.04 -23.41
C CYS A 89 -13.05 5.00 -22.54
N ILE A 90 -13.10 4.25 -21.44
CA ILE A 90 -11.91 4.08 -20.61
C ILE A 90 -10.83 3.31 -21.37
N ALA A 91 -11.21 2.22 -22.03
CA ALA A 91 -10.23 1.43 -22.77
C ALA A 91 -9.55 2.23 -23.86
N GLN A 92 -10.32 3.08 -24.56
CA GLN A 92 -9.73 3.89 -25.62
C GLN A 92 -8.72 4.88 -25.03
N LEU A 93 -9.15 5.65 -24.04
CA LEU A 93 -8.25 6.61 -23.40
C LEU A 93 -7.05 5.91 -22.78
N GLY A 94 -7.28 4.77 -22.12
CA GLY A 94 -6.17 4.03 -21.52
C GLY A 94 -5.15 3.58 -22.55
N LEU A 95 -5.63 3.00 -23.66
CA LEU A 95 -4.72 2.54 -24.70
C LEU A 95 -3.97 3.72 -25.32
N PHE A 96 -4.66 4.84 -25.53
CA PHE A 96 -4.00 6.03 -26.06
C PHE A 96 -2.94 6.55 -25.09
N ILE A 97 -3.28 6.64 -23.80
CA ILE A 97 -2.34 7.16 -22.82
C ILE A 97 -1.09 6.31 -22.76
N ARG A 98 -1.25 5.01 -22.56
CA ARG A 98 -0.09 4.12 -22.49
C ARG A 98 0.77 4.26 -23.73
N GLN A 99 0.15 4.37 -24.90
CA GLN A 99 0.90 4.48 -26.15
C GLN A 99 1.75 5.75 -26.19
N HIS A 100 1.41 6.77 -25.41
CA HIS A 100 2.06 8.07 -25.50
C HIS A 100 2.85 8.43 -24.24
N SER A 101 2.99 7.51 -23.28
CA SER A 101 3.88 7.73 -22.15
C SER A 101 4.80 6.52 -21.99
N SER A 102 4.20 5.35 -21.74
CA SER A 102 4.98 4.12 -21.74
C SER A 102 5.53 3.82 -23.13
N GLY A 103 4.71 4.01 -24.16
CA GLY A 103 5.13 3.80 -25.53
C GLY A 103 6.01 4.90 -26.09
N GLN A 104 6.22 5.98 -25.33
CA GLN A 104 7.10 7.08 -25.73
C GLN A 104 6.77 7.58 -27.13
N GLU A 105 5.47 7.59 -27.46
CA GLU A 105 4.99 8.12 -28.72
C GLU A 105 4.73 9.61 -28.58
N ALA A 106 5.25 10.40 -29.52
CA ALA A 106 5.04 11.84 -29.49
C ALA A 106 3.55 12.15 -29.55
N TYR A 107 3.16 13.26 -28.91
CA TYR A 107 1.76 13.62 -28.89
C TYR A 107 1.35 14.20 -30.25
N PRO A 108 0.14 13.91 -30.72
CA PRO A 108 -0.30 14.49 -32.00
C PRO A 108 -0.23 16.00 -32.00
N THR A 109 -0.10 16.56 -33.21
CA THR A 109 -0.06 18.00 -33.41
C THR A 109 -0.89 18.36 -34.63
N ALA A 110 -1.43 19.59 -34.63
CA ALA A 110 -2.27 20.03 -35.74
C ALA A 110 -1.52 20.04 -37.06
N HIS A 111 -0.18 20.00 -37.03
CA HIS A 111 0.60 20.10 -38.26
C HIS A 111 0.73 18.76 -38.96
N ASP A 112 0.78 17.66 -38.21
CA ASP A 112 1.13 16.37 -38.79
C ASP A 112 0.17 15.25 -38.40
N SER A 113 -1.03 15.58 -37.91
CA SER A 113 -1.94 14.53 -37.49
C SER A 113 -3.34 15.10 -37.30
N CYS A 114 -4.32 14.21 -37.35
CA CYS A 114 -5.71 14.53 -37.05
C CYS A 114 -6.32 13.39 -36.25
N ILE A 115 -7.48 13.65 -35.65
CA ILE A 115 -8.16 12.69 -34.80
C ILE A 115 -9.57 12.48 -35.34
N THR A 116 -10.06 11.25 -35.21
CA THR A 116 -11.40 10.92 -35.66
C THR A 116 -11.98 9.85 -34.74
N GLY A 117 -13.31 9.79 -34.70
CA GLY A 117 -13.99 8.82 -33.86
C GLY A 117 -15.42 8.62 -34.31
N VAL A 118 -15.94 7.43 -34.07
CA VAL A 118 -17.31 7.07 -34.42
C VAL A 118 -18.06 6.70 -33.15
N CYS A 119 -19.22 7.32 -32.95
CA CYS A 119 -20.07 7.06 -31.78
C CYS A 119 -19.25 7.35 -30.52
N THR A 120 -18.96 6.36 -29.67
CA THR A 120 -18.23 6.63 -28.44
C THR A 120 -16.87 7.24 -28.72
N GLY A 121 -16.22 6.81 -29.80
CA GLY A 121 -14.92 7.36 -30.13
C GLY A 121 -14.93 8.86 -30.32
N ALA A 122 -16.07 9.42 -30.71
CA ALA A 122 -16.18 10.86 -30.85
C ALA A 122 -15.94 11.58 -29.53
N LEU A 123 -16.35 10.98 -28.42
CA LEU A 123 -16.08 11.57 -27.12
C LEU A 123 -14.59 11.63 -26.83
N THR A 124 -13.92 10.47 -26.89
CA THR A 124 -12.48 10.43 -26.63
C THR A 124 -11.73 11.37 -27.57
N ALA A 125 -12.16 11.44 -28.83
CA ALA A 125 -11.48 12.30 -29.80
C ALA A 125 -11.46 13.75 -29.31
N VAL A 126 -12.55 14.22 -28.70
CA VAL A 126 -12.60 15.58 -28.20
C VAL A 126 -11.51 15.78 -27.15
N ALA A 127 -11.38 14.82 -26.22
CA ALA A 127 -10.39 14.93 -25.16
C ALA A 127 -8.98 14.99 -25.74
N VAL A 128 -8.64 14.01 -26.57
CA VAL A 128 -7.29 13.98 -27.15
C VAL A 128 -7.02 15.26 -27.93
N GLY A 129 -7.95 15.66 -28.78
CA GLY A 129 -7.77 16.86 -29.59
C GLY A 129 -7.66 18.14 -28.79
N SER A 130 -8.12 18.14 -27.54
CA SER A 130 -8.11 19.33 -26.71
C SER A 130 -6.87 19.44 -25.83
N ALA A 131 -5.98 18.45 -25.86
CA ALA A 131 -4.77 18.46 -25.07
C ALA A 131 -3.54 18.43 -25.97
N SER A 132 -2.43 18.93 -25.44
CA SER A 132 -1.16 18.93 -26.15
C SER A 132 -0.14 18.00 -25.52
N SER A 133 -0.48 17.32 -24.42
CA SER A 133 0.42 16.38 -23.78
C SER A 133 -0.41 15.39 -22.98
N VAL A 134 0.23 14.29 -22.60
CA VAL A 134 -0.46 13.24 -21.86
C VAL A 134 -0.91 13.75 -20.50
N THR A 135 -0.07 14.54 -19.84
CA THR A 135 -0.42 15.04 -18.51
C THR A 135 -1.68 15.88 -18.54
N ALA A 136 -1.84 16.73 -19.56
CA ALA A 136 -3.05 17.52 -19.70
C ALA A 136 -4.25 16.69 -20.10
N LEU A 137 -4.03 15.54 -20.73
CA LEU A 137 -5.15 14.76 -21.25
C LEU A 137 -5.95 14.08 -20.13
N VAL A 138 -5.28 13.68 -19.05
CA VAL A 138 -5.93 12.91 -17.99
C VAL A 138 -7.12 13.66 -17.43
N PRO A 139 -6.95 14.89 -16.92
CA PRO A 139 -8.11 15.60 -16.35
C PRO A 139 -9.28 15.72 -17.31
N LEU A 140 -9.02 16.03 -18.58
CA LEU A 140 -10.09 16.03 -19.58
C LEU A 140 -10.61 14.61 -19.81
N ALA A 141 -9.70 13.63 -19.88
CA ALA A 141 -10.11 12.26 -20.09
C ALA A 141 -11.09 11.80 -19.01
N LEU A 142 -10.87 12.22 -17.77
CA LEU A 142 -11.75 11.81 -16.68
C LEU A 142 -13.12 12.47 -16.81
N HIS A 143 -13.16 13.73 -17.23
CA HIS A 143 -14.44 14.35 -17.56
C HIS A 143 -15.16 13.57 -18.66
N THR A 144 -14.40 13.09 -19.65
CA THR A 144 -15.00 12.34 -20.75
C THR A 144 -15.61 11.03 -20.27
N VAL A 145 -15.01 10.39 -19.28
CA VAL A 145 -15.59 9.17 -18.71
C VAL A 145 -16.99 9.47 -18.18
N ALA A 146 -17.12 10.55 -17.41
CA ALA A 146 -18.43 10.92 -16.87
C ALA A 146 -19.43 11.19 -17.97
N VAL A 147 -18.99 11.80 -19.07
CA VAL A 147 -19.90 12.08 -20.18
C VAL A 147 -20.35 10.78 -20.84
N ALA A 148 -19.43 9.80 -20.96
CA ALA A 148 -19.78 8.54 -21.61
C ALA A 148 -20.84 7.78 -20.82
N VAL A 149 -20.69 7.72 -19.49
CA VAL A 149 -21.67 7.00 -18.68
C VAL A 149 -23.01 7.69 -18.73
N ARG A 150 -23.02 9.03 -18.77
CA ARG A 150 -24.28 9.76 -18.91
C ARG A 150 -24.87 9.59 -20.29
N LEU A 151 -24.04 9.42 -21.32
CA LEU A 151 -24.55 9.20 -22.66
C LEU A 151 -25.29 7.87 -22.76
N GLY A 152 -24.64 6.77 -22.39
CA GLY A 152 -25.31 5.49 -22.40
C GLY A 152 -26.49 5.44 -21.48
N ALA A 153 -26.41 6.13 -20.34
CA ALA A 153 -27.52 6.15 -19.40
C ALA A 153 -28.74 6.83 -20.01
N ARG A 154 -28.52 7.88 -20.79
CA ARG A 154 -29.64 8.61 -21.38
C ARG A 154 -30.28 7.82 -22.51
N ALA A 155 -29.46 7.23 -23.39
CA ALA A 155 -29.97 6.35 -24.42
C ALA A 155 -30.67 5.14 -23.82
N TRP A 156 -30.13 4.61 -22.72
CA TRP A 156 -30.77 3.49 -22.04
C TRP A 156 -32.14 3.87 -21.53
N GLU A 157 -32.28 5.08 -20.99
CA GLU A 157 -33.56 5.53 -20.47
C GLU A 157 -34.61 5.59 -21.58
N ILE A 158 -34.24 6.17 -22.73
CA ILE A 158 -35.19 6.26 -23.84
C ILE A 158 -35.56 4.87 -24.34
N GLY A 159 -34.59 3.96 -24.41
CA GLY A 159 -34.88 2.62 -24.87
C GLY A 159 -35.86 1.88 -23.97
N SER A 160 -35.65 1.96 -22.66
CA SER A 160 -36.56 1.32 -21.72
C SER A 160 -37.96 1.90 -21.82
N CYS A 161 -38.06 3.22 -21.98
CA CYS A 161 -39.36 3.86 -22.16
C CYS A 161 -40.00 3.45 -23.47
N LEU A 162 -39.20 3.23 -24.50
CA LEU A 162 -39.73 2.84 -25.81
C LEU A 162 -40.16 1.37 -25.82
N ALA A 163 -39.26 0.48 -25.42
CA ALA A 163 -39.52 -0.96 -25.45
C ALA A 163 -39.07 -1.61 -24.15
N ASP A 164 -39.88 -2.55 -23.66
CA ASP A 164 -39.55 -3.29 -22.47
C ASP A 164 -38.62 -4.46 -22.78
N ALA A 165 -37.81 -4.84 -21.80
CA ALA A 165 -36.95 -6.02 -21.94
C ALA A 165 -37.79 -7.28 -22.10
N ARG A 166 -37.28 -8.21 -22.89
CA ARG A 166 -38.02 -9.43 -23.19
C ARG A 166 -37.82 -10.47 -22.09
N ARG A 167 -38.64 -11.54 -22.16
CA ARG A 167 -38.76 -12.47 -21.04
C ARG A 167 -37.60 -13.45 -20.97
N GLY A 168 -37.07 -13.88 -22.10
CA GLY A 168 -36.00 -14.86 -22.10
C GLY A 168 -34.62 -14.24 -22.18
N ALA A 169 -34.48 -13.00 -21.69
CA ALA A 169 -33.21 -12.30 -21.78
C ALA A 169 -32.19 -12.88 -20.79
N ASN A 170 -32.65 -13.30 -19.61
CA ASN A 170 -31.76 -13.82 -18.57
C ASN A 170 -30.68 -12.80 -18.22
N GLY A 171 -31.06 -11.52 -18.15
CA GLY A 171 -30.14 -10.46 -17.82
C GLY A 171 -29.34 -9.93 -18.98
N ARG A 172 -29.22 -10.69 -20.06
CA ARG A 172 -28.49 -10.22 -21.23
C ARG A 172 -29.23 -9.05 -21.87
N TYR A 173 -28.46 -8.10 -22.40
CA TYR A 173 -29.02 -6.91 -23.02
C TYR A 173 -29.11 -7.12 -24.52
N ALA A 174 -30.32 -6.98 -25.05
CA ALA A 174 -30.58 -7.31 -26.45
C ALA A 174 -29.99 -6.26 -27.38
N SER A 175 -29.90 -6.63 -28.66
CA SER A 175 -29.28 -5.78 -29.66
C SER A 175 -30.32 -4.86 -30.29
N TRP A 176 -29.98 -3.58 -30.38
CA TRP A 176 -30.83 -2.58 -31.02
C TRP A 176 -30.40 -2.26 -32.45
N THR A 177 -29.28 -2.79 -32.91
CA THR A 177 -28.72 -2.45 -34.21
C THR A 177 -28.30 -3.70 -34.95
N SER A 178 -28.38 -3.64 -36.27
CA SER A 178 -27.98 -4.75 -37.12
C SER A 178 -27.43 -4.19 -38.42
N ALA A 179 -26.46 -4.90 -38.98
CA ALA A 179 -25.85 -4.49 -40.24
C ALA A 179 -26.54 -5.21 -41.39
N VAL A 180 -26.82 -4.46 -42.46
CA VAL A 180 -27.49 -4.98 -43.64
C VAL A 180 -26.53 -4.85 -44.82
N GLY A 181 -26.49 -5.90 -45.65
CA GLY A 181 -25.63 -5.91 -46.82
C GLY A 181 -26.39 -6.37 -48.05
N GLY A 182 -25.86 -5.98 -49.20
CA GLY A 182 -26.47 -6.32 -50.47
C GLY A 182 -27.47 -5.32 -50.99
N ILE A 183 -27.56 -4.14 -50.39
CA ILE A 183 -28.52 -3.13 -50.81
C ILE A 183 -27.95 -1.76 -50.51
N SER A 184 -28.29 -0.79 -51.36
CA SER A 184 -27.79 0.56 -51.20
C SER A 184 -28.53 1.26 -50.05
N PRO A 185 -27.87 2.22 -49.38
CA PRO A 185 -28.56 2.93 -48.27
C PRO A 185 -29.89 3.54 -48.68
N GLN A 186 -29.92 4.31 -49.77
CA GLN A 186 -31.16 4.96 -50.17
C GLN A 186 -32.24 3.96 -50.59
N ASP A 187 -31.85 2.75 -51.01
CA ASP A 187 -32.84 1.73 -51.32
C ASP A 187 -33.38 1.07 -50.05
N LEU A 188 -32.51 0.82 -49.07
CA LEU A 188 -32.96 0.25 -47.81
C LEU A 188 -33.87 1.23 -47.08
N GLN A 189 -33.58 2.53 -47.16
CA GLN A 189 -34.43 3.53 -46.54
C GLN A 189 -35.85 3.47 -47.10
N ASP A 190 -35.99 3.16 -48.39
CA ASP A 190 -37.33 3.08 -48.99
C ASP A 190 -38.08 1.86 -48.46
N ARG A 191 -37.40 0.71 -48.36
CA ARG A 191 -38.04 -0.48 -47.79
C ARG A 191 -38.48 -0.22 -46.35
N ILE A 192 -37.70 0.57 -45.60
CA ILE A 192 -38.10 0.92 -44.24
C ILE A 192 -39.41 1.70 -44.27
N SER A 193 -39.48 2.74 -45.10
CA SER A 193 -40.71 3.52 -45.20
C SER A 193 -41.90 2.64 -45.54
N ALA A 194 -41.71 1.69 -46.46
CA ALA A 194 -42.80 0.80 -46.85
C ALA A 194 -43.21 -0.09 -45.67
N TYR A 195 -42.24 -0.75 -45.05
CA TYR A 195 -42.55 -1.57 -43.87
C TYR A 195 -43.28 -0.76 -42.81
N THR A 196 -42.85 0.48 -42.60
CA THR A 196 -43.52 1.36 -41.63
C THR A 196 -44.99 1.53 -41.97
N ALA A 197 -45.28 1.86 -43.23
CA ALA A 197 -46.65 2.12 -43.64
C ALA A 197 -47.55 0.92 -43.38
N GLU A 198 -47.07 -0.28 -43.69
CA GLU A 198 -47.92 -1.46 -43.62
C GLU A 198 -48.25 -1.85 -42.19
N GLN A 199 -47.34 -1.59 -41.25
CA GLN A 199 -47.55 -1.96 -39.86
C GLN A 199 -48.21 -0.85 -39.05
N ALA A 200 -48.33 0.36 -39.59
CA ALA A 200 -48.94 1.49 -38.88
C ALA A 200 -48.17 1.83 -37.60
N LEU A 201 -46.85 1.65 -37.63
CA LEU A 201 -46.02 1.90 -36.46
C LEU A 201 -46.09 3.36 -36.04
N ALA A 202 -46.04 3.58 -34.73
CA ALA A 202 -45.88 4.92 -34.20
C ALA A 202 -44.53 5.49 -34.60
N SER A 203 -44.48 6.81 -34.81
CA SER A 203 -43.27 7.46 -35.30
C SER A 203 -42.06 7.12 -34.45
N VAL A 204 -42.24 6.94 -33.14
CA VAL A 204 -41.09 6.69 -32.27
C VAL A 204 -40.59 5.25 -32.38
N SER A 205 -41.48 4.30 -32.63
CA SER A 205 -41.12 2.89 -32.65
C SER A 205 -40.64 2.42 -34.02
N VAL A 206 -40.54 3.31 -35.01
CA VAL A 206 -40.22 2.92 -36.37
C VAL A 206 -38.75 2.48 -36.42
N PRO A 207 -38.37 1.54 -37.28
CA PRO A 207 -36.95 1.32 -37.54
C PRO A 207 -36.37 2.45 -38.37
N TYR A 208 -35.06 2.63 -38.25
CA TYR A 208 -34.41 3.75 -38.91
C TYR A 208 -32.99 3.36 -39.32
N LEU A 209 -32.50 4.06 -40.34
CA LEU A 209 -31.15 3.86 -40.83
C LEU A 209 -30.19 4.62 -39.93
N SER A 210 -29.41 3.87 -39.13
CA SER A 210 -28.51 4.50 -38.16
C SER A 210 -27.14 4.81 -38.73
N ALA A 211 -26.73 4.14 -39.81
CA ALA A 211 -25.40 4.37 -40.36
C ALA A 211 -25.35 3.92 -41.82
N ALA A 212 -24.53 4.63 -42.59
CA ALA A 212 -24.24 4.28 -43.97
C ALA A 212 -22.77 3.93 -44.05
N VAL A 213 -22.46 2.66 -44.32
CA VAL A 213 -21.09 2.19 -44.29
C VAL A 213 -20.45 2.28 -45.68
N GLY A 214 -21.11 1.71 -46.69
CA GLY A 214 -20.58 1.70 -48.02
C GLY A 214 -21.68 1.67 -49.06
N PRO A 215 -21.32 1.46 -50.33
CA PRO A 215 -22.33 1.46 -51.39
C PRO A 215 -23.35 0.34 -51.24
N GLY A 216 -22.98 -0.75 -50.57
CA GLY A 216 -23.89 -1.87 -50.38
C GLY A 216 -24.13 -2.22 -48.92
N GLN A 217 -23.35 -1.63 -48.01
CA GLN A 217 -23.48 -1.89 -46.59
C GLN A 217 -24.14 -0.72 -45.88
N SER A 218 -24.78 -1.02 -44.75
CA SER A 218 -25.43 -0.02 -43.91
C SER A 218 -25.85 -0.70 -42.62
N SER A 219 -26.35 0.09 -41.68
CA SER A 219 -26.79 -0.42 -40.39
C SER A 219 -28.14 0.18 -40.04
N VAL A 220 -29.04 -0.67 -39.55
CA VAL A 220 -30.39 -0.27 -39.20
C VAL A 220 -30.61 -0.60 -37.73
N SER A 221 -31.29 0.30 -37.02
CA SER A 221 -31.54 0.15 -35.60
C SER A 221 -33.04 0.23 -35.34
N ALA A 222 -33.46 -0.35 -34.22
CA ALA A 222 -34.85 -0.35 -33.78
C ALA A 222 -34.92 -1.13 -32.48
N ALA A 223 -36.06 -1.06 -31.82
CA ALA A 223 -36.29 -1.89 -30.65
C ALA A 223 -36.10 -3.35 -31.05
N PRO A 224 -35.54 -4.19 -30.17
CA PRO A 224 -35.25 -5.58 -30.57
C PRO A 224 -36.45 -6.30 -31.17
N VAL A 225 -37.63 -6.19 -30.55
CA VAL A 225 -38.79 -6.92 -31.08
C VAL A 225 -39.14 -6.42 -32.47
N ILE A 226 -39.01 -5.12 -32.71
CA ILE A 226 -39.34 -4.57 -34.03
C ILE A 226 -38.22 -4.84 -35.01
N LEU A 227 -36.96 -4.71 -34.58
CA LEU A 227 -35.85 -4.96 -35.47
C LEU A 227 -35.88 -6.37 -36.03
N ASP A 228 -36.19 -7.35 -35.18
CA ASP A 228 -36.25 -8.74 -35.64
C ASP A 228 -37.30 -8.92 -36.73
N ALA A 229 -38.48 -8.33 -36.54
CA ALA A 229 -39.54 -8.47 -37.53
C ALA A 229 -39.15 -7.86 -38.86
N PHE A 230 -38.54 -6.68 -38.83
CA PHE A 230 -38.14 -6.02 -40.08
C PHE A 230 -37.03 -6.80 -40.77
N LEU A 231 -36.05 -7.29 -40.02
CA LEU A 231 -34.96 -8.04 -40.62
C LEU A 231 -35.45 -9.34 -41.24
N SER A 232 -36.56 -9.88 -40.74
CA SER A 232 -37.12 -11.09 -41.32
C SER A 232 -37.62 -10.87 -42.74
N THR A 233 -37.87 -9.62 -43.12
CA THR A 233 -38.33 -9.32 -44.47
C THR A 233 -37.19 -9.14 -45.46
N LEU A 234 -35.97 -8.92 -44.97
CA LEU A 234 -34.80 -8.78 -45.85
C LEU A 234 -34.30 -10.18 -46.18
N LEU A 235 -34.71 -10.68 -47.34
CA LEU A 235 -34.38 -12.03 -47.78
C LEU A 235 -33.11 -12.00 -48.61
N ARG A 236 -32.45 -13.17 -48.70
CA ARG A 236 -31.26 -13.31 -49.50
C ARG A 236 -31.52 -12.76 -50.91
N PRO A 237 -30.47 -12.27 -51.59
CA PRO A 237 -29.04 -12.29 -51.22
C PRO A 237 -28.64 -11.31 -50.11
N LEU A 238 -29.59 -10.52 -49.60
CA LEU A 238 -29.27 -9.58 -48.53
C LEU A 238 -28.70 -10.33 -47.32
N THR A 239 -27.91 -9.60 -46.53
CA THR A 239 -27.24 -10.15 -45.36
C THR A 239 -27.72 -9.42 -44.10
N THR A 240 -27.53 -10.09 -42.96
CA THR A 240 -27.93 -9.54 -41.67
C THR A 240 -26.93 -10.00 -40.63
N THR A 241 -26.15 -9.06 -40.09
CA THR A 241 -25.20 -9.32 -39.03
C THR A 241 -25.61 -8.50 -37.82
N ARG A 242 -25.90 -9.17 -36.70
CA ARG A 242 -26.38 -8.49 -35.52
C ARG A 242 -25.21 -7.91 -34.73
N LEU A 243 -25.32 -6.64 -34.37
CA LEU A 243 -24.25 -5.93 -33.68
C LEU A 243 -24.53 -5.85 -32.19
N PRO A 244 -23.49 -5.67 -31.36
CA PRO A 244 -23.66 -5.62 -29.90
C PRO A 244 -23.92 -4.21 -29.36
N ILE A 245 -24.92 -3.54 -29.90
CA ILE A 245 -25.36 -2.23 -29.43
C ILE A 245 -26.68 -2.40 -28.73
N THR A 246 -26.73 -2.02 -27.45
CA THR A 246 -27.84 -2.37 -26.56
C THR A 246 -28.73 -1.19 -26.22
N ALA A 247 -28.68 -0.12 -27.02
CA ALA A 247 -29.51 1.05 -26.78
C ALA A 247 -29.66 1.81 -28.08
N PRO A 248 -30.72 2.61 -28.23
CA PRO A 248 -30.90 3.37 -29.47
C PRO A 248 -29.94 4.56 -29.55
N TYR A 249 -29.28 4.69 -30.70
CA TYR A 249 -28.41 5.80 -30.97
C TYR A 249 -28.68 6.31 -32.38
N HIS A 250 -28.22 7.54 -32.66
CA HIS A 250 -28.33 8.12 -33.99
C HIS A 250 -29.79 8.20 -34.44
N ALA A 251 -30.65 8.71 -33.56
CA ALA A 251 -32.10 8.70 -33.78
C ALA A 251 -32.65 10.11 -33.60
N PRO A 252 -32.72 10.90 -34.68
CA PRO A 252 -33.29 12.26 -34.55
C PRO A 252 -34.75 12.27 -34.13
N HIS A 253 -35.45 11.14 -34.20
CA HIS A 253 -36.84 11.06 -33.79
C HIS A 253 -37.00 10.71 -32.31
N LEU A 254 -35.90 10.40 -31.61
CA LEU A 254 -35.97 10.05 -30.19
C LEU A 254 -35.24 11.04 -29.29
N PHE A 255 -34.18 11.69 -29.75
CA PHE A 255 -33.39 12.60 -28.94
C PHE A 255 -33.47 14.01 -29.50
N THR A 256 -33.30 14.99 -28.61
CA THR A 256 -33.35 16.40 -28.96
C THR A 256 -32.18 17.12 -28.31
N ALA A 257 -32.12 18.44 -28.51
CA ALA A 257 -31.03 19.23 -27.95
C ALA A 257 -31.03 19.18 -26.42
N LYS A 258 -32.20 19.02 -25.80
CA LYS A 258 -32.25 18.93 -24.35
C LYS A 258 -31.53 17.68 -23.86
N ASP A 259 -31.65 16.58 -24.59
CA ASP A 259 -30.96 15.36 -24.20
C ASP A 259 -29.44 15.54 -24.27
N VAL A 260 -28.96 16.19 -25.33
CA VAL A 260 -27.53 16.48 -25.43
C VAL A 260 -27.11 17.39 -24.28
N GLN A 261 -27.88 18.45 -24.04
CA GLN A 261 -27.56 19.40 -22.98
C GLN A 261 -27.44 18.69 -21.63
N HIS A 262 -28.28 17.68 -21.40
CA HIS A 262 -28.25 16.96 -20.12
C HIS A 262 -26.97 16.13 -19.98
N VAL A 263 -26.54 15.48 -21.06
CA VAL A 263 -25.37 14.61 -20.97
C VAL A 263 -24.13 15.42 -20.60
N THR A 264 -24.00 16.63 -21.13
CA THR A 264 -22.83 17.45 -20.89
C THR A 264 -22.98 18.40 -19.71
N ASP A 265 -24.04 18.26 -18.91
CA ASP A 265 -24.21 19.11 -17.73
C ASP A 265 -23.21 18.79 -16.64
N CYS A 266 -22.52 17.66 -16.72
CA CYS A 266 -21.48 17.31 -15.76
C CYS A 266 -20.19 18.08 -16.00
N LEU A 267 -20.11 18.87 -17.08
CA LEU A 267 -18.93 19.68 -17.36
C LEU A 267 -19.14 21.07 -16.74
N PRO A 268 -18.48 21.41 -15.64
CA PRO A 268 -18.73 22.71 -15.01
C PRO A 268 -18.41 23.83 -15.97
N PRO A 269 -19.11 24.96 -15.87
CA PRO A 269 -18.80 26.09 -16.74
C PRO A 269 -17.55 26.82 -16.25
N SER A 270 -16.72 27.24 -17.20
CA SER A 270 -15.48 27.91 -16.86
C SER A 270 -14.94 28.60 -18.11
N GLU A 271 -13.95 29.47 -17.89
CA GLU A 271 -13.28 30.17 -18.98
C GLU A 271 -11.98 29.50 -19.38
N ALA A 272 -11.46 28.59 -18.56
CA ALA A 272 -10.19 27.95 -18.82
C ALA A 272 -10.32 26.64 -19.60
N TRP A 273 -11.51 26.32 -20.09
CA TRP A 273 -11.65 25.10 -20.88
C TRP A 273 -10.73 25.15 -22.09
N PRO A 274 -9.90 24.14 -22.31
CA PRO A 274 -9.05 24.14 -23.51
C PRO A 274 -9.88 23.98 -24.77
N THR A 275 -9.33 24.51 -25.86
CA THR A 275 -9.96 24.38 -27.18
C THR A 275 -9.37 23.18 -27.92
N VAL A 276 -10.03 22.81 -29.02
CA VAL A 276 -9.58 21.70 -29.84
C VAL A 276 -8.41 22.19 -30.68
N ARG A 277 -7.19 21.78 -30.30
N ARG A 277 -7.19 21.79 -30.30
CA ARG A 277 -5.99 22.22 -30.99
CA ARG A 277 -6.01 22.25 -31.02
C ARG A 277 -5.72 21.38 -32.23
C ARG A 277 -5.70 21.38 -32.22
N ILE A 278 -5.99 20.09 -32.16
CA ILE A 278 -5.74 19.15 -33.25
C ILE A 278 -7.03 18.99 -34.04
N PRO A 279 -7.01 19.12 -35.36
CA PRO A 279 -8.25 18.97 -36.14
C PRO A 279 -8.90 17.62 -35.90
N ILE A 280 -10.22 17.65 -35.68
CA ILE A 280 -11.03 16.44 -35.56
C ILE A 280 -11.78 16.24 -36.86
N ILE A 281 -11.68 15.04 -37.43
CA ILE A 281 -12.37 14.72 -38.67
C ILE A 281 -13.79 14.31 -38.32
N SER A 282 -14.72 15.26 -38.35
CA SER A 282 -16.13 15.00 -38.08
C SER A 282 -16.84 14.77 -39.42
N PHE A 283 -16.68 13.57 -39.95
CA PHE A 283 -17.19 13.23 -41.27
C PHE A 283 -18.69 13.05 -41.30
N SER A 284 -19.35 12.96 -40.14
CA SER A 284 -20.80 12.82 -40.07
C SER A 284 -21.51 14.16 -39.85
N ARG A 285 -20.82 15.28 -40.04
CA ARG A 285 -21.39 16.60 -39.86
C ARG A 285 -21.30 17.38 -41.17
N ASP A 286 -21.88 18.58 -41.15
CA ASP A 286 -21.80 19.46 -42.31
C ASP A 286 -20.35 19.80 -42.62
N GLU A 287 -19.59 20.21 -41.61
CA GLU A 287 -18.17 20.50 -41.75
C GLU A 287 -17.37 19.25 -41.40
N ALA A 288 -16.69 18.67 -42.40
CA ALA A 288 -15.93 17.45 -42.16
C ALA A 288 -14.80 17.68 -41.18
N VAL A 289 -14.18 18.86 -41.22
CA VAL A 289 -13.07 19.20 -40.33
C VAL A 289 -13.54 20.28 -39.37
N SER A 290 -13.14 20.15 -38.10
CA SER A 290 -13.56 21.07 -37.06
C SER A 290 -12.39 21.29 -36.09
N ARG A 291 -12.32 22.51 -35.57
CA ARG A 291 -11.27 22.88 -34.62
C ARG A 291 -11.63 24.21 -33.99
N GLY A 292 -11.10 24.43 -32.77
CA GLY A 292 -11.16 25.71 -32.11
C GLY A 292 -12.24 25.83 -31.06
N ALA A 293 -13.32 25.06 -31.17
CA ALA A 293 -14.37 25.11 -30.17
C ALA A 293 -13.81 24.71 -28.81
N SER A 294 -14.42 25.25 -27.75
CA SER A 294 -13.99 24.89 -26.41
C SER A 294 -14.38 23.44 -26.11
N PHE A 295 -13.70 22.85 -25.14
CA PHE A 295 -13.93 21.45 -24.80
C PHE A 295 -15.39 21.12 -24.58
N PRO A 296 -16.15 21.89 -23.78
CA PRO A 296 -17.58 21.55 -23.62
C PRO A 296 -18.36 21.64 -24.91
N ALA A 297 -18.22 22.75 -25.66
CA ALA A 297 -18.93 22.88 -26.93
C ALA A 297 -18.54 21.77 -27.89
N ALA A 298 -17.26 21.40 -27.91
CA ALA A 298 -16.81 20.31 -28.77
C ALA A 298 -17.38 18.98 -28.31
N MET A 299 -17.52 18.80 -26.99
CA MET A 299 -18.08 17.55 -26.48
C MET A 299 -19.57 17.45 -26.78
N SER A 300 -20.31 18.54 -26.62
CA SER A 300 -21.74 18.52 -26.95
C SER A 300 -21.96 18.10 -28.39
N GLU A 301 -21.18 18.66 -29.31
CA GLU A 301 -21.28 18.26 -30.72
C GLU A 301 -20.97 16.78 -30.88
N ALA A 302 -19.99 16.27 -30.12
CA ALA A 302 -19.67 14.84 -30.20
C ALA A 302 -20.82 13.99 -29.68
N VAL A 303 -21.43 14.39 -28.56
CA VAL A 303 -22.62 13.70 -28.08
C VAL A 303 -23.72 13.75 -29.13
N ARG A 304 -23.81 14.89 -29.84
CA ARG A 304 -24.84 15.01 -30.88
C ARG A 304 -24.58 14.00 -32.00
N ASP A 305 -23.31 13.75 -32.33
CA ASP A 305 -22.99 12.72 -33.31
C ASP A 305 -23.53 11.35 -32.90
N CYS A 306 -23.64 11.11 -31.58
CA CYS A 306 -24.04 9.80 -31.09
C CYS A 306 -25.56 9.64 -31.05
N LEU A 307 -26.27 10.67 -30.62
CA LEU A 307 -27.71 10.59 -30.42
C LEU A 307 -28.53 11.11 -31.59
N ILE A 308 -28.08 12.17 -32.25
CA ILE A 308 -28.89 12.85 -33.27
C ILE A 308 -28.48 12.44 -34.67
N ARG A 309 -27.18 12.48 -34.98
CA ARG A 309 -26.73 12.32 -36.36
C ARG A 309 -26.55 10.86 -36.70
N PRO A 310 -26.86 10.44 -37.93
CA PRO A 310 -26.45 9.11 -38.40
C PRO A 310 -24.97 9.09 -38.73
N ILE A 311 -24.40 7.89 -38.68
CA ILE A 311 -22.99 7.70 -39.00
C ILE A 311 -22.83 7.68 -40.52
N ALA A 312 -22.07 8.62 -41.05
CA ALA A 312 -21.73 8.65 -42.48
C ALA A 312 -20.38 7.98 -42.70
N LEU A 313 -20.27 6.74 -42.23
CA LEU A 313 -19.00 6.02 -42.27
C LEU A 313 -18.50 5.83 -43.70
N ASP A 314 -19.36 6.00 -44.70
CA ASP A 314 -18.90 5.95 -46.09
C ASP A 314 -18.12 7.20 -46.47
N ARG A 315 -18.23 8.26 -45.69
N ARG A 315 -18.23 8.26 -45.69
CA ARG A 315 -17.47 9.49 -45.92
CA ARG A 315 -17.47 9.49 -45.92
C ARG A 315 -16.20 9.58 -45.09
C ARG A 315 -16.20 9.57 -45.09
N MET A 316 -15.98 8.62 -44.17
CA MET A 316 -14.82 8.70 -43.29
C MET A 316 -13.52 8.68 -44.09
N ALA A 317 -13.40 7.76 -45.05
CA ALA A 317 -12.15 7.58 -45.76
C ALA A 317 -11.78 8.86 -46.53
N VAL A 318 -12.68 9.32 -47.40
CA VAL A 318 -12.38 10.50 -48.22
C VAL A 318 -12.24 11.74 -47.36
N SER A 319 -12.98 11.83 -46.26
CA SER A 319 -12.89 13.00 -45.39
C SER A 319 -11.49 13.15 -44.82
N ILE A 320 -10.87 12.03 -44.43
CA ILE A 320 -9.50 12.07 -43.94
C ILE A 320 -8.53 12.44 -45.06
N ALA A 321 -8.68 11.80 -46.22
CA ALA A 321 -7.78 12.07 -47.33
C ALA A 321 -7.82 13.53 -47.75
N ASN A 322 -9.02 14.13 -47.78
CA ASN A 322 -9.14 15.53 -48.20
C ASN A 322 -8.39 16.45 -47.24
N HIS A 323 -8.41 16.15 -45.94
CA HIS A 323 -7.67 16.96 -44.98
C HIS A 323 -6.16 16.80 -45.17
N ALA A 324 -5.71 15.57 -45.47
CA ALA A 324 -4.29 15.36 -45.73
C ALA A 324 -3.82 16.17 -46.92
N ARG A 325 -4.56 16.11 -48.03
CA ARG A 325 -4.20 16.92 -49.20
C ARG A 325 -4.20 18.41 -48.87
N ASP A 326 -5.18 18.85 -48.07
CA ASP A 326 -5.27 20.26 -47.72
C ASP A 326 -3.98 20.77 -47.10
N LEU A 327 -3.24 19.91 -46.42
CA LEU A 327 -1.95 20.26 -45.83
C LEU A 327 -0.77 19.70 -46.62
N GLY A 328 -0.98 19.41 -47.91
CA GLY A 328 0.08 18.94 -48.77
C GLY A 328 0.77 17.69 -48.26
N LYS A 329 -0.01 16.67 -47.88
CA LYS A 329 0.50 15.41 -47.41
C LYS A 329 0.23 14.33 -48.45
N ASP A 330 1.22 13.46 -48.67
CA ASP A 330 1.13 12.46 -49.73
C ASP A 330 0.36 11.23 -49.28
N SER A 331 0.51 10.82 -48.02
CA SER A 331 -0.14 9.61 -47.53
C SER A 331 -0.47 9.78 -46.06
N VAL A 332 -1.18 8.79 -45.51
CA VAL A 332 -1.60 8.81 -44.12
C VAL A 332 -1.19 7.49 -43.47
N LEU A 333 -0.76 7.58 -42.20
CA LEU A 333 -0.40 6.40 -41.42
C LEU A 333 -1.48 6.16 -40.38
N PRO A 334 -2.38 5.20 -40.56
CA PRO A 334 -3.46 5.01 -39.59
C PRO A 334 -2.93 4.54 -38.24
N SER A 335 -3.52 5.10 -37.17
CA SER A 335 -3.21 4.72 -35.80
C SER A 335 -4.52 4.43 -35.07
N PRO A 336 -5.19 3.33 -35.44
CA PRO A 336 -6.48 3.04 -34.83
C PRO A 336 -6.36 2.60 -33.38
N ILE A 337 -7.38 2.91 -32.59
CA ILE A 337 -7.47 2.53 -31.19
C ILE A 337 -8.84 1.89 -30.98
N ALA A 338 -8.87 0.57 -30.82
CA ALA A 338 -10.10 -0.16 -30.57
C ALA A 338 -11.14 0.15 -31.65
N LEU A 339 -10.71 0.05 -32.90
CA LEU A 339 -11.55 0.31 -34.06
C LEU A 339 -11.90 -1.00 -34.73
N SER A 340 -13.19 -1.24 -34.94
CA SER A 340 -13.62 -2.47 -35.58
C SER A 340 -13.21 -2.46 -37.06
N PHE A 341 -12.67 -3.58 -37.53
CA PHE A 341 -12.22 -3.71 -38.91
C PHE A 341 -11.21 -2.60 -39.26
N SER A 342 -10.27 -2.35 -38.34
CA SER A 342 -9.38 -1.21 -38.48
C SER A 342 -8.37 -1.39 -39.60
N ASP A 343 -7.94 -2.64 -39.87
CA ASP A 343 -6.91 -2.85 -40.87
C ASP A 343 -7.30 -2.25 -42.22
N LYS A 344 -8.59 -2.33 -42.58
CA LYS A 344 -9.04 -1.81 -43.86
C LYS A 344 -8.93 -0.30 -43.96
N LEU A 345 -8.67 0.40 -42.85
CA LEU A 345 -8.60 1.85 -42.89
C LEU A 345 -7.44 2.33 -43.77
N GLY A 346 -6.25 1.79 -43.53
CA GLY A 346 -5.07 2.19 -44.26
C GLY A 346 -5.28 2.26 -45.76
N PRO A 347 -5.51 1.10 -46.39
CA PRO A 347 -5.76 1.10 -47.83
C PRO A 347 -6.92 2.00 -48.26
N GLN A 348 -8.01 2.03 -47.50
CA GLN A 348 -9.19 2.77 -47.93
C GLN A 348 -8.91 4.27 -47.98
N VAL A 349 -8.13 4.80 -47.03
CA VAL A 349 -7.83 6.22 -47.04
C VAL A 349 -6.78 6.56 -48.10
N ASN A 350 -5.74 5.73 -48.20
CA ASN A 350 -4.68 5.99 -49.19
C ASN A 350 -5.16 5.81 -50.62
N SER A 351 -6.31 5.15 -50.83
CA SER A 351 -6.82 4.97 -52.18
C SER A 351 -7.17 6.31 -52.82
N HIS A 352 -7.57 7.29 -52.02
CA HIS A 352 -7.86 8.63 -52.53
C HIS A 352 -6.62 9.50 -52.69
N LEU A 353 -5.43 8.95 -52.44
CA LEU A 353 -4.18 9.68 -52.52
C LEU A 353 -3.23 9.02 -53.51
N PRO A 354 -2.22 9.76 -54.00
CA PRO A 354 -1.25 9.14 -54.92
C PRO A 354 -0.42 8.05 -54.27
N GLY A 355 -0.21 8.10 -52.96
CA GLY A 355 0.58 7.10 -52.26
C GLY A 355 2.02 7.50 -52.11
N SER A 365 17.47 0.91 -32.86
CA SER A 365 16.47 1.80 -32.28
C SER A 365 15.80 1.15 -31.07
N LYS A 366 16.53 0.27 -30.40
CA LYS A 366 16.02 -0.35 -29.18
C LYS A 366 15.96 0.67 -28.06
N SER A 367 14.94 0.56 -27.21
CA SER A 367 14.84 1.43 -26.04
C SER A 367 16.15 1.45 -25.28
N ILE A 368 16.44 2.59 -24.66
CA ILE A 368 17.71 2.77 -23.97
C ILE A 368 17.59 2.16 -22.59
N PRO A 369 18.61 1.46 -22.09
CA PRO A 369 18.54 0.92 -20.73
C PRO A 369 18.32 2.04 -19.71
N SER A 370 17.44 1.77 -18.75
CA SER A 370 17.17 2.74 -17.70
C SER A 370 18.35 2.79 -16.73
N ALA A 371 18.52 3.95 -16.10
CA ALA A 371 19.52 4.07 -15.05
C ALA A 371 19.29 2.99 -14.00
N ILE A 372 20.39 2.43 -13.49
CA ILE A 372 20.28 1.35 -12.52
C ILE A 372 19.42 1.80 -11.35
N GLY A 373 18.53 0.91 -10.91
CA GLY A 373 17.56 1.22 -9.88
C GLY A 373 16.21 1.67 -10.39
N ALA A 374 16.12 2.09 -11.65
CA ALA A 374 14.88 2.54 -12.25
C ALA A 374 14.20 1.47 -13.09
N GLU A 375 14.95 0.50 -13.61
CA GLU A 375 14.35 -0.57 -14.39
C GLU A 375 13.33 -1.35 -13.56
N GLN A 376 13.55 -1.45 -12.25
CA GLN A 376 12.68 -2.25 -11.40
C GLN A 376 11.29 -1.64 -11.34
N GLN A 377 10.27 -2.51 -11.40
CA GLN A 377 8.89 -2.08 -11.27
C GLN A 377 8.63 -1.58 -9.85
N PRO A 378 7.57 -0.80 -9.66
CA PRO A 378 7.25 -0.32 -8.31
C PRO A 378 7.09 -1.45 -7.32
N MET A 379 7.31 -1.13 -6.04
CA MET A 379 7.26 -2.14 -4.99
C MET A 379 5.88 -2.77 -4.88
N ALA A 380 4.83 -2.01 -5.21
CA ALA A 380 3.48 -2.56 -5.19
C ALA A 380 3.33 -3.69 -6.20
N LYS A 381 2.82 -4.83 -5.74
CA LYS A 381 2.57 -5.99 -6.57
C LYS A 381 3.82 -6.39 -7.35
N SER A 382 4.92 -6.54 -6.62
CA SER A 382 6.16 -7.11 -7.12
C SER A 382 6.36 -8.51 -6.53
N PRO A 383 6.90 -9.47 -7.29
CA PRO A 383 7.08 -10.82 -6.73
C PRO A 383 7.89 -10.79 -5.44
N ILE A 384 7.36 -11.43 -4.41
CA ILE A 384 8.05 -11.57 -3.13
C ILE A 384 8.77 -12.90 -3.12
N ALA A 385 10.09 -12.86 -2.97
CA ALA A 385 10.92 -14.04 -3.03
C ALA A 385 11.05 -14.70 -1.67
N ILE A 386 10.91 -16.02 -1.64
CA ILE A 386 11.14 -16.81 -0.44
C ILE A 386 12.60 -17.23 -0.46
N LEU A 387 13.39 -16.70 0.49
CA LEU A 387 14.83 -16.94 0.47
C LEU A 387 15.20 -18.25 1.15
N ALA A 388 14.58 -18.54 2.29
CA ALA A 388 14.94 -19.72 3.06
C ALA A 388 13.80 -20.06 4.00
N ALA A 389 13.83 -21.30 4.50
CA ALA A 389 12.82 -21.76 5.45
C ALA A 389 13.42 -22.88 6.29
N SER A 390 13.29 -22.76 7.60
CA SER A 390 13.68 -23.80 8.54
C SER A 390 12.51 -24.08 9.48
N GLY A 391 12.41 -25.31 9.94
CA GLY A 391 11.28 -25.65 10.78
C GLY A 391 11.47 -26.97 11.49
N ARG A 392 10.53 -27.25 12.39
CA ARG A 392 10.44 -28.51 13.10
C ARG A 392 9.05 -29.10 12.85
N PHE A 393 9.00 -30.34 12.41
CA PHE A 393 7.77 -31.04 12.12
C PHE A 393 7.77 -32.40 12.81
N PRO A 394 6.63 -33.04 12.93
CA PRO A 394 6.58 -34.35 13.58
C PRO A 394 7.58 -35.33 12.96
N GLN A 395 8.36 -35.99 13.83
CA GLN A 395 9.38 -36.94 13.39
C GLN A 395 10.36 -36.28 12.41
N SER A 396 10.57 -34.98 12.55
CA SER A 396 11.42 -34.23 11.62
C SER A 396 12.07 -33.08 12.36
N SER A 397 13.40 -33.08 12.43
CA SER A 397 14.16 -32.01 13.06
C SER A 397 14.65 -30.97 12.06
N SER A 398 14.18 -31.04 10.81
CA SER A 398 14.64 -30.14 9.77
C SER A 398 13.72 -30.29 8.57
N MET A 399 13.88 -29.38 7.61
CA MET A 399 13.13 -29.47 6.36
C MET A 399 13.48 -30.75 5.61
N ASP A 400 14.72 -31.20 5.70
CA ASP A 400 15.14 -32.39 4.97
C ASP A 400 14.47 -33.64 5.54
N GLN A 401 14.41 -33.75 6.87
CA GLN A 401 13.71 -34.89 7.48
C GLN A 401 12.20 -34.78 7.28
N PHE A 402 11.69 -33.56 7.12
CA PHE A 402 10.27 -33.40 6.81
C PHE A 402 9.95 -33.99 5.43
N TRP A 403 10.84 -33.78 4.46
CA TRP A 403 10.64 -34.37 3.14
C TRP A 403 10.63 -35.89 3.21
N ASP A 404 11.43 -36.48 4.11
CA ASP A 404 11.41 -37.93 4.27
C ASP A 404 10.02 -38.42 4.68
N VAL A 405 9.34 -37.66 5.55
CA VAL A 405 7.99 -38.03 5.96
C VAL A 405 7.05 -38.06 4.76
N LEU A 406 7.14 -37.05 3.90
CA LEU A 406 6.20 -36.92 2.79
C LEU A 406 6.49 -37.92 1.68
N ILE A 407 7.75 -38.04 1.28
CA ILE A 407 8.05 -38.86 0.11
C ILE A 407 7.91 -40.34 0.42
N ASN A 408 8.11 -40.74 1.67
CA ASN A 408 7.92 -42.12 2.08
C ASN A 408 6.51 -42.41 2.57
N GLY A 409 5.57 -41.46 2.38
CA GLY A 409 4.19 -41.67 2.77
C GLY A 409 4.06 -42.16 4.20
N VAL A 410 4.47 -41.34 5.16
CA VAL A 410 4.50 -41.72 6.57
C VAL A 410 3.33 -41.04 7.28
N ASP A 411 2.65 -41.80 8.13
CA ASP A 411 1.59 -41.29 8.98
C ASP A 411 2.15 -41.15 10.39
N THR A 412 2.36 -39.92 10.84
CA THR A 412 3.09 -39.64 12.07
C THR A 412 2.19 -39.54 13.30
N HIS A 413 0.91 -39.87 13.18
CA HIS A 413 -0.01 -39.71 14.31
C HIS A 413 0.22 -40.82 15.32
N GLU A 414 0.11 -40.48 16.60
CA GLU A 414 0.29 -41.44 17.68
C GLU A 414 -0.41 -40.92 18.92
N LEU A 415 -0.65 -41.83 19.87
CA LEU A 415 -1.29 -41.45 21.11
C LEU A 415 -0.44 -40.43 21.86
N VAL A 416 -1.10 -39.58 22.64
CA VAL A 416 -0.37 -38.49 23.31
C VAL A 416 0.73 -39.09 24.18
N PRO A 417 1.96 -38.59 24.11
CA PRO A 417 3.04 -39.14 24.94
C PRO A 417 2.91 -38.65 26.37
N PRO A 418 3.54 -39.34 27.33
CA PRO A 418 3.41 -38.93 28.73
C PRO A 418 4.03 -37.57 29.03
N THR A 419 4.93 -37.08 28.18
CA THR A 419 5.55 -35.78 28.44
C THR A 419 4.54 -34.65 28.37
N ARG A 420 3.38 -34.88 27.74
CA ARG A 420 2.34 -33.86 27.65
C ARG A 420 1.26 -34.09 28.71
N TRP A 421 0.59 -35.24 28.65
CA TRP A 421 -0.38 -35.59 29.69
C TRP A 421 -0.68 -37.08 29.57
N ASN A 422 -1.23 -37.64 30.66
CA ASN A 422 -1.45 -39.07 30.78
C ASN A 422 -2.78 -39.43 30.13
N ALA A 423 -2.71 -40.19 29.04
CA ALA A 423 -3.92 -40.56 28.31
C ALA A 423 -4.83 -41.47 29.14
N ALA A 424 -4.25 -42.25 30.06
CA ALA A 424 -5.05 -43.15 30.88
C ALA A 424 -6.11 -42.40 31.68
N THR A 425 -5.82 -41.17 32.08
CA THR A 425 -6.74 -40.37 32.87
C THR A 425 -7.43 -39.27 32.08
N HIS A 426 -6.87 -38.88 30.93
CA HIS A 426 -7.41 -37.78 30.13
C HIS A 426 -8.21 -38.24 28.93
N VAL A 427 -8.14 -39.52 28.57
CA VAL A 427 -8.78 -40.05 27.37
C VAL A 427 -9.68 -41.19 27.78
N SER A 428 -10.88 -41.25 27.20
CA SER A 428 -11.82 -42.33 27.44
C SER A 428 -12.57 -42.64 26.16
N GLU A 429 -12.82 -43.94 25.93
CA GLU A 429 -13.59 -44.34 24.76
C GLU A 429 -14.92 -43.59 24.71
N ASP A 430 -15.69 -43.65 25.79
CA ASP A 430 -16.86 -42.79 25.94
C ASP A 430 -16.58 -41.81 27.07
N PRO A 431 -16.34 -40.53 26.78
CA PRO A 431 -16.00 -39.57 27.84
C PRO A 431 -17.24 -39.08 28.57
N LYS A 432 -17.30 -39.35 29.87
CA LYS A 432 -18.36 -38.87 30.74
C LYS A 432 -17.87 -37.92 31.82
N ALA A 433 -16.72 -38.21 32.43
CA ALA A 433 -16.11 -37.29 33.38
C ALA A 433 -15.72 -36.00 32.67
N LYS A 434 -15.57 -34.93 33.45
CA LYS A 434 -15.31 -33.62 32.87
C LYS A 434 -13.84 -33.50 32.46
N ASN A 435 -13.63 -32.75 31.37
CA ASN A 435 -12.31 -32.49 30.80
C ASN A 435 -11.64 -33.75 30.25
N VAL A 436 -12.41 -34.81 30.03
CA VAL A 436 -11.91 -36.02 29.40
C VAL A 436 -12.37 -36.03 27.95
N SER A 437 -11.46 -36.34 27.04
CA SER A 437 -11.73 -36.29 25.61
C SER A 437 -11.86 -37.69 25.04
N GLY A 438 -12.52 -37.76 23.88
CA GLY A 438 -12.67 -39.02 23.18
C GLY A 438 -11.46 -39.44 22.38
N THR A 439 -10.52 -38.51 22.15
CA THR A 439 -9.31 -38.79 21.40
C THR A 439 -8.10 -38.29 22.17
N GLY A 440 -6.96 -38.93 21.93
CA GLY A 440 -5.70 -38.48 22.48
C GLY A 440 -4.62 -38.46 21.42
N PHE A 441 -5.04 -38.57 20.16
CA PHE A 441 -4.09 -38.65 19.06
C PHE A 441 -3.45 -37.30 18.79
N GLY A 442 -2.43 -37.32 17.94
CA GLY A 442 -1.74 -36.10 17.57
C GLY A 442 -0.48 -36.42 16.82
N CYS A 443 0.11 -35.37 16.23
CA CYS A 443 1.41 -35.44 15.60
C CYS A 443 2.32 -34.48 16.36
N TRP A 444 3.28 -35.03 17.10
CA TRP A 444 3.97 -34.31 18.15
C TRP A 444 5.43 -34.04 17.81
N LEU A 445 5.95 -32.97 18.39
CA LEU A 445 7.38 -32.66 18.38
C LEU A 445 7.97 -33.18 19.69
N HIS A 446 8.64 -34.34 19.61
CA HIS A 446 9.19 -34.94 20.83
C HIS A 446 10.43 -34.23 21.35
N GLU A 447 11.10 -33.44 20.50
CA GLU A 447 12.24 -32.64 20.92
C GLU A 447 11.88 -31.17 21.09
N ALA A 448 10.61 -30.88 21.40
CA ALA A 448 10.18 -29.50 21.56
C ALA A 448 10.83 -28.80 22.74
N GLY A 449 11.32 -29.56 23.73
CA GLY A 449 11.97 -28.96 24.88
C GLY A 449 13.43 -28.61 24.67
N GLU A 450 14.06 -29.20 23.66
CA GLU A 450 15.48 -28.94 23.41
C GLU A 450 15.70 -27.48 23.05
N PHE A 451 16.76 -26.89 23.59
CA PHE A 451 17.05 -25.47 23.37
C PHE A 451 18.48 -25.18 23.79
N ASP A 452 19.02 -24.09 23.26
CA ASP A 452 20.38 -23.62 23.57
C ASP A 452 20.24 -22.31 24.33
N ALA A 453 20.12 -22.40 25.66
CA ALA A 453 19.88 -21.21 26.46
C ALA A 453 21.06 -20.26 26.45
N ALA A 454 22.29 -20.79 26.40
CA ALA A 454 23.46 -19.94 26.38
C ALA A 454 23.50 -19.08 25.12
N TYR A 455 23.25 -19.71 23.96
CA TYR A 455 23.29 -18.98 22.69
C TYR A 455 22.40 -17.75 22.73
N PHE A 456 21.21 -17.86 23.30
CA PHE A 456 20.23 -16.79 23.30
C PHE A 456 20.18 -16.04 24.63
N ASN A 457 21.19 -16.21 25.47
CA ASN A 457 21.37 -15.39 26.67
C ASN A 457 20.24 -15.60 27.67
N MET A 458 19.90 -16.86 27.90
CA MET A 458 18.90 -17.25 28.89
C MET A 458 19.57 -18.02 30.03
N SER A 459 19.12 -17.76 31.25
CA SER A 459 19.58 -18.53 32.38
C SER A 459 18.87 -19.87 32.43
N PRO A 460 19.52 -20.91 32.99
CA PRO A 460 18.83 -22.21 33.11
C PRO A 460 17.53 -22.13 33.90
N ARG A 461 17.33 -21.09 34.71
CA ARG A 461 16.07 -20.92 35.42
C ARG A 461 15.03 -20.22 34.57
N GLU A 462 15.46 -19.45 33.56
CA GLU A 462 14.53 -18.73 32.71
C GLU A 462 14.02 -19.60 31.56
N ALA A 463 14.90 -20.40 30.97
CA ALA A 463 14.51 -21.16 29.79
C ALA A 463 13.30 -22.05 30.03
N PRO A 464 13.17 -22.76 31.16
CA PRO A 464 11.97 -23.58 31.35
C PRO A 464 10.68 -22.78 31.32
N GLN A 465 10.70 -21.53 31.77
CA GLN A 465 9.50 -20.72 31.80
C GLN A 465 9.08 -20.20 30.43
N VAL A 466 9.96 -20.31 29.44
CA VAL A 466 9.68 -19.78 28.11
C VAL A 466 8.92 -20.84 27.32
N ASP A 467 7.80 -20.41 26.71
CA ASP A 467 7.02 -21.30 25.87
C ASP A 467 7.92 -21.94 24.81
N PRO A 468 7.94 -23.28 24.70
CA PRO A 468 8.71 -23.91 23.62
C PRO A 468 8.41 -23.30 22.26
N ALA A 469 7.23 -22.73 22.07
CA ALA A 469 6.93 -22.03 20.83
C ALA A 469 7.89 -20.86 20.62
N GLN A 470 8.15 -20.10 21.68
CA GLN A 470 9.09 -18.98 21.57
C GLN A 470 10.51 -19.47 21.31
N ARG A 471 10.90 -20.57 21.96
CA ARG A 471 12.23 -21.13 21.78
C ARG A 471 12.42 -21.65 20.35
N LEU A 472 11.51 -22.50 19.90
CA LEU A 472 11.64 -23.07 18.55
C LEU A 472 11.53 -21.98 17.49
N ALA A 473 10.84 -20.88 17.81
CA ALA A 473 10.82 -19.74 16.88
C ALA A 473 12.20 -19.12 16.76
N LEU A 474 12.92 -19.02 17.87
CA LEU A 474 14.28 -18.47 17.83
C LEU A 474 15.22 -19.39 17.06
N LEU A 475 15.09 -20.70 17.24
CA LEU A 475 15.97 -21.63 16.53
C LEU A 475 15.70 -21.59 15.04
N THR A 476 14.45 -21.78 14.64
CA THR A 476 14.11 -21.80 13.22
C THR A 476 14.42 -20.45 12.57
N ALA A 477 14.13 -19.35 13.26
CA ALA A 477 14.39 -18.03 12.68
C ALA A 477 15.87 -17.81 12.45
N THR A 478 16.70 -18.22 13.41
CA THR A 478 18.15 -18.05 13.26
C THR A 478 18.68 -18.98 12.17
N GLU A 479 18.18 -20.21 12.11
CA GLU A 479 18.60 -21.12 11.04
C GLU A 479 18.22 -20.55 9.68
N ALA A 480 16.99 -20.06 9.54
CA ALA A 480 16.56 -19.49 8.27
C ALA A 480 17.40 -18.28 7.89
N LEU A 481 17.75 -17.44 8.87
CA LEU A 481 18.56 -16.28 8.58
C LEU A 481 19.92 -16.68 8.03
N GLU A 482 20.61 -17.60 8.70
CA GLU A 482 21.90 -18.07 8.19
C GLU A 482 21.72 -18.76 6.84
N GLN A 483 20.66 -19.55 6.70
CA GLN A 483 20.40 -20.21 5.42
C GLN A 483 20.23 -19.18 4.30
N ALA A 484 19.71 -18.00 4.63
CA ALA A 484 19.53 -16.92 3.67
C ALA A 484 20.75 -16.02 3.55
N GLY A 485 21.82 -16.31 4.28
CA GLY A 485 23.00 -15.45 4.24
C GLY A 485 22.76 -14.04 4.71
N VAL A 486 21.87 -13.87 5.69
CA VAL A 486 21.51 -12.54 6.18
C VAL A 486 22.44 -12.17 7.33
N VAL A 487 23.14 -11.06 7.17
CA VAL A 487 23.97 -10.46 8.21
C VAL A 487 23.42 -9.06 8.45
N PRO A 488 22.97 -8.72 9.65
CA PRO A 488 22.41 -7.38 9.86
C PRO A 488 23.35 -6.28 9.41
N ASN A 489 22.79 -5.29 8.72
CA ASN A 489 23.49 -4.08 8.28
C ASN A 489 24.55 -4.36 7.23
N ARG A 490 24.60 -5.57 6.67
CA ARG A 490 25.57 -5.86 5.62
C ARG A 490 25.19 -5.15 4.33
N THR A 491 23.93 -5.23 3.94
CA THR A 491 23.40 -4.60 2.74
C THR A 491 22.24 -3.68 3.12
N SER A 492 21.77 -2.93 2.12
CA SER A 492 20.68 -1.99 2.35
C SER A 492 19.42 -2.71 2.81
N SER A 493 19.07 -3.81 2.15
CA SER A 493 17.84 -4.53 2.49
C SER A 493 17.91 -5.22 3.84
N THR A 494 19.12 -5.43 4.38
CA THR A 494 19.28 -6.12 5.66
C THR A 494 19.67 -5.18 6.79
N GLN A 495 19.44 -3.88 6.62
CA GLN A 495 19.62 -2.95 7.72
C GLN A 495 18.64 -3.26 8.84
N LYS A 496 19.11 -3.11 10.08
CA LYS A 496 18.31 -3.53 11.22
C LYS A 496 16.94 -2.85 11.25
N ASN A 497 16.85 -1.60 10.79
CA ASN A 497 15.59 -0.87 10.80
C ASN A 497 14.71 -1.21 9.61
N ARG A 498 15.10 -2.19 8.79
CA ARG A 498 14.32 -2.60 7.62
C ARG A 498 13.83 -4.04 7.74
N VAL A 499 13.93 -4.66 8.92
CA VAL A 499 13.59 -6.06 9.11
C VAL A 499 12.40 -6.15 10.07
N GLY A 500 11.36 -6.86 9.65
CA GLY A 500 10.19 -7.05 10.49
C GLY A 500 9.91 -8.51 10.75
N VAL A 501 9.06 -8.81 11.73
CA VAL A 501 8.79 -10.18 12.15
C VAL A 501 7.29 -10.36 12.35
N TRP A 502 6.75 -11.43 11.76
CA TRP A 502 5.35 -11.78 11.88
C TRP A 502 5.25 -13.26 12.21
N TYR A 503 4.40 -13.60 13.17
CA TYR A 503 4.17 -14.98 13.54
C TYR A 503 2.68 -15.23 13.72
N GLY A 504 2.26 -16.44 13.42
CA GLY A 504 0.90 -16.89 13.67
C GLY A 504 0.89 -17.85 14.84
N ALA A 505 0.05 -17.53 15.84
CA ALA A 505 -0.07 -18.40 17.01
C ALA A 505 -1.48 -18.25 17.58
N THR A 506 -2.17 -19.38 17.73
CA THR A 506 -3.52 -19.39 18.27
C THR A 506 -3.56 -19.71 19.76
N SER A 507 -2.52 -20.34 20.31
CA SER A 507 -2.57 -20.86 21.66
C SER A 507 -1.36 -20.42 22.45
N ASN A 508 -1.48 -20.51 23.78
CA ASN A 508 -0.39 -20.30 24.71
C ASN A 508 -0.55 -21.35 25.82
N ASP A 509 -0.36 -22.61 25.46
CA ASP A 509 -0.59 -23.70 26.40
C ASP A 509 0.43 -23.68 27.53
N TRP A 510 1.70 -23.40 27.20
CA TRP A 510 2.75 -23.43 28.21
C TRP A 510 2.39 -22.59 29.43
N MET A 511 1.82 -21.41 29.18
CA MET A 511 1.46 -20.46 30.22
C MET A 511 0.16 -20.82 30.94
N GLU A 512 -0.57 -21.82 30.45
CA GLU A 512 -1.83 -22.25 31.05
C GLU A 512 -1.69 -23.52 31.88
N THR A 513 -0.76 -24.39 31.52
CA THR A 513 -0.65 -25.72 32.09
C THR A 513 0.69 -26.00 32.76
N ASN A 514 1.79 -25.47 32.20
CA ASN A 514 3.11 -25.89 32.63
C ASN A 514 3.73 -24.91 33.61
N SER A 515 4.05 -23.69 33.16
CA SER A 515 4.62 -22.70 34.07
C SER A 515 3.61 -22.21 35.10
N ALA A 516 2.31 -22.31 34.80
CA ALA A 516 1.30 -21.88 35.75
C ALA A 516 1.30 -22.72 37.01
N GLN A 517 1.95 -23.89 36.99
CA GLN A 517 2.03 -24.72 38.19
C GLN A 517 2.90 -24.08 39.27
N ASN A 518 3.76 -23.12 38.90
CA ASN A 518 4.52 -22.34 39.87
C ASN A 518 4.89 -21.00 39.22
N VAL A 519 3.93 -20.08 39.20
CA VAL A 519 4.14 -18.76 38.60
C VAL A 519 5.41 -18.14 39.17
N ASP A 520 6.36 -17.82 38.30
CA ASP A 520 7.62 -17.21 38.70
C ASP A 520 7.81 -15.89 37.96
N THR A 521 9.04 -15.38 37.98
CA THR A 521 9.30 -14.02 37.51
C THR A 521 9.20 -13.90 35.99
N TYR A 522 9.53 -14.96 35.24
CA TYR A 522 9.49 -14.90 33.78
C TYR A 522 8.18 -15.45 33.21
N PHE A 523 7.11 -15.45 34.01
CA PHE A 523 5.86 -16.08 33.59
C PHE A 523 5.26 -15.37 32.38
N ILE A 524 5.17 -14.04 32.44
CA ILE A 524 4.51 -13.27 31.38
C ILE A 524 5.39 -13.25 30.13
N PRO A 525 6.62 -12.75 30.20
CA PRO A 525 7.45 -12.70 28.99
C PRO A 525 7.66 -14.07 28.34
N GLY A 526 7.69 -15.14 29.13
CA GLY A 526 7.91 -16.47 28.58
C GLY A 526 6.67 -17.15 28.05
N GLY A 527 5.49 -16.62 28.36
CA GLY A 527 4.25 -17.27 27.96
C GLY A 527 3.42 -16.45 26.98
N ASN A 528 3.59 -15.14 27.00
CA ASN A 528 2.78 -14.27 26.16
C ASN A 528 3.21 -14.39 24.69
N ARG A 529 2.22 -14.39 23.80
CA ARG A 529 2.50 -14.64 22.38
C ARG A 529 3.25 -13.48 21.74
N ALA A 530 2.99 -12.25 22.18
CA ALA A 530 3.69 -11.09 21.60
C ALA A 530 5.19 -11.23 21.71
N PHE A 531 5.69 -12.02 22.66
CA PHE A 531 7.11 -12.24 22.82
C PHE A 531 7.66 -13.26 21.84
N ILE A 532 6.81 -13.97 21.11
CA ILE A 532 7.26 -14.94 20.11
C ILE A 532 8.08 -14.19 19.06
N PRO A 533 7.52 -13.19 18.37
CA PRO A 533 8.35 -12.40 17.46
C PRO A 533 9.23 -11.42 18.20
N GLY A 534 8.77 -10.98 19.37
CA GLY A 534 9.54 -10.01 20.14
C GLY A 534 10.94 -10.48 20.45
N ARG A 535 11.08 -11.73 20.90
CA ARG A 535 12.41 -12.26 21.20
C ARG A 535 13.28 -12.29 19.95
N VAL A 536 12.68 -12.56 18.79
CA VAL A 536 13.45 -12.52 17.54
C VAL A 536 13.92 -11.11 17.27
N ASN A 537 13.02 -10.14 17.32
CA ASN A 537 13.39 -8.74 17.18
C ASN A 537 14.51 -8.36 18.16
N TYR A 538 14.36 -8.77 19.42
N TYR A 538 14.36 -8.77 19.42
CA TYR A 538 15.32 -8.36 20.44
CA TYR A 538 15.32 -8.36 20.44
C TYR A 538 16.66 -9.04 20.24
C TYR A 538 16.66 -9.04 20.24
N PHE A 539 16.67 -10.35 20.00
CA PHE A 539 17.94 -11.06 19.89
C PHE A 539 18.77 -10.56 18.72
N HIS A 540 18.19 -10.52 17.53
CA HIS A 540 18.93 -10.08 16.34
C HIS A 540 18.94 -8.57 16.17
N LYS A 541 18.30 -7.82 17.07
CA LYS A 541 18.35 -6.35 17.06
C LYS A 541 17.65 -5.78 15.83
N PHE A 542 16.50 -6.35 15.47
CA PHE A 542 15.67 -5.83 14.39
C PHE A 542 14.67 -4.84 14.96
N SER A 543 14.74 -3.59 14.50
CA SER A 543 13.88 -2.53 15.01
C SER A 543 12.65 -2.31 14.13
N GLY A 544 12.46 -3.14 13.11
CA GLY A 544 11.25 -3.08 12.33
C GLY A 544 10.06 -3.61 13.12
N PRO A 545 8.90 -3.66 12.47
CA PRO A 545 7.68 -4.07 13.16
C PRO A 545 7.75 -5.51 13.65
N SER A 546 6.92 -5.79 14.66
CA SER A 546 6.86 -7.10 15.30
C SER A 546 5.41 -7.40 15.61
N TYR A 547 4.87 -8.48 15.05
CA TYR A 547 3.45 -8.76 15.14
C TYR A 547 3.20 -10.25 15.37
N THR A 548 2.10 -10.54 16.06
CA THR A 548 1.55 -11.88 16.17
C THR A 548 0.12 -11.86 15.67
N ILE A 549 -0.25 -12.83 14.84
CA ILE A 549 -1.56 -12.92 14.22
C ILE A 549 -2.27 -14.15 14.75
N ASP A 550 -3.55 -13.99 15.12
CA ASP A 550 -4.39 -15.10 15.57
C ASP A 550 -5.66 -15.12 14.72
N THR A 551 -5.67 -15.96 13.68
CA THR A 551 -6.88 -16.27 12.95
C THR A 551 -7.21 -17.74 13.08
N ALA A 552 -6.88 -18.32 14.24
CA ALA A 552 -7.13 -19.74 14.52
C ALA A 552 -6.35 -20.55 13.48
N CYS A 553 -6.98 -21.48 12.77
CA CYS A 553 -6.25 -22.43 11.95
C CYS A 553 -5.65 -21.83 10.68
N SER A 554 -5.74 -20.52 10.47
CA SER A 554 -5.13 -19.87 9.31
C SER A 554 -4.10 -18.81 9.71
N SER A 555 -3.65 -18.84 10.97
CA SER A 555 -2.86 -17.73 11.50
C SER A 555 -1.60 -17.51 10.68
N SER A 556 -0.86 -18.58 10.37
CA SER A 556 0.45 -18.40 9.74
C SER A 556 0.31 -17.82 8.34
N LEU A 557 -0.62 -18.35 7.54
CA LEU A 557 -0.82 -17.78 6.21
C LEU A 557 -1.41 -16.38 6.30
N ALA A 558 -2.21 -16.11 7.33
CA ALA A 558 -2.68 -14.75 7.57
C ALA A 558 -1.51 -13.83 7.88
N ALA A 559 -0.55 -14.30 8.68
CA ALA A 559 0.64 -13.50 8.96
C ALA A 559 1.48 -13.32 7.69
N LEU A 560 1.62 -14.37 6.90
CA LEU A 560 2.31 -14.24 5.62
C LEU A 560 1.66 -13.16 4.77
N HIS A 561 0.33 -13.04 4.84
CA HIS A 561 -0.38 -11.99 4.12
C HIS A 561 0.03 -10.62 4.63
N MET A 562 0.04 -10.45 5.95
CA MET A 562 0.43 -9.17 6.54
C MET A 562 1.86 -8.81 6.15
N ALA A 563 2.77 -9.80 6.18
CA ALA A 563 4.16 -9.54 5.85
C ALA A 563 4.31 -9.10 4.40
N CYS A 564 3.58 -9.76 3.49
CA CYS A 564 3.67 -9.40 2.08
C CYS A 564 3.17 -7.98 1.84
N ASN A 565 2.12 -7.57 2.56
CA ASN A 565 1.63 -6.20 2.43
C ASN A 565 2.68 -5.21 2.88
N ALA A 566 3.39 -5.51 3.98
CA ALA A 566 4.45 -4.62 4.44
C ALA A 566 5.53 -4.46 3.38
N LEU A 567 5.98 -5.56 2.80
CA LEU A 567 6.98 -5.48 1.74
C LEU A 567 6.46 -4.69 0.54
N TRP A 568 5.21 -4.95 0.14
CA TRP A 568 4.65 -4.25 -1.01
C TRP A 568 4.46 -2.76 -0.70
N ARG A 569 4.08 -2.44 0.54
CA ARG A 569 3.93 -1.04 0.94
C ARG A 569 5.27 -0.37 1.14
N GLY A 570 6.33 -1.13 1.39
CA GLY A 570 7.66 -0.57 1.59
C GLY A 570 8.01 -0.28 3.03
N GLU A 571 7.26 -0.80 4.00
CA GLU A 571 7.60 -0.57 5.40
C GLU A 571 8.83 -1.35 5.81
N VAL A 572 9.12 -2.46 5.13
CA VAL A 572 10.30 -3.27 5.40
C VAL A 572 10.87 -3.76 4.09
N ASP A 573 12.15 -4.11 4.12
CA ASP A 573 12.83 -4.72 2.99
C ASP A 573 13.04 -6.21 3.17
N THR A 574 13.13 -6.68 4.42
CA THR A 574 13.25 -8.09 4.74
C THR A 574 12.17 -8.44 5.74
N ALA A 575 11.56 -9.60 5.59
CA ALA A 575 10.49 -10.04 6.45
C ALA A 575 10.77 -11.44 6.98
N ILE A 576 10.54 -11.62 8.27
CA ILE A 576 10.61 -12.93 8.93
C ILE A 576 9.17 -13.34 9.23
N VAL A 577 8.75 -14.46 8.63
CA VAL A 577 7.38 -14.96 8.76
C VAL A 577 7.44 -16.38 9.30
N GLY A 578 6.57 -16.69 10.25
CA GLY A 578 6.56 -18.02 10.81
C GLY A 578 5.24 -18.35 11.50
N GLY A 579 5.19 -19.58 12.01
CA GLY A 579 4.04 -20.04 12.75
C GLY A 579 4.46 -21.08 13.76
N THR A 580 3.76 -21.13 14.89
CA THR A 580 4.08 -22.04 15.98
C THR A 580 2.83 -22.74 16.47
N ASN A 581 2.98 -23.99 16.87
CA ASN A 581 1.87 -24.76 17.45
C ASN A 581 2.49 -25.83 18.35
N VAL A 582 2.44 -25.59 19.67
CA VAL A 582 2.95 -26.53 20.67
C VAL A 582 1.81 -26.82 21.64
N LEU A 583 1.48 -28.10 21.79
CA LEU A 583 0.29 -28.53 22.52
C LEU A 583 0.70 -29.14 23.84
N THR A 584 0.33 -28.49 24.94
CA THR A 584 0.63 -28.99 26.28
C THR A 584 -0.56 -28.90 27.22
N ASN A 585 -1.71 -28.41 26.77
CA ASN A 585 -2.89 -28.24 27.60
C ASN A 585 -3.95 -29.27 27.21
N PRO A 586 -4.27 -30.25 28.05
CA PRO A 586 -5.27 -31.25 27.65
C PRO A 586 -6.66 -30.66 27.42
N ASP A 587 -6.96 -29.49 27.98
CA ASP A 587 -8.29 -28.90 27.79
C ASP A 587 -8.55 -28.58 26.33
N MET A 588 -7.53 -28.12 25.60
CA MET A 588 -7.73 -27.72 24.22
C MET A 588 -8.16 -28.91 23.36
N THR A 589 -7.48 -30.05 23.50
CA THR A 589 -7.91 -31.25 22.79
C THR A 589 -9.31 -31.67 23.21
N ALA A 590 -9.58 -31.67 24.52
CA ALA A 590 -10.89 -32.04 25.01
C ALA A 590 -11.96 -31.11 24.46
N GLY A 591 -11.70 -29.80 24.49
CA GLY A 591 -12.65 -28.86 23.93
C GLY A 591 -12.87 -29.07 22.44
N LEU A 592 -11.77 -29.27 21.70
CA LEU A 592 -11.88 -29.56 20.27
C LEU A 592 -12.69 -30.82 20.02
N ASP A 593 -12.49 -31.86 20.85
CA ASP A 593 -13.26 -33.08 20.70
C ASP A 593 -14.73 -32.85 21.06
N ALA A 594 -14.98 -32.00 22.06
CA ALA A 594 -16.35 -31.71 22.46
C ALA A 594 -17.11 -31.01 21.35
N GLY A 595 -16.40 -30.29 20.48
CA GLY A 595 -16.99 -29.64 19.32
C GLY A 595 -16.98 -30.46 18.06
N HIS A 596 -16.45 -31.69 18.11
CA HIS A 596 -16.45 -32.63 17.01
C HIS A 596 -15.48 -32.23 15.89
N PHE A 597 -14.48 -31.41 16.20
CA PHE A 597 -13.47 -31.08 15.19
C PHE A 597 -12.52 -32.25 14.94
N LEU A 598 -12.30 -33.09 15.94
CA LEU A 598 -11.19 -34.04 15.93
C LEU A 598 -11.63 -35.44 15.54
N SER A 599 -10.71 -36.17 14.91
CA SER A 599 -10.92 -37.56 14.53
C SER A 599 -10.51 -38.48 15.69
N ARG A 600 -11.42 -39.35 16.10
CA ARG A 600 -11.18 -40.28 17.19
C ARG A 600 -10.57 -41.60 16.73
N SER A 601 -10.34 -41.77 15.43
CA SER A 601 -9.79 -43.01 14.90
C SER A 601 -8.32 -42.90 14.58
N GLY A 602 -7.89 -41.81 13.94
CA GLY A 602 -6.50 -41.65 13.59
C GLY A 602 -6.16 -40.25 13.10
N ASN A 603 -5.29 -40.17 12.09
CA ASN A 603 -4.85 -38.90 11.55
C ASN A 603 -5.90 -38.35 10.58
N CYS A 604 -5.63 -37.17 10.04
CA CYS A 604 -6.50 -36.61 9.01
C CYS A 604 -6.56 -37.56 7.82
N LYS A 605 -7.77 -37.99 7.48
CA LYS A 605 -7.99 -38.88 6.34
C LYS A 605 -8.60 -38.08 5.20
N THR A 606 -7.79 -37.16 4.66
CA THR A 606 -8.25 -36.30 3.58
C THR A 606 -8.68 -37.14 2.38
N PHE A 607 -9.84 -36.80 1.82
CA PHE A 607 -10.40 -37.43 0.62
C PHE A 607 -10.91 -38.84 0.87
N ASP A 608 -10.89 -39.33 2.11
CA ASP A 608 -11.37 -40.67 2.40
C ASP A 608 -12.85 -40.64 2.74
N ASP A 609 -13.58 -41.64 2.26
CA ASP A 609 -15.03 -41.67 2.46
C ASP A 609 -15.40 -41.72 3.94
N GLU A 610 -14.51 -42.25 4.78
CA GLU A 610 -14.80 -42.38 6.20
C GLU A 610 -13.96 -41.42 7.03
N ALA A 611 -13.95 -40.14 6.65
CA ALA A 611 -13.21 -39.11 7.37
C ALA A 611 -14.08 -38.57 8.50
N ASP A 612 -13.51 -38.51 9.71
CA ASP A 612 -14.27 -38.21 10.91
C ASP A 612 -13.67 -37.06 11.71
N GLY A 613 -12.89 -36.20 11.07
CA GLY A 613 -12.29 -35.05 11.72
C GLY A 613 -10.81 -34.97 11.43
N TYR A 614 -10.19 -33.94 11.99
CA TYR A 614 -8.76 -33.71 11.82
C TYR A 614 -8.02 -34.08 13.10
N CYS A 615 -6.71 -34.28 12.94
CA CYS A 615 -5.83 -34.68 14.04
C CYS A 615 -4.86 -33.54 14.35
N ARG A 616 -4.82 -33.13 15.61
CA ARG A 616 -3.96 -32.02 16.00
C ARG A 616 -2.51 -32.34 15.69
N GLY A 617 -1.76 -31.32 15.27
CA GLY A 617 -0.37 -31.50 14.91
C GLY A 617 0.47 -30.35 15.45
N GLU A 618 1.73 -30.65 15.70
CA GLU A 618 2.70 -29.67 16.19
C GLU A 618 3.69 -29.32 15.09
N ALA A 619 4.09 -28.06 15.05
CA ALA A 619 5.05 -27.62 14.04
C ALA A 619 5.49 -26.20 14.36
N VAL A 620 6.72 -25.87 13.93
CA VAL A 620 7.26 -24.52 14.01
C VAL A 620 8.07 -24.28 12.75
N VAL A 621 7.75 -23.21 12.03
CA VAL A 621 8.40 -22.90 10.76
C VAL A 621 8.66 -21.40 10.71
N THR A 622 9.78 -21.02 10.11
CA THR A 622 10.11 -19.61 9.91
C THR A 622 10.73 -19.45 8.53
N LEU A 623 10.28 -18.44 7.80
CA LEU A 623 10.78 -18.14 6.47
C LEU A 623 11.36 -16.73 6.43
N ILE A 624 12.14 -16.47 5.38
CA ILE A 624 12.72 -15.15 5.14
C ILE A 624 12.21 -14.68 3.78
N LEU A 625 11.65 -13.47 3.74
CA LEU A 625 11.08 -12.93 2.52
C LEU A 625 11.74 -11.62 2.14
N LYS A 626 11.66 -11.30 0.85
CA LYS A 626 12.20 -10.07 0.29
C LYS A 626 11.53 -9.82 -1.05
N ARG A 627 11.36 -8.55 -1.40
CA ARG A 627 10.95 -8.21 -2.76
C ARG A 627 12.01 -8.72 -3.73
N LEU A 628 11.56 -9.41 -4.78
CA LEU A 628 12.49 -10.12 -5.66
C LEU A 628 13.69 -9.27 -6.08
N PRO A 629 13.54 -8.00 -6.49
CA PRO A 629 14.73 -7.24 -6.87
C PRO A 629 15.76 -7.14 -5.76
N ASP A 630 15.33 -6.86 -4.52
CA ASP A 630 16.28 -6.82 -3.42
C ASP A 630 16.97 -8.17 -3.23
N ALA A 631 16.20 -9.26 -3.33
CA ALA A 631 16.79 -10.59 -3.19
C ALA A 631 17.90 -10.82 -4.21
N GLN A 632 17.70 -10.35 -5.44
CA GLN A 632 18.71 -10.52 -6.48
C GLN A 632 19.87 -9.56 -6.31
N ALA A 633 19.62 -8.38 -5.75
CA ALA A 633 20.70 -7.43 -5.52
C ALA A 633 21.73 -7.98 -4.52
N ASP A 634 21.26 -8.66 -3.48
CA ASP A 634 22.12 -9.25 -2.47
C ASP A 634 22.62 -10.63 -2.85
N LYS A 635 22.29 -11.12 -4.06
CA LYS A 635 22.65 -12.47 -4.46
C LYS A 635 22.21 -13.49 -3.41
N ASP A 636 21.03 -13.26 -2.84
CA ASP A 636 20.44 -14.19 -1.91
C ASP A 636 19.93 -15.43 -2.65
N PRO A 637 19.80 -16.55 -1.95
CA PRO A 637 19.14 -17.72 -2.56
C PRO A 637 17.64 -17.50 -2.60
N ILE A 638 17.00 -18.12 -3.60
CA ILE A 638 15.56 -17.97 -3.82
C ILE A 638 15.01 -19.36 -4.11
N GLN A 639 14.16 -19.87 -3.22
CA GLN A 639 13.53 -21.17 -3.43
C GLN A 639 12.22 -21.07 -4.20
N ALA A 640 11.51 -19.96 -4.08
CA ALA A 640 10.28 -19.74 -4.84
C ALA A 640 9.89 -18.28 -4.70
N SER A 641 8.85 -17.89 -5.44
CA SER A 641 8.33 -16.53 -5.41
C SER A 641 6.83 -16.54 -5.22
N ILE A 642 6.33 -15.61 -4.42
CA ILE A 642 4.91 -15.46 -4.13
C ILE A 642 4.35 -14.42 -5.07
N LEU A 643 3.40 -14.83 -5.91
CA LEU A 643 2.80 -13.90 -6.88
C LEU A 643 1.64 -13.12 -6.28
N GLY A 644 0.84 -13.75 -5.44
CA GLY A 644 -0.30 -13.07 -4.82
C GLY A 644 -0.80 -13.82 -3.62
N ILE A 645 -1.66 -13.14 -2.86
CA ILE A 645 -2.25 -13.70 -1.66
C ILE A 645 -3.41 -12.81 -1.24
N ALA A 646 -4.53 -13.43 -0.86
CA ALA A 646 -5.75 -12.69 -0.57
C ALA A 646 -6.47 -13.35 0.60
N THR A 647 -7.45 -12.63 1.14
CA THR A 647 -8.21 -13.10 2.30
C THR A 647 -9.63 -12.57 2.22
N ASN A 648 -10.59 -13.44 2.52
CA ASN A 648 -11.98 -13.04 2.69
C ASN A 648 -12.52 -13.76 3.92
N HIS A 649 -13.84 -13.72 4.09
CA HIS A 649 -14.49 -14.39 5.22
C HIS A 649 -15.76 -15.08 4.74
N SER A 650 -16.03 -16.25 5.31
CA SER A 650 -17.19 -17.06 4.94
C SER A 650 -18.42 -16.57 5.72
N ALA A 651 -18.90 -15.38 5.33
CA ALA A 651 -20.04 -14.79 6.01
C ALA A 651 -21.35 -15.49 5.68
N GLU A 652 -21.43 -16.17 4.53
CA GLU A 652 -22.67 -16.75 4.03
C GLU A 652 -22.89 -18.19 4.47
N ALA A 653 -22.22 -18.63 5.53
CA ALA A 653 -22.36 -20.00 6.01
C ALA A 653 -23.51 -20.14 7.00
N ALA A 654 -24.10 -21.33 7.03
CA ALA A 654 -25.26 -21.57 7.90
C ALA A 654 -24.84 -21.60 9.36
N SER A 655 -23.68 -22.19 9.66
CA SER A 655 -23.12 -22.20 11.00
C SER A 655 -21.80 -21.44 11.00
N ILE A 656 -21.46 -20.88 12.16
CA ILE A 656 -20.24 -20.08 12.27
C ILE A 656 -19.01 -20.94 11.99
N THR A 657 -19.03 -22.20 12.43
CA THR A 657 -17.85 -23.04 12.33
C THR A 657 -17.62 -23.53 10.90
N ARG A 658 -18.65 -24.07 10.27
CA ARG A 658 -18.48 -24.69 8.96
C ARG A 658 -18.08 -23.65 7.92
N PRO A 659 -17.03 -23.87 7.15
CA PRO A 659 -16.73 -22.99 6.01
C PRO A 659 -17.62 -23.34 4.83
N HIS A 660 -17.75 -22.38 3.91
CA HIS A 660 -18.65 -22.52 2.78
C HIS A 660 -17.93 -22.24 1.48
N ALA A 661 -18.27 -23.01 0.44
CA ALA A 661 -17.52 -23.01 -0.80
C ALA A 661 -17.72 -21.72 -1.59
N GLY A 662 -18.88 -21.08 -1.46
CA GLY A 662 -19.12 -19.85 -2.19
C GLY A 662 -18.02 -18.83 -1.99
N ALA A 663 -17.67 -18.57 -0.72
CA ALA A 663 -16.63 -17.59 -0.42
C ALA A 663 -15.26 -18.09 -0.83
N GLN A 664 -15.02 -19.40 -0.76
CA GLN A 664 -13.70 -19.93 -1.09
C GLN A 664 -13.38 -19.78 -2.57
N GLN A 665 -14.35 -20.08 -3.44
CA GLN A 665 -14.10 -19.94 -4.88
C GLN A 665 -13.84 -18.49 -5.25
N ASP A 666 -14.68 -17.57 -4.76
CA ASP A 666 -14.45 -16.15 -5.05
C ASP A 666 -13.03 -15.73 -4.70
N LEU A 667 -12.42 -16.38 -3.71
CA LEU A 667 -11.04 -16.09 -3.35
C LEU A 667 -10.06 -16.67 -4.36
N PHE A 668 -10.25 -17.94 -4.73
CA PHE A 668 -9.37 -18.58 -5.69
C PHE A 668 -9.33 -17.80 -7.00
N GLN A 669 -10.49 -17.37 -7.49
CA GLN A 669 -10.52 -16.61 -8.74
C GLN A 669 -9.97 -15.20 -8.53
N GLN A 670 -10.14 -14.64 -7.34
CA GLN A 670 -9.58 -13.32 -7.06
C GLN A 670 -8.07 -13.32 -7.23
N VAL A 671 -7.40 -14.32 -6.66
CA VAL A 671 -5.94 -14.35 -6.71
C VAL A 671 -5.45 -14.69 -8.12
N LEU A 672 -6.17 -15.54 -8.85
CA LEU A 672 -5.80 -15.81 -10.24
C LEU A 672 -5.87 -14.54 -11.08
N THR A 673 -6.92 -13.74 -10.89
CA THR A 673 -7.03 -12.49 -11.64
C THR A 673 -5.95 -11.49 -11.23
N GLU A 674 -5.70 -11.35 -9.93
CA GLU A 674 -4.69 -10.40 -9.47
C GLU A 674 -3.32 -10.76 -10.03
N THR A 675 -3.03 -12.05 -10.16
CA THR A 675 -1.74 -12.50 -10.67
C THR A 675 -1.68 -12.59 -12.19
N GLY A 676 -2.80 -12.43 -12.88
CA GLY A 676 -2.80 -12.51 -14.32
C GLY A 676 -2.67 -13.91 -14.89
N LEU A 677 -2.99 -14.93 -14.10
CA LEU A 677 -2.85 -16.32 -14.51
C LEU A 677 -4.21 -16.93 -14.84
N THR A 678 -4.16 -18.14 -15.40
CA THR A 678 -5.35 -18.91 -15.74
C THR A 678 -5.20 -20.31 -15.17
N ALA A 679 -6.26 -21.12 -15.33
CA ALA A 679 -6.27 -22.46 -14.74
C ALA A 679 -5.07 -23.28 -15.19
N ASN A 680 -4.79 -23.29 -16.50
CA ASN A 680 -3.70 -24.10 -17.02
C ASN A 680 -2.35 -23.72 -16.42
N ASP A 681 -2.19 -22.47 -16.00
CA ASP A 681 -0.91 -22.03 -15.48
C ASP A 681 -0.59 -22.72 -14.15
N ILE A 682 -1.61 -23.05 -13.37
CA ILE A 682 -1.43 -23.77 -12.11
C ILE A 682 -1.38 -25.27 -12.40
N SER A 683 -0.43 -25.95 -11.78
CA SER A 683 -0.28 -27.39 -11.94
C SER A 683 -0.46 -28.18 -10.65
N VAL A 684 -0.41 -27.52 -9.50
CA VAL A 684 -0.54 -28.19 -8.20
C VAL A 684 -1.34 -27.30 -7.28
N CYS A 685 -2.17 -27.91 -6.43
CA CYS A 685 -2.90 -27.20 -5.40
C CYS A 685 -2.66 -27.90 -4.06
N GLU A 686 -2.09 -27.17 -3.11
CA GLU A 686 -1.97 -27.64 -1.74
C GLU A 686 -3.19 -27.16 -0.98
N MET A 687 -4.13 -28.06 -0.74
CA MET A 687 -5.41 -27.72 -0.14
C MET A 687 -5.32 -27.71 1.38
N HIS A 688 -6.33 -27.09 2.00
CA HIS A 688 -6.49 -27.15 3.44
C HIS A 688 -6.62 -28.59 3.91
N GLY A 689 -7.60 -29.31 3.38
CA GLY A 689 -7.75 -30.73 3.58
C GLY A 689 -7.56 -31.21 5.01
N THR A 690 -8.51 -30.91 5.89
CA THR A 690 -8.43 -31.32 7.28
C THR A 690 -9.04 -32.70 7.53
N GLY A 691 -9.36 -33.45 6.49
CA GLY A 691 -9.93 -34.76 6.66
C GLY A 691 -11.36 -34.73 7.17
N THR A 692 -12.20 -33.94 6.52
CA THR A 692 -13.62 -33.84 6.85
C THR A 692 -14.44 -34.09 5.60
N GLN A 693 -15.51 -34.88 5.74
CA GLN A 693 -16.38 -35.14 4.60
C GLN A 693 -16.95 -33.86 4.03
N ALA A 694 -17.46 -32.98 4.90
CA ALA A 694 -18.00 -31.72 4.43
C ALA A 694 -16.90 -30.78 3.95
N GLY A 695 -15.80 -30.68 4.71
CA GLY A 695 -14.72 -29.79 4.33
C GLY A 695 -14.01 -30.23 3.07
N ASP A 696 -13.71 -31.52 2.95
CA ASP A 696 -12.96 -32.00 1.78
C ASP A 696 -13.80 -31.90 0.51
N SER A 697 -15.08 -32.26 0.57
CA SER A 697 -15.93 -32.15 -0.61
C SER A 697 -16.17 -30.69 -0.98
N GLY A 698 -16.37 -29.84 0.03
CA GLY A 698 -16.59 -28.43 -0.26
C GLY A 698 -15.39 -27.78 -0.91
N GLU A 699 -14.20 -27.97 -0.32
CA GLU A 699 -12.99 -27.37 -0.87
C GLU A 699 -12.66 -27.95 -2.25
N THR A 700 -12.82 -29.26 -2.42
CA THR A 700 -12.49 -29.88 -3.70
C THR A 700 -13.33 -29.30 -4.83
N THR A 701 -14.62 -29.04 -4.58
CA THR A 701 -15.48 -28.48 -5.61
C THR A 701 -15.06 -27.06 -5.97
N SER A 702 -14.62 -26.28 -4.98
CA SER A 702 -14.17 -24.92 -5.25
C SER A 702 -12.87 -24.92 -6.06
N VAL A 703 -11.98 -25.87 -5.79
CA VAL A 703 -10.69 -25.90 -6.47
C VAL A 703 -10.87 -26.29 -7.93
N VAL A 704 -11.62 -27.37 -8.19
CA VAL A 704 -11.76 -27.84 -9.56
C VAL A 704 -12.54 -26.83 -10.40
N GLU A 705 -13.59 -26.24 -9.82
CA GLU A 705 -14.36 -25.24 -10.55
C GLU A 705 -13.52 -24.02 -10.90
N THR A 706 -12.39 -23.83 -10.23
CA THR A 706 -11.48 -22.72 -10.53
C THR A 706 -10.29 -23.16 -11.38
N LEU A 707 -9.68 -24.30 -11.06
CA LEU A 707 -8.47 -24.74 -11.74
C LEU A 707 -8.70 -25.85 -12.75
N ALA A 708 -9.87 -26.49 -12.74
CA ALA A 708 -10.17 -27.58 -13.67
C ALA A 708 -11.63 -27.51 -14.09
N PRO A 709 -12.05 -26.39 -14.67
CA PRO A 709 -13.43 -26.26 -15.11
C PRO A 709 -13.72 -27.20 -16.27
N LEU A 710 -14.99 -27.51 -16.45
CA LEU A 710 -15.44 -28.45 -17.46
C LEU A 710 -16.20 -27.72 -18.54
N ASN A 711 -15.95 -28.10 -19.80
CA ASN A 711 -16.66 -27.47 -20.91
C ASN A 711 -18.15 -27.73 -20.79
N ARG A 712 -18.93 -26.93 -21.52
CA ARG A 712 -20.37 -27.12 -21.55
C ARG A 712 -20.72 -28.46 -22.19
N SER A 713 -19.83 -28.97 -23.04
CA SER A 713 -20.02 -30.28 -23.66
C SER A 713 -19.65 -31.43 -22.73
N GLY A 714 -18.92 -31.14 -21.64
CA GLY A 714 -18.50 -32.15 -20.69
C GLY A 714 -17.02 -32.45 -20.72
N SER A 715 -16.27 -31.92 -21.70
CA SER A 715 -14.85 -32.22 -21.79
C SER A 715 -14.07 -31.37 -20.79
N ALA A 716 -12.78 -31.65 -20.68
CA ALA A 716 -11.90 -30.96 -19.75
C ALA A 716 -11.36 -29.69 -20.41
N VAL A 717 -11.42 -28.57 -19.67
CA VAL A 717 -10.79 -27.35 -20.13
C VAL A 717 -9.27 -27.45 -19.96
N ARG A 718 -8.82 -28.28 -19.02
CA ARG A 718 -7.39 -28.41 -18.76
C ARG A 718 -6.71 -29.20 -19.87
N THR A 719 -5.57 -28.70 -20.34
CA THR A 719 -4.75 -29.44 -21.27
C THR A 719 -3.67 -30.26 -20.58
N THR A 720 -3.34 -29.92 -19.34
CA THR A 720 -2.38 -30.65 -18.53
C THR A 720 -3.04 -31.07 -17.22
N PRO A 721 -2.53 -32.13 -16.58
CA PRO A 721 -3.18 -32.61 -15.35
C PRO A 721 -2.97 -31.67 -14.18
N LEU A 722 -3.92 -31.72 -13.25
CA LEU A 722 -3.84 -31.00 -11.98
C LEU A 722 -3.74 -32.01 -10.85
N TYR A 723 -2.83 -31.77 -9.92
CA TYR A 723 -2.64 -32.63 -8.78
C TYR A 723 -3.01 -31.87 -7.51
N ILE A 724 -3.79 -32.50 -6.65
CA ILE A 724 -4.21 -31.93 -5.38
C ILE A 724 -3.78 -32.85 -4.26
N GLY A 725 -3.35 -32.27 -3.14
CA GLY A 725 -2.93 -33.05 -1.99
C GLY A 725 -2.97 -32.22 -0.75
N ALA A 726 -2.92 -32.90 0.39
CA ALA A 726 -2.93 -32.26 1.70
C ALA A 726 -1.80 -32.82 2.54
N VAL A 727 -1.00 -31.92 3.12
CA VAL A 727 0.09 -32.35 3.99
C VAL A 727 -0.44 -32.88 5.31
N LYS A 728 -1.63 -32.43 5.72
CA LYS A 728 -2.18 -32.82 7.01
C LYS A 728 -2.40 -34.31 7.13
N SER A 729 -2.55 -35.02 6.02
CA SER A 729 -2.67 -36.47 6.07
C SER A 729 -1.40 -37.14 6.58
N ASN A 730 -0.27 -36.43 6.56
CA ASN A 730 1.00 -36.95 7.03
C ASN A 730 1.33 -36.48 8.44
N VAL A 731 1.29 -35.17 8.68
CA VAL A 731 1.74 -34.59 9.94
C VAL A 731 0.60 -33.93 10.71
N GLY A 732 -0.65 -34.18 10.32
CA GLY A 732 -1.77 -33.65 11.05
C GLY A 732 -1.98 -32.16 10.80
N HIS A 733 -2.86 -31.59 11.62
CA HIS A 733 -3.31 -30.21 11.46
C HIS A 733 -2.54 -29.34 12.44
N ALA A 734 -1.53 -28.61 11.94
CA ALA A 734 -0.69 -27.77 12.80
C ALA A 734 -1.40 -26.49 13.25
N GLU A 735 -2.68 -26.35 12.92
CA GLU A 735 -3.49 -25.23 13.38
C GLU A 735 -2.84 -23.90 13.00
N SER A 736 -2.36 -23.14 13.99
CA SER A 736 -1.76 -21.84 13.70
C SER A 736 -0.51 -21.95 12.83
N ALA A 737 0.07 -23.14 12.71
CA ALA A 737 1.25 -23.35 11.88
C ALA A 737 0.95 -24.17 10.65
N ALA A 738 -0.33 -24.38 10.32
CA ALA A 738 -0.69 -25.20 9.18
C ALA A 738 -0.29 -24.54 7.86
N GLY A 739 -0.57 -23.24 7.72
CA GLY A 739 -0.27 -22.56 6.47
C GLY A 739 1.18 -22.69 6.07
N VAL A 740 2.09 -22.36 6.98
CA VAL A 740 3.51 -22.44 6.68
C VAL A 740 3.96 -23.88 6.52
N SER A 741 3.36 -24.81 7.26
CA SER A 741 3.66 -26.22 7.03
C SER A 741 3.31 -26.63 5.61
N SER A 742 2.12 -26.23 5.15
CA SER A 742 1.74 -26.49 3.77
C SER A 742 2.74 -25.85 2.81
N LEU A 743 3.14 -24.61 3.09
CA LEU A 743 4.07 -23.91 2.21
C LEU A 743 5.44 -24.59 2.20
N ALA A 744 5.89 -25.06 3.37
CA ALA A 744 7.17 -25.77 3.43
C ALA A 744 7.16 -26.99 2.52
N LYS A 745 6.05 -27.74 2.52
CA LYS A 745 5.93 -28.90 1.63
C LYS A 745 6.17 -28.49 0.18
N ILE A 746 5.58 -27.37 -0.25
CA ILE A 746 5.74 -26.96 -1.64
C ILE A 746 7.20 -26.66 -1.94
N LEU A 747 7.87 -25.93 -1.06
CA LEU A 747 9.27 -25.60 -1.29
C LEU A 747 10.09 -26.85 -1.50
N LEU A 748 9.77 -27.94 -0.79
CA LEU A 748 10.47 -29.20 -0.99
C LEU A 748 10.06 -29.86 -2.28
N MET A 749 8.78 -29.80 -2.64
CA MET A 749 8.33 -30.36 -3.91
C MET A 749 9.02 -29.70 -5.08
N LEU A 750 9.18 -28.37 -5.03
CA LEU A 750 9.91 -27.68 -6.10
C LEU A 750 11.38 -28.08 -6.10
N LYS A 751 12.00 -28.16 -4.93
CA LYS A 751 13.41 -28.52 -4.85
C LYS A 751 13.65 -29.90 -5.45
N HIS A 752 12.88 -30.90 -5.02
CA HIS A 752 13.07 -32.27 -5.45
C HIS A 752 12.28 -32.64 -6.71
N SER A 753 11.46 -31.72 -7.22
CA SER A 753 10.71 -31.95 -8.46
C SER A 753 9.90 -33.23 -8.37
N LYS A 754 9.13 -33.37 -7.30
CA LYS A 754 8.31 -34.55 -7.09
C LYS A 754 7.02 -34.17 -6.38
N ILE A 755 5.98 -34.94 -6.64
CA ILE A 755 4.72 -34.86 -5.92
C ILE A 755 4.66 -36.07 -4.98
N PRO A 756 4.59 -35.88 -3.67
CA PRO A 756 4.64 -37.04 -2.76
C PRO A 756 3.33 -37.80 -2.77
N PRO A 757 3.34 -39.08 -2.41
CA PRO A 757 2.09 -39.82 -2.35
C PRO A 757 1.16 -39.26 -1.27
N HIS A 758 -0.12 -39.53 -1.44
CA HIS A 758 -1.15 -39.10 -0.50
C HIS A 758 -1.61 -40.31 0.31
N VAL A 759 -1.51 -40.20 1.64
CA VAL A 759 -1.81 -41.28 2.55
C VAL A 759 -3.15 -41.10 3.26
N GLY A 760 -3.91 -40.05 2.93
CA GLY A 760 -5.17 -39.80 3.61
C GLY A 760 -6.26 -40.80 3.26
N ILE A 761 -6.19 -41.40 2.08
CA ILE A 761 -7.20 -42.35 1.61
C ILE A 761 -6.87 -43.70 2.24
N LYS A 762 -7.57 -44.06 3.32
CA LYS A 762 -7.35 -45.36 3.95
C LYS A 762 -8.10 -46.47 3.22
N THR A 763 -9.37 -46.23 2.89
CA THR A 763 -10.25 -47.29 2.37
C THR A 763 -10.74 -46.96 0.98
N LYS A 764 -11.67 -46.01 0.83
CA LYS A 764 -12.26 -45.68 -0.46
C LYS A 764 -12.33 -44.17 -0.61
N LEU A 765 -12.27 -43.72 -1.85
CA LEU A 765 -12.36 -42.29 -2.14
C LEU A 765 -13.74 -41.77 -1.73
N ASN A 766 -13.77 -40.51 -1.31
CA ASN A 766 -15.01 -39.89 -0.86
C ASN A 766 -15.97 -39.74 -2.03
N HIS A 767 -17.22 -40.14 -1.83
CA HIS A 767 -18.22 -40.13 -2.89
C HIS A 767 -18.78 -38.74 -3.17
N ARG A 768 -18.58 -37.78 -2.26
CA ARG A 768 -19.05 -36.43 -2.48
C ARG A 768 -18.22 -35.68 -3.51
N LEU A 769 -17.02 -36.15 -3.81
CA LEU A 769 -16.13 -35.44 -4.71
C LEU A 769 -16.67 -35.50 -6.14
N PRO A 770 -16.33 -34.51 -6.97
CA PRO A 770 -16.68 -34.59 -8.39
C PRO A 770 -15.78 -35.58 -9.12
N ASP A 771 -16.20 -35.95 -10.32
CA ASP A 771 -15.41 -36.82 -11.16
C ASP A 771 -14.08 -36.16 -11.49
N LEU A 772 -13.03 -36.48 -10.73
CA LEU A 772 -11.75 -35.80 -10.91
C LEU A 772 -11.10 -36.16 -12.24
N ALA A 773 -11.20 -37.43 -12.64
CA ALA A 773 -10.55 -37.85 -13.87
C ALA A 773 -11.10 -37.12 -15.08
N ALA A 774 -12.42 -36.90 -15.10
CA ALA A 774 -13.03 -36.17 -16.21
C ALA A 774 -12.48 -34.76 -16.32
N ARG A 775 -12.08 -34.17 -15.19
CA ARG A 775 -11.52 -32.83 -15.16
C ARG A 775 -10.00 -32.83 -15.26
N ASN A 776 -9.38 -34.00 -15.40
CA ASN A 776 -7.93 -34.15 -15.46
C ASN A 776 -7.27 -33.82 -14.13
N THR A 777 -7.99 -34.01 -13.04
CA THR A 777 -7.47 -33.84 -11.68
C THR A 777 -7.14 -35.20 -11.09
N HIS A 778 -6.11 -35.23 -10.24
CA HIS A 778 -5.59 -36.48 -9.72
C HIS A 778 -5.16 -36.31 -8.27
N ILE A 779 -5.30 -37.39 -7.50
CA ILE A 779 -4.74 -37.50 -6.15
C ILE A 779 -3.65 -38.54 -6.24
N ALA A 780 -2.39 -38.10 -6.21
CA ALA A 780 -1.28 -39.02 -6.41
C ALA A 780 -1.26 -40.07 -5.31
N ARG A 781 -1.41 -41.34 -5.70
CA ARG A 781 -1.33 -42.43 -4.75
C ARG A 781 0.11 -42.85 -4.51
N SER A 782 0.94 -42.81 -5.55
CA SER A 782 2.38 -42.96 -5.45
C SER A 782 3.06 -41.75 -6.06
N GLU A 783 4.31 -41.51 -5.66
CA GLU A 783 4.99 -40.27 -6.04
C GLU A 783 4.97 -40.08 -7.55
N VAL A 784 4.96 -38.81 -7.95
CA VAL A 784 4.82 -38.45 -9.37
C VAL A 784 5.90 -37.44 -9.75
N PRO A 785 6.63 -37.62 -10.86
CA PRO A 785 7.59 -36.59 -11.28
C PRO A 785 6.90 -35.27 -11.55
N TRP A 786 7.53 -34.19 -11.09
CA TRP A 786 7.02 -32.83 -11.26
C TRP A 786 8.13 -31.95 -11.82
N PRO A 787 8.55 -32.20 -13.06
CA PRO A 787 9.71 -31.48 -13.61
C PRO A 787 9.37 -30.07 -14.04
N ARG A 788 10.34 -29.20 -13.88
CA ARG A 788 10.18 -27.81 -14.31
C ARG A 788 10.26 -27.75 -15.84
N PRO A 789 9.28 -27.13 -16.51
CA PRO A 789 9.37 -27.03 -17.97
C PRO A 789 10.55 -26.17 -18.41
N LYS A 790 11.12 -26.51 -19.57
CA LYS A 790 12.21 -25.73 -20.12
C LYS A 790 11.75 -24.31 -20.43
N ASN A 791 12.43 -23.32 -19.86
CA ASN A 791 12.06 -21.92 -20.02
C ASN A 791 10.64 -21.66 -19.52
N GLY A 792 10.26 -22.36 -18.45
CA GLY A 792 8.96 -22.20 -17.84
C GLY A 792 9.06 -22.26 -16.33
N LYS A 793 7.91 -22.16 -15.68
CA LYS A 793 7.83 -22.15 -14.23
C LYS A 793 6.66 -23.00 -13.78
N ARG A 794 6.83 -23.65 -12.62
CA ARG A 794 5.74 -24.34 -11.95
C ARG A 794 5.04 -23.35 -11.02
N ARG A 795 3.71 -23.33 -11.07
CA ARG A 795 2.92 -22.41 -10.25
C ARG A 795 1.91 -23.19 -9.44
N VAL A 796 1.65 -22.71 -8.22
CA VAL A 796 0.92 -23.47 -7.22
C VAL A 796 -0.12 -22.58 -6.54
N LEU A 797 -1.22 -23.19 -6.13
CA LEU A 797 -2.23 -22.56 -5.29
C LEU A 797 -2.22 -23.24 -3.93
N LEU A 798 -2.14 -22.43 -2.88
CA LEU A 798 -2.07 -22.93 -1.50
C LEU A 798 -3.20 -22.31 -0.69
N ASN A 799 -3.96 -23.16 0.00
CA ASN A 799 -5.11 -22.75 0.77
C ASN A 799 -4.86 -22.95 2.26
N ASN A 800 -5.52 -22.15 3.08
CA ASN A 800 -5.42 -22.28 4.53
C ASN A 800 -6.58 -21.52 5.16
N PHE A 801 -7.48 -22.24 5.82
CA PHE A 801 -8.72 -21.69 6.35
C PHE A 801 -8.75 -21.82 7.88
N SER A 802 -9.73 -21.15 8.48
CA SER A 802 -9.93 -21.20 9.93
C SER A 802 -11.40 -21.49 10.23
N ALA A 803 -11.63 -22.11 11.37
CA ALA A 803 -12.99 -22.37 11.83
C ALA A 803 -13.72 -21.09 12.21
N ALA A 804 -12.99 -19.99 12.43
CA ALA A 804 -13.62 -18.72 12.72
C ALA A 804 -14.28 -18.09 11.49
N GLY A 805 -14.02 -18.63 10.29
CA GLY A 805 -14.69 -18.20 9.07
C GLY A 805 -13.74 -17.66 8.02
N GLY A 806 -12.59 -17.12 8.44
CA GLY A 806 -11.67 -16.53 7.49
C GLY A 806 -11.05 -17.57 6.57
N ASN A 807 -10.76 -17.14 5.34
CA ASN A 807 -10.09 -17.96 4.35
C ASN A 807 -8.91 -17.19 3.76
N THR A 808 -7.80 -17.89 3.56
CA THR A 808 -6.60 -17.29 3.01
C THR A 808 -5.97 -18.24 2.02
N CYS A 809 -5.48 -17.69 0.91
CA CYS A 809 -4.82 -18.50 -0.11
C CYS A 809 -3.83 -17.64 -0.87
N LEU A 810 -2.80 -18.29 -1.42
CA LEU A 810 -1.76 -17.59 -2.16
C LEU A 810 -1.44 -18.35 -3.44
N VAL A 811 -0.78 -17.63 -4.35
CA VAL A 811 -0.28 -18.21 -5.60
C VAL A 811 1.24 -18.19 -5.56
N LEU A 812 1.85 -19.34 -5.81
CA LEU A 812 3.29 -19.49 -5.75
C LEU A 812 3.85 -19.77 -7.14
N GLU A 813 5.16 -19.56 -7.28
CA GLU A 813 5.81 -19.63 -8.57
C GLU A 813 7.25 -20.11 -8.38
N ASP A 814 7.75 -20.84 -9.37
CA ASP A 814 9.15 -21.23 -9.38
C ASP A 814 10.05 -20.00 -9.25
N ALA A 815 11.28 -20.24 -8.78
CA ALA A 815 12.23 -19.17 -8.66
C ALA A 815 12.79 -18.81 -10.04
N PRO A 816 13.31 -17.59 -10.20
CA PRO A 816 13.91 -17.21 -11.48
C PRO A 816 15.14 -18.05 -11.80
N GLU A 817 15.49 -18.07 -13.08
CA GLU A 817 16.70 -18.74 -13.51
C GLU A 817 17.92 -17.95 -13.03
N PRO A 818 18.91 -18.59 -12.41
CA PRO A 818 20.08 -17.85 -11.92
C PRO A 818 20.88 -17.26 -13.06
N GLU A 819 21.78 -16.34 -12.70
CA GLU A 819 22.66 -15.70 -13.67
C GLU A 819 23.60 -16.73 -14.27
N ASP A 820 23.64 -16.80 -15.61
CA ASP A 820 24.39 -17.84 -16.28
C ASP A 820 25.90 -17.62 -16.15
N SER A 821 26.35 -16.38 -16.33
CA SER A 821 27.77 -16.09 -16.44
C SER A 821 28.53 -16.33 -15.14
N GLN A 822 28.32 -15.46 -14.16
CA GLN A 822 29.18 -15.39 -12.97
C GLN A 822 30.59 -15.10 -13.49
N GLU A 823 31.62 -15.84 -13.07
CA GLU A 823 33.00 -15.48 -13.36
C GLU A 823 33.93 -16.46 -12.64
N VAL A 824 35.15 -16.62 -13.14
CA VAL A 824 36.11 -17.53 -12.52
C VAL A 824 36.93 -16.75 -11.51
N ASP A 825 37.06 -17.30 -10.30
CA ASP A 825 37.84 -16.71 -9.22
C ASP A 825 39.33 -16.93 -9.45
N PRO A 826 40.10 -15.89 -9.79
CA PRO A 826 41.53 -16.09 -10.05
C PRO A 826 42.36 -16.34 -8.80
N ARG A 827 41.80 -16.11 -7.61
CA ARG A 827 42.54 -16.33 -6.38
C ARG A 827 42.85 -17.81 -6.19
N GLU A 828 44.12 -18.13 -5.99
CA GLU A 828 44.51 -19.53 -5.79
C GLU A 828 44.17 -20.02 -4.39
N HIS A 829 44.38 -19.18 -3.38
CA HIS A 829 44.18 -19.57 -1.98
C HIS A 829 42.92 -18.91 -1.43
N HIS A 830 42.14 -19.69 -0.69
CA HIS A 830 40.91 -19.21 -0.09
C HIS A 830 40.91 -19.52 1.40
N ILE A 831 40.01 -18.86 2.12
CA ILE A 831 39.91 -18.95 3.57
C ILE A 831 38.48 -19.32 3.95
N VAL A 832 38.34 -20.27 4.88
CA VAL A 832 37.05 -20.73 5.37
C VAL A 832 36.98 -20.47 6.86
N ALA A 833 35.89 -19.86 7.32
CA ALA A 833 35.76 -19.41 8.70
C ALA A 833 34.61 -20.17 9.37
N LEU A 834 34.89 -20.71 10.56
CA LEU A 834 33.89 -21.34 11.42
C LEU A 834 33.84 -20.62 12.75
N SER A 835 32.64 -20.52 13.33
CA SER A 835 32.48 -19.85 14.61
C SER A 835 31.40 -20.54 15.42
N ALA A 836 31.44 -20.32 16.73
CA ALA A 836 30.47 -20.88 17.65
C ALA A 836 30.54 -20.09 18.96
N LYS A 837 29.47 -20.18 19.75
CA LYS A 837 29.41 -19.52 21.04
C LYS A 837 29.87 -20.40 22.19
N THR A 838 30.01 -21.71 21.97
CA THR A 838 30.32 -22.66 23.02
C THR A 838 31.38 -23.62 22.52
N PRO A 839 32.26 -24.12 23.41
CA PRO A 839 33.23 -25.13 22.96
C PRO A 839 32.58 -26.35 22.34
N ASP A 840 31.46 -26.82 22.90
CA ASP A 840 30.76 -27.97 22.33
C ASP A 840 30.22 -27.64 20.94
N SER A 841 29.58 -26.47 20.79
CA SER A 841 29.08 -26.07 19.48
C SER A 841 30.21 -25.96 18.46
N MET A 842 31.40 -25.53 18.90
CA MET A 842 32.54 -25.45 17.99
C MET A 842 32.91 -26.83 17.46
N VAL A 843 33.00 -27.82 18.35
CA VAL A 843 33.26 -29.19 17.93
C VAL A 843 32.19 -29.65 16.95
N ASN A 844 30.94 -29.32 17.21
CA ASN A 844 29.86 -29.73 16.32
C ASN A 844 30.04 -29.15 14.92
N ASN A 845 30.26 -27.85 14.83
CA ASN A 845 30.36 -27.21 13.51
C ASN A 845 31.54 -27.75 12.71
N LEU A 846 32.68 -28.01 13.37
CA LEU A 846 33.79 -28.64 12.68
C LEU A 846 33.37 -29.99 12.09
N THR A 847 32.80 -30.86 12.93
CA THR A 847 32.35 -32.16 12.47
C THR A 847 31.38 -32.01 11.30
N ASN A 848 30.37 -31.16 11.46
CA ASN A 848 29.34 -31.02 10.44
C ASN A 848 29.91 -30.45 9.15
N MET A 849 30.90 -29.56 9.24
CA MET A 849 31.51 -29.00 8.03
C MET A 849 32.34 -30.06 7.30
N ILE A 850 33.02 -30.94 8.05
CA ILE A 850 33.81 -31.98 7.43
C ILE A 850 32.91 -32.95 6.68
N THR A 851 31.84 -33.42 7.33
CA THR A 851 30.93 -34.33 6.65
C THR A 851 30.30 -33.67 5.43
N TRP A 852 30.14 -32.35 5.45
CA TRP A 852 29.60 -31.65 4.29
C TRP A 852 30.59 -31.63 3.14
N ILE A 853 31.88 -31.43 3.44
CA ILE A 853 32.88 -31.42 2.38
C ILE A 853 33.02 -32.80 1.76
N ASP A 854 32.85 -33.85 2.55
CA ASP A 854 32.92 -35.21 1.99
C ASP A 854 31.75 -35.50 1.07
N LYS A 855 30.62 -34.80 1.21
CA LYS A 855 29.49 -35.00 0.33
C LYS A 855 29.63 -34.24 -0.98
N HIS A 856 30.23 -33.05 -0.96
CA HIS A 856 30.34 -32.18 -2.13
C HIS A 856 31.80 -31.96 -2.52
N SER A 857 32.62 -33.01 -2.43
CA SER A 857 34.06 -32.85 -2.60
C SER A 857 34.43 -32.54 -4.04
N GLY A 858 33.96 -33.35 -4.99
CA GLY A 858 34.39 -33.22 -6.37
C GLY A 858 33.33 -32.75 -7.35
N ASP A 859 32.31 -32.05 -6.85
CA ASP A 859 31.24 -31.59 -7.73
C ASP A 859 31.75 -30.55 -8.72
N SER A 860 32.46 -29.53 -8.22
CA SER A 860 32.93 -28.44 -9.08
C SER A 860 34.10 -27.75 -8.43
N LEU A 861 34.83 -26.97 -9.23
CA LEU A 861 35.95 -26.17 -8.75
C LEU A 861 35.51 -24.85 -8.15
N ALA A 862 34.34 -24.34 -8.54
CA ALA A 862 33.83 -23.08 -8.01
C ALA A 862 33.25 -23.22 -6.61
N THR A 863 33.25 -24.42 -6.03
CA THR A 863 32.69 -24.61 -4.70
C THR A 863 33.52 -23.91 -3.63
N LEU A 864 34.85 -24.05 -3.69
CA LEU A 864 35.69 -23.48 -2.64
C LEU A 864 35.57 -21.97 -2.56
N PRO A 865 35.70 -21.21 -3.65
CA PRO A 865 35.46 -19.76 -3.53
C PRO A 865 34.09 -19.43 -2.96
N GLN A 866 33.05 -20.17 -3.36
CA GLN A 866 31.71 -19.93 -2.84
C GLN A 866 31.60 -20.35 -1.38
N LEU A 867 32.24 -21.46 -1.00
CA LEU A 867 32.27 -21.85 0.41
C LEU A 867 32.90 -20.76 1.26
N SER A 868 34.02 -20.21 0.79
CA SER A 868 34.66 -19.11 1.52
C SER A 868 33.72 -17.92 1.63
N TYR A 869 33.15 -17.48 0.51
CA TYR A 869 32.23 -16.34 0.52
C TYR A 869 31.12 -16.56 1.53
N THR A 870 30.54 -17.76 1.54
CA THR A 870 29.40 -18.02 2.42
C THR A 870 29.81 -17.97 3.88
N THR A 871 30.85 -18.71 4.26
CA THR A 871 31.23 -18.84 5.65
C THR A 871 31.80 -17.55 6.22
N THR A 872 32.23 -16.62 5.37
CA THR A 872 32.86 -15.39 5.84
C THR A 872 31.90 -14.21 5.72
N ALA A 873 31.55 -13.85 4.47
CA ALA A 873 30.75 -12.65 4.24
C ALA A 873 29.29 -12.83 4.62
N ARG A 874 28.77 -14.06 4.53
CA ARG A 874 27.35 -14.32 4.76
C ARG A 874 27.11 -15.04 6.08
N ARG A 875 27.95 -14.76 7.08
CA ARG A 875 27.85 -15.40 8.38
C ARG A 875 28.25 -14.40 9.47
N VAL A 876 27.61 -14.53 10.62
CA VAL A 876 28.06 -13.83 11.82
C VAL A 876 29.19 -14.64 12.44
N HIS A 877 30.12 -13.96 13.09
CA HIS A 877 31.32 -14.58 13.63
C HIS A 877 31.36 -14.38 15.14
N HIS A 878 31.23 -15.48 15.87
CA HIS A 878 31.12 -15.45 17.32
C HIS A 878 32.52 -15.49 17.95
N ARG A 879 32.59 -15.76 19.25
CA ARG A 879 33.85 -15.60 19.96
C ARG A 879 34.79 -16.78 19.77
N HIS A 880 34.27 -18.00 19.81
CA HIS A 880 35.07 -19.17 19.45
C HIS A 880 35.18 -19.25 17.94
N ARG A 881 36.40 -19.40 17.43
CA ARG A 881 36.64 -19.32 16.01
C ARG A 881 37.61 -20.41 15.55
N ALA A 882 37.45 -20.81 14.29
CA ALA A 882 38.36 -21.74 13.63
C ALA A 882 38.51 -21.32 12.18
N VAL A 883 39.66 -21.66 11.58
CA VAL A 883 39.97 -21.24 10.23
C VAL A 883 40.69 -22.36 9.49
N ALA A 884 40.54 -22.37 8.17
CA ALA A 884 41.29 -23.26 7.30
C ALA A 884 41.56 -22.52 6.00
N THR A 885 42.72 -22.79 5.40
CA THR A 885 43.12 -22.12 4.17
C THR A 885 43.80 -23.13 3.25
N GLY A 886 43.46 -23.06 1.97
CA GLY A 886 44.07 -23.96 1.00
C GLY A 886 43.69 -23.57 -0.42
N THR A 887 44.05 -24.43 -1.36
CA THR A 887 43.74 -24.21 -2.77
C THR A 887 42.65 -25.13 -3.29
N ASP A 888 42.26 -26.15 -2.54
CA ASP A 888 41.16 -27.02 -2.95
C ASP A 888 40.44 -27.51 -1.70
N LEU A 889 39.27 -28.11 -1.91
CA LEU A 889 38.45 -28.56 -0.79
C LEU A 889 39.17 -29.62 0.05
N LEU A 890 39.99 -30.46 -0.58
CA LEU A 890 40.68 -31.51 0.17
C LEU A 890 41.59 -30.91 1.23
N GLN A 891 42.31 -29.84 0.89
CA GLN A 891 43.19 -29.19 1.87
C GLN A 891 42.38 -28.65 3.04
N ILE A 892 41.23 -28.03 2.77
CA ILE A 892 40.40 -27.48 3.84
C ILE A 892 40.00 -28.59 4.80
N ARG A 893 39.58 -29.74 4.28
CA ARG A 893 39.17 -30.83 5.15
C ARG A 893 40.33 -31.29 6.03
N SER A 894 41.48 -31.56 5.41
CA SER A 894 42.65 -32.01 6.18
C SER A 894 42.96 -31.05 7.31
N SER A 895 42.85 -29.74 7.05
CA SER A 895 43.10 -28.76 8.10
C SER A 895 42.03 -28.85 9.19
N LEU A 896 40.76 -28.86 8.79
CA LEU A 896 39.68 -28.92 9.77
C LEU A 896 39.70 -30.25 10.52
N GLN A 897 40.04 -31.33 9.84
CA GLN A 897 40.17 -32.63 10.51
C GLN A 897 41.27 -32.57 11.56
N GLU A 898 42.43 -32.02 11.19
CA GLU A 898 43.53 -31.86 12.14
C GLU A 898 43.09 -31.04 13.35
N GLN A 899 42.41 -29.92 13.10
CA GLN A 899 41.89 -29.12 14.21
C GLN A 899 40.88 -29.89 15.03
N LEU A 900 40.02 -30.66 14.37
CA LEU A 900 39.03 -31.45 15.11
C LEU A 900 39.71 -32.46 16.02
N ASP A 901 40.76 -33.12 15.55
CA ASP A 901 41.48 -34.08 16.38
C ASP A 901 41.96 -33.46 17.68
N ARG A 902 42.51 -32.24 17.60
CA ARG A 902 43.00 -31.59 18.80
C ARG A 902 41.86 -31.31 19.79
N ARG A 903 40.68 -30.96 19.28
CA ARG A 903 39.53 -30.73 20.14
C ARG A 903 39.09 -32.02 20.83
N VAL A 904 39.17 -33.15 20.10
CA VAL A 904 38.76 -34.43 20.67
C VAL A 904 39.79 -34.94 21.67
N SER A 905 41.06 -34.55 21.50
CA SER A 905 42.12 -35.03 22.38
C SER A 905 42.11 -34.36 23.75
N GLY A 906 41.29 -33.33 23.93
CA GLY A 906 41.14 -32.66 25.22
C GLY A 906 41.43 -31.17 25.20
N GLU A 907 42.03 -30.64 24.15
CA GLU A 907 42.26 -29.20 24.04
C GLU A 907 40.93 -28.54 23.73
N ARG A 908 40.40 -27.77 24.67
CA ARG A 908 39.10 -27.16 24.50
C ARG A 908 39.20 -25.90 23.66
N SER A 909 38.09 -25.55 23.01
CA SER A 909 38.00 -24.31 22.26
C SER A 909 37.83 -23.14 23.23
N ILE A 910 38.66 -22.12 23.07
CA ILE A 910 38.63 -20.95 23.95
C ILE A 910 38.21 -19.73 23.13
N PRO A 911 37.41 -18.82 23.69
CA PRO A 911 37.03 -17.62 22.93
C PRO A 911 38.20 -16.68 22.76
N HIS A 912 38.20 -15.96 21.65
CA HIS A 912 39.25 -14.99 21.41
C HIS A 912 39.15 -13.88 22.46
N PRO A 913 40.27 -13.22 22.78
CA PRO A 913 40.24 -12.14 23.78
C PRO A 913 39.17 -11.11 23.42
N PRO A 914 38.57 -10.47 24.43
CA PRO A 914 37.40 -9.61 24.16
C PRO A 914 37.67 -8.39 23.31
N ASN A 915 38.76 -7.66 23.59
CA ASN A 915 39.03 -6.42 22.90
C ASN A 915 39.42 -6.63 21.44
N GLY A 916 39.90 -7.82 21.09
CA GLY A 916 40.37 -8.08 19.74
C GLY A 916 41.85 -7.79 19.62
N PRO A 917 42.38 -7.93 18.41
CA PRO A 917 43.82 -7.71 18.21
C PRO A 917 44.20 -6.24 18.08
N SER A 918 45.46 -5.97 18.40
CA SER A 918 46.09 -4.68 18.17
C SER A 918 47.06 -4.81 17.00
N PHE A 919 47.13 -3.79 16.16
CA PHE A 919 47.98 -3.82 14.98
C PHE A 919 48.97 -2.66 15.00
N VAL A 920 50.21 -2.93 14.64
CA VAL A 920 51.20 -1.92 14.30
C VAL A 920 51.64 -2.16 12.86
N LEU A 921 51.64 -1.10 12.06
CA LEU A 921 51.95 -1.21 10.64
C LEU A 921 53.37 -0.74 10.38
N ALA A 922 54.15 -1.59 9.71
CA ALA A 922 55.56 -1.34 9.45
C ALA A 922 55.74 -0.99 7.98
N PHE A 923 56.24 0.21 7.71
CA PHE A 923 56.42 0.71 6.35
C PHE A 923 57.89 0.58 5.96
N THR A 924 58.15 -0.17 4.89
CA THR A 924 59.51 -0.52 4.48
C THR A 924 60.17 0.63 3.71
N GLY A 925 61.50 0.59 3.65
CA GLY A 925 62.25 1.46 2.77
C GLY A 925 62.28 0.93 1.34
N GLN A 926 62.79 1.76 0.43
CA GLN A 926 62.76 1.41 -0.98
C GLN A 926 63.74 0.31 -1.36
N GLY A 927 64.61 -0.11 -0.43
CA GLY A 927 65.64 -1.09 -0.77
C GLY A 927 65.08 -2.40 -1.27
N SER A 928 63.90 -2.80 -0.80
CA SER A 928 63.36 -4.13 -1.08
C SER A 928 62.28 -4.13 -2.14
N ALA A 929 62.12 -3.04 -2.91
CA ALA A 929 61.15 -3.02 -3.99
C ALA A 929 61.67 -3.81 -5.19
N PHE A 930 60.74 -4.40 -5.95
CA PHE A 930 61.09 -5.24 -7.09
C PHE A 930 60.11 -5.01 -8.23
N ALA A 931 60.49 -5.49 -9.40
CA ALA A 931 59.68 -5.32 -10.61
C ALA A 931 58.40 -6.14 -10.53
N GLY A 932 57.36 -5.65 -11.20
CA GLY A 932 56.08 -6.32 -11.16
C GLY A 932 55.48 -6.36 -9.78
N MET A 933 55.91 -5.47 -8.89
CA MET A 933 55.41 -5.43 -7.53
C MET A 933 54.00 -4.86 -7.52
N GLY A 934 53.05 -5.62 -6.97
CA GLY A 934 51.69 -5.18 -6.84
C GLY A 934 50.79 -5.44 -8.05
N VAL A 935 51.28 -6.12 -9.09
CA VAL A 935 50.48 -6.28 -10.30
C VAL A 935 49.20 -7.07 -10.00
N ASP A 936 49.31 -8.17 -9.27
CA ASP A 936 48.12 -8.96 -8.95
C ASP A 936 47.14 -8.15 -8.13
N LEU A 937 47.63 -7.40 -7.13
CA LEU A 937 46.78 -6.46 -6.42
C LEU A 937 46.16 -5.45 -7.39
N TYR A 938 47.00 -4.86 -8.24
CA TYR A 938 46.53 -3.85 -9.18
C TYR A 938 45.43 -4.40 -10.08
N LYS A 939 45.58 -5.65 -10.54
CA LYS A 939 44.60 -6.22 -11.46
C LYS A 939 43.28 -6.49 -10.76
N ARG A 940 43.33 -7.13 -9.58
CA ARG A 940 42.15 -7.73 -8.98
C ARG A 940 41.36 -6.79 -8.08
N PHE A 941 42.00 -5.87 -7.37
CA PHE A 941 41.32 -4.96 -6.45
C PHE A 941 41.08 -3.64 -7.17
N ALA A 942 39.81 -3.33 -7.43
CA ALA A 942 39.47 -2.09 -8.13
C ALA A 942 39.85 -0.87 -7.31
N SER A 943 39.62 -0.90 -5.99
CA SER A 943 39.97 0.24 -5.15
C SER A 943 41.46 0.53 -5.21
N PHE A 944 42.28 -0.51 -5.16
CA PHE A 944 43.72 -0.33 -5.28
C PHE A 944 44.06 0.30 -6.63
N ARG A 945 43.44 -0.17 -7.70
CA ARG A 945 43.71 0.41 -9.02
C ARG A 945 43.27 1.87 -9.07
N SER A 946 42.14 2.20 -8.44
CA SER A 946 41.67 3.58 -8.42
C SER A 946 42.69 4.49 -7.75
N ASP A 947 43.18 4.09 -6.57
CA ASP A 947 44.17 4.89 -5.86
C ASP A 947 45.38 5.17 -6.75
N ILE A 948 45.99 4.11 -7.30
CA ILE A 948 47.14 4.30 -8.18
C ILE A 948 46.80 5.26 -9.30
N ALA A 949 45.66 5.02 -9.96
CA ALA A 949 45.25 5.90 -11.06
C ALA A 949 45.07 7.34 -10.58
N ARG A 950 44.61 7.54 -9.34
CA ARG A 950 44.45 8.89 -8.82
C ARG A 950 45.81 9.52 -8.54
N TYR A 951 46.67 8.81 -7.80
CA TYR A 951 48.01 9.32 -7.53
C TYR A 951 48.74 9.65 -8.82
N ASP A 952 48.59 8.81 -9.84
CA ASP A 952 49.29 9.04 -11.10
C ASP A 952 48.93 10.39 -11.68
N GLN A 953 47.63 10.74 -11.68
CA GLN A 953 47.21 12.02 -12.24
C GLN A 953 47.69 13.18 -11.38
N ILE A 954 47.75 12.99 -10.06
CA ILE A 954 48.30 14.02 -9.19
C ILE A 954 49.76 14.29 -9.55
N CYS A 955 50.53 13.22 -9.74
CA CYS A 955 51.95 13.37 -10.06
C CYS A 955 52.15 14.18 -11.33
N GLU A 956 51.51 13.76 -12.43
CA GLU A 956 51.64 14.50 -13.68
C GLU A 956 51.19 15.94 -13.53
N GLY A 957 50.16 16.18 -12.72
CA GLY A 957 49.72 17.55 -12.49
C GLY A 957 50.81 18.43 -11.91
N MET A 958 51.69 17.84 -11.09
CA MET A 958 52.81 18.57 -10.51
C MET A 958 54.11 18.31 -11.27
N SER A 959 54.01 17.90 -12.53
CA SER A 959 55.18 17.67 -13.37
C SER A 959 56.12 16.61 -12.77
N LEU A 960 55.53 15.52 -12.28
CA LEU A 960 56.26 14.37 -11.78
C LEU A 960 56.04 13.17 -12.70
N PRO A 961 56.95 12.19 -12.68
CA PRO A 961 56.82 11.06 -13.60
C PRO A 961 55.56 10.25 -13.33
N SER A 962 55.18 9.45 -14.32
CA SER A 962 53.96 8.65 -14.25
C SER A 962 54.27 7.30 -13.62
N ILE A 963 53.54 6.96 -12.56
CA ILE A 963 53.76 5.71 -11.84
C ILE A 963 52.79 4.62 -12.29
N LYS A 964 51.70 4.98 -12.97
CA LYS A 964 50.74 3.97 -13.43
C LYS A 964 51.40 2.94 -14.33
N ALA A 965 52.40 3.35 -15.11
CA ALA A 965 53.10 2.41 -15.98
C ALA A 965 53.85 1.36 -15.18
N MET A 966 54.38 1.74 -14.01
CA MET A 966 55.13 0.81 -13.19
C MET A 966 54.30 -0.41 -12.82
N PHE A 967 53.00 -0.22 -12.59
CA PHE A 967 52.13 -1.33 -12.22
C PHE A 967 51.56 -2.07 -13.42
N GLU A 968 51.62 -1.48 -14.62
CA GLU A 968 51.11 -2.11 -15.82
C GLU A 968 52.19 -2.73 -16.70
N ASP A 969 53.33 -2.05 -16.86
CA ASP A 969 54.29 -2.43 -17.90
C ASP A 969 55.38 -3.37 -17.37
N GLU A 970 55.81 -3.16 -16.13
CA GLU A 970 56.85 -3.97 -15.50
C GLU A 970 58.23 -3.74 -16.09
N LYS A 971 58.40 -3.88 -17.42
CA LYS A 971 59.71 -3.67 -18.02
C LYS A 971 60.31 -2.32 -17.65
N VAL A 972 59.47 -1.28 -17.57
CA VAL A 972 59.97 0.06 -17.29
C VAL A 972 60.79 0.11 -16.00
N PHE A 973 60.58 -0.85 -15.10
CA PHE A 973 61.30 -0.85 -13.83
C PHE A 973 62.82 -0.84 -14.03
N SER A 974 63.31 -1.43 -15.13
CA SER A 974 64.74 -1.47 -15.38
C SER A 974 65.33 -0.07 -15.42
N THR A 975 64.80 0.78 -16.31
CA THR A 975 65.35 2.10 -16.56
C THR A 975 64.71 3.19 -15.71
N ALA A 976 63.82 2.85 -14.80
CA ALA A 976 63.12 3.85 -14.00
C ALA A 976 64.13 4.70 -13.22
N SER A 977 63.82 5.98 -13.08
CA SER A 977 64.68 6.94 -12.40
C SER A 977 64.42 6.92 -10.91
N PRO A 978 65.34 7.49 -10.11
CA PRO A 978 65.10 7.58 -8.66
C PRO A 978 63.77 8.23 -8.30
N THR A 979 63.40 9.30 -8.98
CA THR A 979 62.11 9.96 -8.69
C THR A 979 60.95 9.02 -8.99
N LEU A 980 61.00 8.31 -10.11
CA LEU A 980 59.94 7.35 -10.42
C LEU A 980 59.99 6.16 -9.47
N GLN A 981 61.19 5.66 -9.17
CA GLN A 981 61.35 4.55 -8.25
C GLN A 981 60.76 4.87 -6.89
N GLN A 982 61.01 6.08 -6.38
CA GLN A 982 60.57 6.44 -5.04
C GLN A 982 59.08 6.74 -4.99
N LEU A 983 58.55 7.42 -6.00
CA LEU A 983 57.11 7.67 -6.02
C LEU A 983 56.33 6.36 -6.10
N THR A 984 56.77 5.44 -6.98
CA THR A 984 56.12 4.14 -7.08
C THR A 984 56.04 3.45 -5.72
N HIS A 985 57.15 3.50 -4.98
CA HIS A 985 57.19 2.87 -3.67
C HIS A 985 56.15 3.49 -2.73
N VAL A 986 56.07 4.82 -2.70
CA VAL A 986 55.20 5.50 -1.76
C VAL A 986 53.73 5.32 -2.16
N CYS A 987 53.42 5.50 -3.44
CA CYS A 987 52.07 5.21 -3.91
C CYS A 987 51.69 3.78 -3.58
N PHE A 988 52.63 2.85 -3.76
CA PHE A 988 52.38 1.46 -3.42
C PHE A 988 52.01 1.31 -1.95
N GLN A 989 52.70 2.02 -1.07
CA GLN A 989 52.46 1.87 0.36
C GLN A 989 51.14 2.52 0.78
N MET A 990 50.84 3.70 0.24
CA MET A 990 49.56 4.34 0.56
C MET A 990 48.39 3.51 0.06
N ALA A 991 48.50 2.98 -1.15
CA ALA A 991 47.45 2.12 -1.69
C ALA A 991 47.35 0.82 -0.90
N LEU A 992 48.49 0.27 -0.47
CA LEU A 992 48.48 -0.98 0.28
C LEU A 992 47.91 -0.78 1.68
N TYR A 993 48.22 0.35 2.32
CA TYR A 993 47.64 0.64 3.63
C TYR A 993 46.13 0.81 3.53
N ARG A 994 45.67 1.62 2.57
CA ARG A 994 44.25 1.85 2.40
C ARG A 994 43.51 0.55 2.14
N LEU A 995 44.15 -0.38 1.41
CA LEU A 995 43.54 -1.69 1.17
C LEU A 995 43.34 -2.45 2.47
N TRP A 996 44.38 -2.52 3.30
CA TRP A 996 44.27 -3.25 4.56
C TRP A 996 43.30 -2.55 5.52
N LYS A 997 43.31 -1.21 5.54
CA LYS A 997 42.36 -0.49 6.36
C LYS A 997 40.93 -0.81 5.94
N SER A 998 40.69 -0.89 4.62
CA SER A 998 39.37 -1.22 4.12
C SER A 998 38.96 -2.64 4.53
N LEU A 999 39.93 -3.52 4.75
CA LEU A 999 39.63 -4.89 5.16
C LEU A 999 39.47 -5.03 6.67
N GLY A 1000 39.61 -3.95 7.43
CA GLY A 1000 39.30 -3.96 8.85
C GLY A 1000 40.49 -3.79 9.79
N VAL A 1001 41.69 -3.56 9.28
CA VAL A 1001 42.87 -3.39 10.13
C VAL A 1001 42.94 -1.93 10.55
N GLN A 1002 42.71 -1.67 11.84
CA GLN A 1002 42.79 -0.33 12.40
C GLN A 1002 44.08 -0.25 13.22
N ALA A 1003 45.05 0.51 12.73
CA ALA A 1003 46.39 0.50 13.31
C ALA A 1003 46.41 1.15 14.69
N LYS A 1004 47.14 0.51 15.61
CA LYS A 1004 47.41 1.10 16.92
C LYS A 1004 48.55 2.11 16.84
N ALA A 1005 49.46 1.93 15.89
CA ALA A 1005 50.59 2.83 15.69
C ALA A 1005 51.27 2.44 14.40
N VAL A 1006 52.12 3.32 13.89
CA VAL A 1006 52.85 3.10 12.65
C VAL A 1006 54.34 3.30 12.91
N VAL A 1007 55.16 2.62 12.11
CA VAL A 1007 56.60 2.83 12.10
C VAL A 1007 57.08 2.71 10.66
N GLY A 1008 57.83 3.72 10.21
CA GLY A 1008 58.37 3.73 8.86
C GLY A 1008 59.88 3.77 8.89
N HIS A 1009 60.50 3.11 7.92
CA HIS A 1009 61.95 3.05 7.80
C HIS A 1009 62.38 3.88 6.60
N SER A 1010 63.14 4.95 6.86
CA SER A 1010 63.68 5.81 5.81
C SER A 1010 62.51 6.30 4.97
N LEU A 1011 62.42 5.96 3.68
CA LEU A 1011 61.34 6.44 2.83
C LEU A 1011 59.97 5.99 3.36
N GLY A 1012 59.92 4.89 4.10
CA GLY A 1012 58.65 4.39 4.60
C GLY A 1012 57.93 5.34 5.53
N GLU A 1013 58.64 6.32 6.09
CA GLU A 1013 58.00 7.26 7.02
C GLU A 1013 56.95 8.10 6.31
N TYR A 1014 57.20 8.46 5.05
CA TYR A 1014 56.27 9.34 4.34
C TYR A 1014 54.90 8.70 4.22
N ALA A 1015 54.84 7.47 3.70
CA ALA A 1015 53.57 6.75 3.67
C ALA A 1015 53.01 6.56 5.08
N ALA A 1016 53.89 6.31 6.05
CA ALA A 1016 53.46 6.14 7.44
C ALA A 1016 52.83 7.41 7.97
N LEU A 1017 53.34 8.58 7.58
CA LEU A 1017 52.77 9.83 8.06
C LEU A 1017 51.36 10.06 7.51
N TYR A 1018 51.08 9.59 6.30
CA TYR A 1018 49.70 9.65 5.80
C TYR A 1018 48.80 8.71 6.59
N ALA A 1019 49.23 7.47 6.78
CA ALA A 1019 48.43 6.52 7.53
C ALA A 1019 48.17 7.02 8.95
N ALA A 1020 49.06 7.84 9.49
CA ALA A 1020 48.87 8.40 10.82
C ALA A 1020 47.98 9.64 10.81
N GLY A 1021 47.75 10.25 9.65
CA GLY A 1021 46.92 11.43 9.55
C GLY A 1021 47.66 12.75 9.52
N VAL A 1022 48.98 12.73 9.45
CA VAL A 1022 49.76 13.96 9.50
C VAL A 1022 49.69 14.71 8.17
N LEU A 1023 49.92 14.00 7.07
CA LEU A 1023 49.97 14.59 5.74
C LEU A 1023 48.84 14.04 4.89
N SER A 1024 48.40 14.86 3.93
CA SER A 1024 47.48 14.39 2.92
C SER A 1024 48.22 13.60 1.85
N GLN A 1025 47.47 12.83 1.07
CA GLN A 1025 48.08 11.98 0.06
C GLN A 1025 48.85 12.81 -0.96
N SER A 1026 48.31 13.98 -1.34
CA SER A 1026 48.98 14.80 -2.34
C SER A 1026 50.23 15.45 -1.77
N ASP A 1027 50.17 15.93 -0.52
CA ASP A 1027 51.36 16.50 0.09
C ASP A 1027 52.47 15.46 0.22
N THR A 1028 52.10 14.21 0.48
CA THR A 1028 53.09 13.15 0.51
C THR A 1028 53.77 13.00 -0.84
N LEU A 1029 52.96 12.89 -1.91
CA LEU A 1029 53.54 12.78 -3.25
C LEU A 1029 54.34 14.01 -3.61
N TYR A 1030 53.82 15.20 -3.30
CA TYR A 1030 54.58 16.42 -3.52
C TYR A 1030 55.91 16.38 -2.78
N LEU A 1031 55.87 16.00 -1.50
CA LEU A 1031 57.08 16.00 -0.69
C LEU A 1031 58.06 14.95 -1.19
N VAL A 1032 57.57 13.77 -1.56
CA VAL A 1032 58.45 12.71 -2.05
C VAL A 1032 59.00 13.08 -3.43
N GLY A 1033 58.13 13.50 -4.34
CA GLY A 1033 58.56 13.79 -5.70
C GLY A 1033 59.61 14.88 -5.74
N ARG A 1034 59.36 15.99 -5.05
CA ARG A 1034 60.29 17.11 -5.11
C ARG A 1034 61.59 16.81 -4.38
N ARG A 1035 61.56 15.97 -3.35
CA ARG A 1035 62.80 15.58 -2.68
C ARG A 1035 63.66 14.74 -3.61
N ALA A 1036 63.07 13.75 -4.27
CA ALA A 1036 63.82 12.93 -5.22
C ALA A 1036 64.37 13.77 -6.35
N GLN A 1037 63.58 14.73 -6.85
CA GLN A 1037 64.06 15.62 -7.90
C GLN A 1037 65.29 16.39 -7.43
N LEU A 1038 65.32 16.80 -6.17
CA LEU A 1038 66.50 17.51 -5.66
C LEU A 1038 67.71 16.58 -5.60
N MET A 1039 67.50 15.32 -5.24
CA MET A 1039 68.62 14.39 -5.13
C MET A 1039 69.22 14.09 -6.50
N GLU A 1040 68.39 13.97 -7.53
CA GLU A 1040 68.91 13.78 -8.88
C GLU A 1040 69.61 15.04 -9.38
N LYS A 1041 69.09 16.21 -8.99
CA LYS A 1041 69.66 17.47 -9.47
C LYS A 1041 71.05 17.69 -8.90
N HIS A 1042 71.22 17.45 -7.60
CA HIS A 1042 72.48 17.73 -6.92
C HIS A 1042 73.39 16.50 -6.84
N LEU A 1043 72.86 15.37 -6.40
CA LEU A 1043 73.68 14.20 -6.12
C LEU A 1043 73.90 13.38 -7.39
N SER A 1044 74.88 12.48 -7.32
N SER A 1044 74.90 12.49 -7.33
CA SER A 1044 75.27 11.63 -8.44
CA SER A 1044 75.25 11.62 -8.45
C SER A 1044 75.38 10.18 -7.96
C SER A 1044 75.38 10.19 -7.97
N GLN A 1045 74.95 9.26 -8.81
CA GLN A 1045 74.99 7.84 -8.46
C GLN A 1045 76.40 7.29 -8.62
N GLY A 1046 76.70 6.25 -7.83
CA GLY A 1046 77.96 5.55 -7.92
C GLY A 1046 79.11 6.16 -7.16
N THR A 1047 78.98 7.40 -6.70
CA THR A 1047 80.07 8.03 -5.94
C THR A 1047 80.09 7.55 -4.50
N HIS A 1048 78.92 7.28 -3.92
CA HIS A 1048 78.80 6.80 -2.55
C HIS A 1048 78.10 5.44 -2.55
N ALA A 1049 78.16 4.76 -1.42
CA ALA A 1049 77.53 3.45 -1.26
C ALA A 1049 77.19 3.23 0.20
N MET A 1050 76.41 2.18 0.45
CA MET A 1050 75.98 1.84 1.79
C MET A 1050 76.33 0.38 2.07
N LEU A 1051 76.63 0.08 3.33
CA LEU A 1051 77.11 -1.23 3.73
C LEU A 1051 76.36 -1.68 4.97
N ALA A 1052 75.84 -2.91 4.95
CA ALA A 1052 75.17 -3.52 6.08
C ALA A 1052 76.16 -4.39 6.85
N VAL A 1053 76.16 -4.28 8.17
CA VAL A 1053 77.15 -4.93 9.01
C VAL A 1053 76.44 -5.62 10.17
N ARG A 1054 76.74 -6.90 10.38
CA ARG A 1054 76.21 -7.66 11.51
C ARG A 1054 77.17 -7.52 12.67
N ALA A 1055 76.99 -6.45 13.45
CA ALA A 1055 77.87 -6.18 14.58
C ALA A 1055 77.29 -5.04 15.38
N LYS A 1056 77.77 -4.91 16.62
CA LYS A 1056 77.36 -3.84 17.51
C LYS A 1056 78.00 -2.53 17.09
N GLU A 1057 77.37 -1.42 17.50
CA GLU A 1057 77.93 -0.11 17.21
C GLU A 1057 79.33 0.05 17.81
N GLU A 1058 79.57 -0.57 18.95
CA GLU A 1058 80.89 -0.47 19.59
C GLU A 1058 81.94 -1.25 18.83
N ALA A 1059 81.58 -2.42 18.28
CA ALA A 1059 82.55 -3.23 17.57
C ALA A 1059 82.89 -2.61 16.22
N ILE A 1060 81.90 -2.04 15.54
CA ILE A 1060 82.13 -1.41 14.24
C ILE A 1060 83.10 -0.23 14.40
N VAL A 1061 82.82 0.64 15.37
CA VAL A 1061 83.69 1.79 15.62
C VAL A 1061 85.09 1.34 15.99
N ALA A 1062 85.20 0.29 16.82
CA ALA A 1062 86.51 -0.19 17.24
C ALA A 1062 87.28 -0.80 16.09
N ALA A 1063 86.59 -1.42 15.13
CA ALA A 1063 87.26 -2.15 14.06
C ALA A 1063 87.83 -1.22 13.00
N ILE A 1064 87.22 -0.05 12.78
CA ILE A 1064 87.60 0.85 11.71
C ILE A 1064 88.54 1.92 12.25
N ASP A 1065 89.63 2.16 11.52
CA ASP A 1065 90.51 3.29 11.82
C ASP A 1065 89.87 4.56 11.27
N GLY A 1066 89.53 5.48 12.17
CA GLY A 1066 88.84 6.68 11.79
C GLY A 1066 87.48 6.74 12.47
N PRO A 1067 87.16 7.87 13.12
CA PRO A 1067 85.92 7.94 13.90
C PRO A 1067 84.71 8.11 13.01
N PRO A 1068 83.53 7.71 13.49
CA PRO A 1068 82.30 8.02 12.72
C PRO A 1068 82.14 9.52 12.57
N GLY A 1069 81.66 9.93 11.40
CA GLY A 1069 81.59 11.33 11.04
C GLY A 1069 82.79 11.83 10.26
N GLU A 1070 83.87 11.08 10.23
CA GLU A 1070 85.05 11.40 9.42
C GLU A 1070 85.29 10.34 8.35
N ALA A 1071 85.53 9.10 8.74
CA ALA A 1071 85.75 8.01 7.79
C ALA A 1071 84.47 7.34 7.33
N TYR A 1072 83.34 7.62 7.99
CA TYR A 1072 82.07 7.02 7.61
C TYR A 1072 80.95 7.59 8.47
N GLU A 1073 79.73 7.06 8.31
CA GLU A 1073 78.59 7.51 9.10
C GLU A 1073 77.62 6.35 9.26
N PHE A 1074 76.92 6.35 10.40
CA PHE A 1074 75.87 5.37 10.65
C PHE A 1074 74.59 5.84 9.97
N SER A 1075 74.22 5.15 8.90
CA SER A 1075 73.00 5.53 8.17
C SER A 1075 71.76 4.95 8.83
N CYS A 1076 71.87 3.74 9.37
CA CYS A 1076 70.74 3.06 9.99
C CYS A 1076 71.21 2.28 11.20
N ARG A 1077 70.39 2.31 12.25
CA ARG A 1077 70.60 1.49 13.45
C ARG A 1077 69.34 0.62 13.58
N ASN A 1078 69.37 -0.54 12.94
CA ASN A 1078 68.18 -1.39 12.85
C ASN A 1078 68.03 -2.31 14.05
N GLY A 1079 69.12 -2.90 14.53
CA GLY A 1079 69.06 -3.81 15.66
C GLY A 1079 70.32 -3.74 16.48
N GLU A 1080 70.37 -4.60 17.50
CA GLU A 1080 71.56 -4.66 18.35
C GLU A 1080 72.80 -4.98 17.52
N GLN A 1081 72.71 -6.00 16.68
CA GLN A 1081 73.82 -6.40 15.81
C GLN A 1081 73.43 -6.28 14.35
N ARG A 1082 72.73 -5.20 14.00
CA ARG A 1082 72.35 -4.90 12.63
C ARG A 1082 72.46 -3.39 12.42
N ASN A 1083 73.51 -2.96 11.74
CA ASN A 1083 73.74 -1.55 11.46
C ASN A 1083 74.10 -1.40 9.98
N VAL A 1084 73.97 -0.16 9.49
CA VAL A 1084 74.26 0.15 8.10
C VAL A 1084 75.11 1.41 8.06
N LEU A 1085 76.23 1.34 7.34
CA LEU A 1085 77.16 2.45 7.22
C LEU A 1085 77.06 3.07 5.84
N GLY A 1086 77.38 4.37 5.76
CA GLY A 1086 77.32 5.09 4.52
C GLY A 1086 78.55 5.97 4.33
N GLY A 1087 78.77 6.36 3.08
CA GLY A 1087 79.90 7.20 2.74
C GLY A 1087 80.33 6.94 1.31
N THR A 1088 81.47 7.52 0.95
CA THR A 1088 82.00 7.35 -0.39
C THR A 1088 82.40 5.89 -0.62
N VAL A 1089 82.41 5.50 -1.89
CA VAL A 1089 82.81 4.13 -2.23
C VAL A 1089 84.19 3.83 -1.65
N ALA A 1090 85.09 4.81 -1.68
CA ALA A 1090 86.41 4.62 -1.10
C ALA A 1090 86.34 4.43 0.41
N GLN A 1091 85.50 5.22 1.08
CA GLN A 1091 85.36 5.09 2.53
C GLN A 1091 84.80 3.72 2.91
N ILE A 1092 83.82 3.23 2.13
CA ILE A 1092 83.19 1.95 2.45
C ILE A 1092 84.16 0.79 2.18
N GLN A 1093 84.92 0.87 1.09
CA GLN A 1093 85.89 -0.19 0.80
C GLN A 1093 86.84 -0.40 1.96
N ALA A 1094 87.42 0.70 2.46
CA ALA A 1094 88.35 0.59 3.58
C ALA A 1094 87.67 0.03 4.81
N ALA A 1095 86.44 0.48 5.10
CA ALA A 1095 85.73 -0.02 6.26
C ALA A 1095 85.31 -1.48 6.08
N LYS A 1096 84.91 -1.85 4.85
CA LYS A 1096 84.50 -3.23 4.61
C LYS A 1096 85.63 -4.20 4.87
N ALA A 1097 86.86 -3.83 4.49
CA ALA A 1097 88.01 -4.70 4.75
C ALA A 1097 88.31 -4.78 6.24
N ALA A 1098 88.31 -3.64 6.93
CA ALA A 1098 88.61 -3.64 8.36
C ALA A 1098 87.63 -4.51 9.13
N LEU A 1099 86.36 -4.53 8.72
CA LEU A 1099 85.38 -5.38 9.38
C LEU A 1099 85.56 -6.84 8.99
N GLU A 1100 85.78 -7.10 7.70
CA GLU A 1100 86.09 -8.47 7.27
C GLU A 1100 87.36 -8.97 7.93
N ALA A 1101 88.32 -8.07 8.22
CA ALA A 1101 89.54 -8.48 8.89
C ALA A 1101 89.21 -9.14 10.23
N LYS A 1102 88.25 -8.59 10.96
CA LYS A 1102 87.77 -9.20 12.19
C LYS A 1102 86.64 -10.18 11.94
N LYS A 1103 86.45 -10.59 10.69
CA LYS A 1103 85.48 -11.63 10.32
C LYS A 1103 84.07 -11.26 10.77
N ILE A 1104 83.68 -10.02 10.49
CA ILE A 1104 82.32 -9.55 10.67
C ILE A 1104 81.61 -9.60 9.32
N ARG A 1105 80.37 -10.09 9.32
CA ARG A 1105 79.64 -10.26 8.07
C ARG A 1105 79.22 -8.90 7.51
N CYS A 1106 79.53 -8.67 6.24
CA CYS A 1106 79.22 -7.42 5.56
C CYS A 1106 78.51 -7.72 4.25
N GLN A 1107 77.90 -6.67 3.68
CA GLN A 1107 77.15 -6.80 2.43
C GLN A 1107 76.70 -5.43 1.93
N TYR A 1108 76.94 -5.15 0.65
CA TYR A 1108 76.55 -3.87 0.07
C TYR A 1108 75.03 -3.80 -0.13
N LEU A 1109 74.53 -2.58 -0.24
CA LEU A 1109 73.13 -2.34 -0.60
C LEU A 1109 73.04 -1.91 -2.05
N ASP A 1110 71.92 -2.26 -2.69
CA ASP A 1110 71.76 -1.97 -4.12
C ASP A 1110 71.59 -0.49 -4.40
N THR A 1111 71.18 0.30 -3.42
CA THR A 1111 70.97 1.73 -3.63
C THR A 1111 72.20 2.35 -4.27
N PRO A 1112 72.03 3.33 -5.16
CA PRO A 1112 73.21 3.96 -5.79
C PRO A 1112 73.91 4.97 -4.90
N MET A 1113 73.13 5.72 -4.10
CA MET A 1113 73.69 6.74 -3.23
C MET A 1113 73.80 6.21 -1.81
N ALA A 1114 74.26 7.07 -0.90
CA ALA A 1114 74.38 6.75 0.51
C ALA A 1114 73.48 7.72 1.28
N PHE A 1115 72.23 7.32 1.48
CA PHE A 1115 71.26 8.16 2.17
C PHE A 1115 71.66 8.34 3.63
N HIS A 1116 71.12 9.40 4.24
CA HIS A 1116 71.28 9.65 5.67
C HIS A 1116 72.74 9.87 6.04
N THR A 1117 73.50 10.47 5.14
CA THR A 1117 74.88 10.84 5.40
C THR A 1117 75.10 12.27 4.89
N GLY A 1118 76.34 12.75 5.01
CA GLY A 1118 76.66 14.10 4.58
C GLY A 1118 76.42 14.34 3.10
N GLN A 1119 76.21 13.29 2.31
CA GLN A 1119 76.00 13.48 0.88
C GLN A 1119 74.79 14.34 0.60
N VAL A 1120 73.77 14.28 1.46
CA VAL A 1120 72.53 15.01 1.21
C VAL A 1120 72.58 16.46 1.70
N ASP A 1121 73.68 16.88 2.31
CA ASP A 1121 73.77 18.25 2.82
C ASP A 1121 73.37 19.31 1.80
N PRO A 1122 73.76 19.23 0.52
CA PRO A 1122 73.45 20.34 -0.40
C PRO A 1122 71.97 20.51 -0.71
N ILE A 1123 71.14 19.47 -0.54
CA ILE A 1123 69.72 19.60 -0.88
C ILE A 1123 68.87 20.08 0.29
N LEU A 1124 69.44 20.18 1.49
CA LEU A 1124 68.65 20.42 2.69
C LEU A 1124 67.96 21.78 2.67
N PRO A 1125 68.63 22.86 2.24
CA PRO A 1125 67.94 24.15 2.18
C PRO A 1125 66.68 24.11 1.32
N GLU A 1126 66.76 23.54 0.12
CA GLU A 1126 65.59 23.48 -0.75
C GLU A 1126 64.54 22.52 -0.21
N LEU A 1127 64.98 21.37 0.33
CA LEU A 1127 64.03 20.45 0.94
C LEU A 1127 63.29 21.09 2.10
N LEU A 1128 63.91 22.07 2.76
CA LEU A 1128 63.22 22.78 3.84
C LEU A 1128 62.03 23.55 3.31
N GLN A 1129 62.18 24.19 2.14
CA GLN A 1129 61.08 24.93 1.54
C GLN A 1129 59.97 24.02 1.05
N VAL A 1130 60.30 22.82 0.59
CA VAL A 1130 59.28 21.89 0.12
C VAL A 1130 58.38 21.48 1.28
N ALA A 1131 58.96 21.25 2.46
CA ALA A 1131 58.17 20.82 3.61
C ALA A 1131 57.28 21.95 4.12
N ALA A 1132 57.76 23.20 4.06
CA ALA A 1132 56.97 24.32 4.51
C ALA A 1132 55.63 24.42 3.79
N ALA A 1133 55.52 23.84 2.60
CA ALA A 1133 54.29 23.92 1.81
C ALA A 1133 53.21 22.95 2.29
N CYS A 1134 53.58 21.91 3.03
CA CYS A 1134 52.61 20.90 3.43
C CYS A 1134 51.79 21.38 4.63
N SER A 1135 50.56 20.88 4.72
CA SER A 1135 49.66 21.19 5.82
C SER A 1135 49.75 20.06 6.84
N ILE A 1136 50.15 20.38 8.06
CA ILE A 1136 50.43 19.39 9.09
C ILE A 1136 49.30 19.42 10.12
N GLN A 1137 48.90 18.23 10.55
CA GLN A 1137 47.91 18.07 11.60
C GLN A 1137 48.42 17.06 12.62
N ASP A 1138 47.82 17.09 13.81
CA ASP A 1138 48.21 16.15 14.84
C ASP A 1138 47.90 14.72 14.38
N PRO A 1139 48.75 13.75 14.71
CA PRO A 1139 48.45 12.37 14.30
C PRO A 1139 47.25 11.82 15.05
N GLN A 1140 46.45 11.02 14.33
CA GLN A 1140 45.36 10.28 14.96
C GLN A 1140 45.89 9.08 15.74
N ILE A 1141 47.00 8.51 15.30
CA ILE A 1141 47.66 7.43 16.02
C ILE A 1141 49.13 7.81 16.21
N PRO A 1142 49.79 7.26 17.23
CA PRO A 1142 51.18 7.63 17.49
C PRO A 1142 52.10 7.22 16.35
N VAL A 1143 53.15 8.01 16.15
CA VAL A 1143 54.14 7.78 15.10
C VAL A 1143 55.46 7.40 15.75
N ILE A 1144 55.92 6.17 15.50
CA ILE A 1144 57.24 5.73 15.93
C ILE A 1144 58.24 6.21 14.89
N SER A 1145 59.02 7.23 15.24
CA SER A 1145 59.86 7.92 14.27
C SER A 1145 61.31 7.50 14.45
N PRO A 1146 61.88 6.70 13.54
CA PRO A 1146 63.34 6.48 13.60
C PRO A 1146 64.15 7.75 13.41
N ALA A 1147 63.57 8.76 12.76
CA ALA A 1147 64.29 10.01 12.56
C ALA A 1147 64.66 10.64 13.90
N TYR A 1148 63.75 10.60 14.87
CA TYR A 1148 63.99 11.16 16.19
C TYR A 1148 64.20 10.11 17.27
N GLY A 1149 64.14 8.83 16.92
CA GLY A 1149 64.28 7.77 17.92
C GLY A 1149 63.29 7.91 19.06
N LYS A 1150 62.05 8.24 18.74
CA LYS A 1150 61.07 8.66 19.74
C LYS A 1150 59.68 8.45 19.18
N VAL A 1151 58.71 8.30 20.08
CA VAL A 1151 57.31 8.22 19.71
C VAL A 1151 56.75 9.64 19.65
N ILE A 1152 56.27 10.03 18.47
CA ILE A 1152 55.76 11.37 18.24
C ILE A 1152 54.24 11.34 18.24
N ARG A 1153 53.62 12.33 18.88
CA ARG A 1153 52.16 12.41 18.97
C ARG A 1153 51.61 13.80 18.67
N SER A 1154 52.47 14.79 18.43
CA SER A 1154 52.03 16.17 18.23
C SER A 1154 52.59 16.71 16.93
N ALA A 1155 51.80 17.57 16.29
CA ALA A 1155 52.24 18.22 15.05
C ALA A 1155 53.41 19.14 15.28
N LYS A 1156 53.66 19.57 16.52
CA LYS A 1156 54.80 20.42 16.81
C LYS A 1156 56.11 19.76 16.40
N ASP A 1157 56.13 18.43 16.36
CA ASP A 1157 57.34 17.69 16.00
C ASP A 1157 57.49 17.46 14.50
N PHE A 1158 56.43 17.66 13.72
CA PHE A 1158 56.47 17.46 12.27
C PHE A 1158 56.60 18.77 11.51
N GLN A 1159 57.39 19.71 12.02
CA GLN A 1159 57.66 20.95 11.32
C GLN A 1159 58.62 20.67 10.17
N PRO A 1160 58.81 21.63 9.26
CA PRO A 1160 59.74 21.40 8.14
C PRO A 1160 61.11 20.88 8.57
N GLU A 1161 61.61 21.32 9.73
CA GLU A 1161 62.89 20.81 10.22
C GLU A 1161 62.88 19.30 10.32
N TYR A 1162 61.72 18.71 10.57
CA TYR A 1162 61.63 17.26 10.70
C TYR A 1162 62.10 16.56 9.43
N PHE A 1163 61.68 17.05 8.27
CA PHE A 1163 61.91 16.33 7.03
C PHE A 1163 63.35 16.46 6.55
N THR A 1164 63.99 17.62 6.76
CA THR A 1164 65.42 17.72 6.49
C THR A 1164 66.21 16.87 7.48
N HIS A 1165 65.79 16.87 8.74
CA HIS A 1165 66.44 16.04 9.75
C HIS A 1165 66.29 14.56 9.41
N HIS A 1166 65.08 14.15 9.02
CA HIS A 1166 64.85 12.75 8.65
C HIS A 1166 65.74 12.33 7.50
N CYS A 1167 65.98 13.23 6.55
CA CYS A 1167 66.76 12.89 5.36
C CYS A 1167 68.24 12.82 5.68
N ARG A 1168 68.75 13.76 6.48
CA ARG A 1168 70.16 13.83 6.80
C ARG A 1168 70.56 12.96 7.97
N SER A 1169 69.68 12.80 8.96
CA SER A 1169 70.02 12.09 10.18
C SER A 1169 69.90 10.58 10.00
N SER A 1170 70.45 9.85 10.97
CA SER A 1170 70.44 8.41 10.94
C SER A 1170 69.03 7.87 11.17
N VAL A 1171 68.82 6.62 10.75
CA VAL A 1171 67.55 5.92 10.94
C VAL A 1171 67.67 5.11 12.22
N ASN A 1172 67.19 5.67 13.33
CA ASN A 1172 67.33 5.03 14.65
C ASN A 1172 66.09 4.20 14.94
N MET A 1173 66.04 3.01 14.34
CA MET A 1173 64.95 2.08 14.64
C MET A 1173 64.99 1.63 16.10
N VAL A 1174 66.17 1.25 16.58
CA VAL A 1174 66.29 0.72 17.93
C VAL A 1174 65.80 1.73 18.96
N ASP A 1175 66.29 2.96 18.87
CA ASP A 1175 65.91 3.97 19.85
C ASP A 1175 64.43 4.29 19.76
N ALA A 1176 63.85 4.23 18.57
CA ALA A 1176 62.42 4.48 18.41
C ALA A 1176 61.61 3.31 18.95
N LEU A 1177 62.01 2.08 18.60
CA LEU A 1177 61.29 0.91 19.10
C LEU A 1177 61.42 0.80 20.61
N GLN A 1178 62.65 0.88 21.13
CA GLN A 1178 62.83 0.83 22.58
C GLN A 1178 62.05 1.93 23.28
N SER A 1179 61.90 3.09 22.63
CA SER A 1179 61.05 4.14 23.17
C SER A 1179 59.58 3.73 23.17
N ALA A 1180 59.19 2.90 22.20
CA ALA A 1180 57.79 2.49 22.10
C ALA A 1180 57.43 1.44 23.14
N VAL A 1181 58.30 0.45 23.35
CA VAL A 1181 57.97 -0.62 24.30
C VAL A 1181 57.90 -0.08 25.71
N GLU A 1182 58.79 0.85 26.06
CA GLU A 1182 58.80 1.42 27.41
C GLU A 1182 57.52 2.21 27.70
N GLU A 1183 56.83 2.68 26.67
CA GLU A 1183 55.54 3.34 26.86
C GLU A 1183 54.38 2.36 26.86
N GLY A 1184 54.64 1.07 26.67
CA GLY A 1184 53.59 0.08 26.51
C GLY A 1184 52.90 0.11 25.17
N LEU A 1185 53.36 0.95 24.24
CA LEU A 1185 52.74 1.01 22.91
C LEU A 1185 52.96 -0.29 22.15
N LEU A 1186 54.04 -1.01 22.44
CA LEU A 1186 54.38 -2.26 21.78
C LEU A 1186 54.61 -3.35 22.81
N ASP A 1187 54.18 -4.56 22.50
CA ASP A 1187 54.42 -5.72 23.33
C ASP A 1187 54.18 -6.97 22.49
N LYS A 1188 54.49 -8.12 23.07
CA LYS A 1188 54.45 -9.37 22.32
C LYS A 1188 53.05 -9.68 21.78
N ASN A 1189 52.01 -9.12 22.40
CA ASN A 1189 50.64 -9.42 21.99
C ASN A 1189 50.17 -8.58 20.81
N VAL A 1190 50.93 -7.56 20.42
CA VAL A 1190 50.57 -6.75 19.26
C VAL A 1190 50.96 -7.51 17.99
N ILE A 1191 50.19 -7.30 16.92
CA ILE A 1191 50.46 -7.91 15.63
C ILE A 1191 51.14 -6.88 14.74
N GLY A 1192 52.25 -7.29 14.12
CA GLY A 1192 52.97 -6.44 13.18
C GLY A 1192 52.62 -6.81 11.76
N LEU A 1193 52.28 -5.80 10.96
CA LEU A 1193 51.91 -6.00 9.57
C LEU A 1193 52.78 -5.10 8.70
N GLU A 1194 53.48 -5.70 7.74
CA GLU A 1194 54.41 -4.97 6.90
C GLU A 1194 53.67 -4.39 5.71
N ILE A 1195 53.69 -3.07 5.59
CA ILE A 1195 53.13 -2.38 4.44
C ILE A 1195 54.27 -2.05 3.49
N GLY A 1196 54.74 -3.06 2.76
CA GLY A 1196 55.85 -2.89 1.86
C GLY A 1196 56.09 -4.14 1.03
N PRO A 1197 57.16 -4.14 0.24
CA PRO A 1197 57.42 -5.27 -0.66
C PRO A 1197 58.06 -6.49 0.00
N GLY A 1198 58.28 -6.47 1.31
CA GLY A 1198 58.88 -7.62 1.98
C GLY A 1198 58.96 -7.46 3.48
N PRO A 1199 58.97 -8.57 4.21
CA PRO A 1199 59.01 -8.50 5.68
C PRO A 1199 60.39 -8.12 6.21
N VAL A 1200 60.72 -6.84 6.13
CA VAL A 1200 62.02 -6.35 6.56
C VAL A 1200 61.86 -5.65 7.91
N VAL A 1201 61.07 -4.58 7.93
CA VAL A 1201 60.94 -3.77 9.15
C VAL A 1201 60.30 -4.57 10.27
N THR A 1202 59.40 -5.50 9.94
CA THR A 1202 58.80 -6.33 10.97
C THR A 1202 59.86 -7.10 11.76
N GLN A 1203 60.93 -7.52 11.07
CA GLN A 1203 62.00 -8.24 11.76
C GLN A 1203 62.70 -7.35 12.78
N PHE A 1204 62.82 -6.05 12.49
CA PHE A 1204 63.38 -5.13 13.48
C PHE A 1204 62.44 -4.97 14.67
N VAL A 1205 61.14 -4.85 14.41
CA VAL A 1205 60.17 -4.76 15.49
C VAL A 1205 60.18 -6.04 16.32
N LYS A 1206 60.19 -7.19 15.64
CA LYS A 1206 60.18 -8.47 16.34
C LYS A 1206 61.35 -8.58 17.31
N GLU A 1207 62.55 -8.18 16.87
CA GLU A 1207 63.71 -8.24 17.75
C GLU A 1207 63.55 -7.32 18.96
N ALA A 1208 62.75 -6.26 18.83
CA ALA A 1208 62.67 -5.25 19.88
C ALA A 1208 61.67 -5.65 20.96
N VAL A 1209 60.56 -6.28 20.59
CA VAL A 1209 59.50 -6.56 21.56
C VAL A 1209 59.64 -7.96 22.14
N GLY A 1210 59.96 -8.94 21.30
CA GLY A 1210 60.04 -10.32 21.76
C GLY A 1210 60.03 -11.27 20.60
N THR A 1211 60.52 -12.48 20.85
CA THR A 1211 60.67 -13.48 19.81
C THR A 1211 59.34 -14.13 19.43
N THR A 1212 58.34 -14.08 20.31
CA THR A 1212 57.05 -14.72 20.07
C THR A 1212 56.03 -13.78 19.42
N MET A 1213 56.45 -12.60 18.97
CA MET A 1213 55.52 -11.69 18.33
C MET A 1213 55.10 -12.23 16.96
N GLN A 1214 53.82 -12.08 16.65
CA GLN A 1214 53.30 -12.48 15.35
C GLN A 1214 53.50 -11.33 14.36
N THR A 1215 54.17 -11.63 13.25
CA THR A 1215 54.42 -10.66 12.20
C THR A 1215 54.03 -11.25 10.86
N PHE A 1216 53.47 -10.41 9.99
CA PHE A 1216 52.97 -10.84 8.69
C PHE A 1216 53.42 -9.88 7.61
N ALA A 1217 53.61 -10.42 6.41
CA ALA A 1217 53.94 -9.65 5.23
C ALA A 1217 52.72 -9.54 4.32
N SER A 1218 52.66 -8.46 3.55
CA SER A 1218 51.62 -8.28 2.55
C SER A 1218 52.07 -8.85 1.21
N ILE A 1219 53.18 -8.35 0.69
CA ILE A 1219 53.75 -8.77 -0.59
C ILE A 1219 55.12 -9.37 -0.35
N ASN A 1220 55.50 -10.30 -1.22
CA ASN A 1220 56.81 -10.94 -1.16
C ASN A 1220 57.09 -11.55 -2.53
N LYS A 1221 58.26 -11.22 -3.09
CA LYS A 1221 58.54 -11.61 -4.47
C LYS A 1221 58.64 -13.13 -4.64
N ASP A 1222 58.80 -13.88 -3.56
CA ASP A 1222 58.94 -15.33 -3.66
C ASP A 1222 57.61 -16.07 -3.56
N LYS A 1223 56.59 -15.49 -2.95
CA LYS A 1223 55.31 -16.16 -2.73
C LYS A 1223 54.17 -15.39 -3.37
N ASP A 1224 53.01 -16.05 -3.46
N ASP A 1224 53.02 -16.04 -3.46
CA ASP A 1224 51.83 -15.43 -4.03
CA ASP A 1224 51.83 -15.42 -4.05
C ASP A 1224 51.23 -14.43 -3.06
C ASP A 1224 51.23 -14.43 -3.07
N THR A 1225 50.74 -13.32 -3.60
CA THR A 1225 50.18 -12.26 -2.75
C THR A 1225 49.03 -12.78 -1.90
N TRP A 1226 48.11 -13.54 -2.51
CA TRP A 1226 46.92 -13.97 -1.78
C TRP A 1226 47.24 -15.00 -0.70
N GLN A 1227 48.26 -15.83 -0.89
CA GLN A 1227 48.67 -16.72 0.19
C GLN A 1227 48.97 -15.92 1.46
N LEU A 1228 49.83 -14.90 1.33
CA LEU A 1228 50.16 -14.07 2.47
C LEU A 1228 48.92 -13.36 3.00
N MET A 1229 48.11 -12.82 2.10
CA MET A 1229 46.92 -12.09 2.51
C MET A 1229 45.94 -13.01 3.23
N THR A 1230 45.69 -14.19 2.68
CA THR A 1230 44.77 -15.13 3.31
C THR A 1230 45.34 -15.70 4.60
N GLN A 1231 46.65 -15.93 4.64
CA GLN A 1231 47.27 -16.47 5.85
C GLN A 1231 47.25 -15.47 7.00
N ALA A 1232 47.34 -14.17 6.69
CA ALA A 1232 47.28 -13.16 7.74
C ALA A 1232 45.88 -12.97 8.27
N LEU A 1233 44.88 -12.92 7.37
CA LEU A 1233 43.51 -12.72 7.80
C LEU A 1233 43.03 -13.88 8.67
N ALA A 1234 43.49 -15.09 8.39
CA ALA A 1234 43.16 -16.23 9.25
C ALA A 1234 43.58 -15.95 10.68
N LYS A 1235 44.79 -15.43 10.88
CA LYS A 1235 45.28 -15.17 12.23
C LYS A 1235 44.59 -13.95 12.83
N PHE A 1236 44.30 -12.93 12.03
CA PHE A 1236 43.52 -11.80 12.52
C PHE A 1236 42.15 -12.28 13.00
N TYR A 1237 41.54 -13.19 12.25
CA TYR A 1237 40.22 -13.70 12.61
C TYR A 1237 40.27 -14.50 13.90
N LEU A 1238 41.22 -15.45 14.00
CA LEU A 1238 41.38 -16.21 15.24
C LEU A 1238 41.70 -15.29 16.41
N ALA A 1239 42.40 -14.18 16.16
CA ALA A 1239 42.71 -13.25 17.23
C ALA A 1239 41.52 -12.41 17.64
N GLY A 1240 40.42 -12.45 16.89
CA GLY A 1240 39.21 -11.74 17.24
C GLY A 1240 38.92 -10.51 16.41
N ALA A 1241 39.61 -10.32 15.29
CA ALA A 1241 39.38 -9.15 14.47
C ALA A 1241 38.03 -9.24 13.77
N SER A 1242 37.42 -8.08 13.54
CA SER A 1242 36.18 -7.98 12.77
C SER A 1242 36.59 -7.61 11.35
N VAL A 1243 36.81 -8.64 10.53
CA VAL A 1243 37.24 -8.44 9.16
C VAL A 1243 36.04 -8.03 8.31
N GLU A 1244 36.29 -7.12 7.36
CA GLU A 1244 35.26 -6.71 6.40
C GLU A 1244 35.23 -7.75 5.29
N TRP A 1245 34.65 -8.91 5.60
CA TRP A 1245 34.66 -10.04 4.67
C TRP A 1245 33.95 -9.71 3.36
N SER A 1246 32.89 -8.90 3.40
CA SER A 1246 32.19 -8.56 2.16
C SER A 1246 33.11 -7.84 1.18
N ARG A 1247 33.94 -6.93 1.68
CA ARG A 1247 34.86 -6.22 0.79
C ARG A 1247 35.95 -7.15 0.28
N TYR A 1248 36.31 -8.18 1.05
CA TYR A 1248 37.35 -9.12 0.63
C TYR A 1248 36.93 -9.87 -0.64
N HIS A 1249 35.63 -10.16 -0.79
CA HIS A 1249 35.12 -10.88 -1.95
C HIS A 1249 34.47 -9.96 -2.98
N GLU A 1250 34.45 -8.65 -2.76
CA GLU A 1250 33.63 -7.77 -3.58
C GLU A 1250 34.05 -7.80 -5.05
N ASP A 1251 35.36 -7.80 -5.32
CA ASP A 1251 35.85 -7.78 -6.69
C ASP A 1251 35.90 -9.17 -7.34
N PHE A 1252 35.15 -10.14 -6.82
CA PHE A 1252 35.18 -11.51 -7.33
C PHE A 1252 33.75 -12.06 -7.36
N PRO A 1253 32.97 -11.69 -8.37
CA PRO A 1253 31.58 -12.15 -8.42
C PRO A 1253 31.46 -13.67 -8.52
N GLY A 1254 32.48 -14.34 -9.05
CA GLY A 1254 32.39 -15.79 -9.21
C GLY A 1254 32.24 -16.53 -7.90
N ALA A 1255 32.71 -15.94 -6.81
CA ALA A 1255 32.60 -16.56 -5.50
C ALA A 1255 31.33 -16.17 -4.76
N GLN A 1256 30.57 -15.21 -5.29
CA GLN A 1256 29.41 -14.66 -4.57
C GLN A 1256 28.19 -15.53 -4.86
N LYS A 1257 28.11 -16.64 -4.15
CA LYS A 1257 26.94 -17.51 -4.20
C LYS A 1257 26.76 -18.15 -2.83
N VAL A 1258 25.56 -18.03 -2.28
CA VAL A 1258 25.27 -18.58 -0.96
C VAL A 1258 25.00 -20.08 -1.11
N LEU A 1259 25.80 -20.89 -0.42
CA LEU A 1259 25.63 -22.34 -0.45
C LEU A 1259 24.77 -22.78 0.72
N GLU A 1260 24.10 -23.91 0.55
CA GLU A 1260 23.33 -24.52 1.62
C GLU A 1260 24.29 -25.30 2.52
N LEU A 1261 24.58 -24.77 3.69
CA LEU A 1261 25.51 -25.38 4.61
C LEU A 1261 24.76 -25.98 5.80
N PRO A 1262 25.41 -26.85 6.58
CA PRO A 1262 24.76 -27.40 7.77
C PRO A 1262 24.34 -26.30 8.72
N ALA A 1263 23.24 -26.55 9.42
CA ALA A 1263 22.78 -25.59 10.41
C ALA A 1263 23.75 -25.54 11.60
N TYR A 1264 23.64 -24.46 12.37
CA TYR A 1264 24.46 -24.31 13.56
C TYR A 1264 24.30 -25.52 14.48
N GLY A 1265 25.43 -26.02 15.00
CA GLY A 1265 25.41 -27.15 15.89
C GLY A 1265 25.00 -26.78 17.30
N TRP A 1266 23.71 -26.57 17.51
CA TRP A 1266 23.20 -26.13 18.79
C TRP A 1266 23.68 -27.04 19.92
N ALA A 1267 24.00 -26.43 21.06
CA ALA A 1267 24.28 -27.17 22.29
C ALA A 1267 22.95 -27.30 23.02
N LEU A 1268 22.25 -28.41 22.79
CA LEU A 1268 20.87 -28.57 23.22
C LEU A 1268 20.78 -29.22 24.58
N LYS A 1269 19.87 -28.72 25.41
CA LYS A 1269 19.46 -29.37 26.64
C LYS A 1269 17.95 -29.25 26.76
N ASN A 1270 17.35 -30.18 27.49
CA ASN A 1270 15.90 -30.24 27.62
C ASN A 1270 15.44 -29.35 28.77
N TYR A 1271 14.63 -28.34 28.44
CA TYR A 1271 14.07 -27.41 29.42
C TYR A 1271 12.55 -27.59 29.38
N TRP A 1272 12.00 -28.21 30.41
CA TRP A 1272 10.62 -28.64 30.39
C TRP A 1272 10.02 -28.51 31.79
N LEU A 1273 8.75 -28.14 31.85
CA LEU A 1273 8.00 -28.07 33.11
C LEU A 1273 6.87 -29.09 33.01
N GLN A 1274 7.10 -30.28 33.54
CA GLN A 1274 6.18 -31.39 33.35
C GLN A 1274 4.83 -31.12 34.00
N TYR A 1275 3.77 -31.36 33.25
CA TYR A 1275 2.42 -31.34 33.80
C TYR A 1275 2.20 -32.60 34.62
N VAL A 1276 1.84 -32.44 35.89
CA VAL A 1276 1.76 -33.55 36.82
C VAL A 1276 0.43 -33.50 37.58
N ASN A 1277 0.11 -34.62 38.22
CA ASN A 1277 -1.01 -34.76 39.13
C ASN A 1277 -2.38 -34.60 38.46
N ASP A 1278 -2.43 -34.53 37.13
CA ASP A 1278 -3.68 -34.55 36.38
C ASP A 1278 -4.69 -33.53 36.94
N TRP A 1279 -4.18 -32.38 37.38
CA TRP A 1279 -5.04 -31.40 38.02
C TRP A 1279 -6.03 -30.76 37.05
N SER A 1280 -5.75 -30.82 35.75
CA SER A 1280 -6.67 -30.21 34.80
C SER A 1280 -8.03 -30.91 34.82
N LEU A 1281 -8.06 -32.19 35.17
CA LEU A 1281 -9.31 -32.93 35.25
C LEU A 1281 -10.14 -32.57 36.48
N ARG A 1282 -9.61 -31.74 37.37
CA ARG A 1282 -10.31 -31.38 38.61
C ARG A 1282 -10.59 -29.88 38.71
N LYS A 1283 -10.41 -29.13 37.62
CA LYS A 1283 -10.67 -27.70 37.64
C LYS A 1283 -12.07 -27.41 38.16
N GLY A 1284 -12.15 -26.54 39.17
CA GLY A 1284 -13.41 -26.19 39.79
C GLY A 1284 -13.78 -27.01 41.00
N ASP A 1285 -13.14 -28.16 41.21
CA ASP A 1285 -13.43 -28.97 42.38
C ASP A 1285 -12.65 -28.45 43.58
N PRO A 1286 -13.15 -28.67 44.80
CA PRO A 1286 -12.41 -28.24 45.99
C PRO A 1286 -11.31 -29.23 46.36
N ALA A 1287 -10.46 -28.80 47.29
CA ALA A 1287 -9.40 -29.65 47.82
C ALA A 1287 -10.01 -30.81 48.59
N VAL A 1288 -9.96 -32.01 48.01
CA VAL A 1288 -10.54 -33.20 48.61
C VAL A 1288 -9.74 -34.43 48.22
N ALA B 5 6.04 38.25 -28.20
CA ALA B 5 7.33 37.72 -28.62
C ALA B 5 8.30 37.65 -27.44
N GLN B 6 7.91 36.89 -26.42
CA GLN B 6 8.69 36.73 -25.21
C GLN B 6 9.35 35.36 -25.19
N MET B 7 10.57 35.29 -24.65
CA MET B 7 11.31 34.04 -24.51
C MET B 7 11.54 33.77 -23.04
N ARG B 8 10.95 32.69 -22.54
CA ARG B 8 11.17 32.30 -21.15
C ARG B 8 12.48 31.54 -21.04
N VAL B 9 13.28 31.88 -20.03
CA VAL B 9 14.54 31.21 -19.74
C VAL B 9 14.37 30.35 -18.50
N VAL B 10 14.75 29.09 -18.60
CA VAL B 10 14.67 28.14 -17.49
C VAL B 10 16.07 28.06 -16.90
N ALA B 11 16.25 28.64 -15.72
CA ALA B 11 17.55 28.77 -15.09
C ALA B 11 17.61 27.88 -13.86
N PHE B 12 18.57 26.96 -13.84
CA PHE B 12 18.81 26.10 -12.69
C PHE B 12 20.04 26.60 -11.93
N GLY B 13 20.02 26.41 -10.62
CA GLY B 13 21.06 26.91 -9.75
C GLY B 13 22.11 25.88 -9.42
N ASP B 14 22.89 26.16 -8.39
CA ASP B 14 23.96 25.28 -7.95
C ASP B 14 23.77 24.92 -6.47
N GLN B 15 24.81 24.40 -5.83
CA GLN B 15 24.70 23.97 -4.44
C GLN B 15 24.40 25.13 -3.49
N THR B 16 24.65 26.37 -3.90
CA THR B 16 24.45 27.50 -3.01
C THR B 16 22.99 27.67 -2.62
N TYR B 17 22.06 27.14 -3.40
CA TYR B 17 20.64 27.25 -3.08
C TYR B 17 20.23 26.16 -2.11
N ASP B 18 19.58 26.54 -1.02
CA ASP B 18 19.10 25.60 -0.01
C ASP B 18 17.82 24.96 -0.51
N CYS B 19 17.94 23.76 -1.09
CA CYS B 19 16.80 23.03 -1.62
C CYS B 19 16.07 22.22 -0.56
N SER B 20 16.44 22.36 0.71
CA SER B 20 15.82 21.55 1.76
C SER B 20 14.30 21.69 1.75
N GLU B 21 13.80 22.93 1.81
CA GLU B 21 12.36 23.13 1.82
C GLU B 21 11.72 22.59 0.55
N ALA B 22 12.37 22.80 -0.60
CA ALA B 22 11.79 22.31 -1.85
C ALA B 22 11.67 20.80 -1.84
N VAL B 23 12.69 20.10 -1.33
CA VAL B 23 12.61 18.65 -1.22
C VAL B 23 11.47 18.24 -0.29
N SER B 24 11.37 18.91 0.85
CA SER B 24 10.30 18.60 1.80
C SER B 24 8.93 18.76 1.14
N GLN B 25 8.77 19.81 0.33
CA GLN B 25 7.48 20.02 -0.35
C GLN B 25 7.19 18.90 -1.33
N LEU B 26 8.19 18.49 -2.12
CA LEU B 26 7.96 17.45 -3.12
C LEU B 26 7.60 16.13 -2.47
N LEU B 27 8.14 15.85 -1.28
CA LEU B 27 7.81 14.61 -0.59
C LEU B 27 6.37 14.58 -0.07
N ARG B 28 5.73 15.74 0.06
N ARG B 28 5.74 15.76 0.05
CA ARG B 28 4.34 15.79 0.48
CA ARG B 28 4.36 15.88 0.48
C ARG B 28 3.39 15.98 -0.69
C ARG B 28 3.38 15.94 -0.68
N VAL B 29 3.84 15.72 -1.91
CA VAL B 29 2.99 15.82 -3.09
C VAL B 29 2.24 14.49 -3.26
N ARG B 30 0.92 14.56 -3.32
CA ARG B 30 0.09 13.42 -3.68
C ARG B 30 -0.73 13.63 -4.95
N ASP B 31 -1.01 14.88 -5.33
CA ASP B 31 -1.93 15.17 -6.42
C ASP B 31 -1.30 14.99 -7.80
N ASP B 32 0.01 14.78 -7.90
CA ASP B 32 0.68 14.64 -9.18
C ASP B 32 1.24 13.23 -9.28
N ALA B 33 0.71 12.46 -10.24
CA ALA B 33 1.07 11.04 -10.34
C ALA B 33 2.51 10.87 -10.85
N ILE B 34 2.94 11.72 -11.77
CA ILE B 34 4.28 11.55 -12.33
C ILE B 34 5.36 12.00 -11.36
N VAL B 35 5.04 12.88 -10.42
CA VAL B 35 6.02 13.32 -9.43
C VAL B 35 6.31 12.19 -8.45
N VAL B 36 5.27 11.62 -7.84
CA VAL B 36 5.47 10.59 -6.83
C VAL B 36 6.26 9.42 -7.40
N ASP B 37 6.03 9.09 -8.68
CA ASP B 37 6.79 8.03 -9.32
C ASP B 37 8.28 8.38 -9.39
N PHE B 38 8.59 9.60 -9.79
CA PHE B 38 9.98 10.03 -9.86
C PHE B 38 10.65 9.97 -8.48
N LEU B 39 9.91 10.32 -7.43
CA LEU B 39 10.49 10.34 -6.09
C LEU B 39 10.60 8.95 -5.48
N GLU B 40 9.91 7.95 -6.03
CA GLU B 40 10.12 6.58 -5.59
C GLU B 40 11.31 5.95 -6.30
N ARG B 41 11.53 6.29 -7.57
CA ARG B 41 12.59 5.68 -8.35
C ARG B 41 13.93 6.42 -8.22
N ALA B 42 13.89 7.72 -7.94
CA ALA B 42 15.13 8.47 -7.76
C ALA B 42 15.98 7.91 -6.63
N PRO B 43 15.46 7.71 -5.42
CA PRO B 43 16.28 7.06 -4.38
C PRO B 43 16.83 5.71 -4.81
N ALA B 44 16.02 4.90 -5.51
CA ALA B 44 16.51 3.62 -6.00
C ALA B 44 17.73 3.80 -6.91
N VAL B 45 17.68 4.80 -7.81
CA VAL B 45 18.82 5.08 -8.66
C VAL B 45 19.99 5.60 -7.82
N LEU B 46 19.72 6.57 -6.94
CA LEU B 46 20.75 7.08 -6.05
C LEU B 46 21.40 5.95 -5.26
N LYS B 47 20.59 5.15 -4.59
CA LYS B 47 21.11 4.06 -3.76
C LYS B 47 21.97 3.12 -4.58
N ALA B 48 21.65 2.94 -5.87
CA ALA B 48 22.39 1.99 -6.69
C ALA B 48 23.80 2.48 -6.98
N GLU B 49 23.96 3.78 -7.28
CA GLU B 49 25.29 4.32 -7.56
C GLU B 49 26.11 4.45 -6.29
N LEU B 50 25.49 4.78 -5.16
CA LEU B 50 26.21 4.84 -3.90
C LEU B 50 26.84 3.49 -3.56
N ALA B 51 26.24 2.40 -4.05
CA ALA B 51 26.80 1.07 -3.85
C ALA B 51 28.05 0.83 -4.70
N ARG B 52 28.33 1.69 -5.67
CA ARG B 52 29.51 1.54 -6.52
C ARG B 52 30.65 2.47 -6.11
N LEU B 53 30.47 3.29 -5.08
CA LEU B 53 31.54 4.12 -4.58
C LEU B 53 32.57 3.28 -3.84
N SER B 54 33.67 3.92 -3.44
CA SER B 54 34.69 3.24 -2.67
C SER B 54 34.21 3.01 -1.25
N SER B 55 34.89 2.09 -0.56
CA SER B 55 34.52 1.78 0.82
C SER B 55 34.66 3.02 1.72
N GLU B 56 35.69 3.83 1.47
CA GLU B 56 35.88 5.04 2.27
C GLU B 56 34.67 5.96 2.17
N GLN B 57 34.12 6.10 0.96
CA GLN B 57 32.96 6.97 0.76
C GLN B 57 31.67 6.33 1.23
N GLN B 58 31.54 5.00 1.10
CA GLN B 58 30.34 4.33 1.56
C GLN B 58 30.19 4.44 3.07
N GLU B 59 31.30 4.42 3.81
CA GLU B 59 31.21 4.50 5.26
C GLU B 59 30.73 5.86 5.73
N GLU B 60 31.06 6.93 5.00
CA GLU B 60 30.59 8.27 5.33
C GLU B 60 29.29 8.62 4.61
N THR B 61 28.56 7.62 4.11
CA THR B 61 27.25 7.84 3.51
C THR B 61 26.16 7.32 4.43
N PRO B 62 25.12 8.10 4.71
CA PRO B 62 24.07 7.61 5.62
C PRO B 62 23.18 6.58 4.96
N ARG B 63 22.59 5.72 5.79
CA ARG B 63 21.61 4.76 5.33
C ARG B 63 20.23 5.42 5.31
N PHE B 64 19.44 5.09 4.29
CA PHE B 64 18.16 5.74 4.10
C PHE B 64 17.25 4.82 3.29
N ALA B 65 15.97 4.82 3.64
CA ALA B 65 14.94 4.17 2.84
C ALA B 65 14.23 5.14 1.91
N THR B 66 14.14 6.40 2.28
CA THR B 66 13.53 7.44 1.46
C THR B 66 14.34 8.72 1.61
N LEU B 67 14.07 9.68 0.71
CA LEU B 67 14.80 10.94 0.73
C LEU B 67 14.55 11.74 2.00
N ALA B 68 13.45 11.48 2.71
CA ALA B 68 13.15 12.25 3.91
C ALA B 68 14.27 12.16 4.93
N GLU B 69 14.96 11.03 5.01
CA GLU B 69 16.01 10.84 6.01
C GLU B 69 17.30 11.58 5.67
N LEU B 70 17.44 12.04 4.43
CA LEU B 70 18.62 12.81 4.05
C LEU B 70 18.47 14.30 4.36
N VAL B 71 17.24 14.81 4.34
CA VAL B 71 16.97 16.21 4.57
C VAL B 71 17.61 16.67 5.88
N PRO B 72 17.31 16.04 7.02
CA PRO B 72 17.90 16.52 8.27
C PRO B 72 19.42 16.57 8.24
N ARG B 73 20.07 15.55 7.66
CA ARG B 73 21.53 15.58 7.57
C ARG B 73 21.99 16.65 6.58
N TYR B 74 21.21 16.89 5.53
CA TYR B 74 21.51 17.99 4.61
C TYR B 74 21.47 19.32 5.34
N ARG B 75 20.40 19.57 6.10
CA ARG B 75 20.29 20.82 6.85
C ARG B 75 21.42 20.95 7.87
N ALA B 76 21.80 19.84 8.51
CA ALA B 76 22.83 19.88 9.55
C ALA B 76 24.22 20.14 8.97
N GLY B 77 24.42 19.89 7.68
CA GLY B 77 25.73 20.00 7.09
C GLY B 77 26.58 18.75 7.17
N THR B 78 25.99 17.61 7.55
CA THR B 78 26.71 16.35 7.67
C THR B 78 26.45 15.42 6.48
N LEU B 79 26.10 15.98 5.33
CA LEU B 79 25.84 15.21 4.13
C LEU B 79 26.99 15.42 3.15
N ASN B 80 27.58 14.32 2.69
CA ASN B 80 28.80 14.38 1.91
C ASN B 80 28.52 14.95 0.52
N PRO B 81 29.57 15.35 -0.21
CA PRO B 81 29.36 16.00 -1.51
C PRO B 81 28.63 15.11 -2.52
N ALA B 82 28.75 13.80 -2.40
CA ALA B 82 28.14 12.91 -3.38
C ALA B 82 26.62 12.94 -3.30
N VAL B 83 26.06 12.95 -2.09
CA VAL B 83 24.61 12.94 -1.93
C VAL B 83 24.04 14.33 -2.10
N SER B 84 24.68 15.34 -1.50
CA SER B 84 24.16 16.70 -1.60
C SER B 84 24.09 17.17 -3.05
N GLN B 85 24.96 16.64 -3.91
CA GLN B 85 24.88 16.96 -5.34
C GLN B 85 23.63 16.35 -5.95
N ALA B 86 23.44 15.04 -5.77
CA ALA B 86 22.27 14.37 -6.31
C ALA B 86 20.98 14.93 -5.71
N LEU B 87 21.01 15.33 -4.44
CA LEU B 87 19.81 15.87 -3.81
C LEU B 87 19.39 17.18 -4.45
N THR B 88 20.34 18.08 -4.71
CA THR B 88 20.01 19.30 -5.43
C THR B 88 19.49 19.01 -6.83
N CYS B 89 20.10 18.03 -7.51
CA CYS B 89 19.65 17.67 -8.85
C CYS B 89 18.26 17.07 -8.82
N ILE B 90 17.95 16.29 -7.78
CA ILE B 90 16.61 15.74 -7.64
C ILE B 90 15.60 16.86 -7.38
N ALA B 91 15.95 17.79 -6.48
CA ALA B 91 15.04 18.88 -6.17
C ALA B 91 14.78 19.74 -7.42
N GLN B 92 15.80 19.96 -8.24
CA GLN B 92 15.61 20.74 -9.46
C GLN B 92 14.70 20.01 -10.44
N LEU B 93 15.04 18.76 -10.77
CA LEU B 93 14.21 17.99 -11.69
C LEU B 93 12.80 17.83 -11.16
N GLY B 94 12.65 17.58 -9.86
CA GLY B 94 11.32 17.44 -9.29
C GLY B 94 10.50 18.70 -9.44
N LEU B 95 11.10 19.86 -9.15
CA LEU B 95 10.38 21.12 -9.27
C LEU B 95 9.97 21.38 -10.71
N PHE B 96 10.84 21.08 -11.66
CA PHE B 96 10.50 21.27 -13.07
C PHE B 96 9.34 20.37 -13.47
N ILE B 97 9.39 19.11 -13.06
CA ILE B 97 8.34 18.16 -13.44
C ILE B 97 6.98 18.62 -12.91
N ARG B 98 6.89 18.87 -11.60
CA ARG B 98 5.62 19.31 -11.02
C ARG B 98 5.09 20.54 -11.74
N GLN B 99 5.96 21.47 -12.08
CA GLN B 99 5.55 22.69 -12.75
C GLN B 99 4.96 22.42 -14.12
N HIS B 100 5.30 21.29 -14.74
CA HIS B 100 4.90 20.99 -16.12
C HIS B 100 3.95 19.80 -16.22
N SER B 101 3.45 19.29 -15.10
CA SER B 101 2.38 18.29 -15.12
C SER B 101 1.26 18.71 -14.19
N SER B 102 1.55 18.83 -12.90
CA SER B 102 0.59 19.39 -11.97
C SER B 102 0.36 20.88 -12.24
N GLY B 103 1.44 21.62 -12.54
CA GLY B 103 1.37 23.04 -12.81
C GLY B 103 0.82 23.44 -14.16
N GLN B 104 0.43 22.48 -15.00
CA GLN B 104 -0.25 22.77 -16.26
C GLN B 104 0.56 23.69 -17.17
N GLU B 105 1.89 23.64 -17.05
CA GLU B 105 2.76 24.52 -17.83
C GLU B 105 3.27 23.79 -19.07
N ALA B 106 3.15 24.44 -20.22
CA ALA B 106 3.62 23.85 -21.47
C ALA B 106 5.12 23.60 -21.41
N TYR B 107 5.56 22.56 -22.10
CA TYR B 107 6.97 22.20 -22.08
C TYR B 107 7.76 23.20 -22.94
N PRO B 108 8.99 23.56 -22.53
CA PRO B 108 9.78 24.47 -23.35
C PRO B 108 9.96 23.96 -24.77
N THR B 109 10.18 24.90 -25.69
CA THR B 109 10.43 24.59 -27.10
C THR B 109 11.50 25.53 -27.63
N ALA B 110 12.22 25.08 -28.65
CA ALA B 110 13.30 25.86 -29.23
C ALA B 110 12.83 27.21 -29.76
N HIS B 111 11.54 27.39 -29.99
CA HIS B 111 11.05 28.63 -30.59
C HIS B 111 10.89 29.75 -29.57
N ASP B 112 10.49 29.44 -28.33
CA ASP B 112 10.10 30.48 -27.38
C ASP B 112 10.76 30.31 -26.02
N SER B 113 11.87 29.56 -25.94
CA SER B 113 12.50 29.36 -24.64
C SER B 113 13.90 28.83 -24.84
N CYS B 114 14.72 29.02 -23.80
CA CYS B 114 16.06 28.47 -23.74
C CYS B 114 16.31 27.98 -22.33
N ILE B 115 17.36 27.19 -22.16
CA ILE B 115 17.69 26.60 -20.87
C ILE B 115 19.10 27.00 -20.49
N THR B 116 19.31 27.20 -19.20
CA THR B 116 20.62 27.55 -18.67
C THR B 116 20.78 26.91 -17.29
N GLY B 117 22.03 26.72 -16.90
CA GLY B 117 22.32 26.11 -15.62
C GLY B 117 23.73 26.41 -15.19
N VAL B 118 23.93 26.45 -13.87
CA VAL B 118 25.23 26.75 -13.28
C VAL B 118 25.66 25.54 -12.46
N CYS B 119 26.88 25.06 -12.72
CA CYS B 119 27.42 23.91 -12.01
C CYS B 119 26.42 22.75 -12.07
N THR B 120 25.83 22.40 -10.92
CA THR B 120 24.90 21.28 -10.90
C THR B 120 23.74 21.49 -11.87
N GLY B 121 23.27 22.74 -11.99
CA GLY B 121 22.17 23.03 -12.89
C GLY B 121 22.47 22.70 -14.34
N ALA B 122 23.75 22.75 -14.74
CA ALA B 122 24.10 22.41 -16.12
C ALA B 122 23.73 20.97 -16.45
N LEU B 123 23.83 20.06 -15.48
CA LEU B 123 23.40 18.69 -15.70
C LEU B 123 21.90 18.64 -15.97
N THR B 124 21.10 19.22 -15.07
CA THR B 124 19.65 19.22 -15.24
C THR B 124 19.26 19.83 -16.58
N ALA B 125 19.94 20.90 -16.98
CA ALA B 125 19.61 21.57 -18.24
C ALA B 125 19.71 20.61 -19.42
N VAL B 126 20.72 19.73 -19.41
CA VAL B 126 20.88 18.78 -20.51
C VAL B 126 19.65 17.89 -20.63
N ALA B 127 19.16 17.37 -19.51
CA ALA B 127 18.01 16.49 -19.54
C ALA B 127 16.79 17.20 -20.10
N VAL B 128 16.45 18.37 -19.52
CA VAL B 128 15.29 19.11 -19.98
C VAL B 128 15.41 19.43 -21.47
N GLY B 129 16.58 19.94 -21.88
CA GLY B 129 16.76 20.30 -23.28
C GLY B 129 16.68 19.15 -24.23
N SER B 130 16.87 17.92 -23.74
CA SER B 130 16.85 16.73 -24.59
C SER B 130 15.49 16.04 -24.63
N ALA B 131 14.50 16.55 -23.90
CA ALA B 131 13.17 15.97 -23.88
C ALA B 131 12.16 16.96 -24.43
N SER B 132 11.05 16.43 -24.94
CA SER B 132 9.97 17.25 -25.47
C SER B 132 8.70 17.16 -24.63
N SER B 133 8.69 16.35 -23.60
CA SER B 133 7.53 16.22 -22.73
C SER B 133 7.98 15.70 -21.37
N VAL B 134 7.09 15.82 -20.38
CA VAL B 134 7.43 15.41 -19.02
C VAL B 134 7.66 13.91 -18.97
N THR B 135 6.84 13.13 -19.68
CA THR B 135 7.02 11.68 -19.66
C THR B 135 8.37 11.29 -20.23
N ALA B 136 8.80 11.97 -21.31
CA ALA B 136 10.11 11.69 -21.90
C ALA B 136 11.24 12.16 -21.00
N LEU B 137 10.98 13.14 -20.12
CA LEU B 137 12.04 13.70 -19.27
C LEU B 137 12.46 12.73 -18.18
N VAL B 138 11.54 11.93 -17.66
CA VAL B 138 11.80 11.09 -16.49
C VAL B 138 12.99 10.18 -16.72
N PRO B 139 12.97 9.30 -17.74
CA PRO B 139 14.12 8.40 -17.93
C PRO B 139 15.45 9.14 -18.06
N LEU B 140 15.47 10.27 -18.78
CA LEU B 140 16.68 11.08 -18.85
C LEU B 140 17.00 11.67 -17.47
N ALA B 141 15.99 12.16 -16.77
CA ALA B 141 16.22 12.74 -15.45
C ALA B 141 16.86 11.73 -14.51
N LEU B 142 16.45 10.47 -14.59
CA LEU B 142 16.99 9.46 -13.68
C LEU B 142 18.44 9.14 -14.02
N HIS B 143 18.79 9.10 -15.30
CA HIS B 143 20.20 8.99 -15.67
C HIS B 143 21.00 10.14 -15.10
N THR B 144 20.44 11.36 -15.12
CA THR B 144 21.14 12.53 -14.62
C THR B 144 21.40 12.42 -13.12
N VAL B 145 20.48 11.81 -12.38
CA VAL B 145 20.71 11.62 -10.94
C VAL B 145 21.97 10.82 -10.72
N ALA B 146 22.12 9.70 -11.45
CA ALA B 146 23.32 8.88 -11.33
C ALA B 146 24.57 9.69 -11.68
N VAL B 147 24.46 10.57 -12.68
CA VAL B 147 25.59 11.41 -13.04
C VAL B 147 25.93 12.37 -11.91
N ALA B 148 24.91 12.90 -11.25
CA ALA B 148 25.15 13.87 -10.17
C ALA B 148 25.90 13.22 -9.01
N VAL B 149 25.50 12.01 -8.62
CA VAL B 149 26.18 11.33 -7.52
C VAL B 149 27.60 10.95 -7.93
N ARG B 150 27.77 10.55 -9.20
CA ARG B 150 29.11 10.24 -9.69
C ARG B 150 29.96 11.50 -9.82
N LEU B 151 29.35 12.64 -10.11
CA LEU B 151 30.08 13.89 -10.18
C LEU B 151 30.60 14.29 -8.81
N GLY B 152 29.71 14.38 -7.82
CA GLY B 152 30.12 14.75 -6.48
C GLY B 152 31.10 13.76 -5.87
N ALA B 153 30.95 12.48 -6.17
CA ALA B 153 31.86 11.47 -5.63
C ALA B 153 33.27 11.69 -6.16
N ARG B 154 33.40 12.06 -7.43
CA ARG B 154 34.74 12.27 -7.99
C ARG B 154 35.36 13.56 -7.47
N ALA B 155 34.59 14.64 -7.37
CA ALA B 155 35.09 15.84 -6.73
C ALA B 155 35.43 15.57 -5.27
N TRP B 156 34.62 14.73 -4.61
CA TRP B 156 34.90 14.35 -3.23
C TRP B 156 36.22 13.58 -3.13
N GLU B 157 36.46 12.66 -4.08
CA GLU B 157 37.68 11.87 -4.03
C GLU B 157 38.92 12.76 -4.15
N ILE B 158 38.90 13.70 -5.10
CA ILE B 158 40.04 14.60 -5.27
C ILE B 158 40.21 15.45 -4.02
N GLY B 159 39.11 15.90 -3.43
CA GLY B 159 39.20 16.71 -2.22
C GLY B 159 39.83 15.94 -1.06
N SER B 160 39.38 14.71 -0.84
CA SER B 160 39.94 13.91 0.24
C SER B 160 41.42 13.61 -0.02
N CYS B 161 41.77 13.33 -1.28
CA CYS B 161 43.17 13.08 -1.62
C CYS B 161 44.02 14.33 -1.44
N LEU B 162 43.45 15.50 -1.74
CA LEU B 162 44.19 16.75 -1.59
C LEU B 162 44.33 17.15 -0.13
N ALA B 163 43.22 17.23 0.60
CA ALA B 163 43.22 17.66 1.98
C ALA B 163 42.39 16.70 2.82
N ASP B 164 42.90 16.35 4.00
CA ASP B 164 42.19 15.49 4.93
C ASP B 164 41.21 16.31 5.77
N ALA B 165 40.14 15.65 6.20
CA ALA B 165 39.17 16.30 7.07
C ALA B 165 39.83 16.70 8.39
N ARG B 166 39.39 17.83 8.94
CA ARG B 166 40.02 18.36 10.14
C ARG B 166 39.60 17.54 11.36
N ARG B 167 40.23 17.85 12.50
CA ARG B 167 40.01 17.08 13.71
C ARG B 167 38.71 17.49 14.41
N GLY B 168 38.38 18.77 14.39
CA GLY B 168 37.19 19.27 15.06
C GLY B 168 35.98 19.41 14.15
N ALA B 169 35.93 18.58 13.09
CA ALA B 169 34.82 18.68 12.15
C ALA B 169 33.53 18.13 12.75
N ASN B 170 33.63 17.08 13.55
CA ASN B 170 32.46 16.44 14.16
C ASN B 170 31.44 16.05 13.09
N GLY B 171 31.94 15.52 11.98
CA GLY B 171 31.10 15.08 10.88
C GLY B 171 30.70 16.16 9.90
N ARG B 172 30.76 17.43 10.28
CA ARG B 172 30.35 18.50 9.39
C ARG B 172 31.38 18.67 8.27
N TYR B 173 30.89 18.79 7.04
CA TYR B 173 31.76 18.89 5.87
C TYR B 173 32.15 20.34 5.62
N ALA B 174 33.46 20.59 5.57
CA ALA B 174 33.97 21.95 5.49
C ALA B 174 33.71 22.57 4.12
N SER B 175 33.84 23.89 4.07
CA SER B 175 33.56 24.66 2.86
C SER B 175 34.84 24.82 2.04
N TRP B 176 34.75 24.55 0.74
CA TRP B 176 35.86 24.70 -0.19
C TRP B 176 35.79 25.98 -1.02
N THR B 177 34.70 26.74 -0.94
CA THR B 177 34.49 27.91 -1.78
C THR B 177 33.97 29.06 -0.94
N SER B 178 34.32 30.27 -1.36
CA SER B 178 33.90 31.48 -0.66
C SER B 178 33.70 32.61 -1.66
N ALA B 179 32.73 33.47 -1.37
CA ALA B 179 32.42 34.62 -2.20
C ALA B 179 33.15 35.86 -1.71
N VAL B 180 33.73 36.61 -2.65
CA VAL B 180 34.47 37.82 -2.36
C VAL B 180 33.77 39.01 -3.00
N GLY B 181 33.69 40.12 -2.27
CA GLY B 181 33.07 41.32 -2.76
C GLY B 181 33.94 42.53 -2.52
N GLY B 182 33.72 43.57 -3.33
CA GLY B 182 34.48 44.79 -3.25
C GLY B 182 35.74 44.82 -4.08
N ILE B 183 35.93 43.83 -4.96
CA ILE B 183 37.13 43.75 -5.78
C ILE B 183 36.75 43.06 -7.10
N SER B 184 37.42 43.47 -8.17
CA SER B 184 37.13 42.90 -9.48
C SER B 184 37.75 41.51 -9.60
N PRO B 185 37.17 40.64 -10.42
CA PRO B 185 37.75 39.29 -10.59
C PRO B 185 39.21 39.33 -11.02
N GLN B 186 39.57 40.21 -11.95
CA GLN B 186 40.97 40.30 -12.38
C GLN B 186 41.86 40.78 -11.25
N ASP B 187 41.42 41.81 -10.52
CA ASP B 187 42.20 42.28 -9.38
C ASP B 187 42.35 41.21 -8.31
N LEU B 188 41.28 40.46 -8.04
CA LEU B 188 41.36 39.39 -7.08
C LEU B 188 42.27 38.28 -7.57
N GLN B 189 42.25 38.00 -8.87
CA GLN B 189 43.17 37.00 -9.42
C GLN B 189 44.61 37.40 -9.19
N ASP B 190 44.91 38.70 -9.23
CA ASP B 190 46.27 39.15 -8.96
C ASP B 190 46.63 38.96 -7.48
N ARG B 191 45.69 39.27 -6.59
CA ARG B 191 45.94 39.03 -5.16
C ARG B 191 46.20 37.55 -4.89
N ILE B 192 45.48 36.67 -5.60
CA ILE B 192 45.70 35.24 -5.45
C ILE B 192 47.12 34.87 -5.88
N SER B 193 47.50 35.29 -7.09
CA SER B 193 48.84 34.99 -7.59
C SER B 193 49.91 35.53 -6.64
N ALA B 194 49.71 36.74 -6.11
CA ALA B 194 50.68 37.30 -5.18
C ALA B 194 50.75 36.48 -3.90
N TYR B 195 49.59 36.17 -3.32
CA TYR B 195 49.56 35.31 -2.15
C TYR B 195 50.27 33.99 -2.44
N THR B 196 50.04 33.43 -3.63
CA THR B 196 50.73 32.21 -4.02
C THR B 196 52.24 32.38 -3.99
N ALA B 197 52.75 33.46 -4.59
CA ALA B 197 54.19 33.67 -4.65
C ALA B 197 54.79 33.77 -3.24
N GLU B 198 54.13 34.55 -2.38
CA GLU B 198 54.71 34.86 -1.07
C GLU B 198 54.61 33.67 -0.12
N GLN B 199 53.58 32.83 -0.25
CA GLN B 199 53.39 31.69 0.61
C GLN B 199 54.07 30.45 0.01
N ALA B 200 54.00 29.34 0.75
CA ALA B 200 54.57 28.07 0.32
C ALA B 200 53.43 27.09 0.13
N LEU B 201 53.21 26.68 -1.12
CA LEU B 201 52.11 25.79 -1.45
C LEU B 201 52.51 24.93 -2.64
N ALA B 202 52.11 23.66 -2.60
CA ALA B 202 52.23 22.83 -3.78
C ALA B 202 51.28 23.34 -4.86
N SER B 203 51.68 23.18 -6.12
CA SER B 203 50.93 23.75 -7.22
C SER B 203 49.46 23.34 -7.18
N VAL B 204 49.17 22.11 -6.75
CA VAL B 204 47.79 21.62 -6.75
C VAL B 204 46.99 22.25 -5.62
N SER B 205 47.64 22.60 -4.51
CA SER B 205 46.95 23.10 -3.32
C SER B 205 46.70 24.60 -3.37
N VAL B 206 47.03 25.26 -4.47
CA VAL B 206 46.94 26.71 -4.58
C VAL B 206 45.48 27.14 -4.56
N PRO B 207 45.14 28.33 -4.06
CA PRO B 207 43.79 28.84 -4.29
C PRO B 207 43.61 29.30 -5.73
N TYR B 208 42.36 29.30 -6.17
CA TYR B 208 42.07 29.63 -7.56
C TYR B 208 40.73 30.33 -7.65
N LEU B 209 40.58 31.11 -8.72
CA LEU B 209 39.32 31.81 -9.00
C LEU B 209 38.35 30.81 -9.62
N SER B 210 37.33 30.42 -8.86
CA SER B 210 36.37 29.43 -9.35
C SER B 210 35.21 30.04 -10.10
N ALA B 211 34.91 31.31 -9.90
CA ALA B 211 33.77 31.93 -10.57
C ALA B 211 33.93 33.44 -10.58
N ALA B 212 33.42 34.05 -11.65
CA ALA B 212 33.36 35.51 -11.79
C ALA B 212 31.89 35.90 -11.86
N VAL B 213 31.41 36.60 -10.84
CA VAL B 213 30.00 36.92 -10.73
C VAL B 213 29.68 38.28 -11.34
N GLY B 214 30.39 39.33 -10.92
CA GLY B 214 30.10 40.67 -11.38
C GLY B 214 31.33 41.56 -11.37
N PRO B 215 31.12 42.86 -11.57
CA PRO B 215 32.27 43.78 -11.62
C PRO B 215 33.03 43.86 -10.31
N GLY B 216 32.38 43.59 -9.19
CA GLY B 216 33.03 43.63 -7.89
C GLY B 216 32.92 42.33 -7.14
N GLN B 217 32.21 41.36 -7.72
CA GLN B 217 31.95 40.08 -7.07
C GLN B 217 32.66 38.95 -7.81
N SER B 218 33.02 37.92 -7.06
CA SER B 218 33.70 36.75 -7.59
C SER B 218 33.69 35.67 -6.50
N SER B 219 34.16 34.48 -6.86
CA SER B 219 34.18 33.35 -5.95
C SER B 219 35.54 32.68 -6.03
N VAL B 220 36.11 32.36 -4.87
CA VAL B 220 37.43 31.75 -4.78
C VAL B 220 37.29 30.42 -4.02
N SER B 221 38.01 29.40 -4.49
CA SER B 221 37.96 28.08 -3.89
C SER B 221 39.37 27.63 -3.52
N ALA B 222 39.43 26.71 -2.55
CA ALA B 222 40.69 26.11 -2.10
C ALA B 222 40.34 25.15 -0.97
N ALA B 223 41.33 24.36 -0.59
CA ALA B 223 41.16 23.48 0.57
C ALA B 223 40.75 24.31 1.78
N PRO B 224 39.88 23.78 2.65
CA PRO B 224 39.39 24.61 3.77
C PRO B 224 40.48 25.26 4.59
N VAL B 225 41.53 24.52 4.98
CA VAL B 225 42.60 25.11 5.78
C VAL B 225 43.31 26.20 4.99
N ILE B 226 43.50 25.97 3.68
CA ILE B 226 44.21 26.95 2.86
C ILE B 226 43.32 28.14 2.55
N LEU B 227 42.04 27.89 2.26
CA LEU B 227 41.12 28.99 1.98
C LEU B 227 41.01 29.92 3.18
N ASP B 228 40.98 29.35 4.39
CA ASP B 228 40.91 30.18 5.60
C ASP B 228 42.11 31.10 5.68
N ALA B 229 43.30 30.59 5.40
CA ALA B 229 44.51 31.40 5.49
C ALA B 229 44.47 32.54 4.47
N PHE B 230 44.06 32.25 3.23
CA PHE B 230 44.01 33.28 2.20
C PHE B 230 42.95 34.34 2.51
N LEU B 231 41.77 33.91 2.96
CA LEU B 231 40.71 34.88 3.24
C LEU B 231 41.07 35.80 4.39
N SER B 232 41.94 35.36 5.31
CA SER B 232 42.35 36.21 6.41
C SER B 232 43.16 37.42 5.93
N THR B 233 43.71 37.35 4.73
CA THR B 233 44.49 38.46 4.18
C THR B 233 43.63 39.49 3.44
N LEU B 234 42.40 39.14 3.08
CA LEU B 234 41.50 40.08 2.42
C LEU B 234 40.82 40.91 3.49
N LEU B 235 41.35 42.11 3.72
CA LEU B 235 40.84 42.99 4.77
C LEU B 235 39.75 43.91 4.24
N ARG B 236 38.93 44.40 5.16
CA ARG B 236 37.87 45.35 4.82
C ARG B 236 38.46 46.51 4.01
N PRO B 237 37.65 47.15 3.16
CA PRO B 237 36.21 46.98 2.97
C PRO B 237 35.79 45.73 2.20
N LEU B 238 36.75 44.91 1.75
CA LEU B 238 36.41 43.70 1.04
C LEU B 238 35.48 42.83 1.90
N THR B 239 34.70 41.98 1.22
CA THR B 239 33.74 41.12 1.89
C THR B 239 34.09 39.67 1.65
N THR B 240 33.61 38.82 2.56
CA THR B 240 33.90 37.38 2.50
C THR B 240 32.67 36.64 3.04
N THR B 241 31.97 35.93 2.17
CA THR B 241 30.84 35.09 2.55
C THR B 241 31.16 33.65 2.22
N ARG B 242 31.13 32.79 3.23
CA ARG B 242 31.48 31.38 3.05
C ARG B 242 30.27 30.62 2.50
N LEU B 243 30.50 29.84 1.44
CA LEU B 243 29.43 29.13 0.75
C LEU B 243 29.39 27.68 1.15
N PRO B 244 28.24 27.00 0.94
CA PRO B 244 28.09 25.59 1.30
C PRO B 244 28.50 24.63 0.19
N ILE B 245 29.71 24.82 -0.33
CA ILE B 245 30.27 23.93 -1.35
C ILE B 245 31.38 23.13 -0.67
N THR B 246 31.24 21.81 -0.68
CA THR B 246 32.07 20.94 0.15
C THR B 246 33.09 20.13 -0.65
N ALA B 247 33.40 20.55 -1.87
CA ALA B 247 34.37 19.84 -2.69
C ALA B 247 34.92 20.79 -3.72
N PRO B 248 36.13 20.52 -4.23
CA PRO B 248 36.70 21.41 -5.25
C PRO B 248 36.02 21.21 -6.60
N TYR B 249 35.63 22.32 -7.21
CA TYR B 249 35.03 22.31 -8.54
C TYR B 249 35.66 23.40 -9.37
N HIS B 250 35.50 23.30 -10.68
CA HIS B 250 35.99 24.31 -11.62
C HIS B 250 37.50 24.50 -11.47
N ALA B 251 38.22 23.39 -11.45
CA ALA B 251 39.65 23.38 -11.16
C ALA B 251 40.38 22.62 -12.27
N PRO B 252 40.80 23.31 -13.34
CA PRO B 252 41.54 22.62 -14.41
C PRO B 252 42.85 22.03 -13.95
N HIS B 253 43.34 22.41 -12.77
CA HIS B 253 44.57 21.86 -12.21
C HIS B 253 44.33 20.61 -11.37
N LEU B 254 43.07 20.25 -11.12
CA LEU B 254 42.72 19.09 -10.32
C LEU B 254 41.99 18.01 -11.10
N PHE B 255 41.19 18.37 -12.10
CA PHE B 255 40.42 17.42 -12.89
C PHE B 255 40.86 17.48 -14.34
N THR B 256 40.69 16.37 -15.03
CA THR B 256 41.10 16.23 -16.42
C THR B 256 39.98 15.57 -17.22
N ALA B 257 40.26 15.35 -18.51
CA ALA B 257 39.25 14.71 -19.37
C ALA B 257 38.94 13.31 -18.91
N LYS B 258 39.90 12.62 -18.28
CA LYS B 258 39.64 11.27 -17.79
C LYS B 258 38.60 11.28 -16.69
N ASP B 259 38.61 12.32 -15.84
CA ASP B 259 37.62 12.43 -14.78
C ASP B 259 36.22 12.65 -15.35
N VAL B 260 36.12 13.49 -16.39
CA VAL B 260 34.83 13.71 -17.04
C VAL B 260 34.33 12.41 -17.65
N GLN B 261 35.20 11.70 -18.37
CA GLN B 261 34.81 10.44 -18.99
C GLN B 261 34.32 9.45 -17.94
N HIS B 262 34.92 9.47 -16.75
CA HIS B 262 34.51 8.53 -15.70
C HIS B 262 33.10 8.82 -15.21
N VAL B 263 32.75 10.10 -15.06
CA VAL B 263 31.43 10.45 -14.53
C VAL B 263 30.33 9.99 -15.47
N THR B 264 30.56 10.07 -16.79
CA THR B 264 29.54 9.73 -17.77
C THR B 264 29.59 8.27 -18.21
N ASP B 265 30.39 7.43 -17.54
CA ASP B 265 30.43 6.02 -17.87
C ASP B 265 29.16 5.29 -17.46
N CYS B 266 28.32 5.89 -16.62
CA CYS B 266 27.05 5.29 -16.25
C CYS B 266 25.99 5.41 -17.33
N LEU B 267 26.28 6.13 -18.42
CA LEU B 267 25.35 6.26 -19.53
C LEU B 267 25.67 5.21 -20.58
N PRO B 268 24.87 4.16 -20.73
CA PRO B 268 25.21 3.12 -21.69
C PRO B 268 25.28 3.69 -23.09
N PRO B 269 26.16 3.15 -23.94
CA PRO B 269 26.26 3.66 -25.31
C PRO B 269 25.10 3.19 -26.18
N SER B 270 24.62 4.08 -27.02
CA SER B 270 23.49 3.79 -27.91
C SER B 270 23.45 4.88 -28.97
N GLU B 271 22.68 4.61 -30.03
CA GLU B 271 22.44 5.58 -31.10
C GLU B 271 21.00 6.04 -31.12
N ALA B 272 20.25 5.79 -30.06
CA ALA B 272 18.89 6.30 -29.90
C ALA B 272 18.81 7.43 -28.88
N TRP B 273 19.95 7.89 -28.37
CA TRP B 273 19.95 8.98 -27.41
C TRP B 273 19.31 10.22 -28.04
N PRO B 274 18.33 10.84 -27.39
CA PRO B 274 17.79 12.08 -27.94
C PRO B 274 18.82 13.20 -27.89
N THR B 275 18.69 14.14 -28.82
CA THR B 275 19.59 15.28 -28.90
C THR B 275 18.99 16.48 -28.15
N VAL B 276 19.82 17.49 -27.95
CA VAL B 276 19.41 18.71 -27.28
C VAL B 276 18.61 19.56 -28.25
N ARG B 277 17.28 19.38 -28.25
N ARG B 277 17.27 19.38 -28.24
CA ARG B 277 16.44 20.13 -29.18
CA ARG B 277 16.41 20.11 -29.15
C ARG B 277 16.23 21.57 -28.73
C ARG B 277 16.26 21.56 -28.72
N ILE B 278 16.26 21.83 -27.42
CA ILE B 278 16.11 23.18 -26.89
C ILE B 278 17.50 23.78 -26.69
N PRO B 279 17.78 24.98 -27.23
CA PRO B 279 19.12 25.56 -27.03
C PRO B 279 19.44 25.73 -25.56
N ILE B 280 20.65 25.32 -25.17
CA ILE B 280 21.17 25.53 -23.82
C ILE B 280 22.17 26.67 -23.88
N ILE B 281 21.98 27.66 -23.02
CA ILE B 281 22.88 28.82 -22.96
C ILE B 281 24.03 28.44 -22.03
N SER B 282 25.12 27.95 -22.63
CA SER B 282 26.33 27.60 -21.89
C SER B 282 27.28 28.80 -21.94
N PHE B 283 27.02 29.77 -21.06
CA PHE B 283 27.73 31.04 -21.05
C PHE B 283 29.16 30.93 -20.55
N SER B 284 29.58 29.79 -20.00
CA SER B 284 30.93 29.62 -19.51
C SER B 284 31.86 28.98 -20.54
N ARG B 285 31.44 28.92 -21.80
CA ARG B 285 32.23 28.31 -22.86
C ARG B 285 32.48 29.33 -23.96
N ASP B 286 33.33 28.93 -24.93
CA ASP B 286 33.52 29.76 -26.12
C ASP B 286 32.21 29.91 -26.88
N GLU B 287 31.47 28.82 -27.05
CA GLU B 287 30.17 28.84 -27.71
C GLU B 287 29.10 29.07 -26.63
N ALA B 288 28.50 30.25 -26.64
CA ALA B 288 27.49 30.58 -25.64
C ALA B 288 26.25 29.71 -25.79
N VAL B 289 25.86 29.40 -27.02
CA VAL B 289 24.67 28.61 -27.31
C VAL B 289 25.10 27.28 -27.92
N SER B 290 24.45 26.21 -27.50
CA SER B 290 24.80 24.87 -27.96
C SER B 290 23.53 24.05 -28.12
N ARG B 291 23.21 23.65 -29.35
N ARG B 291 23.23 23.66 -29.36
CA ARG B 291 22.07 22.79 -29.61
CA ARG B 291 22.08 22.83 -29.67
C ARG B 291 22.48 21.69 -30.58
C ARG B 291 22.52 21.68 -30.56
N GLY B 292 21.69 20.63 -30.59
CA GLY B 292 21.90 19.51 -31.49
C GLY B 292 22.76 18.39 -30.93
N ALA B 293 23.63 18.67 -29.98
CA ALA B 293 24.48 17.63 -29.40
C ALA B 293 23.63 16.53 -28.79
N SER B 294 24.17 15.31 -28.80
CA SER B 294 23.49 14.18 -28.20
C SER B 294 23.51 14.31 -26.68
N PHE B 295 22.57 13.62 -26.03
CA PHE B 295 22.46 13.66 -24.57
C PHE B 295 23.76 13.32 -23.86
N PRO B 296 24.46 12.23 -24.18
CA PRO B 296 25.73 11.97 -23.47
C PRO B 296 26.78 13.04 -23.69
N ALA B 297 27.02 13.42 -24.95
CA ALA B 297 28.02 14.45 -25.23
C ALA B 297 27.65 15.77 -24.56
N ALA B 298 26.36 16.10 -24.53
CA ALA B 298 25.94 17.31 -23.84
C ALA B 298 26.18 17.21 -22.35
N MET B 299 25.99 16.02 -21.77
CA MET B 299 26.22 15.83 -20.35
C MET B 299 27.72 15.90 -20.03
N SER B 300 28.56 15.29 -20.87
CA SER B 300 30.00 15.37 -20.67
C SER B 300 30.45 16.82 -20.65
N GLU B 301 29.96 17.63 -21.60
CA GLU B 301 30.30 19.04 -21.62
C GLU B 301 29.81 19.74 -20.35
N ALA B 302 28.63 19.35 -19.86
CA ALA B 302 28.11 19.93 -18.63
C ALA B 302 28.97 19.56 -17.43
N VAL B 303 29.36 18.28 -17.33
CA VAL B 303 30.30 17.88 -16.30
C VAL B 303 31.60 18.68 -16.43
N ARG B 304 32.01 18.95 -17.67
CA ARG B 304 33.21 19.75 -17.87
C ARG B 304 33.03 21.16 -17.33
N ASP B 305 31.82 21.73 -17.48
CA ASP B 305 31.53 23.02 -16.88
C ASP B 305 31.70 22.97 -15.37
N CYS B 306 31.51 21.79 -14.77
CA CYS B 306 31.57 21.68 -13.32
C CYS B 306 32.99 21.49 -12.81
N LEU B 307 33.79 20.66 -13.49
CA LEU B 307 35.11 20.30 -12.99
C LEU B 307 36.25 21.13 -13.58
N ILE B 308 36.19 21.46 -14.87
CA ILE B 308 37.31 22.09 -15.56
C ILE B 308 37.10 23.60 -15.70
N ARG B 309 35.94 24.01 -16.17
CA ARG B 309 35.77 25.42 -16.51
C ARG B 309 35.37 26.23 -15.29
N PRO B 310 35.86 27.46 -15.16
CA PRO B 310 35.31 28.37 -14.13
C PRO B 310 33.94 28.88 -14.56
N ILE B 311 33.16 29.28 -13.56
CA ILE B 311 31.83 29.82 -13.81
C ILE B 311 31.98 31.26 -14.27
N ALA B 312 31.51 31.54 -15.48
CA ALA B 312 31.49 32.91 -16.01
C ALA B 312 30.14 33.56 -15.77
N LEU B 313 29.71 33.56 -14.50
CA LEU B 313 28.39 34.06 -14.16
C LEU B 313 28.24 35.54 -14.51
N ASP B 314 29.35 36.24 -14.76
CA ASP B 314 29.29 37.62 -15.20
C ASP B 314 28.87 37.77 -16.66
N ARG B 315 28.87 36.68 -17.43
CA ARG B 315 28.42 36.69 -18.82
C ARG B 315 27.04 36.06 -19.00
N MET B 316 26.39 35.64 -17.91
CA MET B 316 25.13 34.90 -18.03
C MET B 316 24.03 35.77 -18.62
N ALA B 317 23.87 36.98 -18.09
CA ALA B 317 22.75 37.84 -18.49
C ALA B 317 22.79 38.15 -19.98
N VAL B 318 23.93 38.69 -20.45
CA VAL B 318 24.04 39.11 -21.84
C VAL B 318 23.95 37.89 -22.78
N SER B 319 24.47 36.74 -22.35
CA SER B 319 24.42 35.56 -23.20
C SER B 319 22.99 35.16 -23.50
N ILE B 320 22.09 35.27 -22.52
CA ILE B 320 20.68 34.98 -22.75
C ILE B 320 20.08 36.01 -23.68
N ALA B 321 20.34 37.29 -23.41
CA ALA B 321 19.78 38.37 -24.23
C ALA B 321 20.22 38.22 -25.67
N ASN B 322 21.48 37.88 -25.91
CA ASN B 322 21.97 37.74 -27.28
C ASN B 322 21.22 36.64 -28.01
N HIS B 323 20.88 35.56 -27.31
CA HIS B 323 20.06 34.52 -27.93
C HIS B 323 18.65 35.01 -28.18
N ALA B 324 18.11 35.81 -27.26
CA ALA B 324 16.78 36.39 -27.46
C ALA B 324 16.75 37.24 -28.71
N ARG B 325 17.72 38.13 -28.88
CA ARG B 325 17.82 38.91 -30.12
C ARG B 325 17.98 37.99 -31.32
N ASP B 326 18.78 36.93 -31.18
CA ASP B 326 18.99 36.01 -32.29
C ASP B 326 17.68 35.45 -32.83
N LEU B 327 16.67 35.30 -31.96
CA LEU B 327 15.35 34.84 -32.37
C LEU B 327 14.32 35.96 -32.37
N GLY B 328 14.75 37.21 -32.46
CA GLY B 328 13.84 38.34 -32.56
C GLY B 328 12.82 38.43 -31.45
N LYS B 329 13.28 38.36 -30.19
CA LYS B 329 12.41 38.45 -29.03
C LYS B 329 12.67 39.77 -28.31
N ASP B 330 11.59 40.40 -27.81
CA ASP B 330 11.69 41.71 -27.20
C ASP B 330 12.15 41.62 -25.75
N SER B 331 11.70 40.62 -25.02
CA SER B 331 12.04 40.48 -23.61
C SER B 331 12.07 39.00 -23.25
N VAL B 332 12.48 38.71 -22.01
CA VAL B 332 12.57 37.34 -21.52
C VAL B 332 11.83 37.24 -20.20
N LEU B 333 11.16 36.09 -19.99
CA LEU B 333 10.45 35.81 -18.75
C LEU B 333 11.23 34.78 -17.95
N PRO B 334 11.92 35.17 -16.88
CA PRO B 334 12.72 34.18 -16.13
C PRO B 334 11.82 33.15 -15.45
N SER B 335 12.26 31.90 -15.51
CA SER B 335 11.60 30.79 -14.83
C SER B 335 12.64 30.04 -14.02
N PRO B 336 13.16 30.66 -12.97
CA PRO B 336 14.25 30.03 -12.22
C PRO B 336 13.76 28.84 -11.40
N ILE B 337 14.65 27.86 -11.24
CA ILE B 337 14.38 26.67 -10.45
C ILE B 337 15.55 26.50 -9.49
N ALA B 338 15.31 26.79 -8.22
CA ALA B 338 16.33 26.64 -7.18
C ALA B 338 17.60 27.41 -7.54
N LEU B 339 17.42 28.67 -7.92
CA LEU B 339 18.51 29.54 -8.33
C LEU B 339 18.77 30.58 -7.24
N SER B 340 20.02 30.68 -6.81
CA SER B 340 20.39 31.65 -5.78
C SER B 340 20.29 33.06 -6.32
N PHE B 341 19.69 33.96 -5.52
CA PHE B 341 19.50 35.35 -5.91
C PHE B 341 18.80 35.45 -7.26
N SER B 342 17.75 34.63 -7.43
CA SER B 342 17.11 34.52 -8.74
C SER B 342 16.32 35.77 -9.11
N ASP B 343 15.77 36.48 -8.13
CA ASP B 343 14.89 37.61 -8.42
C ASP B 343 15.59 38.64 -9.30
N LYS B 344 16.86 38.94 -9.02
CA LYS B 344 17.56 39.96 -9.79
C LYS B 344 17.86 39.53 -11.22
N LEU B 345 17.64 38.26 -11.57
CA LEU B 345 17.96 37.80 -12.92
C LEU B 345 17.09 38.49 -13.96
N GLY B 346 15.78 38.51 -13.74
CA GLY B 346 14.85 39.09 -14.68
C GLY B 346 15.31 40.45 -15.20
N PRO B 347 15.39 41.43 -14.31
CA PRO B 347 15.86 42.75 -14.73
C PRO B 347 17.22 42.74 -15.41
N GLN B 348 18.15 41.91 -14.92
CA GLN B 348 19.51 41.95 -15.47
C GLN B 348 19.55 41.50 -16.92
N VAL B 349 18.73 40.51 -17.29
CA VAL B 349 18.74 40.03 -18.66
C VAL B 349 18.04 41.01 -19.59
N ASN B 350 16.91 41.56 -19.17
CA ASN B 350 16.17 42.50 -20.00
C ASN B 350 16.91 43.82 -20.17
N SER B 351 17.92 44.09 -19.33
CA SER B 351 18.68 45.33 -19.44
C SER B 351 19.40 45.42 -20.78
N HIS B 352 19.82 44.28 -21.34
CA HIS B 352 20.43 44.27 -22.66
C HIS B 352 19.41 44.23 -23.78
N LEU B 353 18.12 44.30 -23.46
CA LEU B 353 17.05 44.24 -24.44
C LEU B 353 16.17 45.48 -24.33
N PRO B 354 15.40 45.81 -25.38
CA PRO B 354 14.49 46.96 -25.31
C PRO B 354 13.39 46.78 -24.28
N THR B 364 -5.39 36.04 -14.57
CA THR B 364 -4.97 35.58 -15.89
C THR B 364 -4.89 34.05 -15.94
N SER B 365 -5.33 33.39 -14.88
CA SER B 365 -5.28 31.94 -14.80
C SER B 365 -6.43 31.44 -13.93
N LYS B 366 -6.71 30.15 -14.06
CA LYS B 366 -7.76 29.49 -13.30
C LYS B 366 -7.73 27.99 -13.56
N SER B 367 -8.17 27.18 -12.59
CA SER B 367 -8.20 25.74 -12.73
C SER B 367 -9.65 25.25 -12.74
N ILE B 368 -9.91 24.21 -13.51
CA ILE B 368 -11.25 23.67 -13.69
C ILE B 368 -11.54 22.67 -12.58
N PRO B 369 -12.75 22.64 -12.02
CA PRO B 369 -13.06 21.59 -11.04
C PRO B 369 -12.90 20.21 -11.67
N SER B 370 -12.29 19.30 -10.91
CA SER B 370 -12.10 17.94 -11.40
C SER B 370 -13.43 17.19 -11.42
N ALA B 371 -13.52 16.22 -12.32
CA ALA B 371 -14.65 15.32 -12.34
C ALA B 371 -14.84 14.69 -10.96
N ILE B 372 -16.09 14.51 -10.55
CA ILE B 372 -16.37 13.96 -9.24
C ILE B 372 -15.66 12.63 -9.09
N GLY B 373 -14.99 12.43 -7.96
CA GLY B 373 -14.20 11.25 -7.73
C GLY B 373 -12.73 11.40 -8.06
N ALA B 374 -12.37 12.40 -8.87
CA ALA B 374 -10.98 12.60 -9.28
C ALA B 374 -10.27 13.69 -8.48
N GLU B 375 -10.99 14.67 -7.93
CA GLU B 375 -10.34 15.71 -7.15
C GLU B 375 -9.62 15.13 -5.94
N GLN B 376 -10.16 14.07 -5.36
CA GLN B 376 -9.56 13.47 -4.17
C GLN B 376 -8.23 12.82 -4.52
N GLN B 377 -7.27 12.95 -3.61
CA GLN B 377 -5.98 12.30 -3.78
C GLN B 377 -6.16 10.78 -3.75
N PRO B 378 -5.17 10.02 -4.23
CA PRO B 378 -5.29 8.56 -4.20
C PRO B 378 -5.57 8.06 -2.80
N MET B 379 -6.17 6.86 -2.69
CA MET B 379 -6.55 6.36 -1.38
C MET B 379 -5.32 6.18 -0.48
N ALA B 380 -4.17 5.87 -1.07
CA ALA B 380 -2.94 5.84 -0.29
C ALA B 380 -2.62 7.23 0.21
N LYS B 381 -2.21 7.34 1.47
CA LYS B 381 -1.89 8.62 2.09
C LYS B 381 -3.12 9.52 2.22
N SER B 382 -4.32 8.92 2.38
CA SER B 382 -5.54 9.70 2.53
C SER B 382 -6.01 9.65 3.98
N PRO B 383 -6.52 10.76 4.52
CA PRO B 383 -6.98 10.74 5.92
C PRO B 383 -8.03 9.67 6.15
N ILE B 384 -7.82 8.88 7.21
CA ILE B 384 -8.78 7.86 7.60
C ILE B 384 -9.72 8.48 8.63
N ALA B 385 -11.00 8.52 8.31
CA ALA B 385 -12.00 9.17 9.15
C ALA B 385 -12.54 8.18 10.18
N ILE B 386 -12.64 8.62 11.43
CA ILE B 386 -13.27 7.84 12.48
C ILE B 386 -14.75 8.24 12.53
N LEU B 387 -15.62 7.30 12.18
CA LEU B 387 -17.05 7.60 12.09
C LEU B 387 -17.73 7.52 13.45
N ALA B 388 -17.39 6.51 14.25
CA ALA B 388 -18.07 6.32 15.51
C ALA B 388 -17.20 5.46 16.42
N ALA B 389 -17.52 5.49 17.71
CA ALA B 389 -16.80 4.70 18.69
C ALA B 389 -17.72 4.42 19.85
N SER B 390 -17.82 3.15 20.23
CA SER B 390 -18.56 2.72 21.39
C SER B 390 -17.66 1.82 22.24
N GLY B 391 -17.87 1.84 23.54
CA GLY B 391 -17.03 1.03 24.40
C GLY B 391 -17.60 0.91 25.80
N ARG B 392 -16.96 0.05 26.58
CA ARG B 392 -17.24 -0.13 27.99
C ARG B 392 -15.94 0.09 28.76
N PHE B 393 -15.99 0.94 29.76
CA PHE B 393 -14.83 1.28 30.58
C PHE B 393 -15.22 1.17 32.04
N PRO B 394 -14.25 1.14 32.94
CA PRO B 394 -14.57 1.07 34.37
C PRO B 394 -15.52 2.19 34.76
N GLN B 395 -16.58 1.82 35.48
CA GLN B 395 -17.62 2.75 35.92
C GLN B 395 -18.32 3.45 34.76
N SER B 396 -18.16 2.96 33.54
CA SER B 396 -18.69 3.64 32.36
C SER B 396 -19.32 2.62 31.43
N SER B 397 -20.62 2.74 31.21
CA SER B 397 -21.35 1.87 30.29
C SER B 397 -21.47 2.48 28.89
N SER B 398 -20.75 3.57 28.63
CA SER B 398 -20.85 4.26 27.35
C SER B 398 -19.68 5.23 27.25
N MET B 399 -19.50 5.80 26.05
CA MET B 399 -18.48 6.82 25.87
C MET B 399 -18.77 8.06 26.70
N ASP B 400 -20.05 8.39 26.88
CA ASP B 400 -20.40 9.58 27.63
C ASP B 400 -20.06 9.42 29.12
N GLN B 401 -20.32 8.23 29.68
CA GLN B 401 -19.96 7.99 31.07
C GLN B 401 -18.45 7.93 31.25
N PHE B 402 -17.72 7.53 30.21
CA PHE B 402 -16.26 7.57 30.25
C PHE B 402 -15.76 9.01 30.36
N TRP B 403 -16.40 9.92 29.64
CA TRP B 403 -16.01 11.33 29.73
C TRP B 403 -16.25 11.87 31.14
N ASP B 404 -17.31 11.40 31.81
CA ASP B 404 -17.55 11.81 33.19
C ASP B 404 -16.38 11.40 34.07
N VAL B 405 -15.83 10.21 33.84
CA VAL B 405 -14.67 9.76 34.61
C VAL B 405 -13.49 10.70 34.40
N LEU B 406 -13.25 11.09 33.16
CA LEU B 406 -12.05 11.88 32.85
C LEU B 406 -12.21 13.33 33.29
N ILE B 407 -13.32 13.96 32.95
CA ILE B 407 -13.45 15.39 33.21
C ILE B 407 -13.62 15.67 34.69
N ASN B 408 -14.19 14.72 35.44
CA ASN B 408 -14.36 14.86 36.87
C ASN B 408 -13.18 14.28 37.65
N GLY B 409 -12.09 13.93 36.97
CA GLY B 409 -10.89 13.43 37.62
C GLY B 409 -11.14 12.28 38.58
N VAL B 410 -11.62 11.16 38.06
CA VAL B 410 -12.01 10.01 38.87
C VAL B 410 -10.95 8.93 38.77
N ASP B 411 -10.61 8.33 39.91
CA ASP B 411 -9.70 7.19 39.99
C ASP B 411 -10.55 5.94 40.22
N THR B 412 -10.64 5.08 39.20
CA THR B 412 -11.58 3.96 39.21
C THR B 412 -10.97 2.67 39.75
N HIS B 413 -9.76 2.71 40.29
CA HIS B 413 -9.11 1.49 40.74
C HIS B 413 -9.71 1.03 42.07
N GLU B 414 -9.84 -0.29 42.21
CA GLU B 414 -10.35 -0.88 43.43
C GLU B 414 -9.89 -2.32 43.49
N LEU B 415 -9.97 -2.91 44.69
CA LEU B 415 -9.57 -4.29 44.88
C LEU B 415 -10.45 -5.22 44.05
N VAL B 416 -9.89 -6.37 43.68
CA VAL B 416 -10.58 -7.30 42.79
C VAL B 416 -11.93 -7.66 43.39
N PRO B 417 -13.03 -7.59 42.64
CA PRO B 417 -14.32 -7.99 43.18
C PRO B 417 -14.44 -9.50 43.24
N PRO B 418 -15.37 -10.03 44.04
CA PRO B 418 -15.48 -11.49 44.15
C PRO B 418 -15.91 -12.18 42.87
N THR B 419 -16.49 -11.46 41.91
CA THR B 419 -16.91 -12.09 40.67
C THR B 419 -15.72 -12.62 39.87
N ARG B 420 -14.51 -12.14 40.13
CA ARG B 420 -13.30 -12.65 39.48
C ARG B 420 -12.59 -13.67 40.36
N TRP B 421 -12.11 -13.26 41.53
CA TRP B 421 -11.48 -14.18 42.46
C TRP B 421 -11.39 -13.54 43.82
N ASN B 422 -11.23 -14.38 44.85
CA ASN B 422 -11.23 -13.93 46.24
C ASN B 422 -9.82 -13.48 46.61
N ALA B 423 -9.67 -12.17 46.87
CA ALA B 423 -8.37 -11.62 47.19
C ALA B 423 -7.83 -12.15 48.52
N ALA B 424 -8.73 -12.55 49.43
CA ALA B 424 -8.29 -13.04 50.73
C ALA B 424 -7.31 -14.21 50.59
N THR B 425 -7.49 -15.02 49.56
CA THR B 425 -6.64 -16.19 49.34
C THR B 425 -5.62 -15.98 48.23
N HIS B 426 -5.84 -15.02 47.33
CA HIS B 426 -4.95 -14.80 46.20
C HIS B 426 -3.99 -13.65 46.40
N VAL B 427 -4.20 -12.79 47.40
CA VAL B 427 -3.38 -11.61 47.61
C VAL B 427 -2.86 -11.59 49.04
N SER B 428 -1.57 -11.30 49.19
CA SER B 428 -0.93 -11.09 50.49
C SER B 428 0.15 -10.04 50.30
N GLU B 429 0.35 -9.19 51.32
CA GLU B 429 1.38 -8.17 51.22
C GLU B 429 2.74 -8.78 50.92
N ASP B 430 3.07 -9.89 51.59
CA ASP B 430 4.31 -10.62 51.32
C ASP B 430 3.94 -11.98 50.71
N PRO B 431 3.96 -12.12 49.38
CA PRO B 431 3.53 -13.39 48.77
C PRO B 431 4.61 -14.45 48.90
N LYS B 432 4.28 -15.55 49.58
CA LYS B 432 5.18 -16.69 49.72
C LYS B 432 4.61 -17.95 49.09
N ALA B 433 3.32 -18.21 49.27
CA ALA B 433 2.68 -19.34 48.61
C ALA B 433 2.72 -19.14 47.10
N LYS B 434 2.60 -20.25 46.37
CA LYS B 434 2.71 -20.20 44.93
C LYS B 434 1.42 -19.68 44.30
N ASN B 435 1.56 -18.92 43.22
CA ASN B 435 0.45 -18.34 42.49
C ASN B 435 -0.30 -17.27 43.29
N VAL B 436 0.31 -16.77 44.36
CA VAL B 436 -0.24 -15.68 45.16
C VAL B 436 0.51 -14.41 44.80
N SER B 437 -0.20 -13.33 44.55
CA SER B 437 0.41 -12.08 44.12
C SER B 437 0.37 -11.05 45.25
N GLY B 438 1.24 -10.04 45.13
CA GLY B 438 1.30 -8.96 46.08
C GLY B 438 0.27 -7.87 45.89
N THR B 439 -0.43 -7.85 44.76
CA THR B 439 -1.45 -6.85 44.50
C THR B 439 -2.73 -7.53 44.02
N GLY B 440 -3.86 -6.86 44.28
CA GLY B 440 -5.13 -7.32 43.78
C GLY B 440 -5.93 -6.20 43.15
N PHE B 441 -5.28 -5.08 42.90
CA PHE B 441 -5.97 -3.91 42.38
C PHE B 441 -6.31 -4.10 40.90
N GLY B 442 -7.13 -3.18 40.41
CA GLY B 442 -7.53 -3.21 39.01
C GLY B 442 -8.65 -2.22 38.79
N CYS B 443 -8.93 -1.98 37.51
CA CYS B 443 -10.05 -1.16 37.07
C CYS B 443 -10.96 -2.07 36.26
N TRP B 444 -12.13 -2.39 36.81
CA TRP B 444 -12.92 -3.53 36.36
C TRP B 444 -14.19 -3.10 35.64
N LEU B 445 -14.64 -3.96 34.72
CA LEU B 445 -15.95 -3.87 34.10
C LEU B 445 -16.88 -4.78 34.88
N HIS B 446 -17.70 -4.19 35.75
CA HIS B 446 -18.57 -4.98 36.61
C HIS B 446 -19.77 -5.55 35.86
N GLU B 447 -20.10 -5.02 34.68
CA GLU B 447 -21.18 -5.53 33.87
C GLU B 447 -20.67 -6.40 32.72
N ALA B 448 -19.50 -7.02 32.87
CA ALA B 448 -18.91 -7.80 31.80
C ALA B 448 -19.75 -9.03 31.44
N GLY B 449 -20.59 -9.49 32.35
CA GLY B 449 -21.43 -10.65 32.07
C GLY B 449 -22.71 -10.33 31.33
N GLU B 450 -23.14 -9.07 31.35
CA GLU B 450 -24.40 -8.69 30.69
C GLU B 450 -24.28 -8.88 29.18
N PHE B 451 -25.33 -9.41 28.57
CA PHE B 451 -25.33 -9.67 27.14
C PHE B 451 -26.75 -9.95 26.68
N ASP B 452 -26.96 -9.78 25.37
CA ASP B 452 -28.25 -10.05 24.72
C ASP B 452 -28.04 -11.26 23.82
N ALA B 453 -28.22 -12.46 24.39
CA ALA B 453 -27.95 -13.67 23.63
C ALA B 453 -28.96 -13.86 22.50
N ALA B 454 -30.22 -13.45 22.72
CA ALA B 454 -31.24 -13.60 21.69
C ALA B 454 -30.91 -12.75 20.46
N TYR B 455 -30.49 -11.51 20.69
CA TYR B 455 -30.19 -10.60 19.58
C TYR B 455 -29.18 -11.23 18.63
N PHE B 456 -28.15 -11.90 19.15
CA PHE B 456 -27.09 -12.47 18.36
C PHE B 456 -27.26 -13.97 18.16
N ASN B 457 -28.46 -14.50 18.44
CA ASN B 457 -28.82 -15.88 18.09
C ASN B 457 -27.97 -16.90 18.86
N MET B 458 -27.85 -16.70 20.17
CA MET B 458 -27.18 -17.63 21.06
C MET B 458 -28.17 -18.24 22.03
N SER B 459 -28.03 -19.54 22.27
CA SER B 459 -28.86 -20.19 23.27
C SER B 459 -28.34 -19.88 24.66
N PRO B 460 -29.21 -19.84 25.68
CA PRO B 460 -28.72 -19.64 27.05
C PRO B 460 -27.68 -20.67 27.47
N ARG B 461 -27.68 -21.85 26.85
CA ARG B 461 -26.63 -22.82 27.11
C ARG B 461 -25.29 -22.34 26.59
N GLU B 462 -25.29 -21.60 25.48
CA GLU B 462 -24.07 -21.23 24.76
C GLU B 462 -23.45 -19.95 25.29
N ALA B 463 -24.26 -18.95 25.63
CA ALA B 463 -23.72 -17.65 26.01
C ALA B 463 -22.72 -17.71 27.16
N PRO B 464 -22.95 -18.46 28.24
CA PRO B 464 -21.95 -18.48 29.33
C PRO B 464 -20.56 -18.93 28.88
N GLN B 465 -20.49 -19.82 27.90
CA GLN B 465 -19.19 -20.34 27.45
C GLN B 465 -18.43 -19.35 26.58
N VAL B 466 -19.06 -18.29 26.12
CA VAL B 466 -18.42 -17.34 25.22
C VAL B 466 -17.67 -16.30 26.05
N ASP B 467 -16.41 -16.08 25.70
CA ASP B 467 -15.59 -15.08 26.35
C ASP B 467 -16.32 -13.74 26.37
N PRO B 468 -16.49 -13.11 27.54
CA PRO B 468 -17.09 -11.77 27.57
C PRO B 468 -16.43 -10.80 26.60
N ALA B 469 -15.16 -11.03 26.26
CA ALA B 469 -14.51 -10.21 25.24
C ALA B 469 -15.23 -10.35 23.91
N GLN B 470 -15.62 -11.58 23.54
CA GLN B 470 -16.35 -11.78 22.31
C GLN B 470 -17.73 -11.15 22.38
N ARG B 471 -18.40 -11.28 23.53
CA ARG B 471 -19.74 -10.70 23.68
C ARG B 471 -19.69 -9.17 23.64
N LEU B 472 -18.83 -8.57 24.47
CA LEU B 472 -18.74 -7.12 24.48
C LEU B 472 -18.22 -6.57 23.16
N ALA B 473 -17.47 -7.36 22.41
CA ALA B 473 -17.07 -6.95 21.07
C ALA B 473 -18.28 -6.87 20.14
N LEU B 474 -19.19 -7.84 20.26
CA LEU B 474 -20.39 -7.84 19.42
C LEU B 474 -21.29 -6.66 19.76
N LEU B 475 -21.42 -6.34 21.05
CA LEU B 475 -22.26 -5.21 21.45
C LEU B 475 -21.66 -3.89 20.98
N THR B 476 -20.40 -3.63 21.35
CA THR B 476 -19.76 -2.39 20.96
C THR B 476 -19.67 -2.24 19.45
N ALA B 477 -19.36 -3.34 18.75
CA ALA B 477 -19.27 -3.29 17.30
C ALA B 477 -20.61 -2.94 16.66
N THR B 478 -21.70 -3.53 17.17
CA THR B 478 -23.02 -3.22 16.64
C THR B 478 -23.43 -1.80 16.99
N GLU B 479 -23.14 -1.36 18.22
CA GLU B 479 -23.47 0.00 18.63
C GLU B 479 -22.73 1.03 17.77
N ALA B 480 -21.44 0.84 17.56
CA ALA B 480 -20.66 1.77 16.75
C ALA B 480 -21.20 1.82 15.32
N LEU B 481 -21.60 0.67 14.78
CA LEU B 481 -22.13 0.64 13.42
C LEU B 481 -23.39 1.50 13.30
N GLU B 482 -24.33 1.35 14.22
CA GLU B 482 -25.53 2.17 14.19
C GLU B 482 -25.19 3.65 14.37
N GLN B 483 -24.25 3.96 15.26
CA GLN B 483 -23.84 5.35 15.46
C GLN B 483 -23.31 5.95 14.17
N ALA B 484 -22.69 5.14 13.31
CA ALA B 484 -22.16 5.59 12.04
C ALA B 484 -23.19 5.55 10.92
N GLY B 485 -24.42 5.13 11.21
CA GLY B 485 -25.43 5.02 10.17
C GLY B 485 -25.09 4.02 9.11
N VAL B 486 -24.44 2.92 9.49
CA VAL B 486 -24.00 1.90 8.54
C VAL B 486 -25.10 0.85 8.41
N VAL B 487 -25.58 0.66 7.18
CA VAL B 487 -26.50 -0.41 6.83
C VAL B 487 -25.82 -1.22 5.73
N PRO B 488 -25.55 -2.51 5.94
CA PRO B 488 -24.86 -3.28 4.90
C PRO B 488 -25.55 -3.15 3.55
N ASN B 489 -24.73 -2.97 2.51
CA ASN B 489 -25.16 -2.90 1.11
C ASN B 489 -26.00 -1.66 0.78
N ARG B 490 -26.09 -0.69 1.70
CA ARG B 490 -26.83 0.53 1.38
C ARG B 490 -26.05 1.39 0.40
N THR B 491 -24.75 1.58 0.65
CA THR B 491 -23.87 2.35 -0.20
C THR B 491 -22.70 1.50 -0.66
N SER B 492 -21.91 2.05 -1.57
CA SER B 492 -20.77 1.31 -2.10
C SER B 492 -19.77 0.96 -1.00
N SER B 493 -19.45 1.92 -0.14
CA SER B 493 -18.47 1.67 0.90
C SER B 493 -18.98 0.70 1.96
N THR B 494 -20.30 0.47 2.03
CA THR B 494 -20.87 -0.43 3.02
C THR B 494 -21.33 -1.75 2.41
N GLN B 495 -20.86 -2.09 1.21
CA GLN B 495 -21.11 -3.41 0.66
C GLN B 495 -20.45 -4.46 1.55
N LYS B 496 -21.14 -5.59 1.73
CA LYS B 496 -20.67 -6.60 2.67
C LYS B 496 -19.26 -7.08 2.36
N ASN B 497 -18.89 -7.16 1.09
CA ASN B 497 -17.56 -7.64 0.72
C ASN B 497 -16.49 -6.56 0.80
N ARG B 498 -16.82 -5.37 1.31
CA ARG B 498 -15.88 -4.28 1.44
C ARG B 498 -15.62 -3.90 2.89
N VAL B 499 -16.06 -4.72 3.84
CA VAL B 499 -15.96 -4.42 5.26
C VAL B 499 -15.07 -5.46 5.93
N GLY B 500 -14.04 -4.99 6.65
CA GLY B 500 -13.13 -5.85 7.36
C GLY B 500 -13.18 -5.54 8.85
N VAL B 501 -12.62 -6.47 9.64
CA VAL B 501 -12.69 -6.38 11.10
C VAL B 501 -11.31 -6.72 11.69
N TRP B 502 -10.84 -5.87 12.60
CA TRP B 502 -9.57 -6.06 13.29
C TRP B 502 -9.77 -5.83 14.78
N TYR B 503 -9.21 -6.71 15.60
CA TYR B 503 -9.27 -6.57 17.05
C TYR B 503 -7.92 -6.88 17.67
N GLY B 504 -7.64 -6.22 18.79
CA GLY B 504 -6.45 -6.49 19.58
C GLY B 504 -6.82 -7.20 20.87
N ALA B 505 -6.18 -8.35 21.09
CA ALA B 505 -6.40 -9.12 22.30
C ALA B 505 -5.12 -9.89 22.64
N THR B 506 -4.64 -9.74 23.88
CA THR B 506 -3.45 -10.44 24.33
C THR B 506 -3.75 -11.70 25.10
N SER B 507 -4.95 -11.83 25.66
CA SER B 507 -5.27 -12.92 26.57
C SER B 507 -6.59 -13.58 26.18
N ASN B 508 -6.78 -14.80 26.68
CA ASN B 508 -8.03 -15.55 26.57
C ASN B 508 -8.27 -16.25 27.91
N ASP B 509 -8.56 -15.44 28.93
CA ASP B 509 -8.70 -15.96 30.29
C ASP B 509 -9.91 -16.86 30.44
N TRP B 510 -11.02 -16.51 29.79
CA TRP B 510 -12.28 -17.24 29.99
C TRP B 510 -12.10 -18.74 29.78
N MET B 511 -11.40 -19.13 28.72
CA MET B 511 -11.21 -20.55 28.44
C MET B 511 -10.12 -21.18 29.30
N GLU B 512 -9.43 -20.39 30.13
CA GLU B 512 -8.41 -20.91 31.01
C GLU B 512 -8.91 -21.12 32.43
N THR B 513 -9.85 -20.30 32.89
CA THR B 513 -10.28 -20.29 34.29
C THR B 513 -11.76 -20.56 34.47
N ASN B 514 -12.62 -20.08 33.56
CA ASN B 514 -14.05 -20.09 33.79
C ASN B 514 -14.71 -21.26 33.07
N SER B 515 -14.69 -21.26 31.73
CA SER B 515 -15.25 -22.39 30.99
C SER B 515 -14.40 -23.64 31.15
N ALA B 516 -13.11 -23.49 31.45
CA ALA B 516 -12.26 -24.66 31.65
C ALA B 516 -12.69 -25.49 32.84
N GLN B 517 -13.51 -24.93 33.73
CA GLN B 517 -14.00 -25.68 34.88
C GLN B 517 -14.97 -26.77 34.46
N ASN B 518 -15.55 -26.68 33.28
CA ASN B 518 -16.36 -27.75 32.72
C ASN B 518 -16.40 -27.63 31.20
N VAL B 519 -15.34 -28.09 30.54
CA VAL B 519 -15.23 -27.99 29.08
C VAL B 519 -16.48 -28.60 28.45
N ASP B 520 -17.17 -27.80 27.64
CA ASP B 520 -18.38 -28.23 26.98
C ASP B 520 -18.23 -28.06 25.46
N THR B 521 -19.37 -28.13 24.76
CA THR B 521 -19.34 -28.20 23.31
C THR B 521 -18.92 -26.88 22.66
N TYR B 522 -19.21 -25.74 23.31
CA TYR B 522 -18.87 -24.42 22.78
C TYR B 522 -17.56 -23.89 23.35
N PHE B 523 -16.69 -24.76 23.86
CA PHE B 523 -15.50 -24.31 24.56
C PHE B 523 -14.53 -23.55 23.65
N ILE B 524 -14.24 -24.11 22.47
CA ILE B 524 -13.25 -23.52 21.56
C ILE B 524 -13.84 -22.27 20.92
N PRO B 525 -14.98 -22.34 20.24
CA PRO B 525 -15.50 -21.12 19.59
C PRO B 525 -15.71 -19.97 20.57
N GLY B 526 -16.05 -20.27 21.81
CA GLY B 526 -16.30 -19.24 22.80
C GLY B 526 -15.06 -18.70 23.49
N GLY B 527 -13.92 -19.37 23.34
CA GLY B 527 -12.71 -18.97 24.05
C GLY B 527 -11.60 -18.49 23.14
N ASN B 528 -11.59 -18.97 21.90
CA ASN B 528 -10.51 -18.64 20.98
C ASN B 528 -10.63 -17.20 20.51
N ARG B 529 -9.48 -16.52 20.40
CA ARG B 529 -9.49 -15.10 20.09
C ARG B 529 -9.92 -14.83 18.64
N ALA B 530 -9.59 -15.74 17.72
CA ALA B 530 -9.95 -15.53 16.33
C ALA B 530 -11.44 -15.31 16.16
N PHE B 531 -12.25 -15.82 17.09
CA PHE B 531 -13.69 -15.66 17.01
C PHE B 531 -14.16 -14.29 17.51
N ILE B 532 -13.28 -13.49 18.11
CA ILE B 532 -13.65 -12.15 18.55
C ILE B 532 -14.09 -11.35 17.34
N PRO B 533 -13.24 -11.18 16.31
CA PRO B 533 -13.70 -10.49 15.10
C PRO B 533 -14.58 -11.37 14.23
N GLY B 534 -14.34 -12.68 14.30
CA GLY B 534 -15.10 -13.62 13.47
C GLY B 534 -16.60 -13.51 13.68
N ARG B 535 -17.04 -13.44 14.94
CA ARG B 535 -18.47 -13.33 15.22
C ARG B 535 -19.04 -12.05 14.63
N VAL B 536 -18.26 -10.97 14.61
CA VAL B 536 -18.72 -9.73 13.99
C VAL B 536 -18.91 -9.94 12.50
N ASN B 537 -17.89 -10.50 11.82
CA ASN B 537 -18.00 -10.82 10.41
C ASN B 537 -19.24 -11.68 10.13
N TYR B 538 -19.49 -12.68 10.98
N TYR B 538 -19.49 -12.69 10.98
CA TYR B 538 -20.56 -13.64 10.71
CA TYR B 538 -20.56 -13.63 10.71
C TYR B 538 -21.93 -13.03 10.97
C TYR B 538 -21.93 -13.02 10.96
N PHE B 539 -22.08 -12.27 12.05
CA PHE B 539 -23.39 -11.74 12.41
C PHE B 539 -23.85 -10.69 11.39
N HIS B 540 -23.01 -9.70 11.12
CA HIS B 540 -23.37 -8.64 10.19
C HIS B 540 -23.12 -9.03 8.74
N LYS B 541 -22.62 -10.23 8.49
CA LYS B 541 -22.44 -10.76 7.14
C LYS B 541 -21.39 -9.97 6.36
N PHE B 542 -20.29 -9.63 7.03
CA PHE B 542 -19.17 -8.96 6.39
C PHE B 542 -18.18 -10.02 5.92
N SER B 543 -17.92 -10.05 4.61
CA SER B 543 -17.03 -11.04 4.02
C SER B 543 -15.61 -10.51 3.79
N GLY B 544 -15.30 -9.31 4.28
CA GLY B 544 -13.95 -8.82 4.23
C GLY B 544 -13.07 -9.55 5.23
N PRO B 545 -11.82 -9.13 5.30
CA PRO B 545 -10.85 -9.82 6.17
C PRO B 545 -11.22 -9.73 7.64
N SER B 546 -10.70 -10.68 8.42
CA SER B 546 -10.98 -10.79 9.85
C SER B 546 -9.70 -11.21 10.56
N TYR B 547 -9.21 -10.38 11.47
CA TYR B 547 -7.91 -10.59 12.10
C TYR B 547 -7.96 -10.26 13.59
N THR B 548 -7.10 -10.96 14.35
CA THR B 548 -6.79 -10.61 15.72
C THR B 548 -5.29 -10.39 15.85
N ILE B 549 -4.90 -9.30 16.50
CA ILE B 549 -3.50 -8.92 16.66
C ILE B 549 -3.15 -9.02 18.13
N ASP B 550 -1.98 -9.61 18.42
CA ASP B 550 -1.45 -9.68 19.78
C ASP B 550 -0.05 -9.08 19.75
N THR B 551 0.06 -7.81 20.13
CA THR B 551 1.35 -7.18 20.41
C THR B 551 1.42 -6.76 21.87
N ALA B 552 0.77 -7.53 22.74
CA ALA B 552 0.74 -7.29 24.18
C ALA B 552 0.08 -5.91 24.40
N CYS B 553 0.70 -5.01 25.15
CA CYS B 553 0.03 -3.78 25.58
C CYS B 553 -0.12 -2.77 24.45
N SER B 554 0.24 -3.11 23.22
CA SER B 554 0.04 -2.22 22.08
C SER B 554 -0.88 -2.84 21.03
N SER B 555 -1.64 -3.88 21.41
CA SER B 555 -2.38 -4.66 20.43
C SER B 555 -3.39 -3.81 19.66
N SER B 556 -4.16 -2.98 20.38
CA SER B 556 -5.24 -2.25 19.72
C SER B 556 -4.71 -1.24 18.71
N LEU B 557 -3.67 -0.48 19.08
CA LEU B 557 -3.09 0.44 18.10
C LEU B 557 -2.39 -0.30 16.97
N ALA B 558 -1.83 -1.47 17.26
CA ALA B 558 -1.29 -2.30 16.19
C ALA B 558 -2.39 -2.75 15.23
N ALA B 559 -3.55 -3.12 15.79
CA ALA B 559 -4.68 -3.48 14.95
C ALA B 559 -5.19 -2.28 14.16
N LEU B 560 -5.28 -1.12 14.82
CA LEU B 560 -5.63 0.09 14.10
C LEU B 560 -4.66 0.35 12.95
N HIS B 561 -3.38 0.04 13.14
CA HIS B 561 -2.39 0.24 12.10
C HIS B 561 -2.66 -0.67 10.90
N MET B 562 -2.90 -1.96 11.16
CA MET B 562 -3.19 -2.89 10.06
C MET B 562 -4.44 -2.48 9.31
N ALA B 563 -5.47 -2.03 10.04
CA ALA B 563 -6.71 -1.63 9.39
C ALA B 563 -6.49 -0.41 8.49
N CYS B 564 -5.71 0.56 8.97
CA CYS B 564 -5.45 1.73 8.15
C CYS B 564 -4.69 1.38 6.87
N ASN B 565 -3.76 0.42 6.97
CA ASN B 565 -3.05 -0.02 5.77
C ASN B 565 -4.01 -0.64 4.77
N ALA B 566 -4.96 -1.45 5.24
CA ALA B 566 -5.94 -2.05 4.34
C ALA B 566 -6.75 -0.97 3.62
N LEU B 567 -7.23 0.02 4.37
CA LEU B 567 -7.97 1.12 3.76
C LEU B 567 -7.10 1.87 2.75
N TRP B 568 -5.83 2.12 3.10
CA TRP B 568 -4.96 2.87 2.20
C TRP B 568 -4.65 2.08 0.94
N ARG B 569 -4.55 0.75 1.02
N ARG B 569 -4.55 0.74 1.05
CA ARG B 569 -4.27 -0.06 -0.16
CA ARG B 569 -4.28 -0.12 -0.10
C ARG B 569 -5.54 -0.47 -0.90
C ARG B 569 -5.54 -0.43 -0.90
N GLY B 570 -6.72 -0.10 -0.39
CA GLY B 570 -7.95 -0.41 -1.08
C GLY B 570 -8.48 -1.80 -0.88
N GLU B 571 -7.99 -2.52 0.12
CA GLU B 571 -8.49 -3.87 0.38
C GLU B 571 -9.90 -3.84 0.96
N VAL B 572 -10.25 -2.76 1.68
CA VAL B 572 -11.59 -2.58 2.24
C VAL B 572 -11.97 -1.11 2.11
N ASP B 573 -13.27 -0.86 2.16
CA ASP B 573 -13.79 0.50 2.19
C ASP B 573 -14.24 0.93 3.57
N THR B 574 -14.66 -0.03 4.40
CA THR B 574 -14.99 0.23 5.80
C THR B 574 -14.22 -0.75 6.67
N ALA B 575 -13.73 -0.27 7.80
CA ALA B 575 -12.95 -1.09 8.71
C ALA B 575 -13.53 -0.99 10.12
N ILE B 576 -13.67 -2.12 10.78
CA ILE B 576 -14.09 -2.19 12.17
C ILE B 576 -12.86 -2.55 13.00
N VAL B 577 -12.47 -1.65 13.89
CA VAL B 577 -11.27 -1.80 14.70
C VAL B 577 -11.66 -1.69 16.17
N GLY B 578 -11.08 -2.57 16.99
CA GLY B 578 -11.38 -2.56 18.41
C GLY B 578 -10.31 -3.24 19.21
N GLY B 579 -10.53 -3.28 20.52
CA GLY B 579 -9.65 -3.97 21.44
C GLY B 579 -10.44 -4.47 22.62
N THR B 580 -10.01 -5.61 23.17
CA THR B 580 -10.69 -6.23 24.28
C THR B 580 -9.68 -6.60 25.36
N ASN B 581 -10.09 -6.46 26.62
CA ASN B 581 -9.25 -6.86 27.74
C ASN B 581 -10.20 -7.16 28.91
N VAL B 582 -10.46 -8.44 29.15
CA VAL B 582 -11.30 -8.89 30.26
C VAL B 582 -10.48 -9.87 31.07
N LEU B 583 -10.33 -9.59 32.36
CA LEU B 583 -9.40 -10.31 33.22
C LEU B 583 -10.19 -11.21 34.18
N THR B 584 -10.01 -12.52 34.04
CA THR B 584 -10.66 -13.49 34.90
C THR B 584 -9.70 -14.56 35.41
N ASN B 585 -8.42 -14.51 35.03
CA ASN B 585 -7.44 -15.50 35.45
C ASN B 585 -6.48 -14.87 36.44
N PRO B 586 -6.51 -15.25 37.73
CA PRO B 586 -5.60 -14.61 38.68
C PRO B 586 -4.13 -14.87 38.41
N ASP B 587 -3.80 -15.92 37.66
CA ASP B 587 -2.40 -16.21 37.38
C ASP B 587 -1.75 -15.09 36.58
N MET B 588 -2.51 -14.47 35.67
CA MET B 588 -1.96 -13.40 34.85
C MET B 588 -1.56 -12.22 35.73
N THR B 589 -2.42 -11.83 36.67
CA THR B 589 -2.05 -10.81 37.63
C THR B 589 -0.85 -11.25 38.46
N ALA B 590 -0.87 -12.51 38.92
CA ALA B 590 0.25 -13.01 39.73
C ALA B 590 1.55 -12.97 38.95
N GLY B 591 1.54 -13.44 37.70
CA GLY B 591 2.74 -13.40 36.89
C GLY B 591 3.24 -12.00 36.66
N LEU B 592 2.34 -11.08 36.34
CA LEU B 592 2.73 -9.68 36.17
C LEU B 592 3.36 -9.13 37.45
N ASP B 593 2.83 -9.51 38.61
CA ASP B 593 3.44 -9.08 39.86
C ASP B 593 4.81 -9.71 40.06
N ALA B 594 4.98 -10.96 39.62
CA ALA B 594 6.28 -11.61 39.74
C ALA B 594 7.33 -10.92 38.88
N GLY B 595 6.91 -10.26 37.80
CA GLY B 595 7.81 -9.51 36.95
C GLY B 595 7.94 -8.05 37.30
N HIS B 596 7.23 -7.59 38.35
CA HIS B 596 7.32 -6.23 38.86
C HIS B 596 6.68 -5.20 37.94
N PHE B 597 5.76 -5.64 37.07
CA PHE B 597 5.05 -4.70 36.21
C PHE B 597 4.01 -3.89 36.97
N LEU B 598 3.45 -4.45 38.04
CA LEU B 598 2.26 -3.90 38.66
C LEU B 598 2.58 -3.09 39.91
N SER B 599 1.74 -2.08 40.16
CA SER B 599 1.83 -1.25 41.35
C SER B 599 1.05 -1.90 42.47
N ARG B 600 1.71 -2.09 43.61
CA ARG B 600 1.09 -2.70 44.78
C ARG B 600 0.38 -1.70 45.67
N SER B 601 0.38 -0.42 45.31
CA SER B 601 -0.26 0.64 46.09
C SER B 601 -1.59 1.09 45.51
N GLY B 602 -1.66 1.33 44.21
CA GLY B 602 -2.89 1.80 43.61
C GLY B 602 -2.91 1.81 42.09
N ASN B 603 -3.52 2.84 41.52
CA ASN B 603 -3.63 2.96 40.07
C ASN B 603 -2.33 3.52 39.49
N CYS B 604 -2.28 3.63 38.17
CA CYS B 604 -1.13 4.25 37.51
C CYS B 604 -0.97 5.69 37.98
N LYS B 605 0.20 6.00 38.53
CA LYS B 605 0.51 7.35 38.98
C LYS B 605 1.49 7.99 38.00
N THR B 606 0.96 8.26 36.79
CA THR B 606 1.78 8.83 35.74
C THR B 606 2.34 10.17 36.19
N PHE B 607 3.64 10.37 35.94
CA PHE B 607 4.37 11.60 36.23
C PHE B 607 4.63 11.81 37.72
N ASP B 608 4.30 10.85 38.58
CA ASP B 608 4.53 10.99 40.00
C ASP B 608 5.89 10.44 40.38
N ASP B 609 6.58 11.16 41.27
CA ASP B 609 7.93 10.77 41.66
C ASP B 609 7.96 9.41 42.36
N GLU B 610 6.84 8.95 42.90
CA GLU B 610 6.79 7.66 43.58
C GLU B 610 5.89 6.69 42.82
N ALA B 611 6.11 6.55 41.52
CA ALA B 611 5.34 5.63 40.70
C ALA B 611 5.99 4.25 40.75
N ASP B 612 5.17 3.22 41.00
CA ASP B 612 5.68 1.89 41.31
C ASP B 612 5.10 0.80 40.41
N GLY B 613 4.61 1.16 39.23
CA GLY B 613 4.07 0.20 38.28
C GLY B 613 2.72 0.63 37.76
N TYR B 614 2.15 -0.19 36.89
CA TYR B 614 0.85 0.09 36.32
C TYR B 614 -0.20 -0.83 36.94
N CYS B 615 -1.45 -0.41 36.81
CA CYS B 615 -2.60 -1.12 37.37
C CYS B 615 -3.43 -1.68 36.24
N ARG B 616 -3.67 -2.99 36.27
CA ARG B 616 -4.43 -3.63 35.20
C ARG B 616 -5.82 -3.02 35.10
N GLY B 617 -6.31 -2.88 33.88
CA GLY B 617 -7.61 -2.31 33.65
C GLY B 617 -8.37 -3.09 32.58
N GLU B 618 -9.69 -3.05 32.69
CA GLU B 618 -10.57 -3.71 31.75
C GLU B 618 -11.23 -2.67 30.86
N ALA B 619 -11.39 -3.01 29.58
CA ALA B 619 -11.99 -2.09 28.63
C ALA B 619 -12.27 -2.83 27.33
N VAL B 620 -13.30 -2.38 26.62
CA VAL B 620 -13.64 -2.88 25.30
C VAL B 620 -14.11 -1.71 24.47
N VAL B 621 -13.49 -1.50 23.31
CA VAL B 621 -13.80 -0.37 22.45
C VAL B 621 -13.82 -0.84 21.01
N THR B 622 -14.74 -0.29 20.22
CA THR B 622 -14.82 -0.59 18.80
C THR B 622 -15.11 0.69 18.03
N LEU B 623 -14.35 0.92 16.96
CA LEU B 623 -14.51 2.10 16.13
C LEU B 623 -14.80 1.69 14.68
N ILE B 624 -15.31 2.63 13.91
CA ILE B 624 -15.61 2.44 12.49
C ILE B 624 -14.77 3.43 11.70
N LEU B 625 -14.04 2.93 10.71
CA LEU B 625 -13.12 3.74 9.92
C LEU B 625 -13.53 3.71 8.45
N LYS B 626 -13.12 4.76 7.74
CA LYS B 626 -13.36 4.91 6.31
C LYS B 626 -12.39 5.94 5.78
N ARG B 627 -11.98 5.76 4.53
CA ARG B 627 -11.24 6.82 3.84
C ARG B 627 -12.09 8.08 3.79
N LEU B 628 -11.48 9.22 4.14
CA LEU B 628 -12.24 10.45 4.31
C LEU B 628 -13.19 10.74 3.16
N PRO B 629 -12.80 10.62 1.89
CA PRO B 629 -13.75 10.92 0.81
C PRO B 629 -15.00 10.06 0.85
N ASP B 630 -14.86 8.75 1.06
CA ASP B 630 -16.03 7.88 1.16
C ASP B 630 -16.92 8.30 2.33
N ALA B 631 -16.31 8.64 3.47
CA ALA B 631 -17.09 9.09 4.62
C ALA B 631 -17.96 10.29 4.25
N GLN B 632 -17.42 11.20 3.44
CA GLN B 632 -18.19 12.39 3.05
C GLN B 632 -19.23 12.08 1.99
N ALA B 633 -18.94 11.11 1.11
CA ALA B 633 -19.91 10.73 0.09
C ALA B 633 -21.17 10.13 0.71
N ASP B 634 -20.98 9.31 1.75
CA ASP B 634 -22.12 8.71 2.45
C ASP B 634 -22.72 9.61 3.51
N LYS B 635 -22.24 10.85 3.63
CA LYS B 635 -22.73 11.77 4.66
C LYS B 635 -22.66 11.12 6.04
N ASP B 636 -21.60 10.36 6.27
CA ASP B 636 -21.36 9.76 7.57
C ASP B 636 -20.91 10.83 8.56
N PRO B 637 -21.10 10.60 9.85
CA PRO B 637 -20.49 11.47 10.85
C PRO B 637 -19.00 11.20 10.95
N ILE B 638 -18.25 12.24 11.29
CA ILE B 638 -16.79 12.15 11.39
C ILE B 638 -16.37 12.85 12.67
N GLN B 639 -15.83 12.10 13.62
CA GLN B 639 -15.36 12.66 14.87
C GLN B 639 -13.92 13.13 14.78
N ALA B 640 -13.11 12.51 13.93
CA ALA B 640 -11.72 12.92 13.72
C ALA B 640 -11.21 12.22 12.47
N SER B 641 -9.98 12.57 12.09
CA SER B 641 -9.31 11.97 10.95
C SER B 641 -7.92 11.53 11.36
N ILE B 642 -7.50 10.37 10.87
CA ILE B 642 -6.17 9.82 11.17
C ILE B 642 -5.26 10.19 10.00
N LEU B 643 -4.23 10.98 10.28
CA LEU B 643 -3.29 11.41 9.25
C LEU B 643 -2.18 10.40 9.01
N GLY B 644 -1.68 9.77 10.08
CA GLY B 644 -0.61 8.81 9.94
C GLY B 644 -0.51 7.91 11.16
N ILE B 645 0.27 6.85 11.01
CA ILE B 645 0.51 5.89 12.07
C ILE B 645 1.68 5.00 11.69
N ALA B 646 2.57 4.73 12.65
CA ALA B 646 3.78 3.97 12.37
C ALA B 646 4.08 3.05 13.55
N THR B 647 5.01 2.13 13.32
CA THR B 647 5.38 1.14 14.33
C THR B 647 6.85 0.78 14.14
N ASN B 648 7.58 0.68 15.25
CA ASN B 648 8.93 0.14 15.24
C ASN B 648 9.05 -0.78 16.44
N HIS B 649 10.29 -1.15 16.77
CA HIS B 649 10.56 -2.03 17.89
C HIS B 649 11.75 -1.51 18.67
N SER B 650 11.68 -1.62 20.00
CA SER B 650 12.74 -1.15 20.88
C SER B 650 13.81 -2.24 20.99
N ALA B 651 14.52 -2.45 19.87
CA ALA B 651 15.55 -3.47 19.82
C ALA B 651 16.79 -3.09 20.61
N GLU B 652 17.00 -1.79 20.84
CA GLU B 652 18.22 -1.30 21.49
C GLU B 652 18.06 -1.20 23.01
N ALA B 653 17.09 -1.91 23.59
CA ALA B 653 16.84 -1.87 25.02
C ALA B 653 17.70 -2.90 25.76
N ALA B 654 18.02 -2.58 27.01
CA ALA B 654 18.89 -3.44 27.80
C ALA B 654 18.20 -4.74 28.18
N SER B 655 16.92 -4.68 28.53
CA SER B 655 16.13 -5.86 28.84
C SER B 655 14.99 -6.01 27.84
N ILE B 656 14.53 -7.25 27.67
CA ILE B 656 13.46 -7.52 26.71
C ILE B 656 12.21 -6.72 27.08
N THR B 657 11.93 -6.60 28.37
CA THR B 657 10.74 -5.89 28.84
C THR B 657 10.91 -4.39 28.76
N ARG B 658 12.02 -3.87 29.26
CA ARG B 658 12.19 -2.43 29.41
C ARG B 658 12.05 -1.73 28.06
N PRO B 659 11.27 -0.66 27.97
CA PRO B 659 11.26 0.14 26.75
C PRO B 659 12.35 1.21 26.79
N HIS B 660 12.76 1.64 25.59
CA HIS B 660 13.86 2.60 25.48
C HIS B 660 13.48 3.77 24.59
N ALA B 661 13.92 4.96 25.00
CA ALA B 661 13.47 6.20 24.39
C ALA B 661 14.04 6.40 22.99
N GLY B 662 15.21 5.85 22.71
CA GLY B 662 15.83 6.06 21.40
C GLY B 662 14.89 5.74 20.25
N ALA B 663 14.27 4.56 20.29
CA ALA B 663 13.35 4.17 19.23
C ALA B 663 12.06 4.98 19.28
N GLN B 664 11.62 5.37 20.48
CA GLN B 664 10.34 6.07 20.61
C GLN B 664 10.39 7.45 19.96
N GLN B 665 11.48 8.19 20.17
CA GLN B 665 11.61 9.48 19.50
C GLN B 665 11.65 9.30 17.99
N ASP B 666 12.50 8.37 17.51
CA ASP B 666 12.56 8.10 16.09
C ASP B 666 11.19 7.80 15.51
N LEU B 667 10.30 7.23 16.32
CA LEU B 667 8.93 6.96 15.87
C LEU B 667 8.11 8.24 15.81
N PHE B 668 8.18 9.05 16.88
CA PHE B 668 7.44 10.32 16.88
C PHE B 668 7.83 11.18 15.70
N GLN B 669 9.14 11.26 15.40
CA GLN B 669 9.60 12.08 14.29
C GLN B 669 9.23 11.46 12.95
N GLN B 670 9.20 10.13 12.88
CA GLN B 670 8.83 9.47 11.64
C GLN B 670 7.42 9.85 11.21
N VAL B 671 6.46 9.81 12.14
CA VAL B 671 5.07 10.11 11.77
C VAL B 671 4.88 11.60 11.52
N LEU B 672 5.60 12.46 12.24
CA LEU B 672 5.52 13.89 11.93
C LEU B 672 5.99 14.17 10.51
N THR B 673 7.08 13.52 10.10
CA THR B 673 7.57 13.68 8.73
C THR B 673 6.58 13.09 7.73
N GLU B 674 6.07 11.89 8.02
CA GLU B 674 5.16 11.23 7.09
C GLU B 674 3.90 12.06 6.87
N THR B 675 3.42 12.74 7.92
CA THR B 675 2.22 13.55 7.82
C THR B 675 2.51 14.98 7.38
N GLY B 676 3.77 15.36 7.26
CA GLY B 676 4.13 16.70 6.84
C GLY B 676 3.94 17.76 7.90
N LEU B 677 3.88 17.36 9.17
CA LEU B 677 3.65 18.29 10.26
C LEU B 677 4.94 18.56 11.01
N THR B 678 4.88 19.55 11.90
CA THR B 678 6.01 19.92 12.74
C THR B 678 5.55 20.00 14.18
N ALA B 679 6.50 20.22 15.08
CA ALA B 679 6.21 20.23 16.50
C ALA B 679 5.09 21.21 16.83
N ASN B 680 5.17 22.42 16.28
CA ASN B 680 4.18 23.46 16.60
C ASN B 680 2.76 23.04 16.25
N ASP B 681 2.60 22.19 15.23
CA ASP B 681 1.26 21.82 14.81
C ASP B 681 0.55 20.95 15.85
N ILE B 682 1.30 20.19 16.64
CA ILE B 682 0.70 19.34 17.67
C ILE B 682 0.45 20.17 18.92
N SER B 683 -0.73 20.01 19.51
CA SER B 683 -1.11 20.73 20.72
C SER B 683 -1.39 19.82 21.90
N VAL B 684 -1.59 18.53 21.68
CA VAL B 684 -1.88 17.57 22.73
C VAL B 684 -1.15 16.27 22.42
N CYS B 685 -0.62 15.62 23.45
CA CYS B 685 -0.03 14.30 23.32
C CYS B 685 -0.65 13.38 24.36
N GLU B 686 -1.29 12.31 23.90
CA GLU B 686 -1.78 11.26 24.79
C GLU B 686 -0.69 10.22 24.90
N MET B 687 0.04 10.24 26.02
CA MET B 687 1.19 9.37 26.17
C MET B 687 0.76 7.99 26.66
N HIS B 688 1.67 7.03 26.50
CA HIS B 688 1.47 5.70 27.07
C HIS B 688 1.33 5.79 28.58
N GLY B 689 2.34 6.35 29.25
CA GLY B 689 2.27 6.65 30.67
C GLY B 689 1.72 5.55 31.55
N THR B 690 2.51 4.50 31.77
CA THR B 690 2.10 3.38 32.60
C THR B 690 2.44 3.56 34.07
N GLY B 691 2.83 4.76 34.49
CA GLY B 691 3.14 5.00 35.88
C GLY B 691 4.43 4.35 36.33
N THR B 692 5.50 4.60 35.59
CA THR B 692 6.83 4.11 35.92
C THR B 692 7.79 5.28 35.98
N GLN B 693 8.64 5.31 36.99
CA GLN B 693 9.61 6.40 37.10
C GLN B 693 10.50 6.46 35.87
N ALA B 694 11.05 5.32 35.45
CA ALA B 694 11.87 5.28 34.26
C ALA B 694 11.03 5.43 33.00
N GLY B 695 9.88 4.75 32.93
CA GLY B 695 9.05 4.83 31.74
C GLY B 695 8.49 6.22 31.51
N ASP B 696 7.99 6.85 32.59
CA ASP B 696 7.39 8.18 32.43
C ASP B 696 8.44 9.22 32.07
N SER B 697 9.61 9.17 32.71
CA SER B 697 10.66 10.13 32.39
C SER B 697 11.23 9.87 31.00
N GLY B 698 11.41 8.61 30.63
CA GLY B 698 11.92 8.29 29.31
C GLY B 698 10.99 8.76 28.21
N GLU B 699 9.71 8.42 28.31
CA GLU B 699 8.75 8.84 27.29
C GLU B 699 8.59 10.34 27.27
N THR B 700 8.53 10.98 28.44
CA THR B 700 8.35 12.43 28.48
C THR B 700 9.51 13.15 27.79
N THR B 701 10.73 12.66 27.98
CA THR B 701 11.88 13.27 27.33
C THR B 701 11.80 13.11 25.82
N SER B 702 11.30 11.97 25.36
CA SER B 702 11.14 11.75 23.92
C SER B 702 10.09 12.68 23.32
N VAL B 703 9.01 12.93 24.07
CA VAL B 703 7.93 13.76 23.54
C VAL B 703 8.37 15.20 23.39
N VAL B 704 9.00 15.75 24.42
CA VAL B 704 9.41 17.15 24.36
C VAL B 704 10.52 17.35 23.34
N GLU B 705 11.45 16.40 23.25
CA GLU B 705 12.52 16.52 22.26
C GLU B 705 11.99 16.53 20.84
N THR B 706 10.76 16.06 20.63
CA THR B 706 10.11 16.08 19.32
C THR B 706 9.09 17.19 19.18
N LEU B 707 8.26 17.42 20.20
CA LEU B 707 7.15 18.36 20.09
C LEU B 707 7.40 19.68 20.81
N ALA B 708 8.41 19.76 21.68
CA ALA B 708 8.72 20.99 22.41
C ALA B 708 10.23 21.11 22.57
N PRO B 709 10.97 21.11 21.46
CA PRO B 709 12.44 21.22 21.56
C PRO B 709 12.91 22.57 22.06
N LEU B 710 14.22 22.77 22.08
CA LEU B 710 14.85 24.03 22.48
C LEU B 710 15.89 24.39 21.44
N ASN B 711 15.75 25.58 20.86
CA ASN B 711 16.74 26.05 19.90
C ASN B 711 18.11 26.17 20.58
N ARG B 712 19.14 26.34 19.76
CA ARG B 712 20.51 26.43 20.26
C ARG B 712 20.69 27.60 21.24
N SER B 713 19.84 28.63 21.16
CA SER B 713 19.95 29.76 22.06
C SER B 713 19.39 29.47 23.45
N GLY B 714 18.59 28.42 23.61
CA GLY B 714 18.01 28.06 24.89
C GLY B 714 16.53 28.33 25.00
N SER B 715 15.96 29.07 24.05
CA SER B 715 14.55 29.43 24.08
C SER B 715 13.67 28.28 23.59
N ALA B 716 12.36 28.47 23.71
CA ALA B 716 11.39 27.47 23.33
C ALA B 716 11.06 27.60 21.84
N VAL B 717 11.03 26.45 21.15
CA VAL B 717 10.57 26.43 19.76
C VAL B 717 9.05 26.58 19.69
N ARG B 718 8.34 26.17 20.73
CA ARG B 718 6.89 26.21 20.70
C ARG B 718 6.36 27.65 20.84
N THR B 719 5.42 28.01 19.98
CA THR B 719 4.70 29.26 20.09
C THR B 719 3.39 29.13 20.84
N THR B 720 2.86 27.91 20.95
CA THR B 720 1.64 27.61 21.67
C THR B 720 1.91 26.53 22.72
N PRO B 721 1.07 26.45 23.75
CA PRO B 721 1.32 25.45 24.80
C PRO B 721 1.05 24.04 24.31
N LEU B 722 1.76 23.09 24.93
CA LEU B 722 1.55 21.67 24.71
C LEU B 722 1.05 21.03 25.99
N TYR B 723 0.04 20.18 25.87
CA TYR B 723 -0.54 19.48 27.00
C TYR B 723 -0.30 17.98 26.85
N ILE B 724 0.16 17.34 27.93
CA ILE B 724 0.43 15.92 27.95
C ILE B 724 -0.38 15.28 29.08
N GLY B 725 -0.90 14.09 28.83
CA GLY B 725 -1.67 13.37 29.82
C GLY B 725 -1.74 11.91 29.49
N ALA B 726 -2.16 11.13 30.49
CA ALA B 726 -2.33 9.69 30.33
C ALA B 726 -3.69 9.29 30.90
N VAL B 727 -4.48 8.58 30.09
CA VAL B 727 -5.78 8.11 30.54
C VAL B 727 -5.64 6.99 31.57
N LYS B 728 -4.52 6.26 31.55
CA LYS B 728 -4.35 5.13 32.45
C LYS B 728 -4.38 5.57 33.92
N SER B 729 -4.08 6.83 34.20
CA SER B 729 -4.20 7.34 35.56
C SER B 729 -5.63 7.33 36.06
N ASN B 730 -6.61 7.23 35.14
CA ASN B 730 -8.02 7.19 35.50
C ASN B 730 -8.58 5.77 35.52
N VAL B 731 -8.40 5.02 34.44
CA VAL B 731 -9.03 3.71 34.27
C VAL B 731 -7.99 2.60 34.19
N GLY B 732 -6.74 2.87 34.54
CA GLY B 732 -5.74 1.85 34.54
C GLY B 732 -5.25 1.48 33.14
N HIS B 733 -4.49 0.39 33.09
CA HIS B 733 -3.82 -0.05 31.87
C HIS B 733 -4.65 -1.15 31.23
N ALA B 734 -5.38 -0.80 30.17
CA ALA B 734 -6.24 -1.76 29.48
C ALA B 734 -5.46 -2.74 28.63
N GLU B 735 -4.13 -2.69 28.69
CA GLU B 735 -3.27 -3.66 28.00
C GLU B 735 -3.60 -3.70 26.51
N SER B 736 -4.17 -4.81 26.03
CA SER B 736 -4.47 -4.90 24.60
C SER B 736 -5.51 -3.88 24.16
N ALA B 737 -6.22 -3.24 25.11
CA ALA B 737 -7.22 -2.24 24.78
C ALA B 737 -6.79 -0.84 25.18
N ALA B 738 -5.52 -0.64 25.49
CA ALA B 738 -5.06 0.68 25.92
C ALA B 738 -5.10 1.68 24.76
N GLY B 739 -4.64 1.26 23.59
CA GLY B 739 -4.59 2.18 22.46
C GLY B 739 -5.95 2.78 22.15
N VAL B 740 -6.97 1.94 22.02
CA VAL B 740 -8.32 2.43 21.73
C VAL B 740 -8.90 3.17 22.93
N SER B 741 -8.56 2.75 24.15
CA SER B 741 -8.97 3.52 25.32
C SER B 741 -8.40 4.93 25.28
N SER B 742 -7.10 5.05 24.99
CA SER B 742 -6.48 6.36 24.82
C SER B 742 -7.15 7.12 23.67
N LEU B 743 -7.43 6.42 22.57
CA LEU B 743 -8.04 7.07 21.42
C LEU B 743 -9.46 7.54 21.73
N ALA B 744 -10.21 6.74 22.49
CA ALA B 744 -11.56 7.15 22.89
C ALA B 744 -11.51 8.46 23.66
N LYS B 745 -10.55 8.60 24.57
CA LYS B 745 -10.39 9.85 25.32
C LYS B 745 -10.25 11.04 24.38
N ILE B 746 -9.43 10.90 23.34
CA ILE B 746 -9.18 12.02 22.42
C ILE B 746 -10.46 12.42 21.71
N LEU B 747 -11.20 11.43 21.20
CA LEU B 747 -12.45 11.74 20.51
C LEU B 747 -13.39 12.52 21.41
N LEU B 748 -13.40 12.22 22.71
CA LEU B 748 -14.25 12.95 23.63
C LEU B 748 -13.70 14.34 23.92
N MET B 749 -12.38 14.46 24.04
CA MET B 749 -11.78 15.78 24.25
C MET B 749 -12.06 16.70 23.06
N LEU B 750 -11.99 16.17 21.84
CA LEU B 750 -12.31 16.98 20.67
C LEU B 750 -13.77 17.42 20.68
N LYS B 751 -14.67 16.50 21.03
CA LYS B 751 -16.09 16.83 21.07
C LYS B 751 -16.36 17.98 22.03
N HIS B 752 -15.89 17.86 23.27
CA HIS B 752 -16.18 18.84 24.31
C HIS B 752 -15.16 19.96 24.37
N SER B 753 -14.10 19.90 23.55
CA SER B 753 -13.11 20.98 23.49
C SER B 753 -12.56 21.29 24.89
N LYS B 754 -12.13 20.24 25.58
CA LYS B 754 -11.60 20.37 26.93
C LYS B 754 -10.47 19.38 27.13
N ILE B 755 -9.54 19.75 27.99
CA ILE B 755 -8.47 18.87 28.44
C ILE B 755 -8.80 18.45 29.87
N PRO B 756 -8.97 17.16 30.16
CA PRO B 756 -9.38 16.76 31.50
C PRO B 756 -8.22 16.86 32.48
N PRO B 757 -8.50 17.00 33.77
CA PRO B 757 -7.42 17.05 34.75
C PRO B 757 -6.64 15.74 34.80
N HIS B 758 -5.40 15.85 35.28
CA HIS B 758 -4.52 14.70 35.43
C HIS B 758 -4.46 14.33 36.91
N VAL B 759 -4.82 13.08 37.21
CA VAL B 759 -4.91 12.61 38.59
C VAL B 759 -3.75 11.69 38.96
N GLY B 760 -2.79 11.47 38.06
CA GLY B 760 -1.70 10.57 38.36
C GLY B 760 -0.71 11.10 39.38
N ILE B 761 -0.55 12.43 39.44
CA ILE B 761 0.40 13.05 40.35
C ILE B 761 -0.26 13.15 41.72
N LYS B 762 0.11 12.24 42.63
CA LYS B 762 -0.53 12.16 43.94
C LYS B 762 0.23 12.94 45.00
N THR B 763 1.55 13.09 44.85
CA THR B 763 2.36 13.75 45.87
C THR B 763 3.26 14.81 45.26
N LYS B 764 4.29 14.38 44.52
CA LYS B 764 5.26 15.29 43.95
C LYS B 764 5.57 14.87 42.52
N LEU B 765 5.87 15.87 41.69
CA LEU B 765 6.21 15.62 40.30
C LEU B 765 7.52 14.84 40.18
N ASN B 766 7.63 14.04 39.13
CA ASN B 766 8.81 13.23 38.90
C ASN B 766 10.01 14.15 38.63
N HIS B 767 11.05 14.04 39.45
CA HIS B 767 12.22 14.90 39.32
C HIS B 767 13.07 14.57 38.10
N ARG B 768 12.82 13.45 37.43
N ARG B 768 12.82 13.45 37.43
CA ARG B 768 13.59 13.08 36.25
CA ARG B 768 13.58 13.08 36.25
C ARG B 768 13.08 13.78 34.98
C ARG B 768 13.08 13.77 34.98
N LEU B 769 11.87 14.33 35.01
CA LEU B 769 11.34 15.00 33.84
C LEU B 769 12.13 16.28 33.56
N PRO B 770 12.16 16.73 32.31
CA PRO B 770 12.77 18.03 32.01
C PRO B 770 11.87 19.17 32.46
N ASP B 771 12.44 20.38 32.48
CA ASP B 771 11.68 21.57 32.81
C ASP B 771 10.60 21.79 31.77
N LEU B 772 9.38 21.34 32.07
CA LEU B 772 8.30 21.38 31.07
C LEU B 772 7.88 22.81 30.74
N ALA B 773 7.82 23.69 31.74
CA ALA B 773 7.36 25.04 31.50
C ALA B 773 8.28 25.79 30.53
N ALA B 774 9.60 25.56 30.63
CA ALA B 774 10.52 26.26 29.75
C ALA B 774 10.27 25.91 28.29
N ARG B 775 9.76 24.70 28.02
CA ARG B 775 9.46 24.26 26.66
C ARG B 775 8.00 24.51 26.28
N ASN B 776 7.21 25.11 27.18
CA ASN B 776 5.79 25.37 26.95
C ASN B 776 4.96 24.09 26.95
N THR B 777 5.42 23.08 27.68
CA THR B 777 4.64 21.85 27.88
C THR B 777 4.00 21.90 29.26
N HIS B 778 2.83 21.29 29.38
CA HIS B 778 2.05 21.41 30.60
C HIS B 778 1.32 20.11 30.90
N ILE B 779 1.17 19.84 32.20
CA ILE B 779 0.34 18.75 32.70
C ILE B 779 -0.84 19.41 33.41
N ALA B 780 -2.00 19.38 32.78
CA ALA B 780 -3.18 20.09 33.30
C ALA B 780 -3.63 19.48 34.61
N ARG B 781 -3.60 20.27 35.68
CA ARG B 781 -4.12 19.84 36.98
C ARG B 781 -5.62 20.07 37.09
N SER B 782 -6.13 21.15 36.49
CA SER B 782 -7.56 21.38 36.35
C SER B 782 -7.88 21.56 34.88
N GLU B 783 -9.14 21.32 34.52
CA GLU B 783 -9.53 21.30 33.12
C GLU B 783 -9.14 22.61 32.43
N VAL B 784 -8.82 22.51 31.14
CA VAL B 784 -8.37 23.66 30.36
C VAL B 784 -9.16 23.69 29.06
N PRO B 785 -9.71 24.84 28.66
CA PRO B 785 -10.37 24.90 27.35
C PRO B 785 -9.40 24.54 26.23
N TRP B 786 -9.89 23.76 25.27
CA TRP B 786 -9.11 23.32 24.12
C TRP B 786 -9.89 23.66 22.85
N PRO B 787 -10.04 24.95 22.56
CA PRO B 787 -10.91 25.36 21.47
C PRO B 787 -10.31 25.13 20.10
N ARG B 788 -11.18 24.79 19.16
CA ARG B 788 -10.74 24.60 17.79
C ARG B 788 -10.43 25.96 17.16
N PRO B 789 -9.26 26.14 16.54
CA PRO B 789 -8.95 27.43 15.93
C PRO B 789 -9.91 27.78 14.81
N LYS B 790 -10.17 29.08 14.65
CA LYS B 790 -11.01 29.54 13.56
C LYS B 790 -10.36 29.18 12.24
N ASN B 791 -11.08 28.43 11.40
CA ASN B 791 -10.54 27.96 10.13
C ASN B 791 -9.25 27.16 10.35
N GLY B 792 -9.22 26.37 11.43
CA GLY B 792 -8.08 25.56 11.75
C GLY B 792 -8.50 24.22 12.32
N LYS B 793 -7.50 23.42 12.71
CA LYS B 793 -7.73 22.08 13.23
C LYS B 793 -6.84 21.83 14.43
N ARG B 794 -7.35 21.03 15.37
CA ARG B 794 -6.56 20.52 16.48
C ARG B 794 -5.93 19.20 16.07
N ARG B 795 -4.63 19.04 16.35
CA ARG B 795 -3.89 17.85 15.98
C ARG B 795 -3.21 17.25 17.20
N VAL B 796 -3.16 15.92 17.25
CA VAL B 796 -2.80 15.19 18.44
C VAL B 796 -1.83 14.07 18.08
N LEU B 797 -0.94 13.76 19.02
CA LEU B 797 -0.06 12.60 18.92
C LEU B 797 -0.46 11.60 19.99
N LEU B 798 -0.68 10.35 19.59
CA LEU B 798 -1.11 9.29 20.49
C LEU B 798 -0.10 8.14 20.44
N ASN B 799 0.37 7.73 21.62
CA ASN B 799 1.38 6.69 21.75
C ASN B 799 0.79 5.47 22.44
N ASN B 800 1.37 4.31 22.14
CA ASN B 800 0.95 3.06 22.78
C ASN B 800 2.05 2.03 22.56
N PHE B 801 2.68 1.60 23.65
CA PHE B 801 3.85 0.73 23.61
C PHE B 801 3.54 -0.60 24.27
N SER B 802 4.43 -1.56 24.06
CA SER B 802 4.29 -2.89 24.62
C SER B 802 5.59 -3.32 25.31
N ALA B 803 5.44 -4.16 26.34
CA ALA B 803 6.60 -4.72 27.02
C ALA B 803 7.35 -5.71 26.13
N ALA B 804 6.71 -6.21 25.07
CA ALA B 804 7.39 -7.08 24.14
C ALA B 804 8.39 -6.33 23.26
N GLY B 805 8.38 -5.00 23.29
CA GLY B 805 9.35 -4.17 22.60
C GLY B 805 8.74 -3.25 21.55
N GLY B 806 7.58 -3.62 21.03
CA GLY B 806 6.97 -2.82 19.97
C GLY B 806 6.50 -1.47 20.46
N ASN B 807 6.57 -0.49 19.57
CA ASN B 807 6.06 0.85 19.81
C ASN B 807 5.17 1.26 18.66
N THR B 808 4.05 1.89 18.97
CA THR B 808 3.11 2.35 17.95
C THR B 808 2.58 3.71 18.35
N CYS B 809 2.43 4.58 17.36
CA CYS B 809 1.88 5.91 17.60
C CYS B 809 1.21 6.40 16.33
N LEU B 810 0.24 7.29 16.50
CA LEU B 810 -0.48 7.87 15.38
C LEU B 810 -0.66 9.36 15.60
N VAL B 811 -0.94 10.07 14.51
CA VAL B 811 -1.24 11.49 14.52
C VAL B 811 -2.70 11.67 14.13
N LEU B 812 -3.44 12.41 14.96
CA LEU B 812 -4.86 12.60 14.77
C LEU B 812 -5.14 14.06 14.42
N GLU B 813 -6.33 14.31 13.89
CA GLU B 813 -6.67 15.62 13.36
C GLU B 813 -8.16 15.84 13.52
N ASP B 814 -8.54 17.10 13.72
CA ASP B 814 -9.95 17.46 13.76
C ASP B 814 -10.66 17.01 12.50
N ALA B 815 -11.97 16.85 12.58
CA ALA B 815 -12.78 16.51 11.42
C ALA B 815 -12.99 17.73 10.54
N PRO B 816 -13.35 17.54 9.28
CA PRO B 816 -13.64 18.69 8.42
C PRO B 816 -14.82 19.49 8.95
N GLU B 817 -14.89 20.75 8.51
CA GLU B 817 -16.01 21.59 8.89
C GLU B 817 -17.29 21.11 8.21
N PRO B 818 -18.40 20.95 8.94
CA PRO B 818 -19.62 20.44 8.30
C PRO B 818 -20.13 21.42 7.25
N GLU B 819 -20.44 20.88 6.06
CA GLU B 819 -21.02 21.70 5.00
C GLU B 819 -22.41 22.15 5.42
N ASP B 820 -22.61 23.46 5.50
CA ASP B 820 -23.86 24.04 5.98
C ASP B 820 -24.93 23.89 4.91
N SER B 821 -25.48 22.68 4.79
CA SER B 821 -26.57 22.44 3.86
C SER B 821 -27.75 23.32 4.23
N GLN B 822 -27.93 24.43 3.51
CA GLN B 822 -28.93 25.42 3.88
C GLN B 822 -30.35 25.04 3.46
N GLU B 823 -30.53 24.04 2.61
CA GLU B 823 -31.86 23.75 2.12
C GLU B 823 -32.77 23.33 3.26
N VAL B 824 -34.03 23.76 3.19
CA VAL B 824 -35.04 23.44 4.18
C VAL B 824 -35.89 22.30 3.64
N ASP B 825 -36.18 21.33 4.49
CA ASP B 825 -37.01 20.21 4.07
C ASP B 825 -38.45 20.70 3.95
N PRO B 826 -39.00 20.85 2.74
CA PRO B 826 -40.36 21.40 2.61
C PRO B 826 -41.46 20.45 3.03
N ARG B 827 -41.14 19.18 3.27
CA ARG B 827 -42.16 18.22 3.66
C ARG B 827 -42.73 18.60 5.02
N GLU B 828 -44.05 18.71 5.09
CA GLU B 828 -44.70 19.09 6.34
C GLU B 828 -44.72 17.94 7.33
N HIS B 829 -45.01 16.73 6.86
CA HIS B 829 -45.15 15.55 7.71
C HIS B 829 -43.95 14.63 7.53
N HIS B 830 -43.45 14.11 8.65
CA HIS B 830 -42.32 13.20 8.64
C HIS B 830 -42.69 11.93 9.39
N ILE B 831 -41.87 10.90 9.19
CA ILE B 831 -42.13 9.57 9.73
C ILE B 831 -40.88 9.12 10.48
N VAL B 832 -41.09 8.57 11.67
CA VAL B 832 -40.01 8.06 12.52
C VAL B 832 -40.26 6.59 12.76
N ALA B 833 -39.23 5.77 12.54
CA ALA B 833 -39.35 4.32 12.58
C ALA B 833 -38.50 3.77 13.72
N LEU B 834 -39.10 2.91 14.54
CA LEU B 834 -38.40 2.20 15.59
C LEU B 834 -38.54 0.70 15.36
N SER B 835 -37.50 -0.05 15.68
CA SER B 835 -37.52 -1.49 15.52
C SER B 835 -36.69 -2.14 16.63
N ALA B 836 -36.98 -3.41 16.87
CA ALA B 836 -36.29 -4.19 17.89
C ALA B 836 -36.52 -5.67 17.61
N LYS B 837 -35.65 -6.50 18.20
CA LYS B 837 -35.76 -7.94 18.04
C LYS B 837 -36.60 -8.60 19.11
N THR B 838 -36.92 -7.91 20.19
CA THR B 838 -37.65 -8.46 21.31
C THR B 838 -38.70 -7.45 21.76
N PRO B 839 -39.85 -7.92 22.24
CA PRO B 839 -40.84 -6.97 22.78
C PRO B 839 -40.29 -6.10 23.90
N ASP B 840 -39.48 -6.69 24.79
CA ASP B 840 -38.87 -5.91 25.87
C ASP B 840 -37.90 -4.86 25.32
N SER B 841 -37.07 -5.25 24.35
CA SER B 841 -36.16 -4.27 23.74
C SER B 841 -36.95 -3.14 23.09
N MET B 842 -38.12 -3.44 22.53
CA MET B 842 -38.95 -2.39 21.94
C MET B 842 -39.38 -1.39 23.00
N VAL B 843 -39.82 -1.88 24.17
CA VAL B 843 -40.17 -0.98 25.26
C VAL B 843 -38.99 -0.07 25.60
N ASN B 844 -37.79 -0.64 25.62
CA ASN B 844 -36.61 0.16 25.92
C ASN B 844 -36.41 1.24 24.86
N ASN B 845 -36.45 0.85 23.58
CA ASN B 845 -36.21 1.81 22.51
C ASN B 845 -37.25 2.92 22.53
N LEU B 846 -38.52 2.56 22.76
CA LEU B 846 -39.56 3.57 22.92
C LEU B 846 -39.25 4.50 24.07
N THR B 847 -39.00 3.95 25.26
CA THR B 847 -38.69 4.76 26.42
C THR B 847 -37.50 5.68 26.14
N ASN B 848 -36.42 5.11 25.60
CA ASN B 848 -35.21 5.89 25.37
C ASN B 848 -35.41 6.96 24.30
N MET B 849 -36.25 6.68 23.30
CA MET B 849 -36.50 7.66 22.24
C MET B 849 -37.29 8.85 22.77
N ILE B 850 -38.23 8.61 23.68
CA ILE B 850 -39.01 9.70 24.24
C ILE B 850 -38.13 10.64 25.04
N THR B 851 -37.31 10.08 25.93
CA THR B 851 -36.42 10.92 26.74
C THR B 851 -35.44 11.69 25.86
N TRP B 852 -35.08 11.15 24.71
CA TRP B 852 -34.20 11.88 23.79
C TRP B 852 -34.91 13.09 23.20
N ILE B 853 -36.19 12.95 22.87
CA ILE B 853 -36.95 14.08 22.34
C ILE B 853 -37.11 15.16 23.39
N ASP B 854 -37.21 14.77 24.66
CA ASP B 854 -37.33 15.75 25.73
C ASP B 854 -36.05 16.57 25.91
N LYS B 855 -34.90 16.04 25.47
CA LYS B 855 -33.66 16.80 25.54
C LYS B 855 -33.52 17.76 24.37
N HIS B 856 -34.03 17.39 23.19
CA HIS B 856 -33.88 18.18 21.97
C HIS B 856 -35.23 18.65 21.46
N SER B 857 -36.12 19.05 22.37
CA SER B 857 -37.48 19.39 21.98
C SER B 857 -37.51 20.68 21.17
N GLY B 858 -36.89 21.74 21.67
CA GLY B 858 -36.93 23.03 21.02
C GLY B 858 -35.59 23.49 20.47
N ASP B 859 -34.70 22.54 20.20
CA ASP B 859 -33.37 22.89 19.72
C ASP B 859 -33.43 23.51 18.33
N SER B 860 -34.10 22.84 17.39
CA SER B 860 -34.15 23.32 16.01
C SER B 860 -35.33 22.70 15.30
N LEU B 861 -35.70 23.31 14.17
CA LEU B 861 -36.77 22.78 13.32
C LEU B 861 -36.27 21.73 12.35
N ALA B 862 -34.98 21.76 11.99
CA ALA B 862 -34.40 20.77 11.10
C ALA B 862 -34.12 19.44 11.78
N THR B 863 -34.42 19.33 13.09
CA THR B 863 -34.16 18.09 13.81
C THR B 863 -35.07 16.97 13.33
N LEU B 864 -36.36 17.26 13.12
CA LEU B 864 -37.31 16.21 12.78
C LEU B 864 -36.98 15.54 11.45
N PRO B 865 -36.73 16.26 10.35
CA PRO B 865 -36.30 15.56 9.13
C PRO B 865 -35.05 14.73 9.34
N GLN B 866 -34.09 15.25 10.08
CA GLN B 866 -32.85 14.50 10.34
C GLN B 866 -33.10 13.32 11.25
N LEU B 867 -34.06 13.43 12.18
CA LEU B 867 -34.47 12.27 12.96
C LEU B 867 -35.12 11.22 12.08
N SER B 868 -36.00 11.65 11.17
CA SER B 868 -36.63 10.72 10.23
C SER B 868 -35.58 10.03 9.36
N TYR B 869 -34.70 10.82 8.74
CA TYR B 869 -33.65 10.25 7.90
C TYR B 869 -32.82 9.23 8.67
N THR B 870 -32.43 9.55 9.90
CA THR B 870 -31.55 8.67 10.67
C THR B 870 -32.24 7.35 10.99
N THR B 871 -33.45 7.42 11.55
CA THR B 871 -34.14 6.21 12.00
C THR B 871 -34.61 5.34 10.84
N THR B 872 -34.71 5.89 9.64
CA THR B 872 -35.22 5.14 8.50
C THR B 872 -34.09 4.69 7.58
N ALA B 873 -33.42 5.64 6.94
CA ALA B 873 -32.43 5.29 5.93
C ALA B 873 -31.15 4.74 6.54
N ARG B 874 -30.82 5.17 7.77
CA ARG B 874 -29.54 4.82 8.40
C ARG B 874 -29.71 3.82 9.53
N ARG B 875 -30.68 2.91 9.41
CA ARG B 875 -30.93 1.92 10.45
C ARG B 875 -31.36 0.61 9.81
N VAL B 876 -30.99 -0.49 10.46
CA VAL B 876 -31.56 -1.79 10.14
C VAL B 876 -32.92 -1.90 10.83
N HIS B 877 -33.84 -2.61 10.18
CA HIS B 877 -35.22 -2.68 10.64
C HIS B 877 -35.55 -4.13 10.96
N HIS B 878 -35.80 -4.40 12.24
CA HIS B 878 -35.96 -5.75 12.74
C HIS B 878 -37.43 -6.16 12.63
N ARG B 879 -37.80 -7.26 13.31
CA ARG B 879 -39.12 -7.84 13.13
C ARG B 879 -40.20 -7.13 13.95
N HIS B 880 -39.85 -6.62 15.13
CA HIS B 880 -40.77 -5.81 15.90
C HIS B 880 -40.57 -4.35 15.51
N ARG B 881 -41.66 -3.66 15.20
CA ARG B 881 -41.57 -2.32 14.64
C ARG B 881 -42.61 -1.41 15.25
N ALA B 882 -42.27 -0.12 15.31
CA ALA B 882 -43.17 0.93 15.75
C ALA B 882 -42.93 2.16 14.90
N VAL B 883 -43.97 2.98 14.74
CA VAL B 883 -43.91 4.15 13.85
C VAL B 883 -44.66 5.31 14.49
N ALA B 884 -44.25 6.52 14.13
CA ALA B 884 -44.94 7.74 14.52
C ALA B 884 -44.82 8.75 13.38
N THR B 885 -45.86 9.55 13.20
CA THR B 885 -45.88 10.53 12.12
C THR B 885 -46.49 11.83 12.63
N GLY B 886 -45.90 12.95 12.25
CA GLY B 886 -46.42 14.24 12.65
C GLY B 886 -45.70 15.36 11.93
N THR B 887 -46.00 16.59 12.35
CA THR B 887 -45.40 17.78 11.78
C THR B 887 -44.37 18.44 12.68
N ASP B 888 -44.28 18.04 13.95
CA ASP B 888 -43.27 18.55 14.85
C ASP B 888 -42.88 17.44 15.82
N LEU B 889 -41.79 17.67 16.56
CA LEU B 889 -41.31 16.66 17.50
C LEU B 889 -42.36 16.36 18.55
N LEU B 890 -43.17 17.35 18.94
CA LEU B 890 -44.17 17.13 19.98
C LEU B 890 -45.17 16.06 19.54
N GLN B 891 -45.61 16.10 18.28
CA GLN B 891 -46.55 15.09 17.80
C GLN B 891 -45.93 13.70 17.82
N ILE B 892 -44.65 13.59 17.42
CA ILE B 892 -43.98 12.29 17.41
C ILE B 892 -43.93 11.72 18.83
N ARG B 893 -43.59 12.56 19.81
CA ARG B 893 -43.52 12.09 21.19
C ARG B 893 -44.87 11.59 21.67
N SER B 894 -45.92 12.39 21.48
CA SER B 894 -47.26 12.01 21.93
C SER B 894 -47.66 10.66 21.38
N SER B 895 -47.35 10.39 20.11
CA SER B 895 -47.71 9.11 19.52
C SER B 895 -46.94 7.96 20.15
N LEU B 896 -45.61 8.10 20.27
CA LEU B 896 -44.81 7.03 20.84
C LEU B 896 -45.15 6.78 22.30
N GLN B 897 -45.49 7.84 23.05
CA GLN B 897 -45.88 7.68 24.44
C GLN B 897 -47.12 6.80 24.55
N GLU B 898 -48.15 7.10 23.77
CA GLU B 898 -49.36 6.27 23.78
C GLU B 898 -49.02 4.82 23.44
N GLN B 899 -48.19 4.60 22.42
CA GLN B 899 -47.78 3.24 22.08
C GLN B 899 -47.07 2.58 23.25
N LEU B 900 -46.22 3.35 23.95
CA LEU B 900 -45.51 2.81 25.10
C LEU B 900 -46.47 2.43 26.21
N ASP B 901 -47.44 3.28 26.50
CA ASP B 901 -48.41 2.98 27.55
C ASP B 901 -49.17 1.70 27.25
N ARG B 902 -49.49 1.45 25.98
CA ARG B 902 -50.22 0.23 25.62
C ARG B 902 -49.35 -1.00 25.80
N ARG B 903 -48.07 -0.92 25.43
CA ARG B 903 -47.18 -2.07 25.58
C ARG B 903 -46.92 -2.39 27.04
N VAL B 904 -46.67 -1.37 27.86
CA VAL B 904 -46.42 -1.59 29.28
C VAL B 904 -47.67 -2.16 29.95
N SER B 905 -48.86 -1.83 29.42
CA SER B 905 -50.11 -2.26 30.02
C SER B 905 -50.45 -3.72 29.73
N GLY B 906 -49.68 -4.41 28.90
CA GLY B 906 -49.95 -5.80 28.59
C GLY B 906 -50.10 -6.12 27.11
N GLU B 907 -50.03 -5.16 26.21
CA GLU B 907 -50.21 -5.44 24.79
C GLU B 907 -49.07 -6.31 24.27
N ARG B 908 -49.44 -7.37 23.54
CA ARG B 908 -48.48 -8.31 22.99
C ARG B 908 -47.96 -7.80 21.65
N SER B 909 -46.64 -7.87 21.46
CA SER B 909 -46.00 -7.44 20.24
C SER B 909 -45.74 -8.65 19.35
N ILE B 910 -46.15 -8.55 18.09
CA ILE B 910 -46.00 -9.65 17.14
C ILE B 910 -45.00 -9.24 16.07
N PRO B 911 -44.09 -10.13 15.64
CA PRO B 911 -43.20 -9.77 14.54
C PRO B 911 -43.95 -9.73 13.22
N HIS B 912 -43.52 -8.85 12.34
CA HIS B 912 -44.16 -8.76 11.03
C HIS B 912 -43.91 -10.03 10.24
N PRO B 913 -44.85 -10.42 9.37
CA PRO B 913 -44.65 -11.63 8.57
C PRO B 913 -43.33 -11.57 7.80
N PRO B 914 -42.68 -12.70 7.59
CA PRO B 914 -41.36 -12.65 6.94
C PRO B 914 -41.44 -12.17 5.50
N ASN B 915 -42.42 -12.65 4.73
CA ASN B 915 -42.51 -12.27 3.32
C ASN B 915 -42.94 -10.81 3.15
N GLY B 916 -43.54 -10.21 4.17
CA GLY B 916 -44.00 -8.85 4.08
C GLY B 916 -45.42 -8.78 3.57
N PRO B 917 -45.92 -7.56 3.35
CA PRO B 917 -47.30 -7.39 2.89
C PRO B 917 -47.44 -7.66 1.40
N SER B 918 -48.68 -7.94 1.01
CA SER B 918 -49.04 -8.04 -0.40
C SER B 918 -49.81 -6.78 -0.79
N PHE B 919 -49.56 -6.32 -2.01
CA PHE B 919 -50.17 -5.09 -2.51
C PHE B 919 -51.00 -5.37 -3.75
N VAL B 920 -52.17 -4.74 -3.81
CA VAL B 920 -52.95 -4.64 -5.04
C VAL B 920 -53.06 -3.16 -5.38
N LEU B 921 -52.71 -2.80 -6.61
CA LEU B 921 -52.69 -1.42 -7.04
C LEU B 921 -53.91 -1.13 -7.89
N ALA B 922 -54.67 -0.11 -7.51
CA ALA B 922 -55.92 0.25 -8.15
C ALA B 922 -55.70 1.54 -8.94
N PHE B 923 -55.90 1.47 -10.26
CA PHE B 923 -55.68 2.60 -11.15
C PHE B 923 -57.03 3.25 -11.45
N THR B 924 -57.14 4.54 -11.13
CA THR B 924 -58.41 5.24 -11.20
C THR B 924 -58.75 5.63 -12.63
N GLY B 925 -60.04 5.88 -12.86
CA GLY B 925 -60.48 6.45 -14.11
C GLY B 925 -60.31 7.95 -14.14
N GLN B 926 -60.55 8.53 -15.32
CA GLN B 926 -60.32 9.95 -15.54
C GLN B 926 -61.34 10.83 -14.83
N GLY B 927 -62.41 10.26 -14.27
CA GLY B 927 -63.47 11.06 -13.69
C GLY B 927 -63.02 11.94 -12.53
N SER B 928 -62.03 11.49 -11.76
CA SER B 928 -61.67 12.15 -10.51
C SER B 928 -60.40 12.99 -10.61
N ALA B 929 -59.95 13.32 -11.81
CA ALA B 929 -58.78 14.18 -11.96
C ALA B 929 -59.14 15.63 -11.64
N PHE B 930 -58.15 16.36 -11.13
CA PHE B 930 -58.35 17.75 -10.72
C PHE B 930 -57.14 18.57 -11.13
N ALA B 931 -57.31 19.90 -11.11
CA ALA B 931 -56.24 20.79 -11.51
C ALA B 931 -55.11 20.81 -10.49
N GLY B 932 -53.90 21.03 -10.99
CA GLY B 932 -52.73 21.05 -10.14
C GLY B 932 -52.43 19.74 -9.45
N MET B 933 -52.96 18.63 -9.95
CA MET B 933 -52.69 17.33 -9.33
C MET B 933 -51.27 16.90 -9.64
N GLY B 934 -50.53 16.55 -8.59
CA GLY B 934 -49.16 16.10 -8.74
C GLY B 934 -48.12 17.20 -8.76
N VAL B 935 -48.51 18.46 -8.57
CA VAL B 935 -47.53 19.55 -8.63
C VAL B 935 -46.50 19.38 -7.54
N ASP B 936 -46.95 19.08 -6.31
CA ASP B 936 -46.01 18.88 -5.21
C ASP B 936 -45.10 17.69 -5.50
N LEU B 937 -45.66 16.60 -6.00
CA LEU B 937 -44.82 15.49 -6.47
C LEU B 937 -43.85 15.96 -7.55
N TYR B 938 -44.36 16.68 -8.54
CA TYR B 938 -43.52 17.15 -9.64
C TYR B 938 -42.38 18.03 -9.13
N LYS B 939 -42.67 18.91 -8.17
CA LYS B 939 -41.66 19.85 -7.69
C LYS B 939 -40.56 19.14 -6.89
N ARG B 940 -40.95 18.30 -5.92
CA ARG B 940 -40.00 17.79 -4.95
C ARG B 940 -39.28 16.52 -5.37
N PHE B 941 -39.93 15.64 -6.15
CA PHE B 941 -39.31 14.38 -6.57
C PHE B 941 -38.70 14.55 -7.96
N ALA B 942 -37.37 14.47 -8.03
CA ALA B 942 -36.69 14.63 -9.31
C ALA B 942 -37.03 13.50 -10.27
N SER B 943 -37.09 12.27 -9.77
CA SER B 943 -37.43 11.14 -10.64
C SER B 943 -38.81 11.32 -11.25
N PHE B 944 -39.77 11.77 -10.45
CA PHE B 944 -41.11 12.04 -10.98
C PHE B 944 -41.05 13.09 -12.09
N ARG B 945 -40.28 14.15 -11.87
CA ARG B 945 -40.15 15.20 -12.88
C ARG B 945 -39.53 14.67 -14.16
N SER B 946 -38.51 13.80 -14.02
CA SER B 946 -37.86 13.22 -15.19
C SER B 946 -38.84 12.42 -16.03
N ASP B 947 -39.63 11.55 -15.38
CA ASP B 947 -40.60 10.75 -16.11
C ASP B 947 -41.53 11.63 -16.93
N ILE B 948 -42.16 12.62 -16.29
CA ILE B 948 -43.04 13.53 -17.00
C ILE B 948 -42.32 14.18 -18.16
N ALA B 949 -41.11 14.71 -17.91
CA ALA B 949 -40.35 15.35 -18.96
C ALA B 949 -40.06 14.40 -20.10
N ARG B 950 -39.85 13.11 -19.80
CA ARG B 950 -39.62 12.12 -20.84
C ARG B 950 -40.90 11.85 -21.63
N TYR B 951 -41.99 11.56 -20.92
CA TYR B 951 -43.28 11.35 -21.59
C TYR B 951 -43.64 12.54 -22.46
N ASP B 952 -43.39 13.76 -21.97
CA ASP B 952 -43.72 14.95 -22.74
C ASP B 952 -43.00 14.96 -24.08
N GLN B 953 -41.71 14.61 -24.08
CA GLN B 953 -40.93 14.60 -25.31
C GLN B 953 -41.38 13.48 -26.24
N ILE B 954 -41.78 12.34 -25.68
CA ILE B 954 -42.31 11.25 -26.50
C ILE B 954 -43.59 11.69 -27.20
N CYS B 955 -44.50 12.35 -26.48
CA CYS B 955 -45.76 12.77 -27.08
C CYS B 955 -45.52 13.67 -28.29
N GLU B 956 -44.74 14.74 -28.11
CA GLU B 956 -44.43 15.61 -29.23
C GLU B 956 -43.81 14.82 -30.37
N GLY B 957 -43.01 13.80 -30.04
CA GLY B 957 -42.45 12.94 -31.06
C GLY B 957 -43.52 12.23 -31.87
N MET B 958 -44.66 11.91 -31.25
CA MET B 958 -45.76 11.26 -31.92
C MET B 958 -46.87 12.24 -32.31
N SER B 959 -46.56 13.52 -32.39
CA SER B 959 -47.56 14.53 -32.77
C SER B 959 -48.74 14.52 -31.81
N LEU B 960 -48.46 14.42 -30.52
CA LEU B 960 -49.45 14.50 -29.46
C LEU B 960 -49.21 15.75 -28.62
N PRO B 961 -50.25 16.23 -27.93
CA PRO B 961 -50.10 17.48 -27.17
C PRO B 961 -49.08 17.34 -26.05
N SER B 962 -48.63 18.49 -25.55
CA SER B 962 -47.63 18.54 -24.49
C SER B 962 -48.30 18.51 -23.13
N ILE B 963 -47.89 17.55 -22.29
CA ILE B 963 -48.46 17.38 -20.97
C ILE B 963 -47.63 18.03 -19.87
N LYS B 964 -46.37 18.40 -20.16
CA LYS B 964 -45.52 19.02 -19.15
C LYS B 964 -46.13 20.28 -18.58
N ALA B 965 -46.86 21.04 -19.41
CA ALA B 965 -47.49 22.27 -18.93
C ALA B 965 -48.53 22.00 -17.86
N MET B 966 -49.25 20.88 -17.97
CA MET B 966 -50.29 20.58 -16.98
C MET B 966 -49.72 20.49 -15.57
N PHE B 967 -48.48 20.01 -15.44
CA PHE B 967 -47.86 19.83 -14.12
C PHE B 967 -47.20 21.10 -13.60
N GLU B 968 -46.98 22.10 -14.45
CA GLU B 968 -46.33 23.34 -14.04
C GLU B 968 -47.32 24.48 -13.80
N ASP B 969 -48.31 24.64 -14.67
CA ASP B 969 -49.11 25.85 -14.73
C ASP B 969 -50.42 25.79 -13.95
N GLU B 970 -51.08 24.63 -13.88
CA GLU B 970 -52.38 24.51 -13.21
C GLU B 970 -53.47 25.23 -14.01
N LYS B 971 -53.22 26.49 -14.36
CA LYS B 971 -54.20 27.29 -15.11
C LYS B 971 -54.70 26.54 -16.34
N VAL B 972 -53.80 25.86 -17.05
CA VAL B 972 -54.14 25.20 -18.29
C VAL B 972 -55.25 24.16 -18.14
N PHE B 973 -55.44 23.63 -16.93
CA PHE B 973 -56.45 22.59 -16.73
C PHE B 973 -57.82 23.05 -17.18
N SER B 974 -58.10 24.35 -17.09
CA SER B 974 -59.40 24.88 -17.48
C SER B 974 -59.70 24.57 -18.94
N THR B 975 -58.81 25.01 -19.84
CA THR B 975 -59.03 24.89 -21.27
C THR B 975 -58.46 23.62 -21.88
N ALA B 976 -57.89 22.73 -21.08
CA ALA B 976 -57.28 21.52 -21.61
C ALA B 976 -58.31 20.70 -22.37
N SER B 977 -57.86 20.08 -23.47
CA SER B 977 -58.74 19.28 -24.32
C SER B 977 -58.86 17.86 -23.79
N PRO B 978 -59.86 17.11 -24.26
CA PRO B 978 -59.96 15.69 -23.85
C PRO B 978 -58.69 14.90 -24.09
N THR B 979 -58.03 15.10 -25.23
CA THR B 979 -56.79 14.38 -25.51
C THR B 979 -55.71 14.76 -24.51
N LEU B 980 -55.60 16.04 -24.18
CA LEU B 980 -54.62 16.48 -23.19
C LEU B 980 -55.00 15.98 -21.80
N GLN B 981 -56.28 16.03 -21.46
N GLN B 981 -56.28 16.03 -21.46
CA GLN B 981 -56.74 15.55 -20.16
CA GLN B 981 -56.71 15.55 -20.14
C GLN B 981 -56.49 14.05 -20.01
C GLN B 981 -56.54 14.04 -20.01
N GLN B 982 -56.65 13.30 -21.11
CA GLN B 982 -56.51 11.85 -21.03
C GLN B 982 -55.03 11.43 -20.96
N LEU B 983 -54.17 12.08 -21.75
CA LEU B 983 -52.75 11.78 -21.67
C LEU B 983 -52.17 12.16 -20.32
N THR B 984 -52.54 13.34 -19.81
CA THR B 984 -52.07 13.77 -18.49
C THR B 984 -52.38 12.73 -17.43
N HIS B 985 -53.61 12.18 -17.46
CA HIS B 985 -54.01 11.18 -16.49
C HIS B 985 -53.09 9.97 -16.53
N VAL B 986 -52.78 9.48 -17.73
CA VAL B 986 -51.97 8.27 -17.85
C VAL B 986 -50.53 8.55 -17.48
N CYS B 987 -49.97 9.66 -17.96
CA CYS B 987 -48.63 10.06 -17.54
C CYS B 987 -48.54 10.18 -16.03
N PHE B 988 -49.57 10.77 -15.42
CA PHE B 988 -49.61 10.89 -13.97
C PHE B 988 -49.53 9.52 -13.30
N GLN B 989 -50.28 8.54 -13.81
CA GLN B 989 -50.33 7.23 -13.18
C GLN B 989 -49.04 6.44 -13.41
N MET B 990 -48.48 6.50 -14.61
CA MET B 990 -47.22 5.80 -14.86
C MET B 990 -46.11 6.38 -13.99
N ALA B 991 -46.04 7.70 -13.88
CA ALA B 991 -45.03 8.32 -13.02
C ALA B 991 -45.31 8.03 -11.55
N LEU B 992 -46.58 8.03 -11.15
CA LEU B 992 -46.91 7.76 -9.76
C LEU B 992 -46.66 6.30 -9.40
N TYR B 993 -46.95 5.38 -10.33
CA TYR B 993 -46.66 3.97 -10.07
C TYR B 993 -45.16 3.75 -9.96
N ARG B 994 -44.39 4.27 -10.91
CA ARG B 994 -42.95 4.11 -10.86
C ARG B 994 -42.36 4.68 -9.57
N LEU B 995 -42.96 5.75 -9.06
CA LEU B 995 -42.50 6.31 -7.80
C LEU B 995 -42.69 5.32 -6.65
N TRP B 996 -43.88 4.72 -6.54
CA TRP B 996 -44.14 3.79 -5.46
C TRP B 996 -43.30 2.52 -5.61
N LYS B 997 -43.13 2.05 -6.85
CA LYS B 997 -42.28 0.88 -7.06
C LYS B 997 -40.85 1.17 -6.63
N SER B 998 -40.35 2.37 -6.91
CA SER B 998 -39.01 2.74 -6.48
C SER B 998 -38.89 2.80 -4.97
N LEU B 999 -39.99 3.04 -4.25
CA LEU B 999 -39.96 3.09 -2.80
C LEU B 999 -40.07 1.71 -2.16
N GLY B 1000 -40.18 0.65 -2.95
CA GLY B 1000 -40.17 -0.71 -2.45
C GLY B 1000 -41.47 -1.45 -2.56
N VAL B 1001 -42.49 -0.84 -3.17
CA VAL B 1001 -43.80 -1.45 -3.30
C VAL B 1001 -43.81 -2.31 -4.55
N GLN B 1002 -43.94 -3.62 -4.38
CA GLN B 1002 -44.03 -4.56 -5.49
C GLN B 1002 -45.44 -5.12 -5.51
N ALA B 1003 -46.12 -4.99 -6.64
CA ALA B 1003 -47.54 -5.30 -6.72
C ALA B 1003 -47.77 -6.79 -6.93
N LYS B 1004 -48.74 -7.32 -6.19
CA LYS B 1004 -49.19 -8.70 -6.38
C LYS B 1004 -50.14 -8.82 -7.56
N ALA B 1005 -50.85 -7.75 -7.88
CA ALA B 1005 -51.77 -7.71 -9.00
C ALA B 1005 -52.23 -6.27 -9.18
N VAL B 1006 -52.83 -5.98 -10.34
CA VAL B 1006 -53.30 -4.64 -10.66
C VAL B 1006 -54.77 -4.73 -11.07
N VAL B 1007 -55.49 -3.63 -10.87
CA VAL B 1007 -56.86 -3.49 -11.35
C VAL B 1007 -57.04 -2.05 -11.83
N GLY B 1008 -57.54 -1.89 -13.05
CA GLY B 1008 -57.76 -0.58 -13.63
C GLY B 1008 -59.23 -0.37 -13.94
N HIS B 1009 -59.67 0.87 -13.78
CA HIS B 1009 -61.06 1.25 -14.04
C HIS B 1009 -61.10 2.13 -15.29
N SER B 1010 -61.76 1.63 -16.33
CA SER B 1010 -61.91 2.40 -17.57
C SER B 1010 -60.53 2.82 -18.08
N LEU B 1011 -60.24 4.12 -18.09
CA LEU B 1011 -58.94 4.58 -18.57
C LEU B 1011 -57.78 4.03 -17.74
N GLY B 1012 -58.02 3.70 -16.47
CA GLY B 1012 -56.96 3.22 -15.60
C GLY B 1012 -56.34 1.92 -16.03
N GLU B 1013 -57.01 1.17 -16.92
CA GLU B 1013 -56.46 -0.12 -17.35
C GLU B 1013 -55.16 0.06 -18.13
N TYR B 1014 -55.03 1.13 -18.91
CA TYR B 1014 -53.82 1.33 -19.71
C TYR B 1014 -52.59 1.45 -18.82
N ALA B 1015 -52.63 2.34 -17.83
CA ALA B 1015 -51.52 2.44 -16.90
C ALA B 1015 -51.28 1.12 -16.18
N ALA B 1016 -52.36 0.41 -15.84
CA ALA B 1016 -52.22 -0.88 -15.18
C ALA B 1016 -51.50 -1.88 -16.09
N LEU B 1017 -51.75 -1.81 -17.40
CA LEU B 1017 -51.11 -2.75 -18.32
C LEU B 1017 -49.61 -2.52 -18.41
N TYR B 1018 -49.16 -1.27 -18.21
CA TYR B 1018 -47.72 -1.03 -18.13
C TYR B 1018 -47.15 -1.63 -16.85
N ALA B 1019 -47.80 -1.35 -15.71
CA ALA B 1019 -47.33 -1.89 -14.44
C ALA B 1019 -47.30 -3.41 -14.44
N ALA B 1020 -48.16 -4.03 -15.26
CA ALA B 1020 -48.17 -5.49 -15.38
C ALA B 1020 -47.10 -6.01 -16.33
N GLY B 1021 -46.51 -5.15 -17.15
CA GLY B 1021 -45.49 -5.56 -18.09
C GLY B 1021 -45.97 -5.82 -19.50
N VAL B 1022 -47.24 -5.54 -19.79
CA VAL B 1022 -47.78 -5.84 -21.11
C VAL B 1022 -47.32 -4.83 -22.14
N LEU B 1023 -47.42 -3.53 -21.83
CA LEU B 1023 -47.09 -2.46 -22.74
C LEU B 1023 -45.88 -1.66 -22.26
N SER B 1024 -45.14 -1.11 -23.21
CA SER B 1024 -44.11 -0.14 -22.87
C SER B 1024 -44.76 1.23 -22.67
N GLN B 1025 -44.02 2.13 -22.02
CA GLN B 1025 -44.58 3.44 -21.69
C GLN B 1025 -44.96 4.20 -22.95
N SER B 1026 -44.16 4.10 -24.02
CA SER B 1026 -44.45 4.85 -25.23
C SER B 1026 -45.64 4.26 -25.98
N ASP B 1027 -45.74 2.93 -26.05
CA ASP B 1027 -46.90 2.31 -26.69
C ASP B 1027 -48.18 2.65 -25.95
N THR B 1028 -48.12 2.76 -24.63
CA THR B 1028 -49.28 3.18 -23.86
C THR B 1028 -49.71 4.60 -24.26
N LEU B 1029 -48.76 5.52 -24.29
CA LEU B 1029 -49.08 6.90 -24.67
C LEU B 1029 -49.61 6.98 -26.09
N TYR B 1030 -48.98 6.24 -27.02
CA TYR B 1030 -49.47 6.20 -28.39
C TYR B 1030 -50.90 5.70 -28.44
N LEU B 1031 -51.17 4.60 -27.74
CA LEU B 1031 -52.51 4.00 -27.78
C LEU B 1031 -53.55 4.92 -27.15
N VAL B 1032 -53.21 5.56 -26.03
CA VAL B 1032 -54.16 6.46 -25.37
C VAL B 1032 -54.36 7.71 -26.20
N GLY B 1033 -53.24 8.32 -26.64
CA GLY B 1033 -53.34 9.56 -27.40
C GLY B 1033 -54.12 9.38 -28.68
N ARG B 1034 -53.76 8.37 -29.47
CA ARG B 1034 -54.50 8.09 -30.70
C ARG B 1034 -55.97 7.85 -30.41
N ARG B 1035 -56.27 7.09 -29.35
CA ARG B 1035 -57.66 6.82 -29.01
C ARG B 1035 -58.42 8.11 -28.76
N ALA B 1036 -57.85 9.00 -27.94
CA ALA B 1036 -58.50 10.28 -27.68
C ALA B 1036 -58.67 11.10 -28.95
N GLN B 1037 -57.63 11.14 -29.78
CA GLN B 1037 -57.73 11.85 -31.06
C GLN B 1037 -58.86 11.28 -31.90
N LEU B 1038 -59.07 9.96 -31.86
CA LEU B 1038 -60.16 9.36 -32.61
C LEU B 1038 -61.51 9.80 -32.07
N MET B 1039 -61.63 9.96 -30.75
CA MET B 1039 -62.91 10.34 -30.17
C MET B 1039 -63.29 11.77 -30.56
N GLU B 1040 -62.29 12.67 -30.62
CA GLU B 1040 -62.58 14.03 -31.07
C GLU B 1040 -62.92 14.07 -32.56
N LYS B 1041 -62.28 13.21 -33.34
CA LYS B 1041 -62.52 13.19 -34.79
C LYS B 1041 -63.92 12.70 -35.11
N HIS B 1042 -64.37 11.62 -34.47
CA HIS B 1042 -65.65 11.01 -34.80
C HIS B 1042 -66.79 11.50 -33.91
N LEU B 1043 -66.60 11.48 -32.59
CA LEU B 1043 -67.68 11.78 -31.68
C LEU B 1043 -67.82 13.28 -31.47
N SER B 1044 -68.94 13.68 -30.89
CA SER B 1044 -69.23 15.06 -30.56
C SER B 1044 -69.70 15.16 -29.11
N GLN B 1045 -69.34 16.25 -28.46
CA GLN B 1045 -69.61 16.43 -27.05
C GLN B 1045 -71.04 16.94 -26.84
N GLY B 1046 -71.60 16.61 -25.68
CA GLY B 1046 -72.92 17.08 -25.30
C GLY B 1046 -74.07 16.27 -25.83
N THR B 1047 -73.84 15.37 -26.79
CA THR B 1047 -74.92 14.55 -27.32
C THR B 1047 -75.29 13.40 -26.38
N HIS B 1048 -74.31 12.84 -25.69
CA HIS B 1048 -74.53 11.73 -24.76
C HIS B 1048 -74.10 12.14 -23.36
N ALA B 1049 -74.52 11.35 -22.37
CA ALA B 1049 -74.18 11.63 -20.98
C ALA B 1049 -74.19 10.32 -20.20
N MET B 1050 -73.65 10.38 -18.98
CA MET B 1050 -73.56 9.22 -18.09
C MET B 1050 -74.18 9.56 -16.74
N LEU B 1051 -74.73 8.54 -16.09
CA LEU B 1051 -75.46 8.71 -14.84
C LEU B 1051 -75.02 7.66 -13.84
N ALA B 1052 -74.75 8.08 -12.61
CA ALA B 1052 -74.42 7.17 -11.52
C ALA B 1052 -75.69 6.85 -10.73
N VAL B 1053 -75.88 5.57 -10.42
CA VAL B 1053 -77.11 5.08 -9.82
C VAL B 1053 -76.77 4.19 -8.62
N ARG B 1054 -77.38 4.48 -7.47
CA ARG B 1054 -77.22 3.67 -6.26
C ARG B 1054 -78.34 2.65 -6.20
N ALA B 1055 -78.15 1.52 -6.87
CA ALA B 1055 -79.18 0.48 -6.90
C ALA B 1055 -78.63 -0.76 -7.60
N LYS B 1056 -79.32 -1.88 -7.40
CA LYS B 1056 -78.94 -3.11 -8.06
C LYS B 1056 -79.33 -3.09 -9.53
N GLU B 1057 -78.65 -3.95 -10.32
CA GLU B 1057 -78.99 -4.08 -11.73
C GLU B 1057 -80.43 -4.55 -11.92
N GLU B 1058 -80.97 -5.33 -10.98
CA GLU B 1058 -82.33 -5.82 -11.12
C GLU B 1058 -83.34 -4.69 -10.93
N ALA B 1059 -83.09 -3.78 -9.99
CA ALA B 1059 -84.02 -2.70 -9.72
C ALA B 1059 -84.01 -1.66 -10.84
N ILE B 1060 -82.84 -1.35 -11.39
CA ILE B 1060 -82.73 -0.37 -12.45
C ILE B 1060 -83.54 -0.82 -13.67
N VAL B 1061 -83.37 -2.08 -14.08
CA VAL B 1061 -84.09 -2.58 -15.25
C VAL B 1061 -85.59 -2.51 -15.02
N ALA B 1062 -86.04 -2.88 -13.82
CA ALA B 1062 -87.48 -2.85 -13.54
C ALA B 1062 -88.01 -1.43 -13.48
N ALA B 1063 -87.19 -0.48 -13.05
CA ALA B 1063 -87.65 0.89 -12.87
C ALA B 1063 -87.79 1.63 -14.20
N ILE B 1064 -86.96 1.29 -15.18
CA ILE B 1064 -86.91 1.99 -16.46
C ILE B 1064 -87.76 1.22 -17.46
N ASP B 1065 -88.61 1.94 -18.20
CA ASP B 1065 -89.33 1.37 -19.32
C ASP B 1065 -88.40 1.31 -20.53
N GLY B 1066 -88.14 0.10 -21.01
CA GLY B 1066 -87.20 -0.10 -22.09
C GLY B 1066 -86.06 -1.00 -21.68
N PRO B 1067 -85.73 -1.99 -22.48
CA PRO B 1067 -84.75 -3.00 -22.07
C PRO B 1067 -83.34 -2.46 -22.14
N PRO B 1068 -82.41 -3.02 -21.36
CA PRO B 1068 -81.01 -2.63 -21.52
C PRO B 1068 -80.50 -2.97 -22.92
N GLY B 1069 -79.67 -2.08 -23.47
CA GLY B 1069 -79.23 -2.20 -24.83
C GLY B 1069 -80.07 -1.45 -25.84
N GLU B 1070 -81.26 -0.99 -25.45
CA GLU B 1070 -82.12 -0.20 -26.32
C GLU B 1070 -82.34 1.21 -25.78
N ALA B 1071 -82.91 1.34 -24.58
CA ALA B 1071 -83.15 2.66 -24.00
C ALA B 1071 -81.94 3.20 -23.23
N TYR B 1072 -80.94 2.37 -22.98
CA TYR B 1072 -79.74 2.79 -22.28
C TYR B 1072 -78.73 1.65 -22.25
N GLU B 1073 -77.61 1.84 -21.55
CA GLU B 1073 -76.59 0.81 -21.47
C GLU B 1073 -75.86 0.94 -20.14
N PHE B 1074 -75.42 -0.20 -19.61
CA PHE B 1074 -74.63 -0.22 -18.40
C PHE B 1074 -73.17 0.04 -18.75
N SER B 1075 -72.68 1.23 -18.39
CA SER B 1075 -71.30 1.58 -18.69
C SER B 1075 -70.34 1.03 -17.64
N CYS B 1076 -70.76 1.00 -16.37
CA CYS B 1076 -69.91 0.53 -15.29
C CYS B 1076 -70.74 -0.26 -14.29
N ARG B 1077 -70.17 -1.37 -13.81
CA ARG B 1077 -70.74 -2.17 -12.74
C ARG B 1077 -69.71 -2.21 -11.62
N ASN B 1078 -69.78 -1.20 -10.73
CA ASN B 1078 -68.76 -0.99 -9.72
C ASN B 1078 -69.00 -1.78 -8.44
N GLY B 1079 -70.24 -1.85 -7.97
CA GLY B 1079 -70.54 -2.53 -6.73
C GLY B 1079 -71.93 -3.15 -6.76
N GLU B 1080 -72.31 -3.72 -5.62
CA GLU B 1080 -73.63 -4.32 -5.49
C GLU B 1080 -74.73 -3.31 -5.82
N GLN B 1081 -74.66 -2.14 -5.22
CA GLN B 1081 -75.62 -1.06 -5.44
C GLN B 1081 -74.93 0.20 -5.95
N ARG B 1082 -73.99 0.03 -6.89
CA ARG B 1082 -73.30 1.16 -7.51
C ARG B 1082 -73.08 0.84 -8.98
N ASN B 1083 -73.87 1.47 -9.84
CA ASN B 1083 -73.80 1.27 -11.29
C ASN B 1083 -73.80 2.62 -11.99
N VAL B 1084 -73.40 2.60 -13.26
CA VAL B 1084 -73.34 3.80 -14.09
C VAL B 1084 -74.02 3.49 -15.42
N LEU B 1085 -74.96 4.35 -15.81
CA LEU B 1085 -75.71 4.17 -17.05
C LEU B 1085 -75.22 5.17 -18.10
N GLY B 1086 -75.34 4.77 -19.36
CA GLY B 1086 -74.89 5.61 -20.46
C GLY B 1086 -75.90 5.61 -21.58
N GLY B 1087 -75.77 6.63 -22.43
CA GLY B 1087 -76.66 6.79 -23.56
C GLY B 1087 -76.79 8.27 -23.90
N THR B 1088 -77.72 8.56 -24.80
CA THR B 1088 -77.97 9.93 -25.20
C THR B 1088 -78.54 10.72 -24.02
N VAL B 1089 -78.35 12.04 -24.06
CA VAL B 1089 -78.88 12.89 -23.00
C VAL B 1089 -80.36 12.66 -22.83
N ALA B 1090 -81.08 12.45 -23.93
CA ALA B 1090 -82.52 12.18 -23.86
C ALA B 1090 -82.78 10.86 -23.16
N GLN B 1091 -81.99 9.82 -23.48
CA GLN B 1091 -82.16 8.53 -22.82
C GLN B 1091 -81.86 8.64 -21.32
N ILE B 1092 -80.84 9.42 -20.96
CA ILE B 1092 -80.49 9.56 -19.56
C ILE B 1092 -81.55 10.36 -18.81
N GLN B 1093 -82.05 11.42 -19.43
CA GLN B 1093 -83.12 12.22 -18.80
C GLN B 1093 -84.33 11.35 -18.50
N ALA B 1094 -84.80 10.59 -19.48
CA ALA B 1094 -85.97 9.73 -19.28
C ALA B 1094 -85.69 8.69 -18.19
N ALA B 1095 -84.51 8.08 -18.23
CA ALA B 1095 -84.16 7.08 -17.21
C ALA B 1095 -83.99 7.74 -15.84
N LYS B 1096 -83.40 8.94 -15.81
CA LYS B 1096 -83.22 9.64 -14.56
C LYS B 1096 -84.56 9.92 -13.88
N ALA B 1097 -85.58 10.27 -14.65
CA ALA B 1097 -86.90 10.51 -14.08
C ALA B 1097 -87.51 9.22 -13.54
N ALA B 1098 -87.45 8.14 -14.33
CA ALA B 1098 -88.02 6.88 -13.89
C ALA B 1098 -87.37 6.40 -12.59
N LEU B 1099 -86.07 6.63 -12.43
CA LEU B 1099 -85.39 6.23 -11.20
C LEU B 1099 -85.71 7.19 -10.05
N GLU B 1100 -85.73 8.50 -10.33
CA GLU B 1100 -86.14 9.45 -9.31
C GLU B 1100 -87.55 9.18 -8.82
N ALA B 1101 -88.42 8.69 -9.71
CA ALA B 1101 -89.78 8.36 -9.33
C ALA B 1101 -89.79 7.28 -8.25
N LYS B 1102 -88.93 6.28 -8.37
CA LYS B 1102 -88.80 5.23 -7.37
C LYS B 1102 -87.79 5.58 -6.27
N LYS B 1103 -87.43 6.85 -6.13
CA LYS B 1103 -86.56 7.33 -5.05
C LYS B 1103 -85.21 6.61 -5.08
N ILE B 1104 -84.63 6.48 -6.26
CA ILE B 1104 -83.27 5.99 -6.43
C ILE B 1104 -82.36 7.19 -6.64
N ARG B 1105 -81.28 7.26 -5.86
CA ARG B 1105 -80.37 8.39 -5.95
C ARG B 1105 -79.57 8.31 -7.24
N CYS B 1106 -79.63 9.38 -8.04
CA CYS B 1106 -78.91 9.48 -9.30
C CYS B 1106 -78.04 10.73 -9.27
N GLN B 1107 -77.12 10.81 -10.24
CA GLN B 1107 -76.19 11.93 -10.30
C GLN B 1107 -75.40 11.88 -11.61
N TYR B 1108 -75.35 13.01 -12.32
CA TYR B 1108 -74.64 13.06 -13.59
C TYR B 1108 -73.13 13.03 -13.37
N LEU B 1109 -72.43 12.63 -14.42
CA LEU B 1109 -70.96 12.71 -14.48
C LEU B 1109 -70.56 13.88 -15.37
N ASP B 1110 -69.40 14.45 -15.05
CA ASP B 1110 -68.92 15.62 -15.80
C ASP B 1110 -68.53 15.28 -17.22
N THR B 1111 -68.29 14.01 -17.51
CA THR B 1111 -67.81 13.60 -18.83
C THR B 1111 -68.69 14.19 -19.92
N PRO B 1112 -68.12 14.61 -21.05
CA PRO B 1112 -68.94 15.13 -22.15
C PRO B 1112 -69.58 14.00 -22.95
N MET B 1113 -68.85 12.90 -23.07
CA MET B 1113 -69.26 11.73 -23.82
C MET B 1113 -69.81 10.66 -22.88
N ALA B 1114 -70.28 9.56 -23.47
CA ALA B 1114 -70.79 8.40 -22.74
C ALA B 1114 -69.93 7.20 -23.11
N PHE B 1115 -68.85 6.98 -22.37
CA PHE B 1115 -67.94 5.90 -22.68
C PHE B 1115 -68.60 4.54 -22.45
N HIS B 1116 -68.03 3.52 -23.10
CA HIS B 1116 -68.45 2.13 -22.90
C HIS B 1116 -69.91 1.91 -23.31
N THR B 1117 -70.35 2.64 -24.34
CA THR B 1117 -71.66 2.46 -24.92
C THR B 1117 -71.52 2.48 -26.44
N GLY B 1118 -72.64 2.37 -27.14
CA GLY B 1118 -72.63 2.38 -28.60
C GLY B 1118 -72.07 3.63 -29.21
N GLN B 1119 -71.91 4.72 -28.44
CA GLN B 1119 -71.41 5.96 -29.00
C GLN B 1119 -70.02 5.78 -29.61
N VAL B 1120 -69.21 4.88 -29.05
CA VAL B 1120 -67.82 4.72 -29.49
C VAL B 1120 -67.69 3.80 -30.70
N ASP B 1121 -68.79 3.26 -31.22
CA ASP B 1121 -68.71 2.34 -32.35
C ASP B 1121 -67.88 2.87 -33.51
N PRO B 1122 -67.96 4.14 -33.91
CA PRO B 1122 -67.23 4.56 -35.12
C PRO B 1122 -65.71 4.53 -35.01
N ILE B 1123 -65.13 4.59 -33.80
CA ILE B 1123 -63.67 4.62 -33.69
C ILE B 1123 -63.05 3.24 -33.60
N LEU B 1124 -63.85 2.18 -33.47
CA LEU B 1124 -63.33 0.87 -33.15
C LEU B 1124 -62.45 0.31 -34.27
N PRO B 1125 -62.85 0.42 -35.54
CA PRO B 1125 -61.96 -0.09 -36.60
C PRO B 1125 -60.57 0.54 -36.56
N GLU B 1126 -60.48 1.86 -36.45
CA GLU B 1126 -59.18 2.53 -36.43
C GLU B 1126 -58.44 2.23 -35.13
N LEU B 1127 -59.14 2.21 -34.01
CA LEU B 1127 -58.50 1.87 -32.74
C LEU B 1127 -57.90 0.47 -32.79
N LEU B 1128 -58.50 -0.43 -33.58
CA LEU B 1128 -57.95 -1.76 -33.73
C LEU B 1128 -56.58 -1.73 -34.40
N GLN B 1129 -56.43 -0.88 -35.42
CA GLN B 1129 -55.15 -0.77 -36.12
C GLN B 1129 -54.09 -0.14 -35.23
N VAL B 1130 -54.48 0.79 -34.35
CA VAL B 1130 -53.53 1.40 -33.43
C VAL B 1130 -52.97 0.36 -32.47
N ALA B 1131 -53.83 -0.54 -31.98
CA ALA B 1131 -53.37 -1.56 -31.06
C ALA B 1131 -52.47 -2.57 -31.75
N ALA B 1132 -52.78 -2.89 -33.01
CA ALA B 1132 -51.92 -3.80 -33.78
C ALA B 1132 -50.50 -3.28 -33.90
N ALA B 1133 -50.30 -1.97 -33.78
CA ALA B 1133 -48.97 -1.38 -33.90
C ALA B 1133 -48.15 -1.55 -32.62
N CYS B 1134 -48.80 -1.77 -31.49
CA CYS B 1134 -48.10 -1.89 -30.22
C CYS B 1134 -47.55 -3.30 -30.03
N SER B 1135 -46.47 -3.39 -29.24
CA SER B 1135 -45.83 -4.66 -28.94
C SER B 1135 -46.35 -5.18 -27.60
N ILE B 1136 -46.93 -6.38 -27.61
CA ILE B 1136 -47.59 -6.96 -26.44
C ILE B 1136 -46.72 -8.08 -25.90
N GLN B 1137 -46.64 -8.18 -24.58
CA GLN B 1137 -45.92 -9.24 -23.89
C GLN B 1137 -46.77 -9.82 -22.77
N ASP B 1138 -46.38 -11.01 -22.32
CA ASP B 1138 -47.10 -11.66 -21.24
C ASP B 1138 -47.01 -10.83 -19.97
N PRO B 1139 -48.07 -10.76 -19.17
CA PRO B 1139 -47.98 -10.00 -17.90
C PRO B 1139 -47.04 -10.69 -16.93
N GLN B 1140 -46.29 -9.87 -16.19
CA GLN B 1140 -45.46 -10.40 -15.10
C GLN B 1140 -46.28 -10.68 -13.86
N ILE B 1141 -47.35 -9.93 -13.63
CA ILE B 1141 -48.26 -10.17 -12.52
C ILE B 1141 -49.68 -10.23 -13.07
N PRO B 1142 -50.61 -10.86 -12.35
CA PRO B 1142 -51.97 -10.99 -12.86
C PRO B 1142 -52.62 -9.63 -13.03
N VAL B 1143 -53.48 -9.54 -14.05
CA VAL B 1143 -54.22 -8.32 -14.36
C VAL B 1143 -55.70 -8.57 -14.09
N ILE B 1144 -56.26 -7.83 -13.15
CA ILE B 1144 -57.70 -7.88 -12.89
C ILE B 1144 -58.37 -6.94 -13.88
N SER B 1145 -59.02 -7.52 -14.90
CA SER B 1145 -59.53 -6.74 -16.02
C SER B 1145 -61.05 -6.63 -15.95
N PRO B 1146 -61.60 -5.47 -15.61
CA PRO B 1146 -63.06 -5.29 -15.77
C PRO B 1146 -63.51 -5.43 -17.21
N ALA B 1147 -62.62 -5.23 -18.18
CA ALA B 1147 -63.00 -5.35 -19.59
C ALA B 1147 -63.55 -6.74 -19.89
N TYR B 1148 -62.92 -7.78 -19.34
CA TYR B 1148 -63.36 -9.16 -19.53
C TYR B 1148 -64.03 -9.74 -18.30
N GLY B 1149 -64.14 -8.98 -17.22
CA GLY B 1149 -64.69 -9.54 -15.99
C GLY B 1149 -63.97 -10.79 -15.55
N LYS B 1150 -62.65 -10.78 -15.63
CA LYS B 1150 -61.86 -12.00 -15.47
C LYS B 1150 -60.43 -11.60 -15.09
N VAL B 1151 -59.74 -12.54 -14.45
CA VAL B 1151 -58.32 -12.37 -14.15
C VAL B 1151 -57.54 -12.87 -15.36
N ILE B 1152 -56.78 -11.97 -15.98
CA ILE B 1152 -56.04 -12.29 -17.20
C ILE B 1152 -54.57 -12.49 -16.86
N ARG B 1153 -53.97 -13.52 -17.46
CA ARG B 1153 -52.58 -13.83 -17.24
C ARG B 1153 -51.78 -14.11 -18.51
N SER B 1154 -52.41 -14.10 -19.67
CA SER B 1154 -51.74 -14.46 -20.91
C SER B 1154 -51.92 -13.35 -21.94
N ALA B 1155 -50.88 -13.14 -22.75
CA ALA B 1155 -50.94 -12.14 -23.81
C ALA B 1155 -51.98 -12.48 -24.87
N LYS B 1156 -52.40 -13.75 -24.96
CA LYS B 1156 -53.45 -14.11 -25.92
C LYS B 1156 -54.72 -13.33 -25.67
N ASP B 1157 -54.94 -12.88 -24.43
CA ASP B 1157 -56.13 -12.11 -24.09
C ASP B 1157 -55.93 -10.63 -24.31
N PHE B 1158 -54.70 -10.16 -24.48
CA PHE B 1158 -54.40 -8.75 -24.74
C PHE B 1158 -54.08 -8.51 -26.21
N GLN B 1159 -54.78 -9.19 -27.12
CA GLN B 1159 -54.65 -8.95 -28.54
C GLN B 1159 -55.33 -7.63 -28.89
N PRO B 1160 -55.13 -7.12 -30.11
CA PRO B 1160 -55.79 -5.86 -30.47
C PRO B 1160 -57.28 -5.84 -30.16
N GLU B 1161 -57.96 -6.97 -30.31
CA GLU B 1161 -59.38 -7.05 -29.99
C GLU B 1161 -59.66 -6.63 -28.56
N TYR B 1162 -58.68 -6.83 -27.66
CA TYR B 1162 -58.88 -6.46 -26.25
C TYR B 1162 -59.21 -4.98 -26.10
N PHE B 1163 -58.47 -4.12 -26.80
CA PHE B 1163 -58.58 -2.69 -26.57
C PHE B 1163 -59.85 -2.10 -27.16
N THR B 1164 -60.32 -2.63 -28.30
CA THR B 1164 -61.62 -2.23 -28.81
C THR B 1164 -62.74 -2.73 -27.91
N HIS B 1165 -62.62 -3.97 -27.41
CA HIS B 1165 -63.62 -4.50 -26.48
C HIS B 1165 -63.64 -3.69 -25.19
N HIS B 1166 -62.47 -3.35 -24.67
CA HIS B 1166 -62.41 -2.57 -23.44
C HIS B 1166 -63.13 -1.23 -23.59
N CYS B 1167 -63.03 -0.62 -24.78
CA CYS B 1167 -63.62 0.69 -24.99
C CYS B 1167 -65.13 0.63 -25.13
N ARG B 1168 -65.64 -0.36 -25.87
CA ARG B 1168 -67.07 -0.48 -26.12
C ARG B 1168 -67.79 -1.25 -25.01
N SER B 1169 -67.14 -2.23 -24.41
CA SER B 1169 -67.80 -3.11 -23.45
C SER B 1169 -67.88 -2.44 -22.09
N SER B 1170 -68.73 -3.01 -21.23
CA SER B 1170 -68.95 -2.46 -19.91
C SER B 1170 -67.72 -2.71 -19.02
N VAL B 1171 -67.62 -1.89 -17.97
CA VAL B 1171 -66.55 -2.01 -17.00
C VAL B 1171 -67.07 -2.86 -15.85
N ASN B 1172 -66.76 -4.16 -15.88
CA ASN B 1172 -67.27 -5.12 -14.90
C ASN B 1172 -66.25 -5.26 -13.77
N MET B 1173 -66.28 -4.30 -12.84
CA MET B 1173 -65.45 -4.41 -11.65
C MET B 1173 -65.88 -5.59 -10.79
N VAL B 1174 -67.19 -5.74 -10.58
CA VAL B 1174 -67.68 -6.80 -9.70
C VAL B 1174 -67.24 -8.17 -10.22
N ASP B 1175 -67.48 -8.44 -11.50
CA ASP B 1175 -67.12 -9.73 -12.05
C ASP B 1175 -65.61 -9.94 -12.04
N ALA B 1176 -64.84 -8.87 -12.20
CA ALA B 1176 -63.38 -8.98 -12.15
C ALA B 1176 -62.90 -9.20 -10.72
N LEU B 1177 -63.43 -8.40 -9.78
CA LEU B 1177 -63.02 -8.56 -8.38
C LEU B 1177 -63.45 -9.92 -7.83
N GLN B 1178 -64.68 -10.33 -8.10
CA GLN B 1178 -65.14 -11.63 -7.61
C GLN B 1178 -64.29 -12.75 -8.20
N SER B 1179 -63.93 -12.64 -9.48
CA SER B 1179 -63.04 -13.63 -10.07
C SER B 1179 -61.70 -13.66 -9.35
N ALA B 1180 -61.28 -12.52 -8.79
CA ALA B 1180 -60.00 -12.46 -8.08
C ALA B 1180 -60.09 -13.11 -6.70
N VAL B 1181 -61.16 -12.84 -5.95
CA VAL B 1181 -61.28 -13.40 -4.62
C VAL B 1181 -61.49 -14.91 -4.70
N GLU B 1182 -62.25 -15.37 -5.69
CA GLU B 1182 -62.48 -16.81 -5.86
C GLU B 1182 -61.20 -17.56 -6.14
N GLU B 1183 -60.18 -16.89 -6.68
CA GLU B 1183 -58.88 -17.49 -6.91
C GLU B 1183 -57.96 -17.37 -5.70
N GLY B 1184 -58.40 -16.69 -4.64
CA GLY B 1184 -57.52 -16.39 -3.52
C GLY B 1184 -56.54 -15.28 -3.80
N LEU B 1185 -56.64 -14.62 -4.95
CA LEU B 1185 -55.72 -13.53 -5.27
C LEU B 1185 -55.94 -12.32 -4.37
N LEU B 1186 -57.16 -12.14 -3.86
CA LEU B 1186 -57.48 -11.01 -2.99
C LEU B 1186 -58.12 -11.52 -1.71
N ASP B 1187 -57.76 -10.89 -0.58
CA ASP B 1187 -58.37 -11.20 0.71
C ASP B 1187 -58.03 -10.06 1.67
N LYS B 1188 -58.61 -10.14 2.87
CA LYS B 1188 -58.49 -9.05 3.83
C LYS B 1188 -57.04 -8.66 4.07
N ASN B 1189 -56.13 -9.64 4.05
CA ASN B 1189 -54.74 -9.36 4.38
C ASN B 1189 -54.00 -8.60 3.28
N VAL B 1190 -54.60 -8.43 2.11
CA VAL B 1190 -53.96 -7.66 1.05
C VAL B 1190 -54.13 -6.17 1.34
N ILE B 1191 -53.15 -5.39 0.94
CA ILE B 1191 -53.17 -3.94 1.09
C ILE B 1191 -53.52 -3.33 -0.25
N GLY B 1192 -54.50 -2.41 -0.24
CA GLY B 1192 -54.89 -1.71 -1.44
C GLY B 1192 -54.29 -0.31 -1.47
N LEU B 1193 -53.67 0.02 -2.60
CA LEU B 1193 -53.04 1.32 -2.81
C LEU B 1193 -53.59 1.92 -4.09
N GLU B 1194 -54.13 3.13 -4.00
CA GLU B 1194 -54.75 3.79 -5.14
C GLU B 1194 -53.68 4.58 -5.90
N ILE B 1195 -53.49 4.25 -7.18
CA ILE B 1195 -52.61 5.01 -8.05
C ILE B 1195 -53.46 5.96 -8.88
N GLY B 1196 -53.90 7.05 -8.26
CA GLY B 1196 -54.75 8.00 -8.93
C GLY B 1196 -55.00 9.24 -8.10
N PRO B 1197 -55.88 10.13 -8.56
CA PRO B 1197 -56.13 11.39 -7.85
C PRO B 1197 -57.08 11.26 -6.66
N GLY B 1198 -57.54 10.06 -6.32
CA GLY B 1198 -58.41 9.88 -5.21
C GLY B 1198 -58.76 8.43 -4.96
N PRO B 1199 -59.07 8.07 -3.65
CA PRO B 1199 -59.39 6.68 -3.30
C PRO B 1199 -60.78 6.26 -3.77
N VAL B 1200 -60.89 5.96 -5.06
CA VAL B 1200 -62.17 5.61 -5.67
C VAL B 1200 -62.22 4.10 -5.86
N VAL B 1201 -61.32 3.56 -6.70
CA VAL B 1201 -61.37 2.14 -7.02
C VAL B 1201 -61.11 1.31 -5.78
N THR B 1202 -60.28 1.81 -4.86
CA THR B 1202 -60.02 1.07 -3.63
C THR B 1202 -61.30 0.79 -2.86
N GLN B 1203 -62.25 1.73 -2.90
CA GLN B 1203 -63.53 1.51 -2.23
C GLN B 1203 -64.32 0.39 -2.88
N PHE B 1204 -64.19 0.24 -4.20
CA PHE B 1204 -64.82 -0.90 -4.87
C PHE B 1204 -64.14 -2.20 -4.46
N VAL B 1205 -62.80 -2.20 -4.39
CA VAL B 1205 -62.07 -3.37 -3.93
C VAL B 1205 -62.43 -3.69 -2.49
N LYS B 1206 -62.50 -2.67 -1.64
CA LYS B 1206 -62.87 -2.88 -0.24
C LYS B 1206 -64.22 -3.58 -0.12
N GLU B 1207 -65.20 -3.13 -0.91
CA GLU B 1207 -66.53 -3.75 -0.87
C GLU B 1207 -66.50 -5.21 -1.28
N ALA B 1208 -65.52 -5.60 -2.10
CA ALA B 1208 -65.51 -6.94 -2.67
C ALA B 1208 -64.88 -7.98 -1.76
N VAL B 1209 -63.82 -7.64 -1.03
CA VAL B 1209 -63.08 -8.61 -0.24
C VAL B 1209 -63.54 -8.63 1.22
N GLY B 1210 -63.74 -7.46 1.81
CA GLY B 1210 -64.11 -7.40 3.22
C GLY B 1210 -63.93 -6.00 3.77
N THR B 1211 -64.61 -5.75 4.89
CA THR B 1211 -64.64 -4.43 5.48
C THR B 1211 -63.35 -4.07 6.22
N THR B 1212 -62.58 -5.06 6.65
CA THR B 1212 -61.35 -4.79 7.40
C THR B 1212 -60.13 -4.68 6.50
N MET B 1213 -60.32 -4.61 5.19
CA MET B 1213 -59.19 -4.48 4.27
C MET B 1213 -58.57 -3.09 4.42
N GLN B 1214 -57.24 -3.05 4.43
CA GLN B 1214 -56.52 -1.78 4.49
C GLN B 1214 -56.38 -1.21 3.09
N THR B 1215 -56.84 0.04 2.91
CA THR B 1215 -56.75 0.73 1.65
C THR B 1215 -56.16 2.11 1.87
N PHE B 1216 -55.33 2.55 0.93
CA PHE B 1216 -54.61 3.81 1.08
C PHE B 1216 -54.69 4.60 -0.22
N ALA B 1217 -54.63 5.91 -0.10
CA ALA B 1217 -54.60 6.82 -1.23
C ALA B 1217 -53.20 7.41 -1.38
N SER B 1218 -52.85 7.75 -2.62
CA SER B 1218 -51.61 8.45 -2.91
C SER B 1218 -51.82 9.95 -2.88
N ILE B 1219 -52.72 10.44 -3.74
CA ILE B 1219 -53.03 11.86 -3.86
C ILE B 1219 -54.50 12.06 -3.52
N ASN B 1220 -54.82 13.24 -2.98
CA ASN B 1220 -56.19 13.59 -2.66
C ASN B 1220 -56.26 15.11 -2.52
N LYS B 1221 -57.20 15.73 -3.24
CA LYS B 1221 -57.22 17.18 -3.32
C LYS B 1221 -57.55 17.85 -1.99
N ASP B 1222 -58.08 17.11 -1.01
CA ASP B 1222 -58.47 17.71 0.25
C ASP B 1222 -57.37 17.69 1.29
N LYS B 1223 -56.36 16.83 1.15
CA LYS B 1223 -55.32 16.66 2.14
C LYS B 1223 -53.96 16.94 1.53
N ASP B 1224 -52.94 17.02 2.39
CA ASP B 1224 -51.57 17.15 1.94
C ASP B 1224 -51.03 15.80 1.49
N THR B 1225 -50.28 15.80 0.40
CA THR B 1225 -49.80 14.54 -0.19
C THR B 1225 -48.88 13.81 0.77
N TRP B 1226 -47.95 14.52 1.42
CA TRP B 1226 -46.96 13.84 2.25
C TRP B 1226 -47.60 13.22 3.49
N GLN B 1227 -48.66 13.83 4.03
CA GLN B 1227 -49.39 13.16 5.09
C GLN B 1227 -49.90 11.80 4.63
N LEU B 1228 -50.57 11.75 3.47
CA LEU B 1228 -51.02 10.48 2.95
C LEU B 1228 -49.86 9.53 2.71
N MET B 1229 -48.77 10.04 2.15
CA MET B 1229 -47.62 9.20 1.83
C MET B 1229 -46.98 8.64 3.10
N THR B 1230 -46.79 9.49 4.11
CA THR B 1230 -46.17 9.01 5.35
C THR B 1230 -47.09 8.07 6.09
N GLN B 1231 -48.40 8.35 6.07
CA GLN B 1231 -49.35 7.47 6.77
C GLN B 1231 -49.44 6.11 6.08
N ALA B 1232 -49.24 6.07 4.77
CA ALA B 1232 -49.23 4.79 4.06
C ALA B 1232 -47.95 4.03 4.33
N LEU B 1233 -46.80 4.71 4.27
CA LEU B 1233 -45.53 4.04 4.52
C LEU B 1233 -45.43 3.51 5.94
N ALA B 1234 -46.02 4.23 6.91
CA ALA B 1234 -46.05 3.73 8.28
C ALA B 1234 -46.68 2.35 8.35
N LYS B 1235 -47.81 2.16 7.69
CA LYS B 1235 -48.50 0.88 7.74
C LYS B 1235 -47.77 -0.19 6.94
N PHE B 1236 -47.19 0.18 5.80
CA PHE B 1236 -46.39 -0.76 5.05
C PHE B 1236 -45.21 -1.25 5.89
N TYR B 1237 -44.60 -0.34 6.65
CA TYR B 1237 -43.47 -0.70 7.50
C TYR B 1237 -43.89 -1.65 8.60
N LEU B 1238 -44.99 -1.34 9.29
CA LEU B 1238 -45.50 -2.24 10.32
C LEU B 1238 -45.89 -3.59 9.74
N ALA B 1239 -46.35 -3.62 8.49
CA ALA B 1239 -46.74 -4.86 7.85
C ALA B 1239 -45.56 -5.72 7.42
N GLY B 1240 -44.35 -5.17 7.45
CA GLY B 1240 -43.15 -5.91 7.13
C GLY B 1240 -42.51 -5.60 5.80
N ALA B 1241 -42.92 -4.54 5.12
CA ALA B 1241 -42.34 -4.18 3.84
C ALA B 1241 -40.92 -3.64 4.04
N SER B 1242 -40.07 -3.90 3.04
CA SER B 1242 -38.70 -3.35 3.01
C SER B 1242 -38.74 -2.10 2.14
N VAL B 1243 -38.97 -0.96 2.78
CA VAL B 1243 -39.07 0.31 2.09
C VAL B 1243 -37.67 0.80 1.70
N GLU B 1244 -37.58 1.43 0.53
CA GLU B 1244 -36.33 2.07 0.09
C GLU B 1244 -36.24 3.45 0.72
N TRP B 1245 -35.93 3.45 2.03
CA TRP B 1245 -35.91 4.69 2.79
C TRP B 1245 -34.87 5.68 2.25
N SER B 1246 -33.74 5.18 1.75
CA SER B 1246 -32.72 6.07 1.23
C SER B 1246 -33.25 6.90 0.07
N ARG B 1247 -34.05 6.29 -0.80
CA ARG B 1247 -34.66 7.02 -1.91
C ARG B 1247 -35.74 7.97 -1.44
N TYR B 1248 -36.40 7.66 -0.32
CA TYR B 1248 -37.45 8.52 0.19
C TYR B 1248 -36.90 9.90 0.57
N HIS B 1249 -35.67 9.94 1.08
CA HIS B 1249 -35.04 11.19 1.49
C HIS B 1249 -34.00 11.71 0.49
N GLU B 1250 -33.84 11.02 -0.64
N GLU B 1250 -33.83 11.03 -0.65
CA GLU B 1250 -32.77 11.34 -1.58
CA GLU B 1250 -32.72 11.38 -1.53
C GLU B 1250 -32.91 12.76 -2.12
C GLU B 1250 -32.89 12.78 -2.14
N ASP B 1251 -34.13 13.25 -2.29
CA ASP B 1251 -34.38 14.57 -2.85
C ASP B 1251 -34.48 15.67 -1.80
N PHE B 1252 -33.96 15.44 -0.60
CA PHE B 1252 -34.07 16.39 0.51
C PHE B 1252 -32.76 16.42 1.26
N PRO B 1253 -31.76 17.14 0.74
CA PRO B 1253 -30.45 17.14 1.40
C PRO B 1253 -30.49 17.70 2.81
N GLY B 1254 -31.46 18.57 3.12
CA GLY B 1254 -31.53 19.15 4.44
C GLY B 1254 -31.76 18.13 5.53
N ALA B 1255 -32.37 17.00 5.19
CA ALA B 1255 -32.64 15.95 6.16
C ALA B 1255 -31.52 14.92 6.26
N GLN B 1256 -30.52 14.97 5.38
CA GLN B 1256 -29.48 13.95 5.32
C GLN B 1256 -28.36 14.34 6.29
N LYS B 1257 -28.60 14.05 7.56
CA LYS B 1257 -27.60 14.21 8.61
C LYS B 1257 -27.81 13.13 9.65
N VAL B 1258 -26.75 12.38 9.95
CA VAL B 1258 -26.83 11.30 10.92
C VAL B 1258 -26.76 11.91 12.32
N LEU B 1259 -27.81 11.70 13.11
CA LEU B 1259 -27.86 12.21 14.47
C LEU B 1259 -27.38 11.16 15.45
N GLU B 1260 -26.84 11.62 16.58
CA GLU B 1260 -26.43 10.72 17.66
C GLU B 1260 -27.65 10.40 18.50
N LEU B 1261 -28.16 9.19 18.35
CA LEU B 1261 -29.35 8.71 19.04
C LEU B 1261 -28.99 7.69 20.11
N PRO B 1262 -29.91 7.38 21.02
CA PRO B 1262 -29.63 6.35 22.02
C PRO B 1262 -29.30 5.02 21.36
N ALA B 1263 -28.41 4.28 22.00
CA ALA B 1263 -28.03 2.97 21.50
C ALA B 1263 -29.20 1.98 21.64
N TYR B 1264 -29.09 0.87 20.92
CA TYR B 1264 -30.11 -0.16 21.00
C TYR B 1264 -30.36 -0.56 22.43
N GLY B 1265 -31.63 -0.68 22.80
CA GLY B 1265 -32.00 -1.08 24.15
C GLY B 1265 -31.85 -2.57 24.37
N TRP B 1266 -30.61 -3.02 24.53
CA TRP B 1266 -30.34 -4.44 24.67
C TRP B 1266 -31.19 -5.06 25.78
N ALA B 1267 -31.68 -6.27 25.52
CA ALA B 1267 -32.35 -7.07 26.54
C ALA B 1267 -31.27 -7.91 27.22
N LEU B 1268 -30.72 -7.38 28.30
CA LEU B 1268 -29.52 -7.94 28.90
C LEU B 1268 -29.84 -8.96 29.98
N LYS B 1269 -29.06 -10.04 29.99
CA LYS B 1269 -29.02 -10.99 31.09
C LYS B 1269 -27.57 -11.33 31.37
N ASN B 1270 -27.29 -11.72 32.61
CA ASN B 1270 -25.93 -11.99 33.04
C ASN B 1270 -25.57 -13.45 32.73
N TYR B 1271 -24.54 -13.65 31.91
CA TYR B 1271 -24.04 -14.97 31.56
C TYR B 1271 -22.61 -15.09 32.06
N TRP B 1272 -22.41 -15.88 33.11
CA TRP B 1272 -21.14 -15.93 33.82
C TRP B 1272 -20.88 -17.35 34.30
N LEU B 1273 -19.61 -17.74 34.27
CA LEU B 1273 -19.15 -19.02 34.81
C LEU B 1273 -18.17 -18.70 35.93
N GLN B 1274 -18.69 -18.68 37.15
CA GLN B 1274 -17.92 -18.19 38.29
C GLN B 1274 -16.72 -19.08 38.57
N TYR B 1275 -15.56 -18.46 38.76
CA TYR B 1275 -14.38 -19.16 39.25
C TYR B 1275 -14.54 -19.45 40.74
N VAL B 1276 -14.43 -20.72 41.13
CA VAL B 1276 -14.74 -21.15 42.49
C VAL B 1276 -13.62 -22.04 43.02
N ASN B 1277 -13.63 -22.21 44.34
CA ASN B 1277 -12.80 -23.16 45.07
C ASN B 1277 -11.31 -22.85 45.01
N ASP B 1278 -10.91 -21.70 44.49
CA ASP B 1278 -9.51 -21.25 44.54
C ASP B 1278 -8.56 -22.33 44.03
N TRP B 1279 -8.99 -23.08 43.01
CA TRP B 1279 -8.18 -24.19 42.53
C TRP B 1279 -6.92 -23.72 41.82
N SER B 1280 -6.89 -22.48 41.34
CA SER B 1280 -5.71 -21.99 40.63
C SER B 1280 -4.50 -21.93 41.55
N LEU B 1281 -4.72 -21.75 42.86
CA LEU B 1281 -3.62 -21.71 43.81
C LEU B 1281 -3.00 -23.07 44.06
N ARG B 1282 -3.57 -24.14 43.49
CA ARG B 1282 -3.09 -25.49 43.71
C ARG B 1282 -2.61 -26.17 42.44
N LYS B 1283 -2.43 -25.41 41.35
CA LYS B 1283 -1.94 -26.01 40.11
C LYS B 1283 -0.65 -26.77 40.38
N GLY B 1284 -0.64 -28.04 39.96
CA GLY B 1284 0.50 -28.91 40.17
C GLY B 1284 0.45 -29.73 41.44
N ASP B 1285 -0.40 -29.35 42.39
CA ASP B 1285 -0.54 -30.11 43.62
C ASP B 1285 -1.50 -31.29 43.42
N PRO B 1286 -1.37 -32.34 44.22
CA PRO B 1286 -2.30 -33.47 44.12
C PRO B 1286 -3.64 -33.13 44.75
N ALA B 1287 -4.59 -34.06 44.58
CA ALA B 1287 -5.93 -33.85 45.11
C ALA B 1287 -5.92 -33.68 46.63
N VAL B 1288 -5.45 -34.70 47.34
CA VAL B 1288 -5.44 -34.67 48.80
C VAL B 1288 -6.84 -34.35 49.32
C1 EDO C . -19.68 -8.08 -26.16
O1 EDO C . -18.69 -9.06 -25.84
C2 EDO C . -19.08 -6.95 -26.98
O2 EDO C . -18.78 -7.41 -28.30
H11 EDO C . -20.50 -8.55 -26.73
H12 EDO C . -20.10 -7.67 -25.24
HO1 EDO C . -19.10 -9.76 -25.32
H21 EDO C . -19.78 -6.12 -27.04
H22 EDO C . -18.17 -6.60 -26.51
HO2 EDO C . -18.40 -6.67 -28.81
C1 EDO D . -15.16 19.58 -32.66
O1 EDO D . -16.32 20.36 -32.96
C2 EDO D . -15.52 18.44 -31.73
O2 EDO D . -15.90 17.28 -32.47
H11 EDO D . -14.73 19.19 -33.59
H12 EDO D . -14.40 20.21 -32.19
HO1 EDO D . -16.08 21.09 -33.55
H21 EDO D . -14.68 18.21 -31.09
H22 EDO D . -16.36 18.75 -31.10
HO2 EDO D . -16.13 16.57 -31.85
C1 EDO E . -14.47 15.96 -47.49
O1 EDO E . -14.28 17.06 -46.60
C2 EDO E . -15.48 14.99 -46.93
O2 EDO E . -16.79 15.14 -47.47
H11 EDO E . -14.82 16.34 -48.46
H12 EDO E . -13.51 15.45 -47.65
HO1 EDO E . -13.63 17.66 -46.98
H21 EDO E . -15.14 13.97 -47.13
H22 EDO E . -15.53 15.11 -45.85
HO2 EDO E . -17.39 14.50 -47.07
C1 EDO F . 14.49 -28.55 18.58
O1 EDO F . 13.99 -29.42 17.58
C2 EDO F . 15.98 -28.74 18.70
O2 EDO F . 16.63 -28.18 17.56
H11 EDO F . 14.28 -27.51 18.31
H12 EDO F . 14.00 -28.75 19.54
HO1 EDO F . 13.03 -29.29 17.49
H21 EDO F . 16.35 -28.24 19.61
H22 EDO F . 16.21 -29.81 18.78
HO2 EDO F . 17.58 -28.31 17.64
C1 EDO G . 82.47 12.76 5.54
O1 EDO G . 83.47 13.65 6.02
C2 EDO G . 81.86 11.99 6.67
O2 EDO G . 81.56 10.69 6.20
H11 EDO G . 82.92 12.07 4.82
H12 EDO G . 81.70 13.33 5.01
HO1 EDO G . 83.86 14.14 5.29
H21 EDO G . 82.55 11.92 7.51
H22 EDO G . 80.94 12.48 7.01
HO2 EDO G . 81.16 10.17 6.91
C1 EDO H . 10.81 -33.18 15.89
O1 EDO H . 10.66 -32.45 17.10
C2 EDO H . 10.83 -34.67 16.19
O2 EDO H . 9.54 -35.07 16.68
H11 EDO H . 9.99 -32.95 15.21
H12 EDO H . 11.75 -32.90 15.41
HO1 EDO H . 10.65 -31.50 16.92
H21 EDO H . 11.07 -35.23 15.29
H22 EDO H . 11.59 -34.88 16.95
HO2 EDO H . 9.56 -36.02 16.87
C1 GOL I . -12.44 -9.01 -1.87
O1 GOL I . -13.18 -7.92 -2.44
C2 GOL I . -13.00 -9.32 -0.49
O2 GOL I . -13.92 -10.41 -0.55
C3 GOL I . -11.86 -9.68 0.42
O3 GOL I . -11.04 -8.53 0.62
H11 GOL I . -12.52 -9.89 -2.51
H12 GOL I . -11.39 -8.73 -1.79
HO1 GOL I . -12.78 -7.67 -3.29
H2 GOL I . -13.50 -8.44 -0.10
HO2 GOL I . -13.46 -11.21 -0.89
H31 GOL I . -11.27 -10.49 -0.02
H32 GOL I . -12.24 -10.03 1.39
HO3 GOL I . -10.10 -8.81 0.69
C1 GOL J . -13.53 3.26 -42.24
O1 GOL J . -14.53 2.87 -43.17
C2 GOL J . -12.79 2.02 -41.71
O2 GOL J . -11.78 2.31 -40.79
C3 GOL J . -13.72 1.10 -40.96
O3 GOL J . -13.20 -0.19 -41.17
H11 GOL J . -13.99 3.79 -41.41
H12 GOL J . -12.82 3.93 -42.72
HO1 GOL J . -15.04 3.66 -43.46
H2 GOL J . -12.37 1.47 -42.56
HO2 GOL J . -12.17 2.73 -39.99
H31 GOL J . -14.73 1.18 -41.34
H32 GOL J . -13.71 1.35 -39.89
HO3 GOL J . -12.27 -0.23 -40.84
C1 EDO K . 1.81 -23.80 48.14
O1 EDO K . 0.65 -23.01 47.86
C2 EDO K . 2.72 -23.04 49.10
O2 EDO K . 3.81 -22.44 48.40
H11 EDO K . 1.52 -24.75 48.58
H12 EDO K . 2.35 -23.99 47.21
HO1 EDO K . 0.08 -23.49 47.24
H21 EDO K . 3.11 -23.73 49.86
H22 EDO K . 2.15 -22.27 49.62
HO2 EDO K . 4.38 -21.97 49.03
C1 EDO L . -23.42 -4.45 28.58
O1 EDO L . -23.72 -3.31 27.78
C2 EDO L . -22.03 -4.32 29.16
O2 EDO L . -21.94 -3.09 29.88
H11 EDO L . -24.15 -4.53 29.40
H12 EDO L . -23.49 -5.35 27.98
HO1 EDO L . -24.61 -3.39 27.42
H21 EDO L . -21.82 -5.16 29.83
H22 EDO L . -21.29 -4.33 28.36
HO2 EDO L . -21.05 -3.00 30.24
C1 EDO M . 3.70 -13.99 42.32
O1 EDO M . 3.85 -15.40 42.18
C2 EDO M . 4.90 -13.41 43.05
O2 EDO M . 4.74 -12.00 43.16
H11 EDO M . 3.61 -13.52 41.34
H12 EDO M . 2.78 -13.76 42.89
HO1 EDO M . 3.07 -15.76 41.71
H21 EDO M . 4.97 -13.86 44.04
H22 EDO M . 5.81 -13.65 42.50
HO2 EDO M . 5.50 -11.62 43.62
C1 EDO N . -25.72 8.04 0.80
O1 EDO N . -24.93 8.00 -0.39
C2 EDO N . -26.05 9.48 1.13
O2 EDO N . -27.22 9.53 1.94
H11 EDO N . -26.64 7.48 0.65
H12 EDO N . -25.17 7.58 1.62
HO1 EDO N . -24.72 7.07 -0.60
H21 EDO N . -25.21 9.93 1.67
H22 EDO N . -26.22 10.05 0.21
HO2 EDO N . -27.42 10.45 2.17
C1 EDO O . -4.22 -11.62 42.58
O1 EDO O . -4.83 -10.48 42.04
C2 EDO O . -3.76 -12.57 41.52
O2 EDO O . -3.24 -13.74 42.11
H11 EDO O . -3.35 -11.31 43.18
H12 EDO O . -4.92 -12.12 43.25
HO1 EDO O . -5.10 -9.89 42.76
H21 EDO O . -4.61 -12.83 40.88
H22 EDO O . -3.00 -12.09 40.90
HO2 EDO O . -2.95 -14.36 41.42
C1 EDO P . -17.88 6.30 -2.48
O1 EDO P . -18.70 5.96 -1.36
C2 EDO P . -18.37 5.57 -3.73
O2 EDO P . -19.44 6.30 -4.35
H11 EDO P . -17.93 7.38 -2.65
H12 EDO P . -16.85 6.03 -2.28
HO1 EDO P . -18.38 6.43 -0.58
H21 EDO P . -17.54 5.46 -4.43
H22 EDO P . -18.71 4.58 -3.45
HO2 EDO P . -19.72 5.81 -5.14
MG MG Q . 55.22 30.60 -3.15
S1 DTT R . 20.89 35.25 -10.61
C1 DTT R . 22.11 36.51 -10.98
C2 DTT R . 22.35 36.53 -12.48
O2 DTT R . 22.56 35.19 -12.93
C3 DTT R . 23.56 37.39 -12.83
O3 DTT R . 24.54 37.26 -11.81
C4 DTT R . 24.12 36.98 -14.18
S4 DTT R . 25.14 38.29 -14.89
HS1 DTT R . 20.88 35.44 -9.29
H11 DTT R . 21.76 37.47 -10.65
H12 DTT R . 23.04 36.27 -10.46
H2 DTT R . 21.47 36.95 -12.97
HO2 DTT R . 23.35 34.83 -12.51
H3 DTT R . 23.23 38.44 -12.89
HO3 DTT R . 24.83 36.34 -11.75
H41 DTT R . 24.73 36.08 -14.05
H42 DTT R . 23.30 36.73 -14.86
HS2 DTT R . 25.46 37.63 -16.00
#